data_7M9B
#
_entry.id   7M9B
#
loop_
_entity.id
_entity.type
_entity.pdbx_description
1 polymer TnsC
2 polymer 'DNA (27-MER)'
3 polymer 'DNA (27-MER)'
4 non-polymer "ADENOSINE-5'-DIPHOSPHATE"
#
loop_
_entity_poly.entity_id
_entity_poly.type
_entity_poly.pdbx_seq_one_letter_code
_entity_poly.pdbx_strand_id
1 'polypeptide(L)'
;MTEAQAIAKQLGGVKPDDEWLQAEIARLKGKSIVPLQQVKTLHDWLDGKRKARKSCRVVGESRTGKTVACDAYRYRHKPQ
QEAGRPPTVPVVYIRPHQKCGPKDLFKKITEYLKYRVTKGTVSDFRDRTIEVLKGCGVEMLIIDEADRLKPETFADVRDI
AEDLGIAVVLVGTDRLDAVIKRDEQVLERFRAHLRFGKLSGEDFKNTVEMWEQMVLKLPVSSNLKSKEMLRILTSATEGY
IGRLDEILREAAIRSLSRGLKKIDKAVLQEVAKEYK
;
A,B,C,D,E,F,G,H,I,J,K,L
2 'polydeoxyribonucleotide'
;(DA)(DA)(DA)(DA)(DA)(DA)(DA)(DA)(DA)(DA)(DA)(DA)(DA)(DA)(DA)(DA)(DA)(DA)(DA)(DA)
(DA)(DA)(DA)(DA)(DA)(DA)(DA)
;
M
3 'polydeoxyribonucleotide'
;(DT)(DT)(DT)(DT)(DT)(DT)(DT)(DT)(DT)(DT)(DT)(DT)(DT)(DT)(DT)(DT)(DT)(DT)(DT)(DT)
(DT)(DT)(DT)(DT)(DT)(DT)(DT)
;
N
#
loop_
_chem_comp.id
_chem_comp.type
_chem_comp.name
_chem_comp.formula
ADP non-polymer ADENOSINE-5'-DIPHOSPHATE 'C10 H15 N5 O10 P2'
DA DNA linking 2'-DEOXYADENOSINE-5'-MONOPHOSPHATE 'C10 H14 N5 O6 P'
DT DNA linking THYMIDINE-5'-MONOPHOSPHATE 'C10 H15 N2 O8 P'
#
# COMPACT_ATOMS: atom_id res chain seq x y z
N GLU A 19 -42.53 -7.51 -52.34
CA GLU A 19 -43.96 -7.72 -52.56
C GLU A 19 -44.77 -6.57 -51.94
N TRP A 20 -45.55 -5.89 -52.78
CA TRP A 20 -46.35 -4.77 -52.29
C TRP A 20 -47.41 -5.25 -51.31
N LEU A 21 -47.99 -6.42 -51.55
CA LEU A 21 -49.04 -6.93 -50.66
C LEU A 21 -48.52 -7.10 -49.24
N GLN A 22 -47.28 -7.56 -49.09
CA GLN A 22 -46.72 -7.72 -47.75
C GLN A 22 -46.50 -6.37 -47.08
N ALA A 23 -46.10 -5.35 -47.84
CA ALA A 23 -45.97 -4.02 -47.28
C ALA A 23 -47.34 -3.48 -46.86
N GLU A 24 -48.37 -3.73 -47.66
CA GLU A 24 -49.72 -3.31 -47.31
C GLU A 24 -50.21 -4.01 -46.05
N ILE A 25 -49.87 -5.29 -45.89
CA ILE A 25 -50.19 -6.02 -44.67
C ILE A 25 -49.44 -5.43 -43.48
N ALA A 26 -48.15 -5.14 -43.67
CA ALA A 26 -47.35 -4.56 -42.59
C ALA A 26 -47.87 -3.21 -42.16
N ARG A 27 -48.47 -2.45 -43.09
CA ARG A 27 -49.10 -1.18 -42.72
C ARG A 27 -50.23 -1.40 -41.72
N LEU A 28 -50.93 -2.52 -41.82
CA LEU A 28 -52.06 -2.82 -40.94
C LEU A 28 -51.62 -3.59 -39.70
N LYS A 29 -50.82 -4.64 -39.88
CA LYS A 29 -50.25 -5.33 -38.73
C LYS A 29 -49.32 -4.39 -37.99
N GLY A 30 -49.62 -4.15 -36.73
CA GLY A 30 -48.86 -3.21 -35.93
C GLY A 30 -49.76 -2.49 -34.96
N LYS A 31 -49.31 -1.33 -34.50
CA LYS A 31 -50.03 -0.55 -33.51
C LYS A 31 -50.17 0.89 -33.97
N SER A 32 -51.38 1.44 -33.82
CA SER A 32 -51.66 2.83 -34.17
C SER A 32 -52.57 3.43 -33.10
N ILE A 33 -52.55 4.76 -33.01
CA ILE A 33 -53.30 5.49 -31.99
C ILE A 33 -54.60 5.98 -32.58
N VAL A 34 -55.70 5.66 -31.90
CA VAL A 34 -57.03 6.15 -32.27
C VAL A 34 -57.55 6.98 -31.11
N PRO A 35 -57.51 8.31 -31.22
CA PRO A 35 -57.92 9.16 -30.10
C PRO A 35 -59.39 8.97 -29.74
N LEU A 36 -59.68 8.99 -28.45
CA LEU A 36 -61.04 8.87 -27.95
C LEU A 36 -61.27 9.90 -26.86
N GLN A 37 -62.55 10.15 -26.56
CA GLN A 37 -62.90 11.10 -25.51
C GLN A 37 -62.33 10.67 -24.17
N GLN A 38 -62.19 9.37 -23.94
CA GLN A 38 -61.53 8.87 -22.73
C GLN A 38 -60.11 9.41 -22.63
N VAL A 39 -59.37 9.37 -23.74
CA VAL A 39 -57.98 9.80 -23.74
C VAL A 39 -57.86 11.30 -23.53
N LYS A 40 -58.68 12.08 -24.25
CA LYS A 40 -58.66 13.53 -24.11
C LYS A 40 -59.05 13.94 -22.69
N THR A 41 -60.05 13.27 -22.12
CA THR A 41 -60.46 13.51 -20.75
C THR A 41 -59.29 13.28 -19.80
N LEU A 42 -58.59 12.15 -19.96
CA LEU A 42 -57.44 11.88 -19.10
C LEU A 42 -56.37 12.95 -19.27
N HIS A 43 -56.13 13.40 -20.50
CA HIS A 43 -55.07 14.39 -20.74
C HIS A 43 -55.39 15.71 -20.06
N ASP A 44 -56.63 16.19 -20.20
CA ASP A 44 -57.01 17.43 -19.53
C ASP A 44 -56.98 17.27 -18.01
N TRP A 45 -57.42 16.11 -17.53
CA TRP A 45 -57.37 15.81 -16.10
C TRP A 45 -55.94 15.91 -15.57
N LEU A 46 -55.00 15.28 -16.29
CA LEU A 46 -53.60 15.30 -15.88
C LEU A 46 -53.02 16.70 -15.93
N ASP A 47 -53.43 17.49 -16.93
CA ASP A 47 -53.01 18.89 -16.99
C ASP A 47 -53.43 19.64 -15.73
N GLY A 48 -54.70 19.51 -15.35
CA GLY A 48 -55.17 20.14 -14.13
C GLY A 48 -54.41 19.67 -12.90
N LYS A 49 -54.10 18.37 -12.83
CA LYS A 49 -53.35 17.85 -11.70
C LYS A 49 -51.92 18.40 -11.68
N ARG A 50 -51.32 18.60 -12.86
CA ARG A 50 -50.00 19.21 -12.93
C ARG A 50 -50.02 20.62 -12.38
N LYS A 51 -51.01 21.41 -12.80
CA LYS A 51 -51.11 22.79 -12.31
C LYS A 51 -51.24 22.83 -10.79
N ALA A 52 -51.96 21.87 -10.22
CA ALA A 52 -52.18 21.81 -8.78
C ALA A 52 -51.11 21.04 -8.03
N ARG A 53 -50.19 20.37 -8.74
CA ARG A 53 -49.21 19.49 -8.12
C ARG A 53 -49.89 18.49 -7.21
N LYS A 54 -50.99 17.91 -7.71
CA LYS A 54 -51.86 17.04 -6.93
C LYS A 54 -51.70 15.59 -7.40
N SER A 55 -51.53 14.68 -6.44
CA SER A 55 -51.42 13.27 -6.73
C SER A 55 -52.80 12.64 -6.90
N CYS A 56 -52.86 11.53 -7.62
CA CYS A 56 -54.13 10.89 -7.94
C CYS A 56 -53.88 9.48 -8.44
N ARG A 57 -54.96 8.76 -8.72
CA ARG A 57 -54.94 7.39 -9.22
C ARG A 57 -55.66 7.32 -10.57
N VAL A 58 -55.28 6.32 -11.36
CA VAL A 58 -55.97 5.99 -12.61
C VAL A 58 -56.29 4.50 -12.56
N VAL A 59 -57.58 4.17 -12.42
CA VAL A 59 -58.03 2.81 -12.17
C VAL A 59 -58.80 2.33 -13.39
N GLY A 60 -58.43 1.15 -13.90
CA GLY A 60 -59.11 0.59 -15.05
C GLY A 60 -58.62 -0.81 -15.35
N GLU A 61 -59.40 -1.51 -16.16
CA GLU A 61 -59.09 -2.88 -16.54
C GLU A 61 -57.98 -2.92 -17.60
N SER A 62 -57.41 -4.10 -17.77
CA SER A 62 -56.31 -4.28 -18.71
C SER A 62 -56.80 -4.22 -20.15
N ARG A 63 -55.87 -3.89 -21.06
CA ARG A 63 -56.14 -3.79 -22.50
C ARG A 63 -57.22 -2.77 -22.82
N THR A 64 -57.28 -1.69 -22.04
CA THR A 64 -58.23 -0.62 -22.28
C THR A 64 -57.61 0.58 -22.98
N GLY A 65 -56.32 0.53 -23.30
CA GLY A 65 -55.64 1.63 -23.94
C GLY A 65 -55.11 2.70 -23.00
N LYS A 66 -55.18 2.47 -21.69
CA LYS A 66 -54.66 3.45 -20.74
C LYS A 66 -53.15 3.60 -20.84
N THR A 67 -52.45 2.48 -21.04
CA THR A 67 -51.00 2.52 -21.22
C THR A 67 -50.61 3.35 -22.43
N VAL A 68 -51.44 3.34 -23.49
CA VAL A 68 -51.18 4.17 -24.65
C VAL A 68 -51.44 5.64 -24.34
N ALA A 69 -52.48 5.92 -23.57
CA ALA A 69 -52.81 7.30 -23.23
C ALA A 69 -51.71 7.95 -22.40
N CYS A 70 -51.09 7.17 -21.51
CA CYS A 70 -49.98 7.71 -20.71
C CYS A 70 -48.86 8.20 -21.61
N ASP A 71 -48.43 7.36 -22.56
CA ASP A 71 -47.36 7.76 -23.47
C ASP A 71 -47.79 8.89 -24.40
N ALA A 72 -49.04 8.86 -24.85
CA ALA A 72 -49.54 9.91 -25.73
C ALA A 72 -49.52 11.26 -25.03
N TYR A 73 -49.83 11.27 -23.72
CA TYR A 73 -49.71 12.50 -22.95
C TYR A 73 -48.26 12.90 -22.79
N ARG A 74 -47.38 11.94 -22.49
CA ARG A 74 -45.97 12.26 -22.28
C ARG A 74 -45.35 12.90 -23.52
N TYR A 75 -45.71 12.40 -24.71
CA TYR A 75 -45.13 12.88 -25.95
C TYR A 75 -45.65 14.24 -26.38
N ARG A 76 -46.61 14.81 -25.63
CA ARG A 76 -47.05 16.18 -25.86
C ARG A 76 -46.30 17.18 -24.99
N HIS A 77 -45.54 16.70 -23.99
CA HIS A 77 -44.85 17.56 -23.04
C HIS A 77 -43.50 16.82 -23.08
N LYS A 78 -42.56 17.37 -23.83
CA LYS A 78 -41.26 16.74 -24.02
C LYS A 78 -40.31 17.67 -23.25
N PRO A 79 -39.19 17.14 -22.76
CA PRO A 79 -38.23 17.98 -22.03
C PRO A 79 -37.69 19.11 -22.90
N GLN A 80 -37.29 20.20 -22.23
CA GLN A 80 -36.76 21.39 -22.88
C GLN A 80 -35.32 21.61 -22.44
N GLN A 81 -34.41 21.75 -23.41
CA GLN A 81 -32.99 21.93 -23.15
C GLN A 81 -32.46 23.21 -23.81
N GLU A 82 -33.31 24.22 -23.95
CA GLU A 82 -32.92 25.41 -24.69
C GLU A 82 -31.86 26.22 -23.94
N ALA A 83 -32.01 26.37 -22.63
CA ALA A 83 -31.07 27.18 -21.87
C ALA A 83 -29.81 26.39 -21.54
N GLY A 84 -28.74 27.12 -21.23
CA GLY A 84 -27.47 26.52 -20.89
C GLY A 84 -27.51 25.59 -19.68
N ARG A 85 -28.62 25.60 -18.94
CA ARG A 85 -28.79 24.75 -17.78
C ARG A 85 -29.14 23.32 -18.20
N PRO A 86 -28.97 22.35 -17.29
CA PRO A 86 -29.35 20.97 -17.59
C PRO A 86 -30.80 20.87 -18.06
N PRO A 87 -31.10 19.89 -18.91
CA PRO A 87 -32.45 19.77 -19.47
C PRO A 87 -33.52 19.61 -18.40
N THR A 88 -34.70 20.16 -18.68
CA THR A 88 -35.81 20.18 -17.73
C THR A 88 -36.87 19.18 -18.17
N VAL A 89 -37.11 18.17 -17.34
CA VAL A 89 -38.06 17.10 -17.63
C VAL A 89 -39.34 17.41 -16.85
N PRO A 90 -40.47 17.71 -17.52
CA PRO A 90 -41.70 17.98 -16.79
C PRO A 90 -42.40 16.72 -16.30
N VAL A 91 -42.28 15.62 -17.06
CA VAL A 91 -43.03 14.39 -16.79
C VAL A 91 -42.07 13.20 -16.81
N VAL A 92 -42.13 12.38 -15.76
CA VAL A 92 -41.39 11.14 -15.67
C VAL A 92 -42.39 9.99 -15.76
N TYR A 93 -42.09 8.99 -16.58
CA TYR A 93 -42.97 7.85 -16.78
C TYR A 93 -42.17 6.56 -16.70
N ILE A 94 -42.51 5.72 -15.72
CA ILE A 94 -41.76 4.49 -15.45
C ILE A 94 -42.73 3.32 -15.34
N ARG A 95 -42.19 2.13 -15.60
CA ARG A 95 -42.93 0.87 -15.44
C ARG A 95 -42.07 -0.10 -14.65
N PRO A 96 -42.34 -0.28 -13.36
CA PRO A 96 -41.56 -1.24 -12.56
C PRO A 96 -41.69 -2.66 -13.09
N HIS A 97 -40.63 -3.44 -12.90
CA HIS A 97 -40.54 -4.82 -13.40
C HIS A 97 -41.19 -5.75 -12.38
N GLN A 98 -42.50 -5.93 -12.48
CA GLN A 98 -43.29 -6.81 -11.60
C GLN A 98 -43.00 -6.39 -10.15
N LYS A 99 -42.69 -7.31 -9.25
CA LYS A 99 -42.36 -6.94 -7.88
C LYS A 99 -41.10 -6.08 -7.87
N CYS A 100 -41.12 -5.01 -7.09
CA CYS A 100 -39.99 -4.09 -7.04
C CYS A 100 -39.82 -3.51 -5.65
N GLY A 101 -38.59 -3.13 -5.32
CA GLY A 101 -38.30 -2.50 -4.05
C GLY A 101 -37.94 -1.04 -4.23
N PRO A 102 -37.79 -0.32 -3.10
CA PRO A 102 -37.43 1.11 -3.20
C PRO A 102 -36.17 1.36 -4.00
N LYS A 103 -35.17 0.50 -3.83
CA LYS A 103 -33.91 0.64 -4.56
C LYS A 103 -34.15 0.60 -6.07
N ASP A 104 -35.07 -0.23 -6.53
CA ASP A 104 -35.31 -0.38 -7.97
C ASP A 104 -36.05 0.83 -8.54
N LEU A 105 -37.03 1.35 -7.80
CA LEU A 105 -37.68 2.58 -8.24
C LEU A 105 -36.68 3.72 -8.34
N PHE A 106 -35.81 3.85 -7.32
CA PHE A 106 -34.78 4.88 -7.35
C PHE A 106 -33.86 4.71 -8.56
N LYS A 107 -33.42 3.47 -8.80
CA LYS A 107 -32.54 3.20 -9.94
C LYS A 107 -33.20 3.58 -11.26
N LYS A 108 -34.46 3.17 -11.45
CA LYS A 108 -35.14 3.44 -12.72
C LYS A 108 -35.40 4.92 -12.91
N ILE A 109 -35.81 5.62 -11.85
CA ILE A 109 -36.03 7.07 -11.96
C ILE A 109 -34.73 7.77 -12.31
N THR A 110 -33.63 7.35 -11.68
CA THR A 110 -32.32 7.96 -11.99
C THR A 110 -31.93 7.71 -13.44
N GLU A 111 -32.15 6.49 -13.95
CA GLU A 111 -31.81 6.20 -15.33
C GLU A 111 -32.69 6.98 -16.31
N TYR A 112 -33.98 7.11 -16.00
CA TYR A 112 -34.89 7.85 -16.86
C TYR A 112 -34.38 9.26 -17.10
N LEU A 113 -33.94 9.93 -16.04
CA LEU A 113 -33.43 11.30 -16.13
C LEU A 113 -32.01 11.36 -16.67
N LYS A 114 -31.47 10.25 -17.15
CA LYS A 114 -30.15 10.20 -17.79
C LYS A 114 -29.03 10.56 -16.82
N TYR A 115 -29.06 9.94 -15.64
CA TYR A 115 -28.02 10.13 -14.63
C TYR A 115 -27.41 8.78 -14.25
N ARG A 116 -26.15 8.83 -13.80
CA ARG A 116 -25.48 7.61 -13.35
C ARG A 116 -26.07 7.14 -12.03
N VAL A 117 -26.32 5.84 -11.94
CA VAL A 117 -26.84 5.25 -10.71
C VAL A 117 -25.68 5.03 -9.74
N THR A 118 -25.77 5.62 -8.56
CA THR A 118 -24.74 5.42 -7.56
C THR A 118 -24.79 3.98 -7.04
N LYS A 119 -23.64 3.52 -6.54
CA LYS A 119 -23.56 2.23 -5.85
C LYS A 119 -23.66 2.46 -4.35
N GLY A 120 -24.22 1.48 -3.65
CA GLY A 120 -24.44 1.62 -2.22
C GLY A 120 -25.76 1.02 -1.76
N THR A 121 -26.36 1.59 -0.72
CA THR A 121 -27.57 1.05 -0.12
C THR A 121 -28.77 1.97 -0.38
N VAL A 122 -29.93 1.55 0.12
CA VAL A 122 -31.18 2.26 -0.16
C VAL A 122 -31.14 3.75 0.17
N SER A 123 -30.53 4.11 1.31
CA SER A 123 -30.47 5.51 1.71
C SER A 123 -29.69 6.34 0.70
N ASP A 124 -28.60 5.79 0.17
CA ASP A 124 -27.81 6.51 -0.83
C ASP A 124 -28.59 6.71 -2.12
N PHE A 125 -29.22 5.65 -2.62
CA PHE A 125 -30.07 5.75 -3.80
C PHE A 125 -31.16 6.81 -3.60
N ARG A 126 -31.74 6.86 -2.40
CA ARG A 126 -32.82 7.81 -2.13
C ARG A 126 -32.31 9.24 -2.15
N ASP A 127 -31.18 9.50 -1.48
CA ASP A 127 -30.60 10.84 -1.50
C ASP A 127 -30.35 11.30 -2.93
N ARG A 128 -29.75 10.42 -3.74
CA ARG A 128 -29.47 10.78 -5.13
C ARG A 128 -30.76 11.00 -5.93
N THR A 129 -31.79 10.19 -5.67
CA THR A 129 -33.04 10.31 -6.41
C THR A 129 -33.73 11.64 -6.12
N ILE A 130 -33.81 12.01 -4.84
CA ILE A 130 -34.44 13.28 -4.51
C ILE A 130 -33.58 14.45 -4.97
N GLU A 131 -32.28 14.24 -5.18
CA GLU A 131 -31.47 15.27 -5.82
C GLU A 131 -31.85 15.48 -7.28
N VAL A 132 -31.87 14.40 -8.06
CA VAL A 132 -32.18 14.54 -9.48
C VAL A 132 -33.63 14.95 -9.72
N LEU A 133 -34.52 14.68 -8.76
CA LEU A 133 -35.90 15.15 -8.88
C LEU A 133 -36.05 16.64 -8.61
N LYS A 134 -35.02 17.29 -8.08
CA LYS A 134 -34.97 18.74 -7.98
C LYS A 134 -34.15 19.39 -9.09
N GLY A 135 -33.14 18.68 -9.59
CA GLY A 135 -32.42 19.17 -10.76
C GLY A 135 -33.36 19.40 -11.93
N CYS A 136 -34.14 18.39 -12.29
CA CYS A 136 -35.20 18.54 -13.27
C CYS A 136 -36.46 19.03 -12.57
N GLY A 137 -37.32 19.72 -13.33
CA GLY A 137 -38.56 20.22 -12.74
C GLY A 137 -39.42 19.10 -12.19
N VAL A 138 -39.66 18.07 -13.01
CA VAL A 138 -40.48 16.91 -12.65
C VAL A 138 -41.88 17.20 -12.13
N GLU A 139 -42.57 18.15 -12.77
CA GLU A 139 -43.93 18.47 -12.37
C GLU A 139 -44.84 17.30 -12.02
N MET A 140 -44.64 16.15 -12.64
CA MET A 140 -45.53 15.01 -12.41
C MET A 140 -44.80 13.71 -12.70
N LEU A 141 -44.95 12.75 -11.80
CA LEU A 141 -44.41 11.40 -11.98
C LEU A 141 -45.56 10.42 -12.16
N ILE A 142 -45.51 9.64 -13.23
CA ILE A 142 -46.53 8.63 -13.53
C ILE A 142 -45.90 7.25 -13.40
N ILE A 143 -46.51 6.40 -12.59
CA ILE A 143 -46.02 5.04 -12.33
C ILE A 143 -47.00 4.05 -12.96
N ASP A 144 -46.53 3.30 -13.94
CA ASP A 144 -47.34 2.30 -14.62
C ASP A 144 -47.28 0.97 -13.88
N GLU A 145 -48.31 0.15 -14.12
CA GLU A 145 -48.43 -1.18 -13.48
C GLU A 145 -48.20 -1.08 -11.97
N ALA A 146 -48.78 -0.05 -11.36
CA ALA A 146 -48.54 0.20 -9.94
C ALA A 146 -49.07 -0.92 -9.07
N ASP A 147 -50.08 -1.65 -9.54
CA ASP A 147 -50.58 -2.81 -8.80
C ASP A 147 -49.46 -3.82 -8.57
N ARG A 148 -48.68 -4.09 -9.60
CA ARG A 148 -47.54 -5.03 -9.51
C ARG A 148 -46.35 -4.27 -8.94
N LEU A 149 -46.40 -4.02 -7.63
CA LEU A 149 -45.36 -3.30 -6.93
C LEU A 149 -45.46 -3.63 -5.45
N LYS A 150 -44.32 -3.86 -4.82
CA LYS A 150 -44.32 -4.22 -3.41
C LYS A 150 -45.04 -3.14 -2.60
N PRO A 151 -45.91 -3.53 -1.66
CA PRO A 151 -46.62 -2.53 -0.85
C PRO A 151 -45.69 -1.68 -0.01
N GLU A 152 -44.44 -2.10 0.16
CA GLU A 152 -43.49 -1.35 0.98
C GLU A 152 -43.04 -0.06 0.31
N THR A 153 -43.01 -0.02 -1.02
CA THR A 153 -42.53 1.15 -1.75
C THR A 153 -43.47 2.34 -1.65
N PHE A 154 -44.75 2.09 -1.35
CA PHE A 154 -45.71 3.19 -1.24
C PHE A 154 -45.41 4.09 -0.05
N ALA A 155 -44.74 3.56 0.98
CA ALA A 155 -44.33 4.41 2.10
C ALA A 155 -43.35 5.49 1.64
N ASP A 156 -42.46 5.13 0.70
CA ASP A 156 -41.54 6.11 0.14
C ASP A 156 -42.25 7.02 -0.87
N VAL A 157 -43.19 6.47 -1.62
CA VAL A 157 -43.90 7.26 -2.63
C VAL A 157 -44.70 8.38 -1.97
N ARG A 158 -45.47 8.04 -0.94
CA ARG A 158 -46.27 9.05 -0.25
C ARG A 158 -45.42 10.12 0.39
N ASP A 159 -44.18 9.79 0.76
CA ASP A 159 -43.29 10.77 1.37
C ASP A 159 -42.68 11.68 0.31
N ILE A 160 -42.24 11.11 -0.82
CA ILE A 160 -41.66 11.93 -1.88
C ILE A 160 -42.71 12.87 -2.45
N ALA A 161 -43.96 12.41 -2.54
CA ALA A 161 -45.01 13.25 -3.10
C ALA A 161 -45.27 14.49 -2.25
N GLU A 162 -44.88 14.48 -0.98
CA GLU A 162 -45.10 15.61 -0.07
C GLU A 162 -43.83 16.41 0.20
N ASP A 163 -42.69 15.74 0.34
CA ASP A 163 -41.44 16.46 0.56
C ASP A 163 -41.08 17.34 -0.63
N LEU A 164 -41.29 16.81 -1.84
CA LEU A 164 -41.05 17.54 -3.08
C LEU A 164 -42.38 17.86 -3.74
N GLY A 165 -42.47 19.03 -4.37
CA GLY A 165 -43.69 19.41 -5.05
C GLY A 165 -43.87 18.72 -6.37
N ILE A 166 -44.13 17.41 -6.34
CA ILE A 166 -44.31 16.60 -7.53
C ILE A 166 -45.63 15.85 -7.42
N ALA A 167 -46.41 15.86 -8.48
CA ALA A 167 -47.66 15.11 -8.53
C ALA A 167 -47.39 13.68 -8.96
N VAL A 168 -47.89 12.72 -8.18
CA VAL A 168 -47.67 11.30 -8.42
C VAL A 168 -48.97 10.67 -8.88
N VAL A 169 -48.93 9.98 -10.02
CA VAL A 169 -50.09 9.30 -10.58
C VAL A 169 -49.83 7.80 -10.53
N LEU A 170 -50.74 7.06 -9.89
CA LEU A 170 -50.63 5.60 -9.77
C LEU A 170 -51.63 4.97 -10.74
N VAL A 171 -51.12 4.26 -11.74
CA VAL A 171 -51.94 3.65 -12.78
C VAL A 171 -52.04 2.15 -12.49
N GLY A 172 -53.26 1.64 -12.38
CA GLY A 172 -53.47 0.24 -12.07
C GLY A 172 -54.92 -0.22 -12.16
N THR A 173 -55.29 -1.23 -11.37
CA THR A 173 -56.64 -1.77 -11.39
C THR A 173 -57.06 -2.12 -9.96
N ASP A 174 -58.26 -2.73 -9.83
CA ASP A 174 -58.87 -2.93 -8.52
C ASP A 174 -57.94 -3.38 -7.40
N ARG A 175 -57.04 -4.32 -7.68
CA ARG A 175 -56.13 -4.80 -6.64
C ARG A 175 -55.22 -3.68 -6.12
N LEU A 176 -54.89 -2.72 -7.00
CA LEU A 176 -54.15 -1.55 -6.54
C LEU A 176 -54.95 -0.75 -5.54
N ASP A 177 -56.25 -0.57 -5.80
CA ASP A 177 -57.11 0.12 -4.84
C ASP A 177 -57.19 -0.64 -3.53
N ALA A 178 -57.21 -1.97 -3.59
CA ALA A 178 -57.17 -2.77 -2.38
C ALA A 178 -55.93 -2.46 -1.56
N VAL A 179 -54.77 -2.44 -2.23
CA VAL A 179 -53.52 -2.13 -1.52
C VAL A 179 -53.53 -0.72 -0.96
N ILE A 180 -54.02 0.25 -1.74
CA ILE A 180 -54.02 1.64 -1.31
C ILE A 180 -54.94 1.85 -0.12
N LYS A 181 -56.13 1.25 -0.15
CA LYS A 181 -57.05 1.36 0.97
C LYS A 181 -56.52 0.61 2.19
N ARG A 182 -55.73 -0.44 1.97
CA ARG A 182 -55.20 -1.22 3.09
C ARG A 182 -54.41 -0.35 4.06
N ASP A 183 -53.50 0.47 3.53
CA ASP A 183 -52.72 1.40 4.36
C ASP A 183 -53.36 2.78 4.26
N GLU A 184 -54.02 3.19 5.34
CA GLU A 184 -54.81 4.43 5.31
C GLU A 184 -53.95 5.66 5.03
N GLN A 185 -52.71 5.67 5.52
CA GLN A 185 -51.85 6.84 5.32
C GLN A 185 -51.55 7.10 3.86
N VAL A 186 -51.74 6.11 2.99
CA VAL A 186 -51.58 6.32 1.56
C VAL A 186 -52.90 6.71 0.90
N LEU A 187 -53.99 6.03 1.26
CA LEU A 187 -55.30 6.40 0.71
C LEU A 187 -55.65 7.85 1.04
N GLU A 188 -55.19 8.35 2.18
CA GLU A 188 -55.50 9.70 2.59
C GLU A 188 -55.11 10.73 1.54
N ARG A 189 -54.00 10.51 0.85
CA ARG A 189 -53.58 11.39 -0.23
C ARG A 189 -54.19 10.99 -1.56
N PHE A 190 -54.20 9.69 -1.87
CA PHE A 190 -54.65 9.20 -3.17
C PHE A 190 -56.16 8.93 -3.17
N ARG A 191 -56.92 9.98 -2.90
CA ARG A 191 -58.38 9.89 -2.96
C ARG A 191 -58.90 10.24 -4.34
N ALA A 192 -58.31 11.26 -4.98
CA ALA A 192 -58.70 11.62 -6.34
C ALA A 192 -58.35 10.49 -7.30
N HIS A 193 -59.22 10.25 -8.26
CA HIS A 193 -59.01 9.16 -9.21
C HIS A 193 -59.84 9.40 -10.47
N LEU A 194 -59.39 8.79 -11.56
CA LEU A 194 -60.10 8.74 -12.82
C LEU A 194 -60.32 7.29 -13.21
N ARG A 195 -61.48 6.98 -13.79
CA ARG A 195 -61.81 5.63 -14.20
C ARG A 195 -61.79 5.51 -15.71
N PHE A 196 -61.32 4.35 -16.19
CA PHE A 196 -61.47 3.95 -17.58
C PHE A 196 -62.68 3.02 -17.69
N GLY A 197 -63.51 3.25 -18.71
CA GLY A 197 -64.70 2.45 -18.92
C GLY A 197 -64.52 1.40 -19.99
N LYS A 198 -65.64 0.77 -20.35
CA LYS A 198 -65.68 -0.25 -21.39
C LYS A 198 -66.57 0.21 -22.54
N LEU A 199 -66.40 -0.43 -23.69
CA LEU A 199 -67.17 -0.07 -24.88
C LEU A 199 -68.53 -0.74 -24.87
N SER A 200 -69.52 -0.03 -25.40
CA SER A 200 -70.89 -0.55 -25.45
C SER A 200 -71.74 0.31 -26.38
N GLY A 201 -72.64 -0.35 -27.11
CA GLY A 201 -73.68 0.35 -27.84
C GLY A 201 -73.16 1.30 -28.90
N GLU A 202 -73.72 2.52 -28.91
CA GLU A 202 -73.33 3.52 -29.90
C GLU A 202 -71.88 3.94 -29.72
N ASP A 203 -71.42 4.02 -28.46
CA ASP A 203 -70.01 4.33 -28.22
C ASP A 203 -69.11 3.29 -28.86
N PHE A 204 -69.47 2.01 -28.72
CA PHE A 204 -68.68 0.93 -29.33
C PHE A 204 -68.75 0.99 -30.85
N LYS A 205 -69.93 1.24 -31.42
CA LYS A 205 -70.06 1.34 -32.86
C LYS A 205 -69.20 2.47 -33.41
N ASN A 206 -69.25 3.65 -32.78
CA ASN A 206 -68.42 4.76 -33.21
C ASN A 206 -66.95 4.46 -33.03
N THR A 207 -66.59 3.78 -31.94
CA THR A 207 -65.20 3.44 -31.70
C THR A 207 -64.66 2.55 -32.81
N VAL A 208 -65.40 1.48 -33.16
CA VAL A 208 -64.90 0.55 -34.16
C VAL A 208 -64.95 1.17 -35.55
N GLU A 209 -65.92 2.05 -35.83
CA GLU A 209 -65.98 2.70 -37.12
C GLU A 209 -64.82 3.68 -37.30
N MET A 210 -64.55 4.50 -36.29
CA MET A 210 -63.41 5.41 -36.33
C MET A 210 -62.10 4.63 -36.43
N TRP A 211 -61.97 3.57 -35.63
CA TRP A 211 -60.80 2.70 -35.70
C TRP A 211 -60.61 2.16 -37.11
N GLU A 212 -61.70 1.72 -37.75
CA GLU A 212 -61.60 1.13 -39.09
C GLU A 212 -61.21 2.18 -40.11
N GLN A 213 -61.84 3.36 -40.06
CA GLN A 213 -61.52 4.40 -41.03
C GLN A 213 -60.07 4.86 -40.90
N MET A 214 -59.55 4.91 -39.67
CA MET A 214 -58.19 5.38 -39.48
C MET A 214 -57.15 4.32 -39.77
N VAL A 215 -57.40 3.09 -39.32
CA VAL A 215 -56.41 2.01 -39.38
C VAL A 215 -56.46 1.32 -40.73
N LEU A 216 -57.63 0.76 -41.08
CA LEU A 216 -57.76 -0.02 -42.31
C LEU A 216 -57.59 0.88 -43.52
N LYS A 217 -56.48 0.71 -44.23
CA LYS A 217 -56.19 1.47 -45.44
C LYS A 217 -56.77 0.83 -46.69
N LEU A 218 -57.50 -0.26 -46.55
CA LEU A 218 -58.07 -0.95 -47.71
C LEU A 218 -59.05 -0.03 -48.44
N PRO A 219 -58.88 0.17 -49.75
CA PRO A 219 -59.79 1.07 -50.48
C PRO A 219 -61.24 0.63 -50.46
N VAL A 220 -61.53 -0.64 -50.21
CA VAL A 220 -62.89 -1.16 -50.17
C VAL A 220 -63.40 -1.12 -48.75
N SER A 221 -64.55 -0.47 -48.55
CA SER A 221 -65.11 -0.34 -47.22
C SER A 221 -65.61 -1.68 -46.70
N SER A 222 -65.39 -1.92 -45.40
CA SER A 222 -65.88 -3.12 -44.76
C SER A 222 -67.34 -3.00 -44.33
N ASN A 223 -67.86 -1.78 -44.21
CA ASN A 223 -69.20 -1.54 -43.67
C ASN A 223 -69.34 -2.17 -42.29
N LEU A 224 -68.28 -2.05 -41.49
CA LEU A 224 -68.22 -2.73 -40.20
C LEU A 224 -69.35 -2.32 -39.26
N LYS A 225 -69.83 -1.09 -39.39
CA LYS A 225 -70.88 -0.59 -38.50
C LYS A 225 -72.20 -1.34 -38.66
N SER A 226 -72.37 -2.11 -39.72
CA SER A 226 -73.59 -2.89 -39.91
C SER A 226 -73.71 -3.96 -38.84
N LYS A 227 -74.96 -4.34 -38.55
CA LYS A 227 -75.23 -5.19 -37.38
C LYS A 227 -74.59 -6.56 -37.52
N GLU A 228 -74.55 -7.12 -38.73
CA GLU A 228 -74.04 -8.48 -38.91
C GLU A 228 -72.58 -8.60 -38.49
N MET A 229 -71.78 -7.59 -38.82
CA MET A 229 -70.37 -7.59 -38.42
C MET A 229 -70.16 -6.99 -37.05
N LEU A 230 -70.96 -5.97 -36.71
CA LEU A 230 -70.84 -5.33 -35.40
C LEU A 230 -71.11 -6.32 -34.27
N ARG A 231 -72.05 -7.24 -34.48
CA ARG A 231 -72.40 -8.20 -33.42
C ARG A 231 -71.27 -9.20 -33.19
N ILE A 232 -70.72 -9.76 -34.27
CA ILE A 232 -69.60 -10.70 -34.13
C ILE A 232 -68.40 -10.00 -33.49
N LEU A 233 -68.12 -8.77 -33.92
CA LEU A 233 -67.02 -8.02 -33.33
C LEU A 233 -67.28 -7.70 -31.86
N THR A 234 -68.54 -7.46 -31.49
CA THR A 234 -68.87 -7.25 -30.08
C THR A 234 -68.58 -8.50 -29.27
N SER A 235 -69.01 -9.66 -29.77
CA SER A 235 -68.77 -10.92 -29.06
C SER A 235 -67.28 -11.18 -28.90
N ALA A 236 -66.49 -10.91 -29.94
CA ALA A 236 -65.05 -11.14 -29.84
C ALA A 236 -64.34 -10.07 -29.01
N THR A 237 -64.90 -8.86 -28.96
CA THR A 237 -64.23 -7.73 -28.33
C THR A 237 -64.41 -7.74 -26.82
N GLU A 238 -65.60 -8.11 -26.35
CA GLU A 238 -65.94 -8.12 -24.93
C GLU A 238 -65.81 -6.73 -24.29
N GLY A 239 -65.81 -5.67 -25.10
CA GLY A 239 -65.72 -4.32 -24.60
C GLY A 239 -64.32 -3.78 -24.43
N TYR A 240 -63.29 -4.53 -24.81
CA TYR A 240 -61.90 -4.11 -24.63
C TYR A 240 -61.35 -3.60 -25.96
N ILE A 241 -60.75 -2.40 -25.92
CA ILE A 241 -60.25 -1.79 -27.15
C ILE A 241 -59.14 -2.63 -27.78
N GLY A 242 -58.22 -3.13 -26.95
CA GLY A 242 -57.14 -3.96 -27.48
C GLY A 242 -57.64 -5.20 -28.19
N ARG A 243 -58.76 -5.75 -27.74
CA ARG A 243 -59.30 -6.96 -28.34
C ARG A 243 -59.86 -6.69 -29.74
N LEU A 244 -60.62 -5.60 -29.89
CA LEU A 244 -61.09 -5.25 -31.22
C LEU A 244 -59.92 -4.90 -32.13
N ASP A 245 -58.89 -4.26 -31.58
CA ASP A 245 -57.67 -4.00 -32.32
C ASP A 245 -57.12 -5.30 -32.92
N GLU A 246 -56.88 -6.28 -32.05
CA GLU A 246 -56.35 -7.57 -32.50
C GLU A 246 -57.27 -8.21 -33.54
N ILE A 247 -58.58 -8.24 -33.27
CA ILE A 247 -59.52 -8.97 -34.11
C ILE A 247 -59.57 -8.36 -35.52
N LEU A 248 -59.73 -7.04 -35.60
CA LEU A 248 -59.88 -6.41 -36.91
C LEU A 248 -58.56 -6.43 -37.69
N ARG A 249 -57.43 -6.26 -37.00
CA ARG A 249 -56.15 -6.34 -37.70
C ARG A 249 -55.91 -7.73 -38.25
N GLU A 250 -56.24 -8.76 -37.48
CA GLU A 250 -56.09 -10.14 -37.96
C GLU A 250 -57.03 -10.41 -39.13
N ALA A 251 -58.26 -9.90 -39.06
CA ALA A 251 -59.18 -10.05 -40.18
C ALA A 251 -58.63 -9.39 -41.44
N ALA A 252 -58.03 -8.20 -41.30
CA ALA A 252 -57.44 -7.53 -42.44
C ALA A 252 -56.25 -8.31 -42.99
N ILE A 253 -55.42 -8.88 -42.11
CA ILE A 253 -54.29 -9.68 -42.56
C ILE A 253 -54.77 -10.89 -43.37
N ARG A 254 -55.76 -11.60 -42.83
CA ARG A 254 -56.29 -12.77 -43.53
C ARG A 254 -56.97 -12.39 -44.84
N SER A 255 -57.66 -11.24 -44.85
CA SER A 255 -58.34 -10.80 -46.07
C SER A 255 -57.36 -10.43 -47.16
N LEU A 256 -56.28 -9.73 -46.80
CA LEU A 256 -55.26 -9.39 -47.78
C LEU A 256 -54.52 -10.63 -48.26
N SER A 257 -54.27 -11.58 -47.36
CA SER A 257 -53.50 -12.77 -47.73
C SER A 257 -54.31 -13.70 -48.64
N ARG A 258 -55.58 -13.94 -48.30
CA ARG A 258 -56.43 -14.79 -49.12
C ARG A 258 -57.03 -14.06 -50.31
N GLY A 259 -56.86 -12.75 -50.40
CA GLY A 259 -57.31 -12.01 -51.56
C GLY A 259 -58.72 -11.50 -51.50
N LEU A 260 -59.25 -11.20 -50.32
CA LEU A 260 -60.65 -10.79 -50.19
C LEU A 260 -60.83 -9.32 -50.52
N LYS A 261 -61.99 -8.99 -51.07
CA LYS A 261 -62.31 -7.60 -51.37
C LYS A 261 -62.45 -6.77 -50.11
N LYS A 262 -62.94 -7.36 -49.02
CA LYS A 262 -63.17 -6.63 -47.79
C LYS A 262 -63.31 -7.61 -46.64
N ILE A 263 -63.07 -7.10 -45.43
CA ILE A 263 -63.44 -7.84 -44.23
C ILE A 263 -64.96 -7.98 -44.21
N ASP A 264 -65.43 -9.21 -44.07
CA ASP A 264 -66.86 -9.49 -44.11
C ASP A 264 -67.25 -10.26 -42.86
N LYS A 265 -68.53 -10.60 -42.75
CA LYS A 265 -69.00 -11.29 -41.54
C LYS A 265 -68.31 -12.64 -41.37
N ALA A 266 -68.10 -13.36 -42.48
CA ALA A 266 -67.43 -14.66 -42.41
C ALA A 266 -66.00 -14.53 -41.92
N VAL A 267 -65.28 -13.49 -42.38
CA VAL A 267 -63.90 -13.27 -41.94
C VAL A 267 -63.87 -12.98 -40.44
N LEU A 268 -64.75 -12.08 -40.00
CA LEU A 268 -64.85 -11.76 -38.58
C LEU A 268 -65.13 -13.01 -37.76
N GLN A 269 -65.99 -13.89 -38.27
CA GLN A 269 -66.27 -15.13 -37.54
C GLN A 269 -65.06 -16.05 -37.51
N GLU A 270 -64.32 -16.12 -38.62
CA GLU A 270 -63.15 -17.00 -38.68
C GLU A 270 -62.09 -16.58 -37.68
N VAL A 271 -61.91 -15.27 -37.49
CA VAL A 271 -60.81 -14.80 -36.64
C VAL A 271 -61.03 -15.17 -35.17
N ALA A 272 -62.26 -15.02 -34.68
CA ALA A 272 -62.54 -15.22 -33.26
C ALA A 272 -62.38 -16.67 -32.80
N LYS A 273 -62.20 -17.61 -33.73
CA LYS A 273 -62.14 -19.02 -33.36
C LYS A 273 -60.88 -19.34 -32.56
N GLU A 274 -59.73 -18.79 -32.96
CA GLU A 274 -58.48 -19.12 -32.30
C GLU A 274 -58.47 -18.68 -30.84
N TYR A 275 -59.04 -17.52 -30.55
CA TYR A 275 -59.08 -17.01 -29.18
C TYR A 275 -60.38 -17.43 -28.49
N GLU B 19 -49.93 41.41 -13.77
CA GLU B 19 -51.38 41.39 -13.60
C GLU B 19 -51.75 41.15 -12.13
N TRP B 20 -52.77 41.86 -11.67
CA TRP B 20 -53.22 41.73 -10.29
C TRP B 20 -53.61 40.29 -9.97
N LEU B 21 -54.40 39.68 -10.86
CA LEU B 21 -54.88 38.32 -10.63
C LEU B 21 -53.74 37.33 -10.48
N GLN B 22 -52.73 37.43 -11.34
CA GLN B 22 -51.60 36.51 -11.28
C GLN B 22 -50.85 36.62 -9.97
N ALA B 23 -50.67 37.86 -9.47
CA ALA B 23 -50.01 38.05 -8.19
C ALA B 23 -50.79 37.39 -7.07
N GLU B 24 -52.11 37.63 -7.03
CA GLU B 24 -52.91 37.03 -5.96
C GLU B 24 -52.91 35.51 -6.06
N ILE B 25 -52.98 34.96 -7.27
CA ILE B 25 -53.01 33.52 -7.45
C ILE B 25 -51.68 32.89 -7.03
N ALA B 26 -50.57 33.52 -7.42
CA ALA B 26 -49.26 33.01 -7.00
C ALA B 26 -49.13 33.05 -5.48
N ARG B 27 -49.68 34.08 -4.85
CA ARG B 27 -49.66 34.13 -3.39
C ARG B 27 -50.49 32.99 -2.79
N LEU B 28 -51.66 32.72 -3.37
CA LEU B 28 -52.55 31.69 -2.82
C LEU B 28 -51.93 30.29 -2.92
N LYS B 29 -51.12 30.05 -3.95
CA LYS B 29 -50.51 28.74 -4.15
C LYS B 29 -49.26 28.53 -3.29
N GLY B 30 -48.98 29.45 -2.36
CA GLY B 30 -47.81 29.32 -1.51
C GLY B 30 -48.09 28.64 -0.18
N LYS B 31 -47.58 29.22 0.91
CA LYS B 31 -47.73 28.64 2.25
C LYS B 31 -47.91 29.75 3.27
N SER B 32 -48.73 29.49 4.29
CA SER B 32 -48.96 30.45 5.36
C SER B 32 -49.34 29.68 6.62
N ILE B 33 -49.31 30.39 7.75
CA ILE B 33 -49.60 29.80 9.07
C ILE B 33 -50.72 30.57 9.72
N VAL B 34 -51.72 29.86 10.23
CA VAL B 34 -52.81 30.44 11.00
C VAL B 34 -52.57 30.12 12.48
N PRO B 35 -52.39 31.11 13.35
CA PRO B 35 -52.19 30.82 14.77
C PRO B 35 -53.40 30.11 15.37
N LEU B 36 -53.14 29.06 16.13
CA LEU B 36 -54.20 28.26 16.73
C LEU B 36 -53.86 27.97 18.18
N GLN B 37 -54.90 27.76 19.00
CA GLN B 37 -54.71 27.43 20.40
C GLN B 37 -53.91 26.14 20.58
N GLN B 38 -54.10 25.18 19.68
CA GLN B 38 -53.33 23.94 19.72
C GLN B 38 -51.83 24.23 19.68
N VAL B 39 -51.42 25.17 18.83
CA VAL B 39 -50.00 25.49 18.66
C VAL B 39 -49.44 26.15 19.91
N LYS B 40 -50.17 27.12 20.47
CA LYS B 40 -49.71 27.79 21.68
C LYS B 40 -49.62 26.83 22.85
N THR B 41 -50.61 25.93 22.97
CA THR B 41 -50.57 24.89 23.98
C THR B 41 -49.30 24.05 23.85
N LEU B 42 -49.03 23.57 22.64
CA LEU B 42 -47.82 22.78 22.42
C LEU B 42 -46.57 23.56 22.79
N HIS B 43 -46.52 24.84 22.44
CA HIS B 43 -45.29 25.62 22.67
C HIS B 43 -45.04 25.83 24.16
N ASP B 44 -46.08 26.18 24.93
CA ASP B 44 -45.91 26.30 26.37
C ASP B 44 -45.46 24.98 26.98
N TRP B 45 -46.09 23.88 26.57
CA TRP B 45 -45.72 22.56 27.07
C TRP B 45 -44.25 22.24 26.76
N LEU B 46 -43.82 22.54 25.52
CA LEU B 46 -42.46 22.23 25.10
C LEU B 46 -41.45 23.06 25.85
N ASP B 47 -41.75 24.34 26.10
CA ASP B 47 -40.84 25.16 26.91
C ASP B 47 -40.69 24.59 28.30
N GLY B 48 -41.81 24.15 28.90
CA GLY B 48 -41.73 23.48 30.19
C GLY B 48 -40.81 22.28 30.15
N LYS B 49 -40.99 21.41 29.15
CA LYS B 49 -40.17 20.19 29.07
C LYS B 49 -38.70 20.53 28.83
N ARG B 50 -38.43 21.55 28.02
CA ARG B 50 -37.05 21.93 27.72
C ARG B 50 -36.36 22.46 28.97
N LYS B 51 -37.07 23.27 29.77
CA LYS B 51 -36.49 23.74 31.02
C LYS B 51 -36.28 22.60 32.00
N ALA B 52 -37.20 21.64 32.04
CA ALA B 52 -37.06 20.49 32.93
C ALA B 52 -36.12 19.43 32.38
N ARG B 53 -35.75 19.50 31.10
CA ARG B 53 -34.89 18.52 30.45
C ARG B 53 -35.49 17.12 30.54
N LYS B 54 -36.78 17.02 30.23
CA LYS B 54 -37.50 15.76 30.26
C LYS B 54 -37.93 15.37 28.84
N SER B 55 -37.82 14.07 28.55
CA SER B 55 -38.31 13.56 27.29
C SER B 55 -39.82 13.34 27.36
N CYS B 56 -40.46 13.35 26.19
CA CYS B 56 -41.91 13.26 26.12
C CYS B 56 -42.33 12.84 24.72
N ARG B 57 -43.64 12.65 24.53
CA ARG B 57 -44.21 12.22 23.27
C ARG B 57 -45.28 13.19 22.80
N VAL B 58 -45.47 13.26 21.49
CA VAL B 58 -46.52 14.06 20.87
C VAL B 58 -47.28 13.15 19.92
N VAL B 59 -48.55 12.90 20.22
CA VAL B 59 -49.37 11.92 19.51
C VAL B 59 -50.54 12.65 18.83
N GLY B 60 -50.79 12.32 17.57
CA GLY B 60 -51.89 12.92 16.85
C GLY B 60 -52.00 12.34 15.45
N GLU B 61 -53.18 12.51 14.87
CA GLU B 61 -53.48 12.00 13.54
C GLU B 61 -52.79 12.84 12.46
N SER B 62 -52.75 12.30 11.26
CA SER B 62 -52.14 12.99 10.13
C SER B 62 -53.04 14.13 9.65
N ARG B 63 -52.45 15.02 8.85
CA ARG B 63 -53.13 16.19 8.30
C ARG B 63 -53.68 17.11 9.38
N THR B 64 -53.11 17.04 10.59
CA THR B 64 -53.45 17.96 11.67
C THR B 64 -52.42 19.07 11.85
N GLY B 65 -51.29 18.97 11.16
CA GLY B 65 -50.28 20.02 11.19
C GLY B 65 -49.41 20.05 12.42
N LYS B 66 -49.30 18.93 13.15
CA LYS B 66 -48.42 18.91 14.33
C LYS B 66 -46.98 19.17 13.94
N THR B 67 -46.58 18.68 12.77
CA THR B 67 -45.24 18.98 12.25
C THR B 67 -45.03 20.48 12.12
N VAL B 68 -46.04 21.20 11.61
CA VAL B 68 -45.92 22.64 11.45
C VAL B 68 -45.81 23.33 12.81
N ALA B 69 -46.55 22.84 13.80
CA ALA B 69 -46.47 23.44 15.13
C ALA B 69 -45.08 23.29 15.73
N CYS B 70 -44.48 22.10 15.57
CA CYS B 70 -43.12 21.91 16.07
C CYS B 70 -42.11 22.75 15.29
N ASP B 71 -42.25 22.79 13.97
CA ASP B 71 -41.36 23.62 13.15
C ASP B 71 -41.44 25.08 13.56
N ALA B 72 -42.64 25.54 13.92
CA ALA B 72 -42.81 26.91 14.38
C ALA B 72 -42.17 27.11 15.76
N TYR B 73 -42.28 26.11 16.63
CA TYR B 73 -41.59 26.19 17.92
C TYR B 73 -40.10 26.44 17.71
N ARG B 74 -39.51 25.77 16.72
CA ARG B 74 -38.06 25.88 16.51
C ARG B 74 -37.63 27.32 16.24
N TYR B 75 -38.40 28.07 15.44
CA TYR B 75 -37.99 29.40 15.03
C TYR B 75 -38.02 30.41 16.17
N ARG B 76 -38.77 30.13 17.24
CA ARG B 76 -38.86 31.09 18.34
C ARG B 76 -37.52 31.19 19.08
N HIS B 77 -36.81 30.07 19.23
CA HIS B 77 -35.51 30.04 19.88
C HIS B 77 -34.45 29.79 18.82
N LYS B 78 -33.78 30.85 18.38
CA LYS B 78 -32.78 30.77 17.34
C LYS B 78 -31.38 30.63 17.94
N PRO B 79 -30.43 30.07 17.19
CA PRO B 79 -29.07 29.96 17.71
C PRO B 79 -28.35 31.30 17.73
N GLN B 80 -27.45 31.45 18.70
CA GLN B 80 -26.67 32.67 18.85
C GLN B 80 -25.20 32.35 18.60
N GLN B 81 -24.60 33.04 17.63
CA GLN B 81 -23.19 32.91 17.33
C GLN B 81 -22.51 34.26 17.30
N GLU B 82 -22.99 35.20 18.14
CA GLU B 82 -22.39 36.52 18.20
C GLU B 82 -20.94 36.45 18.65
N ALA B 83 -20.64 35.60 19.62
CA ALA B 83 -19.28 35.41 20.07
C ALA B 83 -18.49 34.59 19.05
N GLY B 84 -17.16 34.63 19.20
CA GLY B 84 -16.31 33.89 18.28
C GLY B 84 -16.43 32.39 18.39
N ARG B 85 -16.89 31.89 19.53
CA ARG B 85 -17.00 30.46 19.84
C ARG B 85 -18.01 29.76 18.93
N PRO B 86 -18.03 28.42 18.89
CA PRO B 86 -18.99 27.74 18.03
C PRO B 86 -20.41 28.08 18.42
N PRO B 87 -21.35 28.02 17.46
CA PRO B 87 -22.74 28.34 17.76
C PRO B 87 -23.35 27.38 18.78
N THR B 88 -24.34 27.89 19.51
CA THR B 88 -24.96 27.14 20.60
C THR B 88 -26.44 27.16 20.21
N VAL B 89 -26.87 26.18 19.43
CA VAL B 89 -28.27 26.16 19.02
C VAL B 89 -28.90 25.34 20.13
N PRO B 90 -29.96 25.81 20.79
CA PRO B 90 -30.55 25.05 21.89
C PRO B 90 -31.54 23.97 21.45
N VAL B 91 -32.06 24.06 20.23
CA VAL B 91 -33.11 23.15 19.76
C VAL B 91 -32.71 22.60 18.40
N VAL B 92 -32.73 21.27 18.26
CA VAL B 92 -32.41 20.60 17.01
C VAL B 92 -33.65 19.87 16.52
N TYR B 93 -33.92 19.97 15.22
CA TYR B 93 -35.11 19.36 14.62
C TYR B 93 -34.69 18.56 13.40
N ILE B 94 -34.99 17.26 13.41
CA ILE B 94 -34.62 16.36 12.32
C ILE B 94 -35.85 15.59 11.87
N ARG B 95 -35.79 15.09 10.63
CA ARG B 95 -36.88 14.34 10.01
C ARG B 95 -36.32 13.07 9.37
N PRO B 96 -36.23 11.98 10.15
CA PRO B 96 -35.68 10.74 9.60
C PRO B 96 -36.55 10.18 8.49
N HIS B 97 -35.88 9.53 7.52
CA HIS B 97 -36.59 8.92 6.41
C HIS B 97 -37.05 7.50 6.80
N GLN B 98 -37.69 6.82 5.85
CA GLN B 98 -38.31 5.53 6.14
C GLN B 98 -37.27 4.50 6.57
N LYS B 99 -37.53 3.84 7.70
CA LYS B 99 -36.70 2.76 8.21
C LYS B 99 -35.26 3.21 8.46
N CYS B 100 -35.10 4.45 8.92
CA CYS B 100 -33.78 5.03 9.13
C CYS B 100 -32.99 4.24 10.17
N GLY B 101 -31.80 3.81 9.78
CA GLY B 101 -30.91 3.11 10.70
C GLY B 101 -30.22 4.06 11.64
N PRO B 102 -29.55 3.49 12.66
CA PRO B 102 -28.87 4.35 13.63
C PRO B 102 -27.76 5.20 13.02
N LYS B 103 -26.95 4.61 12.15
CA LYS B 103 -25.90 5.35 11.45
C LYS B 103 -26.46 6.58 10.75
N ASP B 104 -27.57 6.42 10.04
CA ASP B 104 -28.16 7.53 9.30
C ASP B 104 -28.74 8.58 10.24
N LEU B 105 -29.29 8.17 11.39
CA LEU B 105 -29.76 9.14 12.37
C LEU B 105 -28.61 10.01 12.87
N PHE B 106 -27.48 9.39 13.19
CA PHE B 106 -26.30 10.15 13.59
C PHE B 106 -25.87 11.11 12.48
N LYS B 107 -25.93 10.66 11.23
CA LYS B 107 -25.60 11.52 10.11
C LYS B 107 -26.49 12.76 10.08
N LYS B 108 -27.80 12.56 10.27
CA LYS B 108 -28.73 13.68 10.28
C LYS B 108 -28.34 14.69 11.36
N ILE B 109 -28.07 14.20 12.58
CA ILE B 109 -27.74 15.10 13.68
C ILE B 109 -26.47 15.88 13.37
N THR B 110 -25.43 15.19 12.91
CA THR B 110 -24.15 15.86 12.68
C THR B 110 -24.23 16.85 11.52
N GLU B 111 -24.90 16.48 10.44
CA GLU B 111 -25.02 17.37 9.30
C GLU B 111 -25.84 18.61 9.64
N TYR B 112 -26.89 18.44 10.44
CA TYR B 112 -27.72 19.58 10.84
C TYR B 112 -26.89 20.66 11.51
N LEU B 113 -26.00 20.27 12.43
CA LEU B 113 -25.19 21.22 13.19
C LEU B 113 -23.97 21.70 12.42
N LYS B 114 -23.89 21.39 11.12
CA LYS B 114 -22.86 21.92 10.21
C LYS B 114 -21.46 21.43 10.58
N TYR B 115 -21.33 20.11 10.74
CA TYR B 115 -20.04 19.49 11.02
C TYR B 115 -19.78 18.38 10.02
N ARG B 116 -18.50 18.14 9.73
CA ARG B 116 -18.11 17.08 8.82
C ARG B 116 -18.35 15.72 9.47
N VAL B 117 -18.88 14.78 8.69
CA VAL B 117 -19.18 13.44 9.17
C VAL B 117 -18.00 12.54 8.87
N THR B 118 -17.29 12.11 9.91
CA THR B 118 -16.16 11.21 9.72
C THR B 118 -16.63 9.84 9.26
N LYS B 119 -15.84 9.21 8.38
CA LYS B 119 -16.17 7.88 7.88
C LYS B 119 -15.78 6.82 8.90
N GLY B 120 -16.52 5.72 8.90
CA GLY B 120 -16.21 4.61 9.79
C GLY B 120 -17.46 3.81 10.12
N THR B 121 -17.41 3.18 11.29
CA THR B 121 -18.47 2.30 11.75
C THR B 121 -19.51 3.09 12.56
N VAL B 122 -20.56 2.39 13.01
CA VAL B 122 -21.61 3.03 13.79
C VAL B 122 -21.06 3.56 15.11
N SER B 123 -20.02 2.92 15.65
CA SER B 123 -19.43 3.39 16.90
C SER B 123 -18.68 4.70 16.70
N ASP B 124 -18.02 4.85 15.55
CA ASP B 124 -17.32 6.09 15.25
C ASP B 124 -18.31 7.25 15.09
N PHE B 125 -19.39 7.02 14.34
CA PHE B 125 -20.43 8.03 14.20
C PHE B 125 -21.04 8.37 15.55
N ARG B 126 -21.23 7.37 16.41
CA ARG B 126 -21.80 7.61 17.74
C ARG B 126 -20.89 8.54 18.55
N ASP B 127 -19.59 8.24 18.59
CA ASP B 127 -18.67 9.09 19.34
C ASP B 127 -18.65 10.51 18.77
N ARG B 128 -18.58 10.63 17.44
CA ARG B 128 -18.56 11.95 16.81
C ARG B 128 -19.81 12.74 17.15
N THR B 129 -20.97 12.09 17.09
CA THR B 129 -22.24 12.76 17.38
C THR B 129 -22.31 13.21 18.83
N ILE B 130 -21.86 12.38 19.76
CA ILE B 130 -21.89 12.77 21.17
C ILE B 130 -21.00 13.99 21.39
N GLU B 131 -19.80 13.98 20.77
CA GLU B 131 -18.91 15.13 20.90
C GLU B 131 -19.58 16.41 20.40
N VAL B 132 -20.21 16.34 19.22
CA VAL B 132 -20.85 17.53 18.66
C VAL B 132 -22.00 17.98 19.55
N LEU B 133 -22.79 17.04 20.08
CA LEU B 133 -23.93 17.39 20.92
C LEU B 133 -23.48 18.02 22.24
N LYS B 134 -22.30 17.62 22.74
CA LYS B 134 -21.76 18.29 23.92
C LYS B 134 -21.26 19.69 23.58
N GLY B 135 -20.68 19.85 22.38
CA GLY B 135 -20.21 21.18 21.98
C GLY B 135 -21.32 22.20 21.92
N CYS B 136 -22.38 21.90 21.17
CA CYS B 136 -23.51 22.79 21.07
C CYS B 136 -24.41 22.66 22.30
N GLY B 137 -25.34 23.61 22.44
CA GLY B 137 -26.26 23.61 23.56
C GLY B 137 -27.15 22.38 23.56
N VAL B 138 -27.96 22.23 22.51
CA VAL B 138 -28.84 21.08 22.32
C VAL B 138 -29.75 20.82 23.52
N GLU B 139 -30.39 21.87 24.03
CA GLU B 139 -31.31 21.68 25.14
C GLU B 139 -32.39 20.65 24.89
N MET B 140 -32.91 20.59 23.67
CA MET B 140 -33.98 19.64 23.33
C MET B 140 -33.84 19.21 21.88
N LEU B 141 -33.99 17.92 21.64
CA LEU B 141 -33.98 17.35 20.30
C LEU B 141 -35.40 16.88 19.95
N ILE B 142 -35.89 17.31 18.79
CA ILE B 142 -37.22 16.97 18.32
C ILE B 142 -37.09 16.08 17.09
N ILE B 143 -37.72 14.91 17.12
CA ILE B 143 -37.70 13.95 16.02
C ILE B 143 -39.10 13.88 15.41
N ASP B 144 -39.20 14.25 14.14
CA ASP B 144 -40.48 14.28 13.43
C ASP B 144 -40.77 12.95 12.77
N GLU B 145 -42.05 12.56 12.79
CA GLU B 145 -42.52 11.31 12.18
C GLU B 145 -41.68 10.12 12.66
N ALA B 146 -41.56 10.01 13.99
CA ALA B 146 -40.75 8.96 14.60
C ALA B 146 -41.32 7.57 14.41
N ASP B 147 -42.59 7.46 13.97
CA ASP B 147 -43.19 6.15 13.79
C ASP B 147 -42.52 5.34 12.68
N ARG B 148 -41.87 6.01 11.74
CA ARG B 148 -41.14 5.34 10.67
C ARG B 148 -39.66 5.18 10.98
N LEU B 149 -39.27 5.37 12.23
CA LEU B 149 -37.89 5.18 12.65
C LEU B 149 -37.67 3.74 13.09
N LYS B 150 -36.54 3.17 12.68
CA LYS B 150 -36.27 1.76 12.91
C LYS B 150 -36.28 1.44 14.39
N PRO B 151 -36.94 0.35 14.81
CA PRO B 151 -37.04 0.04 16.24
C PRO B 151 -35.70 -0.09 16.95
N GLU B 152 -34.65 -0.51 16.24
CA GLU B 152 -33.34 -0.65 16.88
C GLU B 152 -32.84 0.69 17.42
N THR B 153 -33.22 1.80 16.78
CA THR B 153 -32.69 3.10 17.15
C THR B 153 -33.25 3.62 18.46
N PHE B 154 -34.39 3.10 18.92
CA PHE B 154 -34.99 3.62 20.15
C PHE B 154 -34.10 3.38 21.36
N ALA B 155 -33.35 2.29 21.34
CA ALA B 155 -32.42 2.03 22.42
C ALA B 155 -31.28 3.06 22.43
N ASP B 156 -30.77 3.41 21.25
CA ASP B 156 -29.75 4.46 21.16
C ASP B 156 -30.31 5.81 21.57
N VAL B 157 -31.57 6.09 21.22
CA VAL B 157 -32.20 7.35 21.59
C VAL B 157 -32.34 7.45 23.09
N ARG B 158 -32.78 6.36 23.73
CA ARG B 158 -32.82 6.32 25.19
C ARG B 158 -31.43 6.53 25.78
N ASP B 159 -30.42 5.89 25.19
CA ASP B 159 -29.07 6.03 25.70
C ASP B 159 -28.59 7.48 25.64
N ILE B 160 -28.83 8.17 24.53
CA ILE B 160 -28.38 9.56 24.44
C ILE B 160 -29.23 10.46 25.34
N ALA B 161 -30.50 10.10 25.56
CA ALA B 161 -31.33 10.88 26.46
C ALA B 161 -30.83 10.79 27.90
N GLU B 162 -30.22 9.67 28.26
CA GLU B 162 -29.65 9.53 29.60
C GLU B 162 -28.19 9.97 29.69
N ASP B 163 -27.44 9.89 28.59
CA ASP B 163 -26.02 10.22 28.62
C ASP B 163 -25.81 11.72 28.69
N LEU B 164 -26.57 12.48 27.93
CA LEU B 164 -26.54 13.93 27.96
C LEU B 164 -27.82 14.45 28.61
N GLY B 165 -27.69 15.55 29.34
CA GLY B 165 -28.85 16.16 29.97
C GLY B 165 -29.46 16.85 28.77
N ILE B 166 -30.44 16.21 28.15
CA ILE B 166 -31.04 16.70 26.91
C ILE B 166 -32.43 16.07 26.92
N ALA B 167 -33.40 16.83 26.43
CA ALA B 167 -34.76 16.35 26.25
C ALA B 167 -34.95 15.85 24.83
N VAL B 168 -35.68 14.75 24.69
CA VAL B 168 -35.98 14.17 23.38
C VAL B 168 -37.48 14.09 23.22
N VAL B 169 -38.00 14.68 22.15
CA VAL B 169 -39.43 14.69 21.85
C VAL B 169 -39.68 13.79 20.65
N LEU B 170 -40.55 12.81 20.83
CA LEU B 170 -40.93 11.89 19.75
C LEU B 170 -42.31 12.28 19.24
N VAL B 171 -42.37 12.79 18.01
CA VAL B 171 -43.62 13.20 17.39
C VAL B 171 -44.08 12.06 16.47
N GLY B 172 -45.22 11.44 16.80
CA GLY B 172 -45.67 10.32 16.01
C GLY B 172 -47.16 10.09 16.12
N THR B 173 -47.64 9.18 15.27
CA THR B 173 -49.04 8.79 15.23
C THR B 173 -49.21 7.51 16.07
N ASP B 174 -50.40 6.91 16.05
CA ASP B 174 -50.65 5.74 16.88
C ASP B 174 -49.64 4.61 16.76
N ARG B 175 -49.10 4.38 15.56
CA ARG B 175 -48.12 3.32 15.36
C ARG B 175 -46.86 3.54 16.20
N LEU B 176 -46.51 4.80 16.46
CA LEU B 176 -45.37 5.09 17.32
C LEU B 176 -45.57 4.47 18.70
N ASP B 177 -46.73 4.73 19.30
CA ASP B 177 -47.07 4.09 20.57
C ASP B 177 -47.08 2.57 20.42
N ALA B 178 -47.53 2.08 19.26
CA ALA B 178 -47.58 0.63 19.05
C ALA B 178 -46.20 0.00 19.12
N VAL B 179 -45.17 0.70 18.67
CA VAL B 179 -43.82 0.13 18.68
C VAL B 179 -43.01 0.50 19.92
N ILE B 180 -43.34 1.59 20.60
CA ILE B 180 -42.64 1.92 21.85
C ILE B 180 -42.99 0.90 22.92
N LYS B 181 -44.26 0.52 23.01
CA LYS B 181 -44.72 -0.40 24.05
C LYS B 181 -44.09 -1.78 23.91
N ARG B 182 -43.53 -2.11 22.75
CA ARG B 182 -42.90 -3.41 22.56
C ARG B 182 -41.67 -3.59 23.44
N ASP B 183 -41.07 -2.50 23.91
CA ASP B 183 -39.88 -2.54 24.77
C ASP B 183 -40.21 -1.79 26.05
N GLU B 184 -40.27 -2.51 27.17
CA GLU B 184 -40.57 -1.89 28.45
C GLU B 184 -39.50 -0.90 28.89
N GLN B 185 -38.27 -1.07 28.41
CA GLN B 185 -37.16 -0.24 28.88
C GLN B 185 -37.35 1.23 28.56
N VAL B 186 -38.01 1.54 27.43
CA VAL B 186 -38.21 2.93 27.02
C VAL B 186 -39.50 3.52 27.57
N LEU B 187 -40.40 2.70 28.10
CA LEU B 187 -41.65 3.23 28.66
C LEU B 187 -41.40 4.01 29.94
N GLU B 188 -40.31 3.71 30.65
CA GLU B 188 -39.96 4.51 31.82
C GLU B 188 -39.44 5.88 31.41
N ARG B 189 -38.72 5.95 30.29
CA ARG B 189 -38.15 7.22 29.86
C ARG B 189 -39.23 8.16 29.34
N PHE B 190 -40.09 7.70 28.44
CA PHE B 190 -41.12 8.53 27.81
C PHE B 190 -42.45 8.24 28.47
N ARG B 191 -42.78 9.01 29.51
CA ARG B 191 -44.05 8.84 30.22
C ARG B 191 -45.05 9.95 29.89
N ALA B 192 -44.63 11.21 29.92
CA ALA B 192 -45.52 12.32 29.64
C ALA B 192 -45.76 12.47 28.15
N HIS B 193 -46.92 13.03 27.79
CA HIS B 193 -47.27 13.18 26.39
C HIS B 193 -48.36 14.24 26.22
N LEU B 194 -48.47 14.75 25.00
CA LEU B 194 -49.47 15.73 24.61
C LEU B 194 -50.23 15.22 23.40
N ARG B 195 -51.53 15.51 23.37
CA ARG B 195 -52.41 15.05 22.29
C ARG B 195 -52.79 16.21 21.38
N PHE B 196 -52.87 15.91 20.09
CA PHE B 196 -53.46 16.82 19.11
C PHE B 196 -54.89 16.39 18.83
N GLY B 197 -55.80 17.36 18.71
CA GLY B 197 -57.19 17.09 18.44
C GLY B 197 -57.61 17.54 17.04
N LYS B 198 -58.91 17.49 16.82
CA LYS B 198 -59.51 17.93 15.57
C LYS B 198 -60.50 19.05 15.85
N LEU B 199 -60.86 19.77 14.80
CA LEU B 199 -61.84 20.85 14.91
C LEU B 199 -63.22 20.28 15.19
N SER B 200 -64.00 21.02 15.98
CA SER B 200 -65.35 20.59 16.30
C SER B 200 -66.13 21.78 16.87
N GLY B 201 -67.44 21.76 16.63
CA GLY B 201 -68.32 22.76 17.22
C GLY B 201 -67.96 24.17 16.81
N GLU B 202 -67.96 25.08 17.79
CA GLU B 202 -67.66 26.48 17.52
C GLU B 202 -66.21 26.69 17.12
N ASP B 203 -65.31 25.81 17.56
CA ASP B 203 -63.90 25.95 17.22
C ASP B 203 -63.69 25.84 15.71
N PHE B 204 -64.47 24.99 15.06
CA PHE B 204 -64.41 24.89 13.60
C PHE B 204 -64.79 26.21 12.96
N LYS B 205 -65.88 26.82 13.41
CA LYS B 205 -66.33 28.09 12.85
C LYS B 205 -65.30 29.18 13.07
N ASN B 206 -64.72 29.23 14.27
CA ASN B 206 -63.69 30.22 14.56
C ASN B 206 -62.50 30.05 13.62
N THR B 207 -61.99 28.82 13.52
CA THR B 207 -60.87 28.54 12.62
C THR B 207 -61.20 28.94 11.18
N VAL B 208 -62.40 28.63 10.72
CA VAL B 208 -62.78 28.93 9.34
C VAL B 208 -62.86 30.43 9.13
N GLU B 209 -63.50 31.15 10.05
CA GLU B 209 -63.57 32.61 9.94
C GLU B 209 -62.18 33.21 9.83
N MET B 210 -61.21 32.66 10.56
CA MET B 210 -59.86 33.19 10.49
C MET B 210 -59.22 33.02 9.12
N TRP B 211 -59.65 32.04 8.32
CA TRP B 211 -59.02 31.86 7.00
C TRP B 211 -59.30 33.05 6.10
N GLU B 212 -60.54 33.53 6.09
CA GLU B 212 -60.95 34.64 5.24
C GLU B 212 -60.09 35.89 5.47
N GLN B 213 -59.63 36.09 6.70
CA GLN B 213 -58.84 37.28 7.03
C GLN B 213 -57.34 37.02 7.02
N MET B 214 -56.89 35.98 7.71
CA MET B 214 -55.45 35.73 7.85
C MET B 214 -54.83 35.26 6.55
N VAL B 215 -55.49 34.35 5.82
CA VAL B 215 -54.83 33.78 4.65
C VAL B 215 -55.40 34.38 3.37
N LEU B 216 -56.71 34.32 3.21
CA LEU B 216 -57.35 34.82 2.00
C LEU B 216 -57.40 36.34 2.01
N LYS B 217 -57.35 36.93 0.81
CA LYS B 217 -57.44 38.36 0.61
C LYS B 217 -58.47 38.69 -0.45
N LEU B 218 -59.57 37.93 -0.47
CA LEU B 218 -60.59 38.12 -1.48
C LEU B 218 -61.27 39.48 -1.30
N PRO B 219 -61.64 40.14 -2.40
CA PRO B 219 -62.34 41.44 -2.26
C PRO B 219 -63.61 41.37 -1.44
N VAL B 220 -64.36 40.28 -1.56
CA VAL B 220 -65.65 40.13 -0.87
C VAL B 220 -65.63 38.83 -0.07
N SER B 221 -66.09 38.90 1.17
CA SER B 221 -66.16 37.73 2.03
C SER B 221 -67.17 36.73 1.48
N SER B 222 -66.88 35.45 1.70
CA SER B 222 -67.73 34.36 1.23
C SER B 222 -68.85 34.03 2.20
N ASN B 223 -68.91 34.70 3.36
CA ASN B 223 -69.91 34.41 4.38
C ASN B 223 -69.88 32.93 4.75
N LEU B 224 -68.68 32.43 5.05
CA LEU B 224 -68.50 31.03 5.38
C LEU B 224 -69.19 30.64 6.67
N LYS B 225 -69.46 31.60 7.56
CA LYS B 225 -70.07 31.32 8.87
C LYS B 225 -71.58 31.15 8.70
N SER B 226 -71.95 30.05 8.03
CA SER B 226 -73.34 29.71 7.82
C SER B 226 -73.40 28.21 7.51
N LYS B 227 -74.50 27.58 7.91
CA LYS B 227 -74.66 26.16 7.62
C LYS B 227 -74.52 25.89 6.13
N GLU B 228 -74.89 26.88 5.30
CA GLU B 228 -74.83 26.74 3.85
C GLU B 228 -73.44 26.36 3.36
N MET B 229 -72.40 26.89 4.01
CA MET B 229 -71.03 26.56 3.66
C MET B 229 -70.35 25.67 4.70
N LEU B 230 -70.73 25.79 5.97
CA LEU B 230 -70.11 24.98 7.01
C LEU B 230 -70.43 23.51 6.84
N ARG B 231 -71.65 23.18 6.39
CA ARG B 231 -72.02 21.77 6.25
C ARG B 231 -71.17 21.09 5.19
N ILE B 232 -71.02 21.72 4.02
CA ILE B 232 -70.22 21.16 2.95
C ILE B 232 -68.74 21.21 3.29
N LEU B 233 -68.32 22.12 4.18
CA LEU B 233 -66.94 22.09 4.65
C LEU B 233 -66.70 20.90 5.57
N THR B 234 -67.60 20.67 6.52
CA THR B 234 -67.40 19.62 7.52
C THR B 234 -67.59 18.23 6.93
N SER B 235 -68.46 18.09 5.92
CA SER B 235 -68.70 16.77 5.33
C SER B 235 -67.44 16.22 4.68
N ALA B 236 -66.63 17.09 4.07
CA ALA B 236 -65.39 16.67 3.43
C ALA B 236 -64.17 16.84 4.32
N THR B 237 -64.17 17.82 5.22
CA THR B 237 -63.01 18.13 6.03
C THR B 237 -62.81 17.12 7.15
N GLU B 238 -63.91 16.74 7.83
CA GLU B 238 -63.87 15.81 8.95
C GLU B 238 -62.98 16.33 10.08
N GLY B 239 -62.86 17.65 10.19
CA GLY B 239 -62.11 18.26 11.27
C GLY B 239 -60.61 18.37 11.04
N TYR B 240 -60.11 18.02 9.86
CA TYR B 240 -58.67 18.03 9.60
C TYR B 240 -58.23 19.39 9.08
N ILE B 241 -57.05 19.82 9.52
CA ILE B 241 -56.55 21.14 9.17
C ILE B 241 -56.06 21.17 7.73
N GLY B 242 -55.29 20.15 7.33
CA GLY B 242 -54.76 20.14 5.97
C GLY B 242 -55.84 20.10 4.92
N ARG B 243 -56.89 19.30 5.15
CA ARG B 243 -57.98 19.22 4.19
C ARG B 243 -58.77 20.52 4.13
N LEU B 244 -59.04 21.12 5.28
CA LEU B 244 -59.71 22.42 5.32
C LEU B 244 -58.92 23.46 4.52
N ASP B 245 -57.61 23.52 4.75
CA ASP B 245 -56.75 24.44 4.01
C ASP B 245 -56.86 24.20 2.50
N GLU B 246 -56.62 22.96 2.09
CA GLU B 246 -56.63 22.64 0.66
C GLU B 246 -57.95 23.07 0.01
N ILE B 247 -59.07 22.72 0.65
CA ILE B 247 -60.38 22.98 0.06
C ILE B 247 -60.62 24.49 -0.05
N LEU B 248 -60.39 25.22 1.04
CA LEU B 248 -60.65 26.66 1.04
C LEU B 248 -59.81 27.37 -0.01
N ARG B 249 -58.50 27.09 -0.03
CA ARG B 249 -57.61 27.79 -0.95
C ARG B 249 -57.90 27.39 -2.40
N GLU B 250 -58.23 26.12 -2.64
CA GLU B 250 -58.57 25.69 -4.00
C GLU B 250 -59.79 26.43 -4.51
N ALA B 251 -60.83 26.53 -3.67
CA ALA B 251 -62.02 27.28 -4.07
C ALA B 251 -61.68 28.73 -4.36
N ALA B 252 -60.86 29.36 -3.52
CA ALA B 252 -60.51 30.76 -3.74
C ALA B 252 -59.75 30.96 -5.06
N ILE B 253 -58.78 30.09 -5.31
CA ILE B 253 -57.99 30.18 -6.55
C ILE B 253 -58.90 30.07 -7.76
N ARG B 254 -59.74 29.04 -7.79
CA ARG B 254 -60.62 28.83 -8.94
C ARG B 254 -61.61 29.97 -9.10
N SER B 255 -62.18 30.45 -7.98
CA SER B 255 -63.16 31.53 -8.04
C SER B 255 -62.54 32.79 -8.63
N LEU B 256 -61.32 33.14 -8.18
CA LEU B 256 -60.66 34.30 -8.74
C LEU B 256 -60.35 34.11 -10.22
N SER B 257 -59.90 32.91 -10.61
CA SER B 257 -59.64 32.64 -12.02
C SER B 257 -60.91 32.75 -12.84
N ARG B 258 -62.07 32.50 -12.23
CA ARG B 258 -63.35 32.63 -12.90
C ARG B 258 -63.95 34.02 -12.76
N GLY B 259 -63.19 34.97 -12.21
CA GLY B 259 -63.63 36.35 -12.12
C GLY B 259 -64.51 36.69 -10.94
N LEU B 260 -64.57 35.83 -9.93
CA LEU B 260 -65.41 36.05 -8.77
C LEU B 260 -64.69 36.90 -7.74
N LYS B 261 -65.48 37.57 -6.90
CA LYS B 261 -64.95 38.29 -5.75
C LYS B 261 -64.99 37.45 -4.48
N LYS B 262 -65.60 36.27 -4.52
CA LYS B 262 -65.80 35.44 -3.33
C LYS B 262 -65.95 34.00 -3.76
N ILE B 263 -66.09 33.11 -2.78
CA ILE B 263 -66.37 31.71 -3.02
C ILE B 263 -67.88 31.50 -2.95
N ASP B 264 -68.47 31.11 -4.07
CA ASP B 264 -69.91 30.87 -4.12
C ASP B 264 -70.25 29.53 -3.47
N LYS B 265 -71.54 29.28 -3.31
CA LYS B 265 -71.99 28.10 -2.57
C LYS B 265 -71.66 26.81 -3.32
N ALA B 266 -71.76 26.82 -4.66
CA ALA B 266 -71.58 25.60 -5.42
C ALA B 266 -70.12 25.17 -5.49
N VAL B 267 -69.19 26.13 -5.52
CA VAL B 267 -67.79 25.84 -5.80
C VAL B 267 -67.16 24.99 -4.70
N LEU B 268 -67.54 25.23 -3.45
CA LEU B 268 -66.92 24.52 -2.33
C LEU B 268 -67.19 23.02 -2.41
N GLN B 269 -68.46 22.65 -2.56
CA GLN B 269 -68.80 21.24 -2.75
C GLN B 269 -68.22 20.69 -4.04
N GLU B 270 -68.14 21.53 -5.08
CA GLU B 270 -67.58 21.10 -6.35
C GLU B 270 -66.14 20.62 -6.19
N VAL B 271 -65.33 21.36 -5.44
CA VAL B 271 -63.95 20.91 -5.23
C VAL B 271 -63.89 19.79 -4.19
N ALA B 272 -64.84 19.76 -3.25
CA ALA B 272 -64.84 18.70 -2.25
C ALA B 272 -65.02 17.33 -2.88
N LYS B 273 -65.83 17.25 -3.95
CA LYS B 273 -66.03 15.97 -4.62
C LYS B 273 -64.71 15.40 -5.16
N GLU B 274 -63.88 16.25 -5.76
CA GLU B 274 -62.63 15.78 -6.36
C GLU B 274 -61.69 15.22 -5.30
N TYR B 275 -61.42 15.99 -4.25
CA TYR B 275 -60.54 15.56 -3.18
C TYR B 275 -61.22 14.54 -2.28
N GLU C 19 -30.59 35.55 42.46
CA GLU C 19 -31.80 35.20 43.20
C GLU C 19 -31.54 33.99 44.10
N TRP C 20 -31.83 34.13 45.38
CA TRP C 20 -31.66 33.04 46.33
C TRP C 20 -32.53 31.84 45.96
N LEU C 21 -33.78 32.11 45.57
CA LEU C 21 -34.69 31.04 45.16
C LEU C 21 -34.10 30.23 44.02
N GLN C 22 -33.48 30.90 43.04
CA GLN C 22 -32.86 30.18 41.93
C GLN C 22 -31.70 29.31 42.39
N ALA C 23 -30.95 29.77 43.40
CA ALA C 23 -29.88 28.94 43.94
C ALA C 23 -30.44 27.67 44.57
N GLU C 24 -31.52 27.80 45.35
CA GLU C 24 -32.14 26.61 45.93
C GLU C 24 -32.69 25.69 44.86
N ILE C 25 -33.26 26.26 43.80
CA ILE C 25 -33.78 25.44 42.69
C ILE C 25 -32.66 24.69 42.01
N ALA C 26 -31.54 25.38 41.75
CA ALA C 26 -30.38 24.73 41.15
C ALA C 26 -29.87 23.59 42.02
N ARG C 27 -29.92 23.77 43.35
CA ARG C 27 -29.58 22.67 44.24
C ARG C 27 -30.56 21.50 44.08
N LEU C 28 -31.86 21.81 44.05
CA LEU C 28 -32.87 20.74 43.93
C LEU C 28 -32.77 20.01 42.60
N LYS C 29 -32.36 20.71 41.54
CA LYS C 29 -32.20 20.08 40.24
C LYS C 29 -30.94 19.23 40.13
N GLY C 30 -30.10 19.23 41.16
CA GLY C 30 -28.88 18.44 41.15
C GLY C 30 -29.14 16.99 41.52
N LYS C 31 -28.05 16.24 41.64
CA LYS C 31 -28.10 14.82 41.97
C LYS C 31 -27.38 14.58 43.29
N SER C 32 -28.02 13.83 44.17
CA SER C 32 -27.47 13.49 45.48
C SER C 32 -27.44 11.97 45.63
N ILE C 33 -26.75 11.51 46.68
CA ILE C 33 -26.62 10.08 46.97
C ILE C 33 -27.01 9.87 48.42
N VAL C 34 -27.85 8.87 48.68
CA VAL C 34 -28.38 8.59 50.01
C VAL C 34 -28.08 7.15 50.36
N PRO C 35 -27.47 6.87 51.52
CA PRO C 35 -27.15 5.49 51.89
C PRO C 35 -28.39 4.73 52.33
N LEU C 36 -28.61 3.56 51.72
CA LEU C 36 -29.71 2.67 52.07
C LEU C 36 -29.16 1.29 52.36
N GLN C 37 -29.92 0.51 53.12
CA GLN C 37 -29.50 -0.85 53.46
C GLN C 37 -29.30 -1.71 52.20
N GLN C 38 -30.10 -1.45 51.16
CA GLN C 38 -29.92 -2.14 49.88
C GLN C 38 -28.50 -1.91 49.34
N VAL C 39 -28.06 -0.65 49.35
CA VAL C 39 -26.75 -0.30 48.81
C VAL C 39 -25.64 -0.90 49.67
N LYS C 40 -25.76 -0.81 50.99
CA LYS C 40 -24.75 -1.37 51.88
C LYS C 40 -24.64 -2.89 51.71
N THR C 41 -25.79 -3.55 51.55
CA THR C 41 -25.79 -4.99 51.30
C THR C 41 -25.03 -5.32 50.02
N LEU C 42 -25.33 -4.59 48.93
CA LEU C 42 -24.62 -4.81 47.68
C LEU C 42 -23.12 -4.60 47.86
N HIS C 43 -22.72 -3.56 48.60
CA HIS C 43 -21.31 -3.25 48.76
C HIS C 43 -20.58 -4.36 49.52
N ASP C 44 -21.17 -4.82 50.63
CA ASP C 44 -20.55 -5.91 51.38
C ASP C 44 -20.43 -7.18 50.53
N TRP C 45 -21.50 -7.50 49.77
CA TRP C 45 -21.47 -8.67 48.89
C TRP C 45 -20.35 -8.55 47.86
N LEU C 46 -20.21 -7.37 47.25
CA LEU C 46 -19.18 -7.17 46.23
C LEU C 46 -17.79 -7.27 46.81
N ASP C 47 -17.58 -6.73 48.02
CA ASP C 47 -16.28 -6.87 48.67
C ASP C 47 -15.95 -8.34 48.90
N GLY C 48 -16.94 -9.12 49.35
CA GLY C 48 -16.71 -10.55 49.51
C GLY C 48 -16.32 -11.21 48.21
N LYS C 49 -17.03 -10.90 47.12
CA LYS C 49 -16.72 -11.52 45.84
C LYS C 49 -15.35 -11.12 45.33
N ARG C 50 -14.94 -9.87 45.57
CA ARG C 50 -13.62 -9.41 45.13
C ARG C 50 -12.52 -10.11 45.91
N LYS C 51 -12.69 -10.25 47.23
CA LYS C 51 -11.71 -10.98 48.02
C LYS C 51 -11.63 -12.44 47.57
N ALA C 52 -12.78 -13.05 47.25
CA ALA C 52 -12.79 -14.44 46.82
C ALA C 52 -12.31 -14.62 45.39
N ARG C 53 -12.22 -13.53 44.61
CA ARG C 53 -11.83 -13.60 43.19
C ARG C 53 -12.74 -14.55 42.42
N LYS C 54 -14.05 -14.40 42.62
CA LYS C 54 -15.06 -15.25 42.01
C LYS C 54 -16.01 -14.40 41.19
N SER C 55 -16.26 -14.83 39.96
CA SER C 55 -17.21 -14.13 39.09
C SER C 55 -18.63 -14.40 39.56
N CYS C 56 -19.51 -13.42 39.31
CA CYS C 56 -20.90 -13.51 39.73
C CYS C 56 -21.70 -12.52 38.89
N ARG C 57 -22.98 -12.32 39.26
CA ARG C 57 -23.83 -11.42 38.52
C ARG C 57 -24.90 -10.85 39.43
N VAL C 58 -25.37 -9.65 39.08
CA VAL C 58 -26.43 -8.95 39.81
C VAL C 58 -27.61 -8.75 38.85
N VAL C 59 -28.78 -9.20 39.26
CA VAL C 59 -29.99 -9.03 38.46
C VAL C 59 -31.00 -8.21 39.25
N GLY C 60 -31.44 -7.09 38.66
CA GLY C 60 -32.38 -6.21 39.32
C GLY C 60 -33.16 -5.41 38.31
N GLU C 61 -34.37 -5.02 38.70
CA GLU C 61 -35.30 -4.37 37.77
C GLU C 61 -34.79 -2.97 37.39
N SER C 62 -35.50 -2.36 36.44
CA SER C 62 -35.16 -1.02 35.98
C SER C 62 -35.62 0.02 37.00
N ARG C 63 -34.94 1.17 36.99
CA ARG C 63 -35.25 2.30 37.87
C ARG C 63 -35.20 1.88 39.35
N THR C 64 -34.21 1.07 39.70
CA THR C 64 -33.95 0.71 41.08
C THR C 64 -32.73 1.41 41.66
N GLY C 65 -31.89 2.00 40.81
CA GLY C 65 -30.70 2.68 41.27
C GLY C 65 -29.49 1.80 41.46
N LYS C 66 -29.55 0.53 41.04
CA LYS C 66 -28.40 -0.36 41.20
C LYS C 66 -27.17 0.19 40.49
N THR C 67 -27.35 0.89 39.38
CA THR C 67 -26.25 1.55 38.70
C THR C 67 -25.53 2.53 39.63
N VAL C 68 -26.32 3.34 40.34
CA VAL C 68 -25.74 4.32 41.27
C VAL C 68 -25.03 3.62 42.41
N ALA C 69 -25.59 2.52 42.90
CA ALA C 69 -24.94 1.78 43.99
C ALA C 69 -23.59 1.23 43.55
N CYS C 70 -23.51 0.68 42.33
CA CYS C 70 -22.23 0.20 41.82
C CYS C 70 -21.23 1.34 41.65
N ASP C 71 -21.71 2.49 41.17
CA ASP C 71 -20.83 3.65 41.02
C ASP C 71 -20.26 4.10 42.37
N ALA C 72 -21.12 4.15 43.39
CA ALA C 72 -20.66 4.52 44.73
C ALA C 72 -19.63 3.52 45.25
N TYR C 73 -19.87 2.23 45.00
CA TYR C 73 -18.88 1.22 45.36
C TYR C 73 -17.53 1.54 44.73
N ARG C 74 -17.53 1.87 43.44
CA ARG C 74 -16.29 2.25 42.78
C ARG C 74 -15.63 3.43 43.49
N TYR C 75 -16.42 4.41 43.91
CA TYR C 75 -15.86 5.56 44.61
C TYR C 75 -15.26 5.19 45.96
N ARG C 76 -15.70 4.10 46.57
CA ARG C 76 -15.12 3.69 47.86
C ARG C 76 -13.63 3.39 47.75
N HIS C 77 -13.21 2.75 46.66
CA HIS C 77 -11.80 2.37 46.46
C HIS C 77 -11.26 3.15 45.27
N LYS C 78 -10.48 4.20 45.55
CA LYS C 78 -9.92 5.05 44.52
C LYS C 78 -8.58 4.49 44.02
N PRO C 79 -8.15 4.88 42.81
CA PRO C 79 -6.86 4.41 42.30
C PRO C 79 -5.73 4.71 43.27
N GLN C 80 -4.85 3.72 43.46
CA GLN C 80 -3.76 3.81 44.43
C GLN C 80 -2.44 4.06 43.70
N GLN C 81 -2.12 5.34 43.51
CA GLN C 81 -0.85 5.72 42.89
C GLN C 81 0.34 5.76 43.86
N GLU C 82 0.11 5.43 45.13
CA GLU C 82 1.20 5.41 46.10
C GLU C 82 2.52 4.74 45.75
N ALA C 83 2.50 3.82 44.79
CA ALA C 83 3.73 3.19 44.33
C ALA C 83 4.22 4.07 43.18
N GLY C 84 5.53 4.07 42.96
CA GLY C 84 6.11 4.95 41.99
C GLY C 84 5.91 4.80 40.49
N ARG C 85 5.92 3.56 39.97
CA ARG C 85 5.45 3.37 38.60
C ARG C 85 4.10 3.20 37.89
N PRO C 86 3.15 2.36 38.33
CA PRO C 86 1.85 2.35 37.67
C PRO C 86 0.72 2.75 38.61
N PRO C 87 -0.44 3.13 38.06
CA PRO C 87 -1.55 3.59 38.92
C PRO C 87 -2.12 2.54 39.86
N THR C 88 -2.04 1.26 39.50
CA THR C 88 -2.50 0.15 40.36
C THR C 88 -3.95 0.33 40.81
N VAL C 89 -4.84 0.57 39.85
CA VAL C 89 -6.26 0.71 40.17
C VAL C 89 -6.86 -0.68 40.31
N PRO C 90 -7.44 -1.01 41.46
CA PRO C 90 -7.94 -2.38 41.67
C PRO C 90 -9.31 -2.66 41.09
N VAL C 91 -10.12 -1.63 40.83
CA VAL C 91 -11.48 -1.80 40.37
C VAL C 91 -11.70 -0.93 39.14
N VAL C 92 -12.23 -1.53 38.08
CA VAL C 92 -12.57 -0.81 36.86
C VAL C 92 -14.07 -0.94 36.64
N TYR C 93 -14.62 0.04 35.92
CA TYR C 93 -16.07 0.10 35.69
C TYR C 93 -16.32 0.67 34.31
N ILE C 94 -17.00 -0.10 33.46
CA ILE C 94 -17.21 0.28 32.07
C ILE C 94 -18.69 0.20 31.73
N ARG C 95 -19.13 1.10 30.86
CA ARG C 95 -20.51 1.13 30.37
C ARG C 95 -20.51 0.87 28.87
N PRO C 96 -20.81 -0.35 28.43
CA PRO C 96 -20.81 -0.63 26.99
C PRO C 96 -21.99 0.04 26.31
N HIS C 97 -21.82 0.33 25.02
CA HIS C 97 -22.90 0.85 24.22
C HIS C 97 -23.77 -0.30 23.70
N GLN C 98 -24.82 0.04 22.96
CA GLN C 98 -25.67 -0.99 22.39
C GLN C 98 -24.91 -1.78 21.33
N LYS C 99 -25.19 -3.07 21.27
CA LYS C 99 -24.53 -3.98 20.32
C LYS C 99 -23.02 -3.86 20.45
N CYS C 100 -22.55 -3.87 21.68
CA CYS C 100 -21.12 -3.70 21.95
C CYS C 100 -20.35 -4.91 21.43
N GLY C 101 -19.41 -4.67 20.52
CA GLY C 101 -18.57 -5.71 20.00
C GLY C 101 -17.38 -5.96 20.90
N PRO C 102 -16.56 -6.96 20.52
CA PRO C 102 -15.38 -7.26 21.33
C PRO C 102 -14.31 -6.19 21.24
N LYS C 103 -14.17 -5.56 20.07
CA LYS C 103 -13.19 -4.49 19.90
C LYS C 103 -13.53 -3.30 20.78
N ASP C 104 -14.79 -2.87 20.78
CA ASP C 104 -15.20 -1.74 21.61
C ASP C 104 -15.03 -2.06 23.09
N LEU C 105 -15.33 -3.30 23.49
CA LEU C 105 -15.17 -3.70 24.89
C LEU C 105 -13.71 -3.60 25.33
N PHE C 106 -12.82 -4.26 24.57
CA PHE C 106 -11.40 -4.18 24.89
C PHE C 106 -10.90 -2.74 24.90
N LYS C 107 -11.38 -1.93 23.95
CA LYS C 107 -10.92 -0.55 23.84
C LYS C 107 -11.36 0.29 25.02
N LYS C 108 -12.62 0.12 25.46
CA LYS C 108 -13.08 0.83 26.64
C LYS C 108 -12.24 0.47 27.86
N ILE C 109 -11.95 -0.84 28.02
CA ILE C 109 -11.11 -1.26 29.14
C ILE C 109 -9.74 -0.58 29.06
N THR C 110 -9.17 -0.52 27.86
CA THR C 110 -7.84 0.08 27.70
C THR C 110 -7.86 1.58 28.00
N GLU C 111 -8.85 2.29 27.47
CA GLU C 111 -8.93 3.74 27.66
C GLU C 111 -9.18 4.10 29.11
N TYR C 112 -9.94 3.26 29.83
CA TYR C 112 -10.23 3.56 31.24
C TYR C 112 -8.95 3.59 32.08
N LEU C 113 -7.91 2.88 31.66
CA LEU C 113 -6.65 2.81 32.39
C LEU C 113 -5.61 3.79 31.88
N LYS C 114 -6.02 4.78 31.07
CA LYS C 114 -5.13 5.82 30.55
C LYS C 114 -3.98 5.24 29.75
N TYR C 115 -4.27 4.24 28.93
CA TYR C 115 -3.31 3.64 28.01
C TYR C 115 -3.78 3.84 26.58
N ARG C 116 -2.86 4.23 25.71
CA ARG C 116 -3.21 4.53 24.34
C ARG C 116 -3.65 3.27 23.59
N VAL C 117 -4.49 3.46 22.59
CA VAL C 117 -5.05 2.35 21.81
C VAL C 117 -4.07 1.98 20.70
N THR C 118 -3.61 0.73 20.71
CA THR C 118 -2.68 0.23 19.69
C THR C 118 -3.50 -0.23 18.50
N LYS C 119 -3.71 0.69 17.55
CA LYS C 119 -4.55 0.42 16.39
C LYS C 119 -4.09 -0.83 15.66
N GLY C 120 -5.04 -1.73 15.40
CA GLY C 120 -4.73 -2.99 14.74
C GLY C 120 -5.96 -3.87 14.66
N THR C 121 -5.72 -5.18 14.75
CA THR C 121 -6.80 -6.14 14.70
C THR C 121 -7.28 -6.49 16.11
N VAL C 122 -8.39 -7.23 16.18
CA VAL C 122 -8.97 -7.59 17.47
C VAL C 122 -8.01 -8.47 18.28
N SER C 123 -7.13 -9.20 17.61
CA SER C 123 -6.13 -9.98 18.33
C SER C 123 -5.13 -9.07 19.03
N ASP C 124 -4.75 -7.97 18.37
CA ASP C 124 -3.87 -6.99 19.01
C ASP C 124 -4.55 -6.33 20.20
N PHE C 125 -5.83 -5.98 20.06
CA PHE C 125 -6.57 -5.40 21.17
C PHE C 125 -6.67 -6.39 22.32
N ARG C 126 -6.88 -7.68 22.01
CA ARG C 126 -6.96 -8.70 23.05
C ARG C 126 -5.66 -8.77 23.85
N ASP C 127 -4.53 -8.88 23.15
CA ASP C 127 -3.24 -8.97 23.85
C ASP C 127 -2.96 -7.69 24.63
N ARG C 128 -3.25 -6.53 24.05
CA ARG C 128 -3.00 -5.26 24.72
C ARG C 128 -3.84 -5.13 26.00
N THR C 129 -5.11 -5.53 25.92
CA THR C 129 -5.98 -5.48 27.09
C THR C 129 -5.48 -6.41 28.18
N ILE C 130 -5.07 -7.63 27.81
CA ILE C 130 -4.53 -8.55 28.81
C ILE C 130 -3.31 -7.94 29.49
N GLU C 131 -2.42 -7.31 28.70
CA GLU C 131 -1.23 -6.71 29.26
C GLU C 131 -1.57 -5.63 30.28
N VAL C 132 -2.46 -4.71 29.92
CA VAL C 132 -2.78 -3.61 30.84
C VAL C 132 -3.59 -4.12 32.04
N LEU C 133 -4.31 -5.23 31.89
CA LEU C 133 -5.02 -5.81 33.03
C LEU C 133 -4.06 -6.49 33.99
N LYS C 134 -2.95 -7.02 33.48
CA LYS C 134 -1.94 -7.64 34.35
C LYS C 134 -1.10 -6.59 35.05
N GLY C 135 -0.74 -5.51 34.34
CA GLY C 135 0.04 -4.46 34.96
C GLY C 135 -0.70 -3.79 36.11
N CYS C 136 -1.97 -3.46 35.89
CA CYS C 136 -2.79 -2.91 36.95
C CYS C 136 -3.29 -4.02 37.87
N GLY C 137 -3.79 -3.62 39.03
CA GLY C 137 -4.33 -4.59 39.97
C GLY C 137 -5.53 -5.32 39.41
N VAL C 138 -6.57 -4.55 39.07
CA VAL C 138 -7.81 -5.06 38.49
C VAL C 138 -8.47 -6.23 39.20
N GLU C 139 -8.45 -6.19 40.54
CA GLU C 139 -9.13 -7.23 41.30
C GLU C 139 -10.53 -7.60 40.83
N MET C 140 -11.32 -6.62 40.37
CA MET C 140 -12.68 -6.87 39.93
C MET C 140 -13.02 -5.93 38.78
N LEU C 141 -13.81 -6.44 37.83
CA LEU C 141 -14.29 -5.67 36.70
C LEU C 141 -15.81 -5.69 36.69
N ILE C 142 -16.42 -4.51 36.61
CA ILE C 142 -17.87 -4.35 36.63
C ILE C 142 -18.34 -3.89 35.26
N ILE C 143 -19.33 -4.59 34.71
CA ILE C 143 -19.96 -4.23 33.44
C ILE C 143 -21.37 -3.74 33.72
N ASP C 144 -21.63 -2.46 33.45
CA ASP C 144 -22.92 -1.85 33.71
C ASP C 144 -23.82 -1.96 32.48
N GLU C 145 -25.07 -2.37 32.69
CA GLU C 145 -26.03 -2.60 31.61
C GLU C 145 -25.49 -3.64 30.62
N ALA C 146 -25.16 -4.82 31.17
CA ALA C 146 -24.59 -5.90 30.37
C ALA C 146 -25.63 -6.58 29.48
N ASP C 147 -26.90 -6.24 29.62
CA ASP C 147 -27.96 -6.87 28.83
C ASP C 147 -27.91 -6.48 27.36
N ARG C 148 -27.10 -5.48 27.00
CA ARG C 148 -26.87 -5.11 25.62
C ARG C 148 -25.47 -5.51 25.14
N LEU C 149 -24.78 -6.35 25.90
CA LEU C 149 -23.48 -6.85 25.49
C LEU C 149 -23.68 -8.04 24.56
N LYS C 150 -23.03 -8.00 23.40
CA LYS C 150 -23.27 -9.01 22.37
C LYS C 150 -22.90 -10.39 22.90
N PRO C 151 -23.64 -11.44 22.50
CA PRO C 151 -23.33 -12.79 23.00
C PRO C 151 -21.96 -13.30 22.56
N GLU C 152 -21.42 -12.79 21.45
CA GLU C 152 -20.07 -13.17 21.04
C GLU C 152 -19.06 -12.73 22.09
N THR C 153 -19.29 -11.59 22.73
CA THR C 153 -18.32 -10.99 23.64
C THR C 153 -18.40 -11.53 25.05
N PHE C 154 -19.51 -12.16 25.44
CA PHE C 154 -19.56 -12.83 26.73
C PHE C 154 -18.54 -13.95 26.81
N ALA C 155 -18.29 -14.63 25.70
CA ALA C 155 -17.24 -15.64 25.65
C ALA C 155 -15.87 -15.01 25.90
N ASP C 156 -15.62 -13.85 25.30
CA ASP C 156 -14.36 -13.14 25.55
C ASP C 156 -14.24 -12.73 27.00
N VAL C 157 -15.35 -12.28 27.60
CA VAL C 157 -15.35 -11.89 29.00
C VAL C 157 -14.99 -13.09 29.88
N ARG C 158 -15.59 -14.24 29.59
CA ARG C 158 -15.25 -15.45 30.35
C ARG C 158 -13.79 -15.83 30.15
N ASP C 159 -13.28 -15.69 28.92
CA ASP C 159 -11.88 -16.00 28.68
C ASP C 159 -10.97 -15.11 29.51
N ILE C 160 -11.32 -13.83 29.63
CA ILE C 160 -10.54 -12.92 30.48
C ILE C 160 -10.63 -13.36 31.94
N ALA C 161 -11.83 -13.72 32.39
CA ALA C 161 -12.00 -14.15 33.78
C ALA C 161 -11.22 -15.43 34.07
N GLU C 162 -11.00 -16.27 33.06
CA GLU C 162 -10.26 -17.51 33.25
C GLU C 162 -8.76 -17.30 33.20
N ASP C 163 -8.28 -16.56 32.19
CA ASP C 163 -6.84 -16.42 32.00
C ASP C 163 -6.21 -15.54 33.07
N LEU C 164 -6.95 -14.58 33.60
CA LEU C 164 -6.48 -13.68 34.64
C LEU C 164 -7.29 -13.90 35.91
N GLY C 165 -6.65 -13.72 37.06
CA GLY C 165 -7.34 -13.89 38.32
C GLY C 165 -8.26 -12.73 38.64
N ILE C 166 -9.25 -12.50 37.78
CA ILE C 166 -10.13 -11.33 37.88
C ILE C 166 -11.56 -11.81 38.05
N ALA C 167 -12.28 -11.20 38.99
CA ALA C 167 -13.70 -11.45 39.17
C ALA C 167 -14.49 -10.46 38.32
N VAL C 168 -15.43 -10.99 37.54
CA VAL C 168 -16.26 -10.17 36.64
C VAL C 168 -17.68 -10.14 37.18
N VAL C 169 -18.22 -8.94 37.32
CA VAL C 169 -19.59 -8.74 37.81
C VAL C 169 -20.41 -8.15 36.67
N LEU C 170 -21.55 -8.77 36.39
CA LEU C 170 -22.46 -8.34 35.34
C LEU C 170 -23.66 -7.67 35.99
N VAL C 171 -23.89 -6.40 35.64
CA VAL C 171 -25.04 -5.65 36.17
C VAL C 171 -26.10 -5.54 35.08
N GLY C 172 -27.08 -6.45 35.12
CA GLY C 172 -28.16 -6.44 34.15
C GLY C 172 -29.44 -6.94 34.79
N THR C 173 -30.55 -6.71 34.09
CA THR C 173 -31.84 -7.14 34.60
C THR C 173 -32.66 -8.42 34.46
N ASP C 174 -33.20 -8.67 33.27
CA ASP C 174 -34.09 -9.81 33.07
C ASP C 174 -33.58 -10.27 31.71
N ARG C 175 -32.84 -9.40 31.00
CA ARG C 175 -32.42 -9.72 29.64
C ARG C 175 -31.10 -10.45 29.75
N LEU C 176 -30.36 -10.26 30.85
CA LEU C 176 -29.09 -10.96 31.03
C LEU C 176 -29.28 -12.46 30.95
N ASP C 177 -30.20 -13.00 31.73
CA ASP C 177 -30.33 -14.45 31.82
C ASP C 177 -30.81 -15.07 30.52
N ALA C 178 -31.68 -14.37 29.79
CA ALA C 178 -32.14 -14.87 28.49
C ALA C 178 -31.02 -14.94 27.45
N VAL C 179 -29.88 -14.30 27.71
CA VAL C 179 -28.71 -14.41 26.86
C VAL C 179 -27.69 -15.37 27.43
N ILE C 180 -27.50 -15.35 28.75
CA ILE C 180 -26.56 -16.24 29.42
C ILE C 180 -26.95 -17.69 29.20
N LYS C 181 -28.25 -17.99 29.29
CA LYS C 181 -28.67 -19.38 29.14
C LYS C 181 -28.55 -19.90 27.71
N ARG C 182 -27.92 -19.17 26.79
CA ARG C 182 -27.69 -19.66 25.43
C ARG C 182 -26.37 -20.41 25.30
N ASP C 183 -25.59 -20.52 26.38
CA ASP C 183 -24.32 -21.21 26.37
C ASP C 183 -24.15 -21.95 27.68
N GLU C 184 -23.82 -23.24 27.61
CA GLU C 184 -23.61 -24.01 28.82
C GLU C 184 -22.38 -23.56 29.58
N GLN C 185 -21.34 -23.10 28.86
CA GLN C 185 -20.09 -22.73 29.51
C GLN C 185 -20.25 -21.47 30.36
N VAL C 186 -21.01 -20.49 29.88
CA VAL C 186 -21.09 -19.21 30.58
C VAL C 186 -21.96 -19.30 31.82
N LEU C 187 -22.97 -20.18 31.83
CA LEU C 187 -23.87 -20.26 32.97
C LEU C 187 -23.17 -20.78 34.22
N GLU C 188 -22.10 -21.56 34.06
CA GLU C 188 -21.37 -22.07 35.22
C GLU C 188 -20.57 -20.98 35.91
N ARG C 189 -20.12 -19.97 35.15
CA ARG C 189 -19.23 -18.95 35.71
C ARG C 189 -19.97 -17.96 36.61
N PHE C 190 -21.23 -17.65 36.28
CA PHE C 190 -21.97 -16.59 36.95
C PHE C 190 -23.10 -17.05 37.88
N ARG C 191 -23.01 -18.28 38.39
CA ARG C 191 -24.09 -18.82 39.20
C ARG C 191 -24.54 -17.97 40.39
N ALA C 192 -23.60 -17.42 41.15
CA ALA C 192 -23.96 -16.57 42.28
C ALA C 192 -24.71 -15.34 41.80
N HIS C 193 -25.98 -15.22 42.19
CA HIS C 193 -26.84 -14.14 41.74
C HIS C 193 -27.46 -13.43 42.93
N LEU C 194 -27.62 -12.10 42.79
CA LEU C 194 -28.22 -11.27 43.83
C LEU C 194 -29.35 -10.47 43.23
N ARG C 195 -30.52 -10.52 43.86
CA ARG C 195 -31.68 -9.77 43.41
C ARG C 195 -31.60 -8.33 43.89
N PHE C 196 -32.21 -7.42 43.12
CA PHE C 196 -32.16 -5.99 43.43
C PHE C 196 -33.50 -5.37 42.98
N GLY C 197 -34.48 -5.38 43.87
CA GLY C 197 -35.85 -5.04 43.50
C GLY C 197 -36.40 -3.73 44.03
N LYS C 198 -37.73 -3.69 44.19
CA LYS C 198 -38.47 -2.48 44.54
C LYS C 198 -38.58 -2.31 46.05
N LEU C 199 -39.08 -1.15 46.45
CA LEU C 199 -39.37 -0.83 47.84
C LEU C 199 -40.86 -1.00 48.12
N SER C 200 -41.20 -1.23 49.39
CA SER C 200 -42.59 -1.42 49.79
C SER C 200 -42.72 -1.30 51.29
N GLY C 201 -43.93 -0.94 51.72
CA GLY C 201 -44.28 -0.99 53.13
C GLY C 201 -43.44 -0.07 54.01
N GLU C 202 -42.98 -0.62 55.14
CA GLU C 202 -42.21 0.16 56.09
C GLU C 202 -40.91 0.65 55.48
N ASP C 203 -40.25 -0.19 54.67
CA ASP C 203 -39.04 0.21 54.00
C ASP C 203 -39.29 1.43 53.12
N PHE C 204 -40.39 1.42 52.37
CA PHE C 204 -40.74 2.56 51.52
C PHE C 204 -40.99 3.81 52.36
N LYS C 205 -41.76 3.68 53.44
CA LYS C 205 -42.07 4.85 54.26
C LYS C 205 -40.82 5.46 54.88
N ASN C 206 -39.94 4.61 55.42
CA ASN C 206 -38.67 5.09 55.97
C ASN C 206 -37.83 5.76 54.90
N THR C 207 -37.76 5.16 53.71
CA THR C 207 -37.01 5.75 52.61
C THR C 207 -37.57 7.12 52.25
N VAL C 208 -38.90 7.25 52.25
CA VAL C 208 -39.51 8.53 51.87
C VAL C 208 -39.15 9.61 52.88
N GLU C 209 -39.25 9.29 54.17
CA GLU C 209 -38.90 10.29 55.17
C GLU C 209 -37.43 10.69 55.06
N MET C 210 -36.55 9.71 54.85
CA MET C 210 -35.14 10.01 54.69
C MET C 210 -35.00 10.91 53.48
N TRP C 211 -35.76 10.59 52.44
CA TRP C 211 -35.74 11.35 51.20
C TRP C 211 -36.22 12.78 51.41
N GLU C 212 -37.27 12.93 52.22
CA GLU C 212 -37.84 14.24 52.49
C GLU C 212 -36.93 15.09 53.37
N GLN C 213 -36.01 14.44 54.09
CA GLN C 213 -35.09 15.19 54.94
C GLN C 213 -33.82 15.55 54.19
N MET C 214 -33.29 14.62 53.40
CA MET C 214 -31.99 14.82 52.75
C MET C 214 -32.12 15.69 51.50
N VAL C 215 -33.13 15.44 50.67
CA VAL C 215 -33.25 16.16 49.41
C VAL C 215 -34.08 17.43 49.52
N LEU C 216 -34.93 17.55 50.53
CA LEU C 216 -35.75 18.75 50.67
C LEU C 216 -35.39 19.51 51.93
N LYS C 217 -34.16 20.03 52.01
CA LYS C 217 -33.76 20.91 53.10
C LYS C 217 -34.81 21.95 52.75
N LEU C 218 -35.73 22.20 53.68
CA LEU C 218 -36.92 22.98 53.37
C LEU C 218 -37.23 23.68 54.69
N PRO C 219 -37.56 24.98 54.62
CA PRO C 219 -37.93 25.71 55.84
C PRO C 219 -39.25 25.25 56.45
N VAL C 220 -40.10 24.55 55.69
CA VAL C 220 -41.36 24.05 56.19
C VAL C 220 -41.47 22.58 55.80
N SER C 221 -41.73 21.73 56.78
CA SER C 221 -41.90 20.30 56.52
C SER C 221 -43.10 20.08 55.62
N SER C 222 -42.93 19.23 54.61
CA SER C 222 -44.03 18.86 53.73
C SER C 222 -44.89 17.74 54.30
N ASN C 223 -44.47 17.16 55.41
CA ASN C 223 -45.21 16.07 56.07
C ASN C 223 -45.47 14.92 55.11
N LEU C 224 -44.45 14.53 54.35
CA LEU C 224 -44.60 13.40 53.42
C LEU C 224 -44.81 12.10 54.17
N LYS C 225 -44.31 11.99 55.40
CA LYS C 225 -44.51 10.81 56.23
C LYS C 225 -45.91 10.85 56.84
N SER C 226 -46.91 10.71 55.98
CA SER C 226 -48.29 10.76 56.42
C SER C 226 -49.15 9.96 55.45
N LYS C 227 -50.33 9.56 55.94
CA LYS C 227 -51.19 8.60 55.25
C LYS C 227 -51.45 9.00 53.79
N GLU C 228 -51.97 10.21 53.59
CA GLU C 228 -52.42 10.60 52.25
C GLU C 228 -51.25 10.92 51.32
N MET C 229 -50.23 11.61 51.83
CA MET C 229 -49.05 11.88 51.03
C MET C 229 -48.38 10.58 50.60
N LEU C 230 -48.28 9.62 51.52
CA LEU C 230 -47.71 8.33 51.18
C LEU C 230 -48.57 7.57 50.18
N ARG C 231 -49.90 7.70 50.29
CA ARG C 231 -50.78 7.04 49.31
C ARG C 231 -50.58 7.60 47.91
N ILE C 232 -50.50 8.94 47.80
CA ILE C 232 -50.25 9.56 46.49
C ILE C 232 -48.92 9.09 45.93
N LEU C 233 -47.86 9.20 46.74
CA LEU C 233 -46.53 8.83 46.28
C LEU C 233 -46.45 7.37 45.92
N THR C 234 -47.15 6.51 46.66
CA THR C 234 -47.11 5.08 46.38
C THR C 234 -47.85 4.75 45.09
N SER C 235 -49.02 5.37 44.88
CA SER C 235 -49.75 5.15 43.64
C SER C 235 -48.92 5.56 42.43
N ALA C 236 -48.17 6.66 42.54
CA ALA C 236 -47.39 7.11 41.38
C ALA C 236 -46.05 6.38 41.26
N THR C 237 -45.48 5.92 42.38
CA THR C 237 -44.13 5.38 42.43
C THR C 237 -44.06 3.89 42.13
N GLU C 238 -44.96 3.11 42.72
CA GLU C 238 -45.00 1.65 42.54
C GLU C 238 -43.69 1.00 43.00
N GLY C 239 -43.10 1.54 44.05
CA GLY C 239 -41.89 0.98 44.62
C GLY C 239 -40.61 1.25 43.87
N TYR C 240 -40.60 2.20 42.94
CA TYR C 240 -39.42 2.54 42.15
C TYR C 240 -38.88 3.87 42.63
N ILE C 241 -37.63 3.87 43.11
CA ILE C 241 -37.01 5.11 43.58
C ILE C 241 -36.75 6.05 42.39
N GLY C 242 -36.40 5.49 41.23
CA GLY C 242 -36.19 6.31 40.06
C GLY C 242 -37.43 7.09 39.67
N ARG C 243 -38.60 6.44 39.72
CA ARG C 243 -39.85 7.14 39.47
C ARG C 243 -40.12 8.21 40.52
N LEU C 244 -39.72 7.94 41.77
CA LEU C 244 -39.99 8.86 42.88
C LEU C 244 -39.14 10.13 42.80
N ASP C 245 -37.94 10.01 42.23
CA ASP C 245 -36.99 11.12 42.18
C ASP C 245 -37.60 12.33 41.47
N GLU C 246 -38.02 12.15 40.22
CA GLU C 246 -38.63 13.23 39.45
C GLU C 246 -39.79 13.85 40.23
N ILE C 247 -40.66 13.00 40.78
CA ILE C 247 -41.86 13.48 41.45
C ILE C 247 -41.50 14.44 42.58
N LEU C 248 -40.69 13.98 43.53
CA LEU C 248 -40.46 14.79 44.72
C LEU C 248 -39.65 16.05 44.41
N ARG C 249 -38.57 15.90 43.63
CA ARG C 249 -37.76 17.07 43.32
C ARG C 249 -38.57 18.11 42.56
N GLU C 250 -39.37 17.67 41.58
CA GLU C 250 -40.13 18.59 40.76
C GLU C 250 -41.26 19.25 41.54
N ALA C 251 -41.92 18.50 42.43
CA ALA C 251 -42.96 19.10 43.26
C ALA C 251 -42.38 20.18 44.16
N ALA C 252 -41.22 19.90 44.77
CA ALA C 252 -40.57 20.92 45.59
C ALA C 252 -40.25 22.16 44.78
N ILE C 253 -39.71 21.98 43.57
CA ILE C 253 -39.31 23.12 42.75
C ILE C 253 -40.53 23.94 42.34
N ARG C 254 -41.60 23.27 41.90
CA ARG C 254 -42.80 23.99 41.49
C ARG C 254 -43.39 24.77 42.66
N SER C 255 -43.46 24.14 43.84
CA SER C 255 -43.98 24.82 45.02
C SER C 255 -43.15 26.06 45.34
N LEU C 256 -41.83 25.93 45.35
CA LEU C 256 -40.97 27.07 45.69
C LEU C 256 -41.07 28.17 44.64
N SER C 257 -41.19 27.78 43.37
CA SER C 257 -41.33 28.79 42.31
C SER C 257 -42.62 29.57 42.47
N ARG C 258 -43.71 28.88 42.85
CA ARG C 258 -44.97 29.59 43.10
C ARG C 258 -44.92 30.42 44.37
N GLY C 259 -44.08 30.03 45.33
CA GLY C 259 -43.96 30.72 46.60
C GLY C 259 -44.24 29.84 47.81
N LEU C 260 -44.87 28.68 47.61
CA LEU C 260 -45.14 27.78 48.72
C LEU C 260 -43.83 27.24 49.28
N LYS C 261 -43.72 27.25 50.61
CA LYS C 261 -42.52 26.74 51.28
C LYS C 261 -42.53 25.23 51.42
N LYS C 262 -43.68 24.57 51.22
CA LYS C 262 -43.80 23.13 51.34
C LYS C 262 -44.75 22.63 50.26
N ILE C 263 -44.78 21.32 50.08
CA ILE C 263 -45.65 20.70 49.09
C ILE C 263 -47.04 20.53 49.68
N ASP C 264 -48.01 21.22 49.09
CA ASP C 264 -49.40 20.96 49.41
C ASP C 264 -49.88 19.71 48.66
N LYS C 265 -50.95 19.10 49.18
CA LYS C 265 -51.40 17.82 48.62
C LYS C 265 -51.88 17.98 47.19
N ALA C 266 -52.57 19.08 46.88
CA ALA C 266 -53.05 19.30 45.52
C ALA C 266 -51.90 19.41 44.53
N VAL C 267 -50.83 20.11 44.91
CA VAL C 267 -49.66 20.23 44.04
C VAL C 267 -49.03 18.87 43.79
N LEU C 268 -48.95 18.04 44.83
CA LEU C 268 -48.39 16.70 44.67
C LEU C 268 -49.22 15.87 43.71
N GLN C 269 -50.56 15.93 43.87
CA GLN C 269 -51.44 15.20 42.96
C GLN C 269 -51.28 15.67 41.52
N GLU C 270 -51.15 16.98 41.33
CA GLU C 270 -50.97 17.53 39.98
C GLU C 270 -49.67 17.01 39.35
N VAL C 271 -48.57 17.07 40.11
CA VAL C 271 -47.30 16.58 39.59
C VAL C 271 -47.40 15.11 39.22
N ALA C 272 -48.06 14.31 40.06
CA ALA C 272 -48.21 12.88 39.77
C ALA C 272 -49.01 12.66 38.50
N LYS C 273 -50.05 13.46 38.29
CA LYS C 273 -50.83 13.34 37.06
C LYS C 273 -50.01 13.67 35.83
N GLU C 274 -49.06 14.61 35.96
CA GLU C 274 -48.25 14.97 34.79
C GLU C 274 -47.37 13.82 34.32
N TYR C 275 -46.84 13.03 35.26
CA TYR C 275 -45.89 11.97 34.90
C TYR C 275 -46.53 10.59 34.92
N GLU D 19 0.67 -14.42 61.22
CA GLU D 19 -0.41 -15.21 61.79
C GLU D 19 -0.47 -16.58 61.15
N TRP D 20 -0.57 -17.62 62.00
CA TRP D 20 -0.61 -18.99 61.50
C TRP D 20 -1.78 -19.21 60.57
N LEU D 21 -2.93 -18.59 60.86
CA LEU D 21 -4.11 -18.72 60.00
C LEU D 21 -3.82 -18.25 58.58
N GLN D 22 -2.93 -17.26 58.43
CA GLN D 22 -2.61 -16.74 57.11
C GLN D 22 -1.98 -17.80 56.22
N ALA D 23 -1.16 -18.68 56.80
CA ALA D 23 -0.55 -19.75 56.01
C ALA D 23 -1.62 -20.67 55.44
N GLU D 24 -2.59 -21.07 56.26
CA GLU D 24 -3.67 -21.92 55.78
C GLU D 24 -4.53 -21.21 54.75
N ILE D 25 -4.79 -19.92 54.96
CA ILE D 25 -5.61 -19.16 54.02
C ILE D 25 -4.91 -19.08 52.66
N ALA D 26 -3.61 -18.78 52.68
CA ALA D 26 -2.84 -18.71 51.45
C ALA D 26 -2.80 -20.07 50.74
N ARG D 27 -2.74 -21.15 51.52
CA ARG D 27 -2.78 -22.48 50.91
C ARG D 27 -4.14 -22.76 50.27
N LEU D 28 -5.23 -22.42 50.96
CA LEU D 28 -6.56 -22.75 50.47
C LEU D 28 -6.86 -22.07 49.14
N LYS D 29 -6.31 -20.86 48.92
CA LYS D 29 -6.52 -20.18 47.65
C LYS D 29 -5.78 -20.88 46.51
N GLY D 30 -4.65 -21.51 46.81
CA GLY D 30 -3.87 -22.16 45.77
C GLY D 30 -4.53 -23.43 45.26
N LYS D 31 -4.16 -23.80 44.03
CA LYS D 31 -4.71 -24.96 43.35
C LYS D 31 -3.61 -25.94 43.00
N SER D 32 -3.87 -27.22 43.23
CA SER D 32 -2.90 -28.27 42.94
C SER D 32 -3.48 -29.30 41.97
N ILE D 33 -2.95 -30.53 42.00
CA ILE D 33 -3.41 -31.62 41.14
C ILE D 33 -3.58 -32.86 41.99
N VAL D 34 -4.76 -33.48 41.90
CA VAL D 34 -5.06 -34.74 42.58
C VAL D 34 -5.13 -35.84 41.52
N PRO D 35 -4.26 -36.84 41.56
CA PRO D 35 -4.30 -37.91 40.55
C PRO D 35 -5.62 -38.67 40.61
N LEU D 36 -6.24 -38.84 39.43
CA LEU D 36 -7.48 -39.57 39.29
C LEU D 36 -7.31 -40.65 38.22
N GLN D 37 -8.22 -41.62 38.23
CA GLN D 37 -8.17 -42.71 37.26
C GLN D 37 -8.28 -42.17 35.83
N GLN D 38 -9.11 -41.14 35.64
CA GLN D 38 -9.25 -40.53 34.32
C GLN D 38 -7.93 -39.94 33.84
N VAL D 39 -7.16 -39.34 34.76
CA VAL D 39 -5.88 -38.73 34.39
C VAL D 39 -4.90 -39.78 33.90
N LYS D 40 -4.75 -40.87 34.66
CA LYS D 40 -3.84 -41.94 34.26
C LYS D 40 -4.30 -42.60 32.97
N THR D 41 -5.61 -42.81 32.83
CA THR D 41 -6.15 -43.41 31.60
C THR D 41 -5.81 -42.54 30.39
N LEU D 42 -6.05 -41.23 30.49
CA LEU D 42 -5.73 -40.33 29.39
C LEU D 42 -4.24 -40.32 29.10
N HIS D 43 -3.41 -40.34 30.14
CA HIS D 43 -1.97 -40.31 29.92
C HIS D 43 -1.50 -41.54 29.16
N ASP D 44 -1.97 -42.72 29.57
CA ASP D 44 -1.58 -43.95 28.87
C ASP D 44 -2.10 -43.97 27.44
N TRP D 45 -3.36 -43.56 27.24
CA TRP D 45 -3.95 -43.53 25.90
C TRP D 45 -3.17 -42.58 24.98
N LEU D 46 -2.84 -41.39 25.49
CA LEU D 46 -2.11 -40.42 24.69
C LEU D 46 -0.69 -40.86 24.42
N ASP D 47 -0.06 -41.58 25.36
CA ASP D 47 1.27 -42.13 25.09
C ASP D 47 1.21 -43.15 23.98
N GLY D 48 0.17 -43.99 23.99
CA GLY D 48 -0.03 -44.92 22.88
C GLY D 48 -0.18 -44.18 21.55
N LYS D 49 -1.00 -43.14 21.52
CA LYS D 49 -1.15 -42.36 20.30
C LYS D 49 0.15 -41.68 19.88
N ARG D 50 0.96 -41.27 20.87
CA ARG D 50 2.21 -40.58 20.57
C ARG D 50 3.21 -41.53 19.91
N LYS D 51 3.37 -42.73 20.47
CA LYS D 51 4.29 -43.69 19.87
C LYS D 51 3.84 -44.11 18.47
N ALA D 52 2.53 -44.04 18.20
CA ALA D 52 1.98 -44.47 16.92
C ALA D 52 1.69 -43.31 15.97
N ARG D 53 1.80 -42.06 16.44
CA ARG D 53 1.63 -40.87 15.61
C ARG D 53 0.26 -40.86 14.91
N LYS D 54 -0.79 -41.15 15.69
CA LYS D 54 -2.15 -41.22 15.17
C LYS D 54 -2.96 -40.07 15.73
N SER D 55 -3.62 -39.32 14.84
CA SER D 55 -4.47 -38.22 15.26
C SER D 55 -5.71 -38.75 15.97
N CYS D 56 -6.10 -38.06 17.05
CA CYS D 56 -7.23 -38.51 17.86
C CYS D 56 -7.95 -37.30 18.43
N ARG D 57 -9.04 -37.58 19.16
CA ARG D 57 -9.90 -36.54 19.73
C ARG D 57 -10.25 -36.88 21.17
N VAL D 58 -10.32 -35.86 22.01
CA VAL D 58 -10.71 -36.00 23.41
C VAL D 58 -11.98 -35.20 23.63
N VAL D 59 -13.04 -35.86 24.08
CA VAL D 59 -14.36 -35.25 24.24
C VAL D 59 -14.78 -35.38 25.70
N GLY D 60 -15.31 -34.29 26.26
CA GLY D 60 -15.79 -34.29 27.63
C GLY D 60 -16.53 -33.01 27.95
N GLU D 61 -17.19 -33.02 29.11
CA GLU D 61 -17.96 -31.87 29.56
C GLU D 61 -17.04 -30.85 30.26
N SER D 62 -17.57 -29.65 30.46
CA SER D 62 -16.83 -28.60 31.15
C SER D 62 -16.78 -28.88 32.65
N ARG D 63 -15.79 -28.26 33.30
CA ARG D 63 -15.57 -28.42 34.74
C ARG D 63 -15.36 -29.88 35.13
N THR D 64 -14.73 -30.65 34.24
CA THR D 64 -14.31 -32.01 34.54
C THR D 64 -12.80 -32.14 34.70
N GLY D 65 -12.05 -31.09 34.39
CA GLY D 65 -10.62 -31.10 34.60
C GLY D 65 -9.80 -31.71 33.48
N LYS D 66 -10.38 -31.91 32.30
CA LYS D 66 -9.63 -32.48 31.19
C LYS D 66 -8.44 -31.60 30.80
N THR D 67 -8.61 -30.27 30.91
CA THR D 67 -7.52 -29.35 30.64
C THR D 67 -6.35 -29.59 31.59
N VAL D 68 -6.65 -29.79 32.88
CA VAL D 68 -5.61 -30.03 33.87
C VAL D 68 -4.87 -31.33 33.55
N ALA D 69 -5.60 -32.35 33.13
CA ALA D 69 -4.96 -33.62 32.76
C ALA D 69 -4.02 -33.42 31.59
N CYS D 70 -4.45 -32.67 30.58
CA CYS D 70 -3.57 -32.38 29.45
C CYS D 70 -2.31 -31.65 29.91
N ASP D 71 -2.46 -30.69 30.82
CA ASP D 71 -1.30 -29.92 31.28
C ASP D 71 -0.32 -30.79 32.07
N ALA D 72 -0.84 -31.63 32.97
CA ALA D 72 0.03 -32.53 33.73
C ALA D 72 0.78 -33.47 32.78
N TYR D 73 0.08 -34.01 31.78
CA TYR D 73 0.74 -34.83 30.78
C TYR D 73 1.84 -34.06 30.06
N ARG D 74 1.57 -32.80 29.71
CA ARG D 74 2.60 -31.99 29.05
C ARG D 74 3.83 -31.84 29.92
N TYR D 75 3.64 -31.63 31.23
CA TYR D 75 4.78 -31.49 32.12
C TYR D 75 5.60 -32.77 32.18
N ARG D 76 4.93 -33.93 32.14
CA ARG D 76 5.64 -35.20 32.26
C ARG D 76 6.74 -35.34 31.21
N HIS D 77 6.39 -35.13 29.95
CA HIS D 77 7.38 -35.24 28.88
C HIS D 77 8.45 -34.13 28.91
N LYS D 78 8.05 -32.91 28.59
CA LYS D 78 8.90 -31.69 28.57
C LYS D 78 10.05 -31.62 27.54
N PRO D 79 10.66 -30.43 27.40
CA PRO D 79 11.77 -30.16 26.47
C PRO D 79 13.12 -30.40 27.13
N GLN D 80 13.67 -31.60 26.95
CA GLN D 80 14.95 -31.96 27.52
C GLN D 80 15.99 -32.00 26.42
N GLN D 81 17.02 -31.16 26.55
CA GLN D 81 18.12 -31.11 25.60
C GLN D 81 19.41 -31.47 26.34
N GLU D 82 20.05 -32.54 25.90
CA GLU D 82 21.33 -32.96 26.46
C GLU D 82 22.51 -32.47 25.65
N ALA D 83 22.27 -31.67 24.62
CA ALA D 83 23.33 -31.13 23.78
C ALA D 83 23.07 -29.65 23.53
N GLY D 84 24.12 -28.95 23.08
CA GLY D 84 23.97 -27.55 22.74
C GLY D 84 22.97 -27.30 21.62
N ARG D 85 22.74 -28.31 20.77
CA ARG D 85 21.77 -28.31 19.67
C ARG D 85 20.42 -27.81 20.16
N PRO D 86 19.64 -27.15 19.31
CA PRO D 86 18.30 -26.68 19.71
C PRO D 86 17.49 -27.80 20.33
N PRO D 87 16.58 -27.47 21.25
CA PRO D 87 15.91 -28.49 22.05
C PRO D 87 14.94 -29.34 21.25
N THR D 88 14.67 -30.53 21.78
CA THR D 88 13.77 -31.50 21.15
C THR D 88 12.43 -31.48 21.88
N VAL D 89 11.64 -30.45 21.61
CA VAL D 89 10.32 -30.27 22.21
C VAL D 89 9.40 -31.40 21.73
N PRO D 90 9.02 -32.34 22.61
CA PRO D 90 8.21 -33.47 22.16
C PRO D 90 6.74 -33.15 21.97
N VAL D 91 6.18 -32.30 22.84
CA VAL D 91 4.75 -32.00 22.86
C VAL D 91 4.54 -30.51 22.72
N VAL D 92 3.58 -30.12 21.87
CA VAL D 92 3.18 -28.73 21.70
C VAL D 92 1.77 -28.58 22.24
N TYR D 93 1.53 -27.54 23.03
CA TYR D 93 0.25 -27.31 23.67
C TYR D 93 -0.13 -25.85 23.53
N ILE D 94 -1.28 -25.58 22.88
CA ILE D 94 -1.74 -24.23 22.61
C ILE D 94 -3.20 -24.10 23.00
N ARG D 95 -3.63 -22.85 23.19
CA ARG D 95 -5.01 -22.51 23.55
C ARG D 95 -5.50 -21.42 22.61
N PRO D 96 -6.16 -21.77 21.51
CA PRO D 96 -6.66 -20.75 20.58
C PRO D 96 -7.71 -19.88 21.24
N HIS D 97 -7.78 -18.63 20.79
CA HIS D 97 -8.77 -17.68 21.29
C HIS D 97 -10.08 -17.84 20.51
N GLN D 98 -11.08 -17.05 20.89
CA GLN D 98 -12.38 -17.11 20.21
C GLN D 98 -12.24 -16.76 18.75
N LYS D 99 -12.80 -17.62 17.88
CA LYS D 99 -12.75 -17.43 16.43
C LYS D 99 -11.32 -17.30 15.92
N CYS D 100 -10.44 -18.16 16.42
CA CYS D 100 -9.04 -18.10 16.03
C CYS D 100 -8.89 -18.45 14.55
N GLY D 101 -8.18 -17.59 13.83
CA GLY D 101 -8.00 -17.77 12.40
C GLY D 101 -6.82 -18.67 12.07
N PRO D 102 -6.44 -18.72 10.79
CA PRO D 102 -5.30 -19.54 10.37
C PRO D 102 -3.96 -18.84 10.43
N LYS D 103 -3.92 -17.60 10.91
CA LYS D 103 -2.68 -16.86 11.14
C LYS D 103 -2.26 -16.91 12.60
N ASP D 104 -3.22 -16.69 13.50
CA ASP D 104 -2.94 -16.70 14.94
C ASP D 104 -2.59 -18.11 15.42
N LEU D 105 -3.16 -19.15 14.81
CA LEU D 105 -2.78 -20.51 15.15
C LEU D 105 -1.29 -20.74 14.91
N PHE D 106 -0.83 -20.42 13.69
CA PHE D 106 0.59 -20.54 13.38
C PHE D 106 1.43 -19.67 14.31
N LYS D 107 0.96 -18.45 14.61
CA LYS D 107 1.73 -17.57 15.49
C LYS D 107 1.89 -18.16 16.88
N LYS D 108 0.83 -18.74 17.43
CA LYS D 108 0.91 -19.35 18.76
C LYS D 108 1.87 -20.53 18.75
N ILE D 109 1.81 -21.36 17.69
CA ILE D 109 2.76 -22.48 17.60
C ILE D 109 4.20 -21.96 17.57
N THR D 110 4.44 -20.90 16.79
CA THR D 110 5.79 -20.36 16.66
C THR D 110 6.29 -19.78 17.98
N GLU D 111 5.45 -19.03 18.68
CA GLU D 111 5.88 -18.43 19.95
C GLU D 111 6.09 -19.49 21.02
N TYR D 112 5.28 -20.56 21.00
CA TYR D 112 5.44 -21.64 21.97
C TYR D 112 6.84 -22.24 21.89
N LEU D 113 7.36 -22.42 20.68
CA LEU D 113 8.68 -23.01 20.46
C LEU D 113 9.82 -22.02 20.68
N LYS D 114 9.50 -20.80 21.14
CA LYS D 114 10.51 -19.77 21.44
C LYS D 114 11.25 -19.31 20.19
N TYR D 115 10.50 -19.04 19.12
CA TYR D 115 11.05 -18.53 17.88
C TYR D 115 10.44 -17.18 17.55
N ARG D 116 11.21 -16.34 16.85
CA ARG D 116 10.73 -15.03 16.46
C ARG D 116 9.66 -15.15 15.39
N VAL D 117 8.54 -14.44 15.59
CA VAL D 117 7.45 -14.45 14.61
C VAL D 117 7.80 -13.50 13.47
N THR D 118 7.76 -14.03 12.25
CA THR D 118 8.02 -13.20 11.07
C THR D 118 6.81 -12.33 10.76
N LYS D 119 7.08 -11.17 10.16
CA LYS D 119 6.02 -10.38 9.56
C LYS D 119 5.76 -10.90 8.15
N GLY D 120 4.53 -10.68 7.66
CA GLY D 120 4.19 -11.12 6.32
C GLY D 120 2.80 -11.72 6.20
N THR D 121 2.62 -12.60 5.22
CA THR D 121 1.32 -13.15 4.87
C THR D 121 1.06 -14.46 5.59
N VAL D 122 -0.12 -15.03 5.34
CA VAL D 122 -0.50 -16.33 5.91
C VAL D 122 0.41 -17.43 5.38
N SER D 123 0.73 -17.38 4.09
CA SER D 123 1.61 -18.39 3.50
C SER D 123 3.02 -18.33 4.10
N ASP D 124 3.51 -17.11 4.36
CA ASP D 124 4.81 -16.96 5.01
C ASP D 124 4.80 -17.58 6.41
N PHE D 125 3.74 -17.30 7.17
CA PHE D 125 3.59 -17.93 8.49
C PHE D 125 3.56 -19.45 8.38
N ARG D 126 2.90 -19.96 7.33
CA ARG D 126 2.81 -21.40 7.14
C ARG D 126 4.20 -22.01 6.93
N ASP D 127 4.98 -21.41 6.03
CA ASP D 127 6.35 -21.89 5.80
C ASP D 127 7.16 -21.86 7.09
N ARG D 128 7.07 -20.75 7.83
CA ARG D 128 7.82 -20.61 9.08
C ARG D 128 7.43 -21.69 10.08
N THR D 129 6.13 -21.97 10.19
CA THR D 129 5.64 -22.96 11.16
C THR D 129 6.10 -24.37 10.78
N ILE D 130 5.98 -24.74 9.51
CA ILE D 130 6.44 -26.05 9.08
C ILE D 130 7.92 -26.21 9.38
N GLU D 131 8.70 -25.17 9.10
CA GLU D 131 10.15 -25.23 9.37
C GLU D 131 10.42 -25.51 10.84
N VAL D 132 9.84 -24.69 11.74
CA VAL D 132 10.16 -24.84 13.16
C VAL D 132 9.61 -26.15 13.71
N LEU D 133 8.53 -26.69 13.14
CA LEU D 133 8.01 -27.95 13.63
C LEU D 133 8.88 -29.12 13.20
N LYS D 134 9.35 -29.11 11.94
CA LYS D 134 10.24 -30.16 11.48
C LYS D 134 11.54 -30.16 12.29
N GLY D 135 12.09 -28.97 12.55
CA GLY D 135 13.38 -28.89 13.21
C GLY D 135 13.34 -29.43 14.64
N CYS D 136 12.35 -28.97 15.43
CA CYS D 136 12.35 -29.31 16.85
C CYS D 136 11.98 -30.76 17.10
N GLY D 137 11.09 -31.31 16.28
CA GLY D 137 10.58 -32.65 16.51
C GLY D 137 9.07 -32.65 16.58
N VAL D 138 8.53 -32.20 17.72
CA VAL D 138 7.10 -32.06 17.92
C VAL D 138 6.41 -33.38 17.62
N GLU D 139 6.58 -34.36 18.51
CA GLU D 139 5.98 -35.68 18.31
C GLU D 139 4.46 -35.58 18.24
N MET D 140 3.86 -34.63 18.97
CA MET D 140 2.42 -34.50 18.99
C MET D 140 2.04 -33.05 19.24
N LEU D 141 0.85 -32.67 18.77
CA LEU D 141 0.31 -31.33 18.97
C LEU D 141 -1.07 -31.44 19.63
N ILE D 142 -1.23 -30.73 20.74
CA ILE D 142 -2.48 -30.73 21.50
C ILE D 142 -3.10 -29.34 21.39
N ILE D 143 -4.34 -29.29 20.90
CA ILE D 143 -5.07 -28.03 20.73
C ILE D 143 -6.18 -28.01 21.77
N ASP D 144 -6.10 -27.09 22.72
CA ASP D 144 -7.00 -27.03 23.87
C ASP D 144 -8.27 -26.26 23.52
N GLU D 145 -9.42 -26.84 23.86
CA GLU D 145 -10.74 -26.22 23.65
C GLU D 145 -10.91 -25.78 22.20
N ALA D 146 -11.07 -26.79 21.34
CA ALA D 146 -11.16 -26.56 19.90
C ALA D 146 -12.44 -25.84 19.49
N ASP D 147 -13.37 -25.59 20.41
CA ASP D 147 -14.62 -24.93 20.06
C ASP D 147 -14.37 -23.52 19.53
N ARG D 148 -13.46 -22.77 20.15
CA ARG D 148 -13.19 -21.41 19.72
C ARG D 148 -12.37 -21.35 18.44
N LEU D 149 -11.75 -22.46 18.03
CA LEU D 149 -11.03 -22.48 16.76
C LEU D 149 -12.02 -22.42 15.60
N LYS D 150 -11.69 -21.60 14.60
CA LYS D 150 -12.60 -21.35 13.50
C LYS D 150 -12.76 -22.59 12.62
N PRO D 151 -13.90 -22.74 11.94
CA PRO D 151 -14.08 -23.88 11.03
C PRO D 151 -13.11 -23.89 9.87
N GLU D 152 -12.49 -22.76 9.53
CA GLU D 152 -11.66 -22.68 8.35
C GLU D 152 -10.30 -23.34 8.55
N THR D 153 -9.76 -23.32 9.78
CA THR D 153 -8.40 -23.74 10.04
C THR D 153 -8.23 -25.24 10.31
N PHE D 154 -9.35 -25.97 10.42
CA PHE D 154 -9.23 -27.43 10.52
C PHE D 154 -8.55 -28.02 9.29
N ALA D 155 -8.69 -27.35 8.14
CA ALA D 155 -7.98 -27.78 6.94
C ALA D 155 -6.48 -27.70 7.12
N ASP D 156 -5.98 -26.62 7.73
CA ASP D 156 -4.54 -26.48 7.95
C ASP D 156 -4.06 -27.43 9.03
N VAL D 157 -4.87 -27.66 10.07
CA VAL D 157 -4.50 -28.65 11.09
C VAL D 157 -4.36 -30.03 10.46
N ARG D 158 -5.30 -30.40 9.59
CA ARG D 158 -5.21 -31.68 8.89
C ARG D 158 -3.99 -31.73 7.99
N ASP D 159 -3.69 -30.62 7.31
CA ASP D 159 -2.48 -30.56 6.48
C ASP D 159 -1.24 -30.86 7.31
N ILE D 160 -1.14 -30.29 8.52
CA ILE D 160 -0.01 -30.59 9.39
C ILE D 160 0.00 -32.06 9.77
N ALA D 161 -1.16 -32.60 10.13
CA ALA D 161 -1.23 -34.00 10.54
C ALA D 161 -0.81 -34.96 9.43
N GLU D 162 -1.03 -34.58 8.17
CA GLU D 162 -0.74 -35.46 7.05
C GLU D 162 0.65 -35.24 6.45
N ASP D 163 0.99 -33.99 6.12
CA ASP D 163 2.26 -33.70 5.48
C ASP D 163 3.44 -34.11 6.34
N LEU D 164 3.33 -33.91 7.65
CA LEU D 164 4.38 -34.25 8.60
C LEU D 164 3.89 -35.36 9.52
N GLY D 165 4.84 -36.14 10.03
CA GLY D 165 4.51 -37.20 10.96
C GLY D 165 4.26 -36.67 12.36
N ILE D 166 3.17 -35.95 12.55
CA ILE D 166 2.83 -35.33 13.83
C ILE D 166 1.41 -35.73 14.19
N ALA D 167 1.23 -36.23 15.42
CA ALA D 167 -0.09 -36.63 15.90
C ALA D 167 -0.79 -35.43 16.53
N VAL D 168 -1.95 -35.07 15.99
CA VAL D 168 -2.70 -33.90 16.44
C VAL D 168 -3.89 -34.35 17.26
N VAL D 169 -4.08 -33.74 18.43
CA VAL D 169 -5.20 -34.03 19.32
C VAL D 169 -5.96 -32.74 19.58
N LEU D 170 -7.28 -32.80 19.41
CA LEU D 170 -8.16 -31.67 19.67
C LEU D 170 -8.99 -31.98 20.92
N VAL D 171 -8.76 -31.22 21.99
CA VAL D 171 -9.49 -31.39 23.23
C VAL D 171 -10.68 -30.43 23.23
N GLY D 172 -11.89 -30.96 23.20
CA GLY D 172 -13.07 -30.11 23.14
C GLY D 172 -14.33 -30.83 23.54
N THR D 173 -15.36 -30.03 23.83
CA THR D 173 -16.67 -30.53 24.21
C THR D 173 -17.48 -30.93 22.97
N ASP D 174 -18.72 -31.38 23.20
CA ASP D 174 -19.60 -31.80 22.11
C ASP D 174 -19.78 -30.71 21.05
N ARG D 175 -19.59 -29.44 21.44
CA ARG D 175 -19.58 -28.36 20.47
C ARG D 175 -18.57 -28.62 19.37
N LEU D 176 -17.39 -29.13 19.74
CA LEU D 176 -16.38 -29.47 18.73
C LEU D 176 -16.88 -30.59 17.83
N ASP D 177 -17.61 -31.56 18.39
CA ASP D 177 -18.13 -32.66 17.58
C ASP D 177 -19.09 -32.15 16.52
N ALA D 178 -19.94 -31.17 16.87
CA ALA D 178 -20.86 -30.62 15.88
C ALA D 178 -20.12 -30.02 14.71
N VAL D 179 -19.04 -29.28 14.97
CA VAL D 179 -18.27 -28.65 13.89
C VAL D 179 -17.52 -29.70 13.09
N ILE D 180 -16.98 -30.72 13.77
CA ILE D 180 -16.21 -31.75 13.08
C ILE D 180 -17.10 -32.55 12.15
N LYS D 181 -18.33 -32.84 12.57
CA LYS D 181 -19.26 -33.57 11.72
C LYS D 181 -19.84 -32.66 10.64
N ARG D 182 -18.97 -31.98 9.90
CA ARG D 182 -19.39 -31.11 8.80
C ARG D 182 -18.50 -31.35 7.58
N ASP D 183 -17.26 -31.78 7.81
CA ASP D 183 -16.31 -32.05 6.74
C ASP D 183 -15.83 -33.49 6.90
N GLU D 184 -16.17 -34.34 5.92
CA GLU D 184 -15.90 -35.76 6.04
C GLU D 184 -14.40 -36.06 6.09
N GLN D 185 -13.56 -35.18 5.53
CA GLN D 185 -12.13 -35.45 5.56
C GLN D 185 -11.55 -35.20 6.95
N VAL D 186 -11.92 -34.08 7.58
CA VAL D 186 -11.47 -33.78 8.94
C VAL D 186 -12.10 -34.75 9.93
N LEU D 187 -13.42 -34.95 9.83
CA LEU D 187 -14.10 -35.91 10.70
C LEU D 187 -13.54 -37.32 10.52
N GLU D 188 -13.33 -37.73 9.28
CA GLU D 188 -12.69 -39.01 9.01
C GLU D 188 -11.33 -39.09 9.68
N ARG D 189 -10.56 -38.00 9.63
CA ARG D 189 -9.22 -38.02 10.19
C ARG D 189 -9.24 -38.19 11.72
N PHE D 190 -10.15 -37.50 12.40
CA PHE D 190 -10.17 -37.51 13.86
C PHE D 190 -11.16 -38.54 14.43
N ARG D 191 -11.35 -39.67 13.75
CA ARG D 191 -12.36 -40.64 14.17
C ARG D 191 -12.03 -41.23 15.55
N ALA D 192 -10.82 -41.75 15.72
CA ALA D 192 -10.44 -42.33 17.01
C ALA D 192 -10.53 -41.28 18.10
N HIS D 193 -11.16 -41.64 19.22
CA HIS D 193 -11.45 -40.67 20.27
C HIS D 193 -11.50 -41.36 21.62
N LEU D 194 -11.42 -40.55 22.67
CA LEU D 194 -11.59 -40.98 24.06
C LEU D 194 -12.61 -40.08 24.73
N ARG D 195 -13.44 -40.66 25.59
CA ARG D 195 -14.47 -39.92 26.29
C ARG D 195 -14.11 -39.72 27.75
N PHE D 196 -14.48 -38.57 28.29
CA PHE D 196 -14.45 -38.30 29.72
C PHE D 196 -15.85 -38.43 30.29
N GLY D 197 -15.93 -38.91 31.53
CA GLY D 197 -17.21 -39.08 32.19
C GLY D 197 -17.34 -38.26 33.46
N LYS D 198 -18.40 -38.48 34.21
CA LYS D 198 -18.66 -37.77 35.46
C LYS D 198 -18.41 -38.68 36.66
N LEU D 199 -18.27 -38.05 37.83
CA LEU D 199 -18.13 -38.81 39.07
C LEU D 199 -19.47 -39.40 39.50
N SER D 200 -19.42 -40.57 40.12
CA SER D 200 -20.63 -41.26 40.52
C SER D 200 -20.34 -42.32 41.57
N GLY D 201 -21.24 -42.42 42.56
CA GLY D 201 -21.23 -43.54 43.48
C GLY D 201 -19.96 -43.65 44.31
N GLU D 202 -19.44 -44.87 44.38
CA GLU D 202 -18.24 -45.14 45.17
C GLU D 202 -17.05 -44.33 44.68
N ASP D 203 -16.94 -44.17 43.35
CA ASP D 203 -15.87 -43.35 42.80
C ASP D 203 -15.96 -41.91 43.32
N PHE D 204 -17.17 -41.35 43.36
CA PHE D 204 -17.36 -40.00 43.88
C PHE D 204 -16.98 -39.91 45.35
N LYS D 205 -17.44 -40.88 46.15
CA LYS D 205 -17.15 -40.86 47.58
C LYS D 205 -15.64 -40.97 47.84
N ASN D 206 -14.97 -41.90 47.14
CA ASN D 206 -13.53 -42.06 47.29
C ASN D 206 -12.79 -40.81 46.83
N THR D 207 -13.26 -40.18 45.76
CA THR D 207 -12.66 -38.93 45.31
C THR D 207 -12.79 -37.84 46.36
N VAL D 208 -13.94 -37.78 47.04
CA VAL D 208 -14.14 -36.77 48.08
C VAL D 208 -13.18 -37.00 49.24
N GLU D 209 -13.03 -38.25 49.67
CA GLU D 209 -12.11 -38.53 50.77
C GLU D 209 -10.66 -38.23 50.38
N MET D 210 -10.26 -38.66 49.17
CA MET D 210 -8.93 -38.35 48.68
C MET D 210 -8.71 -36.85 48.61
N TRP D 211 -9.74 -36.09 48.25
CA TRP D 211 -9.64 -34.64 48.20
C TRP D 211 -9.42 -34.07 49.59
N GLU D 212 -10.21 -34.54 50.57
CA GLU D 212 -10.05 -34.05 51.94
C GLU D 212 -8.66 -34.35 52.48
N GLN D 213 -8.05 -35.46 52.06
CA GLN D 213 -6.72 -35.80 52.56
C GLN D 213 -5.61 -35.07 51.83
N MET D 214 -5.72 -34.93 50.51
CA MET D 214 -4.64 -34.39 49.69
C MET D 214 -4.71 -32.88 49.51
N VAL D 215 -5.91 -32.32 49.44
CA VAL D 215 -6.07 -30.88 49.21
C VAL D 215 -6.19 -30.12 50.52
N LEU D 216 -7.10 -30.54 51.40
CA LEU D 216 -7.30 -29.88 52.68
C LEU D 216 -6.33 -30.42 53.71
N LYS D 217 -5.78 -29.51 54.52
CA LYS D 217 -4.86 -29.86 55.59
C LYS D 217 -5.37 -29.33 56.93
N LEU D 218 -6.67 -29.44 57.14
CA LEU D 218 -7.30 -28.96 58.36
C LEU D 218 -6.92 -29.81 59.57
N PRO D 219 -7.00 -29.21 60.77
CA PRO D 219 -6.68 -29.88 62.04
C PRO D 219 -7.53 -31.14 62.25
N VAL D 220 -8.80 -30.95 62.54
CA VAL D 220 -9.70 -32.07 62.75
C VAL D 220 -10.47 -32.37 61.47
N SER D 221 -10.63 -33.65 61.15
CA SER D 221 -11.32 -34.05 59.93
C SER D 221 -12.78 -33.64 59.97
N SER D 222 -13.28 -33.17 58.82
CA SER D 222 -14.70 -32.80 58.69
C SER D 222 -15.59 -34.00 58.46
N ASN D 223 -15.03 -35.18 58.17
CA ASN D 223 -15.78 -36.42 57.97
C ASN D 223 -16.80 -36.28 56.85
N LEU D 224 -16.37 -35.68 55.73
CA LEU D 224 -17.27 -35.39 54.63
C LEU D 224 -17.88 -36.63 54.00
N LYS D 225 -17.24 -37.79 54.15
CA LYS D 225 -17.80 -39.04 53.62
C LYS D 225 -19.00 -39.53 54.42
N SER D 226 -19.47 -38.74 55.38
CA SER D 226 -20.67 -39.09 56.14
C SER D 226 -21.88 -39.07 55.23
N LYS D 227 -22.85 -39.94 55.55
CA LYS D 227 -24.06 -40.04 54.75
C LYS D 227 -24.85 -38.74 54.73
N GLU D 228 -24.85 -38.01 55.85
CA GLU D 228 -25.65 -36.79 55.95
C GLU D 228 -25.12 -35.68 55.05
N MET D 229 -23.79 -35.55 54.96
CA MET D 229 -23.18 -34.47 54.19
C MET D 229 -22.91 -34.86 52.75
N LEU D 230 -22.66 -36.14 52.48
CA LEU D 230 -22.35 -36.59 51.14
C LEU D 230 -23.50 -36.27 50.18
N ARG D 231 -24.74 -36.37 50.64
CA ARG D 231 -25.88 -36.07 49.78
C ARG D 231 -26.05 -34.56 49.56
N ILE D 232 -25.79 -33.77 50.59
CA ILE D 232 -25.73 -32.32 50.43
C ILE D 232 -24.74 -31.96 49.33
N LEU D 233 -23.55 -32.55 49.39
CA LEU D 233 -22.55 -32.31 48.34
C LEU D 233 -22.98 -32.91 47.00
N THR D 234 -23.73 -34.01 47.03
CA THR D 234 -24.18 -34.65 45.80
C THR D 234 -25.06 -33.71 44.99
N SER D 235 -25.96 -32.99 45.67
CA SER D 235 -26.86 -32.08 44.96
C SER D 235 -26.08 -30.98 44.24
N ALA D 236 -25.08 -30.40 44.91
CA ALA D 236 -24.37 -29.26 44.34
C ALA D 236 -23.31 -29.67 43.33
N THR D 237 -22.56 -30.74 43.64
CA THR D 237 -21.45 -31.16 42.79
C THR D 237 -21.95 -31.70 41.45
N GLU D 238 -23.03 -32.48 41.47
CA GLU D 238 -23.61 -33.09 40.28
C GLU D 238 -22.62 -34.00 39.56
N GLY D 239 -21.44 -34.20 40.13
CA GLY D 239 -20.41 -35.02 39.52
C GLY D 239 -19.31 -34.26 38.83
N TYR D 240 -19.31 -32.92 38.89
CA TYR D 240 -18.28 -32.11 38.26
C TYR D 240 -17.20 -31.79 39.28
N ILE D 241 -15.97 -32.21 39.02
CA ILE D 241 -14.88 -32.06 39.97
C ILE D 241 -14.59 -30.59 40.25
N GLY D 242 -14.89 -29.70 39.29
CA GLY D 242 -14.62 -28.30 39.49
C GLY D 242 -15.45 -27.70 40.62
N ARG D 243 -16.77 -27.91 40.55
CA ARG D 243 -17.65 -27.42 41.61
C ARG D 243 -17.28 -28.03 42.95
N LEU D 244 -16.98 -29.34 42.97
CA LEU D 244 -16.63 -30.01 44.21
C LEU D 244 -15.38 -29.41 44.83
N ASP D 245 -14.37 -29.11 44.01
CA ASP D 245 -13.15 -28.49 44.54
C ASP D 245 -13.44 -27.10 45.10
N GLU D 246 -14.10 -26.26 44.29
CA GLU D 246 -14.38 -24.89 44.69
C GLU D 246 -15.15 -24.83 46.01
N ILE D 247 -16.17 -25.70 46.15
CA ILE D 247 -17.00 -25.70 47.34
C ILE D 247 -16.17 -25.97 48.59
N LEU D 248 -15.33 -27.00 48.54
CA LEU D 248 -14.55 -27.39 49.72
C LEU D 248 -13.51 -26.34 50.06
N ARG D 249 -12.85 -25.77 49.05
CA ARG D 249 -11.86 -24.73 49.33
C ARG D 249 -12.49 -23.55 50.07
N GLU D 250 -13.61 -23.04 49.54
CA GLU D 250 -14.24 -21.89 50.18
C GLU D 250 -14.79 -22.24 51.56
N ALA D 251 -15.39 -23.43 51.70
CA ALA D 251 -15.92 -23.85 53.00
C ALA D 251 -14.82 -23.93 54.04
N ALA D 252 -13.65 -24.45 53.65
CA ALA D 252 -12.53 -24.52 54.58
C ALA D 252 -12.05 -23.12 54.97
N ILE D 253 -11.97 -22.21 53.99
CA ILE D 253 -11.57 -20.83 54.31
C ILE D 253 -12.51 -20.23 55.36
N ARG D 254 -13.82 -20.37 55.15
CA ARG D 254 -14.76 -19.75 56.07
C ARG D 254 -14.76 -20.43 57.43
N SER D 255 -14.61 -21.76 57.46
CA SER D 255 -14.59 -22.46 58.73
C SER D 255 -13.38 -22.06 59.57
N LEU D 256 -12.22 -21.89 58.92
CA LEU D 256 -11.05 -21.44 59.66
C LEU D 256 -11.18 -19.98 60.08
N SER D 257 -11.71 -19.13 59.20
CA SER D 257 -11.85 -17.71 59.52
C SER D 257 -12.80 -17.49 60.69
N ARG D 258 -13.74 -18.40 60.91
CA ARG D 258 -14.64 -18.34 62.06
C ARG D 258 -14.08 -19.06 63.28
N GLY D 259 -12.87 -19.60 63.19
CA GLY D 259 -12.20 -20.18 64.33
C GLY D 259 -12.40 -21.66 64.55
N LEU D 260 -12.73 -22.42 63.51
CA LEU D 260 -12.99 -23.85 63.65
C LEU D 260 -11.80 -24.67 63.19
N LYS D 261 -11.74 -25.91 63.68
CA LYS D 261 -10.74 -26.88 63.23
C LYS D 261 -11.22 -27.70 62.05
N LYS D 262 -12.49 -27.59 61.67
CA LYS D 262 -13.04 -28.39 60.59
C LYS D 262 -14.29 -27.71 60.04
N ILE D 263 -14.63 -28.07 58.80
CA ILE D 263 -15.85 -27.58 58.18
C ILE D 263 -17.06 -28.19 58.87
N ASP D 264 -18.15 -27.42 58.95
CA ASP D 264 -19.36 -27.85 59.63
C ASP D 264 -20.53 -27.92 58.65
N LYS D 265 -21.64 -28.51 59.12
CA LYS D 265 -22.81 -28.71 58.27
C LYS D 265 -23.39 -27.39 57.80
N ALA D 266 -23.51 -26.41 58.71
CA ALA D 266 -24.13 -25.14 58.38
C ALA D 266 -23.36 -24.43 57.26
N VAL D 267 -22.03 -24.44 57.32
CA VAL D 267 -21.23 -23.72 56.33
C VAL D 267 -21.32 -24.39 54.96
N LEU D 268 -21.29 -25.73 54.94
CA LEU D 268 -21.46 -26.44 53.68
C LEU D 268 -22.78 -26.07 53.02
N GLN D 269 -23.86 -26.09 53.80
CA GLN D 269 -25.17 -25.72 53.26
C GLN D 269 -25.17 -24.28 52.75
N GLU D 270 -24.53 -23.37 53.49
CA GLU D 270 -24.49 -21.97 53.09
C GLU D 270 -23.81 -21.80 51.74
N VAL D 271 -22.64 -22.44 51.58
CA VAL D 271 -21.88 -22.29 50.33
C VAL D 271 -22.67 -22.84 49.16
N ALA D 272 -23.26 -24.04 49.33
CA ALA D 272 -23.99 -24.64 48.21
C ALA D 272 -25.24 -23.83 47.88
N LYS D 273 -25.93 -23.30 48.89
CA LYS D 273 -27.14 -22.53 48.65
C LYS D 273 -26.83 -21.21 47.95
N GLU D 274 -25.73 -20.56 48.32
CA GLU D 274 -25.35 -19.31 47.66
C GLU D 274 -25.10 -19.53 46.18
N TYR D 275 -24.55 -20.68 45.82
CA TYR D 275 -24.22 -20.98 44.43
C TYR D 275 -25.40 -21.62 43.71
N GLU E 19 17.10 -55.16 18.90
CA GLU E 19 16.04 -56.16 18.96
C GLU E 19 15.42 -56.38 17.58
N TRP E 20 15.20 -57.65 17.24
CA TRP E 20 14.64 -58.00 15.93
C TRP E 20 13.22 -57.46 15.77
N LEU E 21 12.39 -57.62 16.80
CA LEU E 21 11.02 -57.12 16.77
C LEU E 21 11.00 -55.63 16.45
N GLN E 22 11.95 -54.88 17.02
CA GLN E 22 11.99 -53.44 16.78
C GLN E 22 12.27 -53.14 15.31
N ALA E 23 13.16 -53.91 14.68
CA ALA E 23 13.44 -53.70 13.26
C ALA E 23 12.20 -53.97 12.41
N GLU E 24 11.52 -55.09 12.68
CA GLU E 24 10.33 -55.41 11.89
C GLU E 24 9.23 -54.36 12.12
N ILE E 25 9.06 -53.92 13.36
CA ILE E 25 8.04 -52.90 13.66
C ILE E 25 8.39 -51.58 12.98
N ALA E 26 9.66 -51.19 13.03
CA ALA E 26 10.10 -49.97 12.36
C ALA E 26 9.78 -50.02 10.88
N ARG E 27 9.90 -51.20 10.27
CA ARG E 27 9.46 -51.33 8.88
C ARG E 27 7.94 -51.16 8.77
N LEU E 28 7.17 -51.81 9.65
CA LEU E 28 5.72 -51.83 9.51
C LEU E 28 5.10 -50.44 9.67
N LYS E 29 5.70 -49.57 10.48
CA LYS E 29 5.20 -48.20 10.57
C LYS E 29 5.62 -47.35 9.37
N GLY E 30 6.48 -47.86 8.49
CA GLY E 30 6.88 -47.14 7.30
C GLY E 30 5.95 -47.40 6.11
N LYS E 31 6.23 -46.70 5.02
CA LYS E 31 5.36 -46.71 3.84
C LYS E 31 5.98 -47.49 2.70
N SER E 32 5.11 -48.08 1.86
CA SER E 32 5.51 -48.82 0.68
C SER E 32 4.39 -48.68 -0.36
N ILE E 33 4.60 -49.28 -1.53
CA ILE E 33 3.62 -49.26 -2.61
C ILE E 33 3.32 -50.69 -3.04
N VAL E 34 2.04 -51.04 -3.14
CA VAL E 34 1.60 -52.36 -3.58
C VAL E 34 0.88 -52.19 -4.91
N PRO E 35 1.41 -52.76 -6.00
CA PRO E 35 0.79 -52.57 -7.32
C PRO E 35 -0.69 -52.98 -7.35
N LEU E 36 -1.49 -52.17 -8.04
CA LEU E 36 -2.92 -52.38 -8.16
C LEU E 36 -3.36 -52.19 -9.60
N GLN E 37 -4.54 -52.74 -9.92
CA GLN E 37 -5.10 -52.55 -11.25
C GLN E 37 -5.49 -51.10 -11.48
N GLN E 38 -6.04 -50.45 -10.44
CA GLN E 38 -6.44 -49.05 -10.56
C GLN E 38 -5.25 -48.12 -10.78
N VAL E 39 -4.04 -48.57 -10.47
CA VAL E 39 -2.84 -47.76 -10.73
C VAL E 39 -2.43 -47.89 -12.19
N LYS E 40 -2.37 -49.11 -12.70
CA LYS E 40 -2.00 -49.33 -14.10
C LYS E 40 -3.01 -48.70 -15.04
N THR E 41 -4.30 -48.77 -14.69
CA THR E 41 -5.33 -48.15 -15.52
C THR E 41 -5.08 -46.65 -15.65
N LEU E 42 -4.88 -45.96 -14.52
CA LEU E 42 -4.59 -44.53 -14.55
C LEU E 42 -3.31 -44.24 -15.30
N HIS E 43 -2.29 -45.08 -15.13
CA HIS E 43 -1.01 -44.83 -15.80
C HIS E 43 -1.16 -44.90 -17.31
N ASP E 44 -1.85 -45.93 -17.81
CA ASP E 44 -2.05 -46.04 -19.26
C ASP E 44 -2.92 -44.90 -19.78
N TRP E 45 -3.97 -44.54 -19.04
CA TRP E 45 -4.83 -43.44 -19.46
C TRP E 45 -4.06 -42.13 -19.56
N LEU E 46 -3.31 -41.80 -18.50
CA LEU E 46 -2.53 -40.56 -18.50
C LEU E 46 -1.39 -40.62 -19.49
N ASP E 47 -0.86 -41.81 -19.78
CA ASP E 47 0.19 -41.93 -20.79
C ASP E 47 -0.35 -41.59 -22.17
N GLY E 48 -1.52 -42.14 -22.51
CA GLY E 48 -2.17 -41.74 -23.74
C GLY E 48 -2.46 -40.25 -23.78
N LYS E 49 -2.90 -39.69 -22.64
CA LYS E 49 -3.20 -38.26 -22.60
C LYS E 49 -1.96 -37.40 -22.77
N ARG E 50 -0.83 -37.84 -22.20
CA ARG E 50 0.42 -37.08 -22.31
C ARG E 50 0.96 -37.16 -23.72
N LYS E 51 0.89 -38.33 -24.36
CA LYS E 51 1.27 -38.43 -25.76
C LYS E 51 0.33 -37.61 -26.64
N ALA E 52 -0.93 -37.47 -26.24
CA ALA E 52 -1.89 -36.67 -26.99
C ALA E 52 -1.95 -35.22 -26.53
N ARG E 53 -1.47 -34.93 -25.32
CA ARG E 53 -1.37 -33.57 -24.80
C ARG E 53 -2.74 -32.87 -24.73
N LYS E 54 -3.70 -33.56 -24.12
CA LYS E 54 -5.04 -33.01 -23.90
C LYS E 54 -5.34 -33.01 -22.41
N SER E 55 -5.84 -31.88 -21.91
CA SER E 55 -6.11 -31.73 -20.48
C SER E 55 -7.33 -32.55 -20.08
N CYS E 56 -7.35 -32.97 -18.81
CA CYS E 56 -8.40 -33.81 -18.28
C CYS E 56 -8.40 -33.68 -16.75
N ARG E 57 -9.05 -34.63 -16.07
CA ARG E 57 -9.11 -34.59 -14.62
C ARG E 57 -9.36 -35.99 -14.08
N VAL E 58 -9.02 -36.19 -12.81
CA VAL E 58 -9.22 -37.45 -12.10
C VAL E 58 -10.03 -37.16 -10.84
N VAL E 59 -11.17 -37.84 -10.70
CA VAL E 59 -12.11 -37.60 -9.60
C VAL E 59 -12.34 -38.90 -8.84
N GLY E 60 -12.33 -38.81 -7.52
CA GLY E 60 -12.57 -39.99 -6.68
C GLY E 60 -12.72 -39.58 -5.23
N GLU E 61 -13.00 -40.59 -4.40
CA GLU E 61 -13.20 -40.37 -2.97
C GLU E 61 -11.86 -40.35 -2.24
N SER E 62 -11.91 -39.92 -0.98
CA SER E 62 -10.72 -39.87 -0.15
C SER E 62 -10.35 -41.28 0.34
N ARG E 63 -9.08 -41.43 0.74
CA ARG E 63 -8.55 -42.69 1.21
C ARG E 63 -8.64 -43.80 0.14
N THR E 64 -8.66 -43.39 -1.13
CA THR E 64 -8.65 -44.33 -2.25
C THR E 64 -7.27 -44.49 -2.86
N GLY E 65 -6.29 -43.70 -2.43
CA GLY E 65 -4.92 -43.87 -2.85
C GLY E 65 -4.56 -43.26 -4.19
N LYS E 66 -5.43 -42.43 -4.78
CA LYS E 66 -5.14 -41.88 -6.09
C LYS E 66 -3.94 -40.94 -6.07
N THR E 67 -3.73 -40.24 -4.96
CA THR E 67 -2.55 -39.38 -4.82
C THR E 67 -1.26 -40.19 -4.97
N VAL E 68 -1.22 -41.37 -4.33
CA VAL E 68 -0.07 -42.25 -4.47
C VAL E 68 0.10 -42.66 -5.93
N ALA E 69 -1.01 -42.86 -6.65
CA ALA E 69 -0.91 -43.25 -8.06
C ALA E 69 -0.28 -42.14 -8.90
N CYS E 70 -0.68 -40.89 -8.67
CA CYS E 70 -0.05 -39.78 -9.38
C CYS E 70 1.44 -39.69 -9.06
N ASP E 71 1.79 -39.82 -7.78
CA ASP E 71 3.19 -39.75 -7.39
C ASP E 71 4.01 -40.88 -8.02
N ALA E 72 3.46 -42.09 -8.03
CA ALA E 72 4.16 -43.23 -8.63
C ALA E 72 4.35 -43.03 -10.13
N TYR E 73 3.30 -42.53 -10.81
CA TYR E 73 3.43 -42.24 -12.23
C TYR E 73 4.55 -41.25 -12.49
N ARG E 74 4.66 -40.21 -11.65
CA ARG E 74 5.77 -39.28 -11.81
C ARG E 74 7.11 -39.98 -11.62
N TYR E 75 7.18 -40.91 -10.66
CA TYR E 75 8.45 -41.60 -10.43
C TYR E 75 8.86 -42.46 -11.63
N ARG E 76 7.90 -42.99 -12.38
CA ARG E 76 8.25 -43.80 -13.55
C ARG E 76 9.10 -43.02 -14.56
N HIS E 77 8.78 -41.74 -14.78
CA HIS E 77 9.51 -40.90 -15.72
C HIS E 77 10.41 -39.95 -14.93
N LYS E 78 11.72 -40.14 -15.07
CA LYS E 78 12.66 -39.29 -14.34
C LYS E 78 13.41 -38.36 -15.30
N PRO E 79 13.79 -37.17 -14.84
CA PRO E 79 14.49 -36.23 -15.73
C PRO E 79 15.93 -36.67 -15.99
N GLN E 80 16.34 -36.56 -17.25
CA GLN E 80 17.69 -36.93 -17.68
C GLN E 80 18.38 -35.71 -18.26
N GLN E 81 19.63 -35.45 -17.83
CA GLN E 81 20.40 -34.30 -18.30
C GLN E 81 21.85 -34.71 -18.51
N GLU E 82 22.10 -35.47 -19.59
CA GLU E 82 23.45 -35.87 -19.93
C GLU E 82 24.26 -34.67 -20.44
N ALA E 83 23.61 -33.78 -21.19
CA ALA E 83 24.28 -32.65 -21.80
C ALA E 83 24.34 -31.46 -20.83
N GLY E 84 24.98 -30.38 -21.28
CA GLY E 84 25.09 -29.16 -20.51
C GLY E 84 23.87 -28.26 -20.54
N ARG E 85 22.87 -28.59 -21.35
CA ARG E 85 21.64 -27.84 -21.43
C ARG E 85 20.79 -28.07 -20.18
N PRO E 86 19.77 -27.24 -19.95
CA PRO E 86 18.91 -27.47 -18.79
C PRO E 86 18.23 -28.82 -18.88
N PRO E 87 17.97 -29.46 -17.74
CA PRO E 87 17.38 -30.80 -17.77
C PRO E 87 15.97 -30.79 -18.31
N THR E 88 15.62 -31.88 -19.00
CA THR E 88 14.28 -32.03 -19.57
C THR E 88 13.39 -32.74 -18.56
N VAL E 89 12.48 -32.00 -17.94
CA VAL E 89 11.57 -32.54 -16.94
C VAL E 89 10.24 -32.83 -17.63
N PRO E 90 9.83 -34.08 -17.76
CA PRO E 90 8.59 -34.38 -18.47
C PRO E 90 7.32 -34.07 -17.69
N VAL E 91 7.34 -34.29 -16.37
CA VAL E 91 6.14 -34.18 -15.55
C VAL E 91 6.40 -33.24 -14.38
N VAL E 92 5.44 -32.33 -14.13
CA VAL E 92 5.45 -31.44 -12.98
C VAL E 92 4.30 -31.82 -12.06
N TYR E 93 4.57 -31.91 -10.76
CA TYR E 93 3.57 -32.31 -9.78
C TYR E 93 3.60 -31.34 -8.60
N ILE E 94 2.45 -30.71 -8.31
CA ILE E 94 2.36 -29.71 -7.26
C ILE E 94 1.14 -29.99 -6.39
N ARG E 95 1.17 -29.42 -5.18
CA ARG E 95 0.07 -29.54 -4.22
C ARG E 95 -0.25 -28.15 -3.69
N PRO E 96 -1.22 -27.45 -4.28
CA PRO E 96 -1.58 -26.11 -3.80
C PRO E 96 -2.10 -26.17 -2.37
N HIS E 97 -1.85 -25.09 -1.62
CA HIS E 97 -2.33 -25.00 -0.26
C HIS E 97 -3.77 -24.51 -0.23
N GLN E 98 -4.35 -24.49 0.98
CA GLN E 98 -5.72 -24.03 1.14
C GLN E 98 -5.85 -22.59 0.67
N LYS E 99 -6.79 -22.34 -0.25
CA LYS E 99 -7.04 -21.02 -0.82
C LYS E 99 -5.79 -20.48 -1.52
N CYS E 100 -5.16 -21.33 -2.33
CA CYS E 100 -3.98 -20.92 -3.07
C CYS E 100 -4.36 -19.98 -4.21
N GLY E 101 -3.65 -18.86 -4.31
CA GLY E 101 -3.89 -17.88 -5.34
C GLY E 101 -2.94 -18.03 -6.52
N PRO E 102 -3.02 -17.10 -7.48
CA PRO E 102 -2.14 -17.21 -8.66
C PRO E 102 -0.66 -17.15 -8.31
N LYS E 103 -0.26 -16.19 -7.47
CA LYS E 103 1.15 -16.00 -7.15
C LYS E 103 1.75 -17.24 -6.50
N ASP E 104 1.04 -17.84 -5.54
CA ASP E 104 1.55 -19.02 -4.86
C ASP E 104 1.65 -20.22 -5.79
N LEU E 105 0.67 -20.38 -6.68
CA LEU E 105 0.73 -21.46 -7.67
C LEU E 105 1.96 -21.31 -8.55
N PHE E 106 2.19 -20.09 -9.06
CA PHE E 106 3.39 -19.83 -9.87
C PHE E 106 4.65 -20.09 -9.07
N LYS E 107 4.67 -19.70 -7.79
CA LYS E 107 5.84 -19.92 -6.95
C LYS E 107 6.16 -21.41 -6.83
N LYS E 108 5.14 -22.23 -6.60
CA LYS E 108 5.37 -23.67 -6.47
C LYS E 108 5.88 -24.26 -7.78
N ILE E 109 5.29 -23.84 -8.92
CA ILE E 109 5.76 -24.34 -10.20
C ILE E 109 7.24 -23.99 -10.40
N THR E 110 7.62 -22.76 -10.05
CA THR E 110 9.01 -22.33 -10.23
C THR E 110 9.95 -23.12 -9.33
N GLU E 111 9.57 -23.33 -8.07
CA GLU E 111 10.44 -24.04 -7.14
C GLU E 111 10.60 -25.50 -7.54
N TYR E 112 9.54 -26.12 -8.06
CA TYR E 112 9.61 -27.51 -8.47
C TYR E 112 10.71 -27.73 -9.51
N LEU E 113 10.81 -26.82 -10.48
CA LEU E 113 11.79 -26.92 -11.55
C LEU E 113 13.20 -26.49 -11.13
N LYS E 114 13.39 -26.21 -9.84
CA LYS E 114 14.71 -25.84 -9.29
C LYS E 114 15.21 -24.52 -9.87
N TYR E 115 14.33 -23.51 -9.90
CA TYR E 115 14.68 -22.18 -10.36
C TYR E 115 14.47 -21.17 -9.25
N ARG E 116 15.25 -20.08 -9.29
CA ARG E 116 15.12 -19.02 -8.30
C ARG E 116 13.84 -18.24 -8.51
N VAL E 117 13.08 -18.03 -7.43
CA VAL E 117 11.87 -17.23 -7.49
C VAL E 117 12.27 -15.76 -7.40
N THR E 118 11.86 -14.97 -8.39
CA THR E 118 12.17 -13.56 -8.41
C THR E 118 11.16 -12.77 -7.59
N LYS E 119 11.57 -11.58 -7.16
CA LYS E 119 10.67 -10.64 -6.52
C LYS E 119 9.98 -9.79 -7.59
N GLY E 120 8.78 -9.33 -7.27
CA GLY E 120 8.03 -8.49 -8.19
C GLY E 120 6.55 -8.75 -8.06
N THR E 121 5.83 -8.46 -9.14
CA THR E 121 4.37 -8.51 -9.16
C THR E 121 3.86 -9.86 -9.67
N VAL E 122 2.53 -10.00 -9.70
CA VAL E 122 1.90 -11.22 -10.18
C VAL E 122 2.16 -11.41 -11.67
N SER E 123 2.14 -10.33 -12.45
CA SER E 123 2.41 -10.43 -13.88
C SER E 123 3.85 -10.85 -14.15
N ASP E 124 4.80 -10.31 -13.39
CA ASP E 124 6.19 -10.73 -13.51
C ASP E 124 6.33 -12.22 -13.21
N PHE E 125 5.67 -12.68 -12.14
CA PHE E 125 5.66 -14.10 -11.80
C PHE E 125 5.10 -14.94 -12.94
N ARG E 126 4.04 -14.47 -13.58
CA ARG E 126 3.41 -15.20 -14.68
C ARG E 126 4.39 -15.36 -15.84
N ASP E 127 5.04 -14.27 -16.23
CA ASP E 127 6.03 -14.34 -17.31
C ASP E 127 7.16 -15.29 -16.95
N ARG E 128 7.65 -15.21 -15.71
CA ARG E 128 8.74 -16.08 -15.27
C ARG E 128 8.33 -17.55 -15.31
N THR E 129 7.11 -17.85 -14.86
CA THR E 129 6.62 -19.22 -14.89
C THR E 129 6.55 -19.74 -16.32
N ILE E 130 6.04 -18.92 -17.25
CA ILE E 130 5.97 -19.36 -18.64
C ILE E 130 7.36 -19.64 -19.18
N GLU E 131 8.33 -18.79 -18.83
CA GLU E 131 9.71 -19.01 -19.31
C GLU E 131 10.25 -20.34 -18.82
N VAL E 132 10.15 -20.59 -17.50
CA VAL E 132 10.69 -21.83 -16.95
C VAL E 132 9.89 -23.03 -17.42
N LEU E 133 8.65 -22.84 -17.91
CA LEU E 133 7.90 -23.95 -18.48
C LEU E 133 8.35 -24.24 -19.91
N LYS E 134 8.61 -23.19 -20.70
CA LYS E 134 8.99 -23.39 -22.09
C LYS E 134 10.40 -23.96 -22.21
N GLY E 135 11.31 -23.55 -21.31
CA GLY E 135 12.67 -24.04 -21.39
C GLY E 135 12.76 -25.55 -21.24
N CYS E 136 12.09 -26.09 -20.23
CA CYS E 136 12.08 -27.52 -19.99
C CYS E 136 11.00 -28.21 -20.83
N GLY E 137 10.98 -29.54 -20.77
CA GLY E 137 9.96 -30.30 -21.46
C GLY E 137 8.57 -29.98 -20.96
N VAL E 138 8.30 -30.34 -19.70
CA VAL E 138 7.03 -30.07 -19.04
C VAL E 138 5.87 -30.55 -19.91
N GLU E 139 5.89 -31.82 -20.30
CA GLU E 139 4.82 -32.35 -21.15
C GLU E 139 3.51 -32.47 -20.39
N MET E 140 3.56 -32.67 -19.07
CA MET E 140 2.37 -32.90 -18.27
C MET E 140 2.48 -32.15 -16.95
N LEU E 141 1.37 -31.59 -16.49
CA LEU E 141 1.28 -30.89 -15.22
C LEU E 141 0.13 -31.47 -14.41
N ILE E 142 0.44 -32.03 -13.24
CA ILE E 142 -0.54 -32.67 -12.38
C ILE E 142 -0.75 -31.80 -11.14
N ILE E 143 -1.99 -31.39 -10.90
CA ILE E 143 -2.34 -30.54 -9.77
C ILE E 143 -3.14 -31.40 -8.79
N ASP E 144 -2.55 -31.68 -7.63
CA ASP E 144 -3.17 -32.53 -6.62
C ASP E 144 -4.09 -31.73 -5.72
N GLU E 145 -5.24 -32.31 -5.38
CA GLU E 145 -6.28 -31.64 -4.61
C GLU E 145 -6.62 -30.30 -5.23
N ALA E 146 -6.91 -30.34 -6.54
CA ALA E 146 -7.17 -29.12 -7.31
C ALA E 146 -8.37 -28.35 -6.78
N ASP E 147 -9.18 -28.97 -5.93
CA ASP E 147 -10.33 -28.27 -5.35
C ASP E 147 -9.90 -27.08 -4.50
N ARG E 148 -8.68 -27.13 -3.94
CA ARG E 148 -8.23 -26.04 -3.09
C ARG E 148 -8.03 -24.74 -3.88
N LEU E 149 -7.80 -24.85 -5.19
CA LEU E 149 -7.48 -23.69 -5.99
C LEU E 149 -8.64 -22.70 -6.03
N LYS E 150 -8.32 -21.41 -5.86
CA LYS E 150 -9.34 -20.37 -5.84
C LYS E 150 -10.08 -20.33 -7.18
N PRO E 151 -11.33 -19.82 -7.17
CA PRO E 151 -12.05 -19.71 -8.45
C PRO E 151 -11.37 -18.81 -9.46
N GLU E 152 -10.73 -17.73 -8.99
CA GLU E 152 -10.13 -16.76 -9.91
C GLU E 152 -8.86 -17.31 -10.55
N THR E 153 -8.07 -18.11 -9.84
CA THR E 153 -6.82 -18.60 -10.39
C THR E 153 -6.99 -19.82 -11.28
N PHE E 154 -8.21 -20.35 -11.42
CA PHE E 154 -8.44 -21.46 -12.34
C PHE E 154 -8.24 -21.01 -13.79
N ALA E 155 -8.63 -19.77 -14.09
CA ALA E 155 -8.49 -19.25 -15.44
C ALA E 155 -7.03 -19.19 -15.88
N ASP E 156 -6.11 -18.94 -14.94
CA ASP E 156 -4.70 -18.94 -15.30
C ASP E 156 -4.23 -20.33 -15.68
N VAL E 157 -4.68 -21.36 -14.95
CA VAL E 157 -4.37 -22.73 -15.33
C VAL E 157 -4.90 -23.04 -16.72
N ARG E 158 -6.12 -22.58 -17.01
CA ARG E 158 -6.67 -22.76 -18.35
C ARG E 158 -5.82 -22.06 -19.41
N ASP E 159 -5.40 -20.83 -19.11
CA ASP E 159 -4.56 -20.07 -20.04
C ASP E 159 -3.24 -20.79 -20.30
N ILE E 160 -2.67 -21.40 -19.27
CA ILE E 160 -1.43 -22.17 -19.46
C ILE E 160 -1.70 -23.38 -20.34
N ALA E 161 -2.81 -24.08 -20.09
CA ALA E 161 -3.16 -25.24 -20.91
C ALA E 161 -3.32 -24.86 -22.38
N GLU E 162 -3.78 -23.64 -22.65
CA GLU E 162 -3.93 -23.20 -24.05
C GLU E 162 -2.61 -22.71 -24.64
N ASP E 163 -1.86 -21.90 -23.88
CA ASP E 163 -0.67 -21.25 -24.41
C ASP E 163 0.44 -22.24 -24.65
N LEU E 164 0.61 -23.21 -23.75
CA LEU E 164 1.66 -24.21 -23.86
C LEU E 164 1.05 -25.58 -24.07
N GLY E 165 1.81 -26.44 -24.77
CA GLY E 165 1.37 -27.80 -24.99
C GLY E 165 1.65 -28.69 -23.79
N ILE E 166 0.88 -28.49 -22.72
CA ILE E 166 1.04 -29.24 -21.48
C ILE E 166 -0.27 -29.93 -21.15
N ALA E 167 -0.19 -31.21 -20.79
CA ALA E 167 -1.38 -31.98 -20.43
C ALA E 167 -1.69 -31.75 -18.95
N VAL E 168 -2.38 -30.63 -18.69
CA VAL E 168 -2.79 -30.30 -17.33
C VAL E 168 -3.77 -31.35 -16.83
N VAL E 169 -3.57 -31.81 -15.60
CA VAL E 169 -4.40 -32.85 -15.00
C VAL E 169 -4.87 -32.36 -13.63
N LEU E 170 -6.19 -32.25 -13.46
CA LEU E 170 -6.77 -31.82 -12.19
C LEU E 170 -7.20 -33.06 -11.41
N VAL E 171 -6.56 -33.29 -10.26
CA VAL E 171 -6.87 -34.41 -9.39
C VAL E 171 -7.61 -33.86 -8.18
N GLY E 172 -8.87 -34.25 -8.01
CA GLY E 172 -9.66 -33.73 -6.91
C GLY E 172 -10.80 -34.66 -6.54
N THR E 173 -11.51 -34.28 -5.47
CA THR E 173 -12.65 -35.04 -4.99
C THR E 173 -13.93 -34.49 -5.64
N ASP E 174 -15.08 -34.74 -5.02
CA ASP E 174 -16.35 -34.38 -5.65
C ASP E 174 -16.50 -32.88 -5.83
N ARG E 175 -15.90 -32.08 -4.95
CA ARG E 175 -15.98 -30.62 -5.07
C ARG E 175 -15.47 -30.13 -6.42
N LEU E 176 -14.66 -30.96 -7.11
CA LEU E 176 -14.16 -30.60 -8.43
C LEU E 176 -15.29 -30.37 -9.42
N ASP E 177 -16.27 -31.27 -9.44
CA ASP E 177 -17.38 -31.14 -10.39
C ASP E 177 -18.18 -29.86 -10.12
N ALA E 178 -18.55 -29.66 -8.85
CA ALA E 178 -19.33 -28.47 -8.50
C ALA E 178 -18.57 -27.19 -8.83
N VAL E 179 -17.26 -27.16 -8.57
CA VAL E 179 -16.49 -25.93 -8.78
C VAL E 179 -16.24 -25.70 -10.26
N ILE E 180 -15.88 -26.74 -11.02
CA ILE E 180 -15.57 -26.57 -12.43
C ILE E 180 -16.81 -26.18 -13.22
N LYS E 181 -17.96 -26.79 -12.90
CA LYS E 181 -19.17 -26.43 -13.64
C LYS E 181 -19.63 -25.00 -13.39
N ARG E 182 -18.94 -24.25 -12.52
CA ARG E 182 -19.29 -22.85 -12.28
C ARG E 182 -18.77 -21.92 -13.37
N ASP E 183 -17.78 -22.34 -14.15
CA ASP E 183 -17.20 -21.51 -15.20
C ASP E 183 -17.22 -22.29 -16.51
N GLU E 184 -17.83 -21.68 -17.54
CA GLU E 184 -18.04 -22.39 -18.80
C GLU E 184 -16.73 -22.64 -19.53
N GLN E 185 -15.80 -21.68 -19.50
CA GLN E 185 -14.55 -21.84 -20.24
C GLN E 185 -13.69 -22.96 -19.66
N VAL E 186 -13.60 -23.03 -18.33
CA VAL E 186 -12.85 -24.10 -17.68
C VAL E 186 -13.50 -25.44 -17.96
N LEU E 187 -14.84 -25.52 -17.84
CA LEU E 187 -15.55 -26.75 -18.17
C LEU E 187 -15.32 -27.16 -19.61
N GLU E 188 -15.21 -26.18 -20.52
CA GLU E 188 -14.88 -26.50 -21.90
C GLU E 188 -13.49 -27.10 -22.00
N ARG E 189 -12.52 -26.50 -21.30
CA ARG E 189 -11.15 -26.99 -21.37
C ARG E 189 -11.03 -28.40 -20.81
N PHE E 190 -11.76 -28.69 -19.72
CA PHE E 190 -11.68 -29.98 -19.05
C PHE E 190 -12.97 -30.75 -19.31
N ARG E 191 -12.87 -31.87 -20.04
CA ARG E 191 -14.04 -32.68 -20.33
C ARG E 191 -13.77 -34.15 -20.02
N ALA E 192 -12.73 -34.71 -20.63
CA ALA E 192 -12.37 -36.10 -20.36
C ALA E 192 -12.00 -36.27 -18.90
N HIS E 193 -12.38 -37.41 -18.32
CA HIS E 193 -12.13 -37.65 -16.91
C HIS E 193 -12.06 -39.14 -16.63
N LEU E 194 -11.36 -39.48 -15.57
CA LEU E 194 -11.26 -40.85 -15.07
C LEU E 194 -11.81 -40.91 -13.65
N ARG E 195 -12.51 -41.98 -13.34
CA ARG E 195 -13.14 -42.16 -12.04
C ARG E 195 -12.40 -43.20 -11.22
N PHE E 196 -12.26 -42.94 -9.93
CA PHE E 196 -11.80 -43.92 -8.96
C PHE E 196 -13.00 -44.46 -8.19
N GLY E 197 -12.90 -45.73 -7.80
CA GLY E 197 -13.96 -46.35 -7.02
C GLY E 197 -13.47 -46.91 -5.69
N LYS E 198 -14.19 -47.88 -5.14
CA LYS E 198 -13.82 -48.54 -3.90
C LYS E 198 -13.63 -50.03 -4.14
N LEU E 199 -12.74 -50.64 -3.37
CA LEU E 199 -12.52 -52.08 -3.46
C LEU E 199 -13.76 -52.83 -3.04
N SER E 200 -14.11 -53.87 -3.79
CA SER E 200 -15.31 -54.63 -3.50
C SER E 200 -15.22 -56.02 -4.12
N GLY E 201 -15.88 -56.97 -3.48
CA GLY E 201 -15.96 -58.32 -4.01
C GLY E 201 -14.61 -58.97 -4.14
N GLU E 202 -14.43 -59.70 -5.25
CA GLU E 202 -13.18 -60.42 -5.50
C GLU E 202 -11.99 -59.47 -5.48
N ASP E 203 -12.16 -58.24 -5.96
CA ASP E 203 -11.07 -57.27 -5.93
C ASP E 203 -10.63 -56.99 -4.49
N PHE E 204 -11.60 -56.79 -3.61
CA PHE E 204 -11.28 -56.55 -2.20
C PHE E 204 -10.60 -57.76 -1.58
N LYS E 205 -11.13 -58.96 -1.83
CA LYS E 205 -10.54 -60.16 -1.26
C LYS E 205 -9.11 -60.37 -1.78
N ASN E 206 -8.92 -60.20 -3.09
CA ASN E 206 -7.59 -60.32 -3.67
C ASN E 206 -6.65 -59.26 -3.11
N THR E 207 -7.14 -58.04 -2.90
CA THR E 207 -6.29 -56.98 -2.39
C THR E 207 -5.85 -57.27 -0.95
N VAL E 208 -6.75 -57.78 -0.12
CA VAL E 208 -6.38 -58.11 1.25
C VAL E 208 -5.34 -59.24 1.26
N GLU E 209 -5.60 -60.30 0.48
CA GLU E 209 -4.64 -61.40 0.42
C GLU E 209 -3.30 -60.95 -0.15
N MET E 210 -3.32 -60.01 -1.10
CA MET E 210 -2.11 -59.49 -1.69
C MET E 210 -1.34 -58.62 -0.70
N TRP E 211 -2.06 -57.84 0.10
CA TRP E 211 -1.43 -57.01 1.12
C TRP E 211 -0.79 -57.85 2.21
N GLU E 212 -1.35 -59.03 2.49
CA GLU E 212 -0.72 -59.88 3.51
C GLU E 212 0.64 -60.39 3.06
N GLN E 213 0.79 -60.74 1.78
CA GLN E 213 2.03 -61.33 1.29
C GLN E 213 3.02 -60.29 0.78
N MET E 214 2.53 -59.13 0.31
CA MET E 214 3.42 -58.10 -0.22
C MET E 214 3.88 -57.12 0.85
N VAL E 215 3.07 -56.86 1.87
CA VAL E 215 3.41 -55.89 2.90
C VAL E 215 3.84 -56.59 4.18
N LEU E 216 2.99 -57.48 4.70
CA LEU E 216 3.31 -58.20 5.92
C LEU E 216 4.26 -59.35 5.62
N LYS E 217 5.24 -59.55 6.52
CA LYS E 217 6.22 -60.61 6.39
C LYS E 217 6.29 -61.43 7.66
N LEU E 218 5.14 -61.62 8.32
CA LEU E 218 5.11 -62.38 9.55
C LEU E 218 5.49 -63.83 9.30
N PRO E 219 6.23 -64.47 10.23
CA PRO E 219 6.67 -65.85 9.98
C PRO E 219 5.54 -66.84 9.74
N VAL E 220 4.36 -66.61 10.31
CA VAL E 220 3.21 -67.49 10.15
C VAL E 220 2.07 -66.68 9.52
N SER E 221 1.44 -67.25 8.50
CA SER E 221 0.35 -66.57 7.82
C SER E 221 -0.84 -66.37 8.77
N SER E 222 -1.48 -65.21 8.65
CA SER E 222 -2.67 -64.91 9.42
C SER E 222 -3.96 -65.34 8.73
N ASN E 223 -3.89 -65.77 7.47
CA ASN E 223 -5.05 -66.25 6.71
C ASN E 223 -6.15 -65.19 6.66
N LEU E 224 -5.79 -63.98 6.23
CA LEU E 224 -6.69 -62.84 6.30
C LEU E 224 -7.86 -62.94 5.33
N LYS E 225 -7.74 -63.73 4.26
CA LYS E 225 -8.81 -63.87 3.29
C LYS E 225 -9.95 -64.76 3.77
N SER E 226 -9.74 -65.52 4.85
CA SER E 226 -10.75 -66.45 5.34
C SER E 226 -11.96 -65.72 5.92
N LYS E 227 -13.11 -66.39 5.91
CA LYS E 227 -14.37 -65.77 6.30
C LYS E 227 -14.29 -65.11 7.67
N GLU E 228 -13.77 -65.85 8.66
CA GLU E 228 -13.79 -65.40 10.06
C GLU E 228 -13.12 -64.04 10.23
N MET E 229 -12.04 -63.78 9.50
CA MET E 229 -11.33 -62.51 9.57
C MET E 229 -11.70 -61.56 8.45
N LEU E 230 -12.04 -62.09 7.27
CA LEU E 230 -12.44 -61.24 6.16
C LEU E 230 -13.66 -60.41 6.52
N ARG E 231 -14.57 -60.96 7.33
CA ARG E 231 -15.74 -60.19 7.71
C ARG E 231 -15.36 -58.97 8.55
N ILE E 232 -14.41 -59.13 9.47
CA ILE E 232 -13.95 -58.00 10.28
C ILE E 232 -13.31 -56.94 9.39
N LEU E 233 -12.42 -57.37 8.49
CA LEU E 233 -11.75 -56.40 7.63
C LEU E 233 -12.74 -55.70 6.70
N THR E 234 -13.74 -56.43 6.21
CA THR E 234 -14.75 -55.84 5.34
C THR E 234 -15.55 -54.78 6.08
N SER E 235 -15.99 -55.10 7.31
CA SER E 235 -16.78 -54.14 8.07
C SER E 235 -15.94 -52.92 8.46
N ALA E 236 -14.67 -53.12 8.79
CA ALA E 236 -13.84 -52.01 9.25
C ALA E 236 -13.37 -51.12 8.11
N THR E 237 -13.09 -51.68 6.93
CA THR E 237 -12.54 -50.89 5.83
C THR E 237 -13.64 -50.11 5.11
N GLU E 238 -14.76 -50.77 4.80
CA GLU E 238 -15.88 -50.15 4.09
C GLU E 238 -15.47 -49.59 2.73
N GLY E 239 -14.51 -50.25 2.07
CA GLY E 239 -14.15 -49.91 0.71
C GLY E 239 -12.98 -48.96 0.54
N TYR E 240 -12.40 -48.45 1.61
CA TYR E 240 -11.35 -47.44 1.50
C TYR E 240 -9.98 -48.10 1.76
N ILE E 241 -9.10 -48.00 0.76
CA ILE E 241 -7.82 -48.69 0.85
C ILE E 241 -6.92 -48.08 1.92
N GLY E 242 -7.03 -46.78 2.16
CA GLY E 242 -6.21 -46.16 3.21
C GLY E 242 -6.54 -46.69 4.59
N ARG E 243 -7.85 -46.77 4.90
CA ARG E 243 -8.29 -47.37 6.14
C ARG E 243 -7.71 -48.78 6.31
N LEU E 244 -7.80 -49.58 5.24
CA LEU E 244 -7.31 -50.95 5.28
C LEU E 244 -5.81 -51.01 5.54
N ASP E 245 -5.04 -50.16 4.86
CA ASP E 245 -3.60 -50.13 5.06
C ASP E 245 -3.25 -49.86 6.51
N GLU E 246 -3.86 -48.82 7.10
CA GLU E 246 -3.57 -48.49 8.48
C GLU E 246 -3.89 -49.66 9.41
N ILE E 247 -5.08 -50.26 9.23
CA ILE E 247 -5.52 -51.33 10.12
C ILE E 247 -4.54 -52.50 10.07
N LEU E 248 -4.14 -52.90 8.86
CA LEU E 248 -3.28 -54.07 8.72
C LEU E 248 -1.91 -53.83 9.37
N ARG E 249 -1.30 -52.68 9.08
CA ARG E 249 0.00 -52.39 9.68
C ARG E 249 -0.08 -52.41 11.20
N GLU E 250 -1.14 -51.82 11.76
CA GLU E 250 -1.22 -51.75 13.22
C GLU E 250 -1.45 -53.12 13.84
N ALA E 251 -2.32 -53.95 13.25
CA ALA E 251 -2.56 -55.28 13.78
C ALA E 251 -1.27 -56.10 13.80
N ALA E 252 -0.50 -56.04 12.72
CA ALA E 252 0.76 -56.79 12.69
C ALA E 252 1.74 -56.27 13.75
N ILE E 253 1.83 -54.94 13.92
CA ILE E 253 2.74 -54.38 14.90
C ILE E 253 2.35 -54.83 16.31
N ARG E 254 1.07 -54.78 16.63
CA ARG E 254 0.61 -55.19 17.95
C ARG E 254 0.87 -56.68 18.18
N SER E 255 0.67 -57.49 17.15
CA SER E 255 0.95 -58.92 17.28
C SER E 255 2.43 -59.18 17.55
N LEU E 256 3.32 -58.44 16.87
CA LEU E 256 4.75 -58.61 17.12
C LEU E 256 5.14 -58.12 18.51
N SER E 257 4.59 -56.98 18.93
CA SER E 257 4.93 -56.42 20.24
C SER E 257 4.39 -57.28 21.38
N ARG E 258 3.33 -58.03 21.13
CA ARG E 258 2.76 -58.94 22.11
C ARG E 258 3.40 -60.33 22.07
N GLY E 259 4.42 -60.52 21.22
CA GLY E 259 5.08 -61.80 21.10
C GLY E 259 4.38 -62.81 20.23
N LEU E 260 3.27 -62.45 19.60
CA LEU E 260 2.52 -63.38 18.77
C LEU E 260 3.15 -63.45 17.39
N LYS E 261 3.37 -64.68 16.91
CA LYS E 261 3.99 -64.87 15.60
C LYS E 261 3.07 -64.35 14.49
N LYS E 262 1.76 -64.54 14.64
CA LYS E 262 0.78 -64.11 13.65
C LYS E 262 -0.18 -63.11 14.28
N ILE E 263 -1.25 -62.80 13.55
CA ILE E 263 -2.25 -61.81 13.98
C ILE E 263 -3.45 -62.57 14.52
N ASP E 264 -3.70 -62.46 15.82
CA ASP E 264 -4.89 -63.06 16.40
C ASP E 264 -6.14 -62.32 15.97
N LYS E 265 -7.26 -63.05 15.93
CA LYS E 265 -8.53 -62.47 15.49
C LYS E 265 -9.03 -61.41 16.47
N ALA E 266 -8.90 -61.69 17.77
CA ALA E 266 -9.34 -60.74 18.79
C ALA E 266 -8.57 -59.42 18.69
N VAL E 267 -7.28 -59.49 18.36
CA VAL E 267 -6.48 -58.28 18.21
C VAL E 267 -7.03 -57.41 17.09
N LEU E 268 -7.42 -58.05 15.98
CA LEU E 268 -8.04 -57.32 14.88
C LEU E 268 -9.30 -56.62 15.33
N GLN E 269 -10.15 -57.33 16.09
CA GLN E 269 -11.35 -56.69 16.63
C GLN E 269 -11.00 -55.45 17.46
N GLU E 270 -9.96 -55.56 18.30
CA GLU E 270 -9.55 -54.43 19.12
C GLU E 270 -9.19 -53.22 18.27
N VAL E 271 -8.38 -53.45 17.23
CA VAL E 271 -7.97 -52.34 16.36
C VAL E 271 -9.19 -51.68 15.72
N ALA E 272 -10.12 -52.49 15.22
CA ALA E 272 -11.29 -51.93 14.55
C ALA E 272 -12.10 -51.05 15.49
N LYS E 273 -12.30 -51.50 16.73
CA LYS E 273 -13.11 -50.72 17.66
C LYS E 273 -12.40 -49.44 18.09
N GLU E 274 -11.08 -49.50 18.26
CA GLU E 274 -10.37 -48.30 18.71
C GLU E 274 -10.38 -47.20 17.66
N TYR E 275 -10.31 -47.56 16.38
CA TYR E 275 -10.26 -46.58 15.31
C TYR E 275 -11.62 -46.45 14.63
N GLU F 19 10.20 -44.53 -39.31
CA GLU F 19 8.93 -45.12 -39.69
C GLU F 19 8.05 -44.09 -40.41
N TRP F 20 7.65 -44.41 -41.65
CA TRP F 20 6.80 -43.51 -42.42
C TRP F 20 5.46 -43.28 -41.74
N LEU F 21 4.92 -44.33 -41.12
CA LEU F 21 3.66 -44.19 -40.39
C LEU F 21 3.77 -43.11 -39.33
N GLN F 22 4.93 -42.97 -38.70
CA GLN F 22 5.13 -41.93 -37.70
C GLN F 22 5.01 -40.54 -38.30
N ALA F 23 5.63 -40.32 -39.47
CA ALA F 23 5.53 -39.01 -40.11
C ALA F 23 4.12 -38.72 -40.57
N GLU F 24 3.46 -39.72 -41.15
CA GLU F 24 2.07 -39.55 -41.57
C GLU F 24 1.17 -39.22 -40.39
N ILE F 25 1.43 -39.85 -39.23
CA ILE F 25 0.66 -39.55 -38.02
C ILE F 25 0.98 -38.15 -37.52
N ALA F 26 2.26 -37.77 -37.54
CA ALA F 26 2.68 -36.50 -36.98
C ALA F 26 2.11 -35.32 -37.74
N ARG F 27 1.93 -35.48 -39.06
CA ARG F 27 1.36 -34.37 -39.83
C ARG F 27 -0.04 -34.00 -39.36
N LEU F 28 -0.82 -34.97 -38.89
CA LEU F 28 -2.20 -34.70 -38.51
C LEU F 28 -2.29 -33.88 -37.23
N LYS F 29 -1.35 -34.08 -36.30
CA LYS F 29 -1.34 -33.35 -35.04
C LYS F 29 -1.08 -31.86 -35.26
N GLY F 30 -0.93 -31.44 -36.51
CA GLY F 30 -0.62 -30.07 -36.82
C GLY F 30 -1.84 -29.17 -36.87
N LYS F 31 -1.58 -27.88 -36.66
CA LYS F 31 -2.62 -26.85 -36.71
C LYS F 31 -2.74 -26.30 -38.13
N SER F 32 -3.97 -26.13 -38.59
CA SER F 32 -4.22 -25.68 -39.95
C SER F 32 -5.49 -24.85 -39.98
N ILE F 33 -5.61 -24.01 -41.01
CA ILE F 33 -6.76 -23.13 -41.19
C ILE F 33 -7.49 -23.51 -42.47
N VAL F 34 -8.81 -23.60 -42.40
CA VAL F 34 -9.66 -23.99 -43.51
C VAL F 34 -10.58 -22.82 -43.85
N PRO F 35 -10.55 -22.30 -45.07
CA PRO F 35 -11.48 -21.23 -45.46
C PRO F 35 -12.93 -21.64 -45.20
N LEU F 36 -13.69 -20.72 -44.63
CA LEU F 36 -15.09 -20.98 -44.31
C LEU F 36 -15.90 -19.72 -44.59
N GLN F 37 -17.23 -19.88 -44.62
CA GLN F 37 -18.12 -18.77 -44.92
C GLN F 37 -17.98 -17.66 -43.87
N GLN F 38 -17.95 -18.04 -42.59
CA GLN F 38 -17.86 -17.05 -41.53
C GLN F 38 -16.52 -16.31 -41.56
N VAL F 39 -15.44 -17.04 -41.84
CA VAL F 39 -14.11 -16.41 -41.91
C VAL F 39 -14.08 -15.39 -43.06
N LYS F 40 -14.62 -15.78 -44.22
CA LYS F 40 -14.68 -14.89 -45.37
C LYS F 40 -15.48 -13.63 -45.04
N THR F 41 -16.60 -13.79 -44.33
CA THR F 41 -17.38 -12.63 -43.93
C THR F 41 -16.57 -11.71 -43.01
N LEU F 42 -15.89 -12.30 -42.04
CA LEU F 42 -15.18 -11.52 -41.03
C LEU F 42 -14.08 -10.66 -41.64
N HIS F 43 -13.33 -11.22 -42.60
CA HIS F 43 -12.22 -10.46 -43.15
C HIS F 43 -12.69 -9.20 -43.86
N ASP F 44 -13.74 -9.33 -44.68
CA ASP F 44 -14.28 -8.17 -45.39
C ASP F 44 -14.85 -7.14 -44.41
N TRP F 45 -15.62 -7.61 -43.41
CA TRP F 45 -16.22 -6.68 -42.46
C TRP F 45 -15.16 -5.89 -41.70
N LEU F 46 -14.13 -6.59 -41.23
CA LEU F 46 -13.07 -5.94 -40.46
C LEU F 46 -12.26 -4.99 -41.33
N ASP F 47 -12.02 -5.34 -42.59
CA ASP F 47 -11.30 -4.43 -43.47
C ASP F 47 -12.11 -3.17 -43.74
N GLY F 48 -13.43 -3.31 -43.88
CA GLY F 48 -14.28 -2.14 -43.99
C GLY F 48 -14.16 -1.22 -42.78
N LYS F 49 -14.24 -1.81 -41.59
CA LYS F 49 -14.11 -0.99 -40.38
C LYS F 49 -12.71 -0.38 -40.26
N ARG F 50 -11.69 -1.09 -40.73
CA ARG F 50 -10.32 -0.58 -40.65
C ARG F 50 -10.13 0.62 -41.56
N LYS F 51 -10.56 0.50 -42.82
CA LYS F 51 -10.48 1.64 -43.73
C LYS F 51 -11.35 2.80 -43.25
N ALA F 52 -12.49 2.51 -42.61
CA ALA F 52 -13.31 3.56 -42.05
C ALA F 52 -12.72 4.14 -40.77
N ARG F 53 -11.80 3.43 -40.13
CA ARG F 53 -11.20 3.84 -38.85
C ARG F 53 -12.27 4.01 -37.78
N LYS F 54 -13.15 3.02 -37.67
CA LYS F 54 -14.26 3.06 -36.72
C LYS F 54 -14.28 1.80 -35.88
N SER F 55 -14.63 1.95 -34.60
CA SER F 55 -14.62 0.84 -33.66
C SER F 55 -15.84 -0.05 -33.82
N CYS F 56 -15.69 -1.32 -33.44
CA CYS F 56 -16.77 -2.29 -33.56
C CYS F 56 -16.47 -3.47 -32.62
N ARG F 57 -17.48 -4.33 -32.44
CA ARG F 57 -17.41 -5.39 -31.44
C ARG F 57 -17.70 -6.75 -32.05
N VAL F 58 -17.28 -7.79 -31.33
CA VAL F 58 -17.36 -9.17 -31.78
C VAL F 58 -17.89 -10.02 -30.62
N VAL F 59 -19.00 -10.71 -30.83
CA VAL F 59 -19.63 -11.53 -29.80
C VAL F 59 -20.00 -12.88 -30.40
N GLY F 60 -19.34 -13.94 -29.94
CA GLY F 60 -19.64 -15.28 -30.39
C GLY F 60 -19.45 -16.28 -29.26
N GLU F 61 -20.14 -17.41 -29.40
CA GLU F 61 -20.03 -18.47 -28.41
C GLU F 61 -18.68 -19.16 -28.53
N SER F 62 -18.31 -19.89 -27.48
CA SER F 62 -16.98 -20.48 -27.39
C SER F 62 -16.77 -21.55 -28.46
N ARG F 63 -15.51 -21.82 -28.76
CA ARG F 63 -15.11 -22.86 -29.72
C ARG F 63 -15.67 -22.59 -31.11
N THR F 64 -15.71 -21.31 -31.51
CA THR F 64 -16.19 -20.93 -32.83
C THR F 64 -15.07 -20.45 -33.75
N GLY F 65 -13.82 -20.49 -33.30
CA GLY F 65 -12.71 -20.13 -34.16
C GLY F 65 -12.61 -18.66 -34.52
N LYS F 66 -13.37 -17.78 -33.86
CA LYS F 66 -13.29 -16.37 -34.21
C LYS F 66 -11.90 -15.80 -33.93
N THR F 67 -11.19 -16.34 -32.93
CA THR F 67 -9.82 -15.94 -32.72
C THR F 67 -8.91 -16.48 -33.81
N VAL F 68 -9.22 -17.67 -34.34
CA VAL F 68 -8.50 -18.19 -35.50
C VAL F 68 -8.69 -17.26 -36.69
N ALA F 69 -9.91 -16.76 -36.88
CA ALA F 69 -10.18 -15.82 -37.96
C ALA F 69 -9.44 -14.50 -37.72
N CYS F 70 -9.35 -14.06 -36.46
CA CYS F 70 -8.59 -12.85 -36.17
C CYS F 70 -7.12 -13.03 -36.49
N ASP F 71 -6.55 -14.19 -36.14
CA ASP F 71 -5.17 -14.48 -36.49
C ASP F 71 -4.97 -14.50 -38.00
N ALA F 72 -5.92 -15.08 -38.74
CA ALA F 72 -5.81 -15.10 -40.19
C ALA F 72 -5.88 -13.70 -40.79
N TYR F 73 -6.80 -12.87 -40.28
CA TYR F 73 -6.90 -11.50 -40.74
C TYR F 73 -5.62 -10.73 -40.44
N ARG F 74 -4.98 -11.03 -39.30
CA ARG F 74 -3.70 -10.42 -38.98
C ARG F 74 -2.61 -10.89 -39.94
N TYR F 75 -2.64 -12.17 -40.31
CA TYR F 75 -1.67 -12.70 -41.26
C TYR F 75 -1.80 -12.07 -42.63
N ARG F 76 -3.04 -11.74 -43.04
CA ARG F 76 -3.26 -11.20 -44.38
C ARG F 76 -2.52 -9.89 -44.59
N HIS F 77 -2.47 -9.04 -43.57
CA HIS F 77 -1.82 -7.73 -43.66
C HIS F 77 -0.41 -7.85 -43.08
N LYS F 78 0.59 -7.60 -43.92
CA LYS F 78 1.97 -7.79 -43.51
C LYS F 78 2.63 -6.44 -43.22
N PRO F 79 3.15 -6.24 -42.01
CA PRO F 79 3.84 -4.98 -41.69
C PRO F 79 5.02 -4.73 -42.61
N GLN F 80 4.89 -3.74 -43.48
CA GLN F 80 5.89 -3.44 -44.49
C GLN F 80 6.99 -2.54 -43.90
N GLN F 81 8.21 -2.74 -44.38
CA GLN F 81 9.35 -1.90 -44.00
C GLN F 81 10.05 -1.40 -45.26
N GLU F 82 9.32 -0.58 -46.03
CA GLU F 82 9.87 -0.05 -47.27
C GLU F 82 11.04 0.89 -47.00
N ALA F 83 10.94 1.71 -45.96
CA ALA F 83 11.90 2.76 -45.67
C ALA F 83 12.49 2.57 -44.28
N GLY F 84 13.57 3.31 -44.02
CA GLY F 84 14.20 3.25 -42.71
C GLY F 84 13.31 3.77 -41.60
N ARG F 85 12.40 4.69 -41.92
CA ARG F 85 11.49 5.23 -40.93
C ARG F 85 10.64 4.11 -40.33
N PRO F 86 10.15 4.29 -39.10
CA PRO F 86 9.48 3.19 -38.36
C PRO F 86 8.52 2.40 -39.23
N PRO F 87 8.53 1.07 -39.09
CA PRO F 87 7.70 0.22 -39.95
C PRO F 87 6.21 0.52 -39.81
N THR F 88 5.50 0.37 -40.93
CA THR F 88 4.07 0.72 -41.01
C THR F 88 3.22 -0.49 -40.66
N VAL F 89 3.08 -0.72 -39.35
CA VAL F 89 2.21 -1.79 -38.86
C VAL F 89 0.77 -1.30 -38.87
N PRO F 90 -0.11 -1.90 -39.67
CA PRO F 90 -1.50 -1.41 -39.73
C PRO F 90 -2.45 -2.10 -38.77
N VAL F 91 -2.10 -3.28 -38.28
CA VAL F 91 -2.96 -4.08 -37.42
C VAL F 91 -2.25 -4.37 -36.11
N VAL F 92 -2.96 -4.18 -35.00
CA VAL F 92 -2.46 -4.50 -33.67
C VAL F 92 -3.31 -5.61 -33.09
N TYR F 93 -2.67 -6.58 -32.44
CA TYR F 93 -3.37 -7.74 -31.90
C TYR F 93 -2.79 -8.09 -30.54
N ILE F 94 -3.52 -7.76 -29.48
CA ILE F 94 -3.10 -8.05 -28.11
C ILE F 94 -4.15 -8.93 -27.44
N ARG F 95 -3.68 -9.93 -26.70
CA ARG F 95 -4.56 -10.84 -25.98
C ARG F 95 -4.35 -10.65 -24.48
N PRO F 96 -5.21 -9.90 -23.81
CA PRO F 96 -5.02 -9.66 -22.37
C PRO F 96 -5.19 -10.93 -21.54
N HIS F 97 -4.63 -10.87 -20.33
CA HIS F 97 -4.71 -11.99 -19.39
C HIS F 97 -5.94 -11.87 -18.51
N GLN F 98 -5.79 -12.17 -17.22
CA GLN F 98 -6.86 -12.07 -16.24
C GLN F 98 -6.56 -10.89 -15.31
N LYS F 99 -7.56 -10.04 -15.10
CA LYS F 99 -7.44 -8.86 -14.25
C LYS F 99 -6.34 -7.92 -14.73
N CYS F 100 -6.30 -7.70 -16.04
CA CYS F 100 -5.27 -6.84 -16.62
C CYS F 100 -5.56 -5.37 -16.31
N GLY F 101 -4.53 -4.67 -15.83
CA GLY F 101 -4.64 -3.26 -15.52
C GLY F 101 -4.15 -2.38 -16.64
N PRO F 102 -4.12 -1.06 -16.41
CA PRO F 102 -3.65 -0.16 -17.48
C PRO F 102 -2.21 -0.43 -17.90
N LYS F 103 -1.35 -0.80 -16.95
CA LYS F 103 0.07 -0.94 -17.23
C LYS F 103 0.34 -2.14 -18.13
N ASP F 104 -0.28 -3.29 -17.82
CA ASP F 104 -0.07 -4.48 -18.65
C ASP F 104 -0.62 -4.29 -20.05
N LEU F 105 -1.77 -3.63 -20.16
CA LEU F 105 -2.34 -3.32 -21.48
C LEU F 105 -1.39 -2.46 -22.30
N PHE F 106 -0.94 -1.33 -21.71
CA PHE F 106 -0.01 -0.46 -22.40
C PHE F 106 1.28 -1.18 -22.76
N LYS F 107 1.77 -2.03 -21.86
CA LYS F 107 3.03 -2.73 -22.08
C LYS F 107 2.91 -3.74 -23.22
N LYS F 108 1.77 -4.43 -23.31
CA LYS F 108 1.56 -5.35 -24.43
C LYS F 108 1.52 -4.60 -25.74
N ILE F 109 0.87 -3.43 -25.77
CA ILE F 109 0.88 -2.63 -26.99
C ILE F 109 2.32 -2.25 -27.35
N THR F 110 3.11 -1.85 -26.36
CA THR F 110 4.48 -1.42 -26.64
C THR F 110 5.34 -2.57 -27.16
N GLU F 111 5.25 -3.74 -26.51
CA GLU F 111 6.09 -4.88 -26.90
C GLU F 111 5.68 -5.44 -28.25
N TYR F 112 4.37 -5.44 -28.54
CA TYR F 112 3.88 -5.96 -29.82
C TYR F 112 4.56 -5.25 -30.98
N LEU F 113 4.70 -3.93 -30.91
CA LEU F 113 5.38 -3.16 -31.93
C LEU F 113 6.90 -3.22 -31.82
N LYS F 114 7.42 -4.18 -31.05
CA LYS F 114 8.86 -4.39 -30.88
C LYS F 114 9.55 -3.13 -30.38
N TYR F 115 8.97 -2.50 -29.37
CA TYR F 115 9.51 -1.27 -28.81
C TYR F 115 9.87 -1.45 -27.34
N ARG F 116 10.98 -0.84 -26.95
CA ARG F 116 11.54 -1.04 -25.61
C ARG F 116 10.59 -0.55 -24.53
N VAL F 117 10.41 -1.38 -23.50
CA VAL F 117 9.62 -1.02 -22.34
C VAL F 117 10.55 -0.39 -21.31
N THR F 118 10.49 0.93 -21.16
CA THR F 118 11.38 1.64 -20.26
C THR F 118 10.84 1.60 -18.83
N LYS F 119 11.72 1.93 -17.89
CA LYS F 119 11.31 2.09 -16.50
C LYS F 119 10.71 3.48 -16.29
N GLY F 120 9.78 3.57 -15.36
CA GLY F 120 9.14 4.83 -15.06
C GLY F 120 7.74 4.60 -14.53
N THR F 121 7.05 5.70 -14.26
CA THR F 121 5.74 5.66 -13.66
C THR F 121 4.67 5.22 -14.68
N VAL F 122 3.45 5.05 -14.19
CA VAL F 122 2.35 4.63 -15.03
C VAL F 122 1.90 5.76 -15.94
N SER F 123 1.96 7.01 -15.45
CA SER F 123 1.57 8.15 -16.29
C SER F 123 2.52 8.29 -17.49
N ASP F 124 3.82 8.16 -17.26
CA ASP F 124 4.79 8.12 -18.36
C ASP F 124 4.55 6.91 -19.25
N PHE F 125 4.24 5.77 -18.63
CA PHE F 125 3.95 4.54 -19.37
C PHE F 125 2.81 4.75 -20.36
N ARG F 126 1.79 5.49 -19.95
CA ARG F 126 0.64 5.72 -20.82
C ARG F 126 1.03 6.48 -22.08
N ASP F 127 1.95 7.43 -21.95
CA ASP F 127 2.37 8.22 -23.10
C ASP F 127 3.34 7.46 -24.00
N ARG F 128 4.08 6.50 -23.45
CA ARG F 128 4.98 5.71 -24.28
C ARG F 128 4.23 5.02 -25.42
N THR F 129 3.10 4.38 -25.10
CA THR F 129 2.32 3.68 -26.11
C THR F 129 1.70 4.65 -27.12
N ILE F 130 1.21 5.80 -26.64
CA ILE F 130 0.68 6.81 -27.53
C ILE F 130 1.75 7.25 -28.52
N GLU F 131 2.98 7.41 -28.05
CA GLU F 131 4.07 7.83 -28.92
C GLU F 131 4.41 6.76 -29.96
N VAL F 132 4.48 5.49 -29.53
CA VAL F 132 4.87 4.46 -30.48
C VAL F 132 3.77 4.19 -31.51
N LEU F 133 2.50 4.45 -31.15
CA LEU F 133 1.42 4.15 -32.08
C LEU F 133 1.44 5.04 -33.31
N LYS F 134 1.91 6.29 -33.17
CA LYS F 134 1.85 7.24 -34.29
C LYS F 134 2.81 6.85 -35.40
N GLY F 135 4.01 6.40 -35.04
CA GLY F 135 5.00 6.06 -36.06
C GLY F 135 4.51 5.00 -37.02
N CYS F 136 3.76 4.02 -36.52
CA CYS F 136 3.12 3.02 -37.36
C CYS F 136 1.68 3.42 -37.63
N GLY F 137 1.14 2.91 -38.73
CA GLY F 137 -0.24 3.20 -39.08
C GLY F 137 -1.21 2.84 -37.96
N VAL F 138 -1.34 1.54 -37.70
CA VAL F 138 -2.12 1.04 -36.58
C VAL F 138 -3.54 1.60 -36.62
N GLU F 139 -4.23 1.38 -37.73
CA GLU F 139 -5.60 1.86 -37.81
C GLU F 139 -6.53 1.02 -36.95
N MET F 140 -6.30 -0.30 -36.91
CA MET F 140 -7.17 -1.22 -36.18
C MET F 140 -6.38 -1.94 -35.10
N LEU F 141 -6.83 -1.80 -33.86
CA LEU F 141 -6.38 -2.60 -32.73
C LEU F 141 -7.46 -3.63 -32.44
N ILE F 142 -7.08 -4.90 -32.38
CA ILE F 142 -8.02 -5.99 -32.17
C ILE F 142 -7.72 -6.64 -30.84
N ILE F 143 -8.70 -6.63 -29.94
CA ILE F 143 -8.54 -7.12 -28.57
C ILE F 143 -9.27 -8.45 -28.45
N ASP F 144 -8.52 -9.55 -28.52
CA ASP F 144 -9.07 -10.86 -28.25
C ASP F 144 -9.27 -11.03 -26.74
N GLU F 145 -10.32 -11.77 -26.38
CA GLU F 145 -10.69 -11.98 -24.99
C GLU F 145 -10.86 -10.65 -24.26
N ALA F 146 -11.79 -9.85 -24.77
CA ALA F 146 -12.02 -8.50 -24.24
C ALA F 146 -12.67 -8.53 -22.86
N ASP F 147 -13.41 -9.60 -22.53
CA ASP F 147 -14.06 -9.67 -21.23
C ASP F 147 -13.04 -9.61 -20.09
N ARG F 148 -11.98 -10.41 -20.19
CA ARG F 148 -10.98 -10.46 -19.13
C ARG F 148 -10.18 -9.16 -19.09
N LEU F 149 -10.82 -8.08 -18.66
CA LEU F 149 -10.20 -6.77 -18.60
C LEU F 149 -10.92 -5.95 -17.54
N LYS F 150 -10.23 -4.91 -17.06
CA LYS F 150 -10.88 -4.14 -16.00
C LYS F 150 -11.67 -2.97 -16.57
N PRO F 151 -12.85 -2.70 -16.02
CA PRO F 151 -13.64 -1.55 -16.50
C PRO F 151 -12.92 -0.23 -16.38
N GLU F 152 -11.94 -0.12 -15.48
CA GLU F 152 -11.10 1.06 -15.39
C GLU F 152 -10.00 1.07 -16.43
N THR F 153 -9.88 0.01 -17.23
CA THR F 153 -9.06 0.00 -18.44
C THR F 153 -9.87 0.29 -19.69
N PHE F 154 -11.19 0.12 -19.62
CA PHE F 154 -12.06 0.51 -20.73
C PHE F 154 -11.96 2.00 -21.00
N ALA F 155 -11.71 2.80 -19.97
CA ALA F 155 -11.53 4.24 -20.18
C ALA F 155 -10.28 4.51 -21.02
N ASP F 156 -9.19 3.79 -20.75
CA ASP F 156 -8.00 3.94 -21.58
C ASP F 156 -8.24 3.45 -23.01
N VAL F 157 -8.89 2.29 -23.13
CA VAL F 157 -9.20 1.73 -24.44
C VAL F 157 -10.04 2.71 -25.25
N ARG F 158 -11.04 3.32 -24.61
CA ARG F 158 -11.90 4.29 -25.29
C ARG F 158 -11.21 5.62 -25.49
N ASP F 159 -10.23 5.95 -24.65
CA ASP F 159 -9.39 7.13 -24.90
C ASP F 159 -8.68 6.98 -26.23
N ILE F 160 -8.27 5.76 -26.57
CA ILE F 160 -7.69 5.54 -27.90
C ILE F 160 -8.72 5.88 -28.98
N ALA F 161 -9.97 5.44 -28.81
CA ALA F 161 -10.98 5.65 -29.85
C ALA F 161 -11.33 7.13 -30.01
N GLU F 162 -11.39 7.86 -28.90
CA GLU F 162 -11.72 9.28 -28.96
C GLU F 162 -10.56 10.11 -29.48
N ASP F 163 -9.36 9.85 -28.97
CA ASP F 163 -8.20 10.69 -29.27
C ASP F 163 -7.71 10.50 -30.69
N LEU F 164 -7.60 9.25 -31.13
CA LEU F 164 -7.08 8.93 -32.45
C LEU F 164 -8.14 8.22 -33.27
N GLY F 165 -8.03 8.34 -34.59
CA GLY F 165 -8.92 7.63 -35.49
C GLY F 165 -8.51 6.17 -35.60
N ILE F 166 -8.84 5.39 -34.58
CA ILE F 166 -8.43 3.98 -34.51
C ILE F 166 -9.67 3.11 -34.44
N ALA F 167 -9.69 2.06 -35.27
CA ALA F 167 -10.80 1.12 -35.31
C ALA F 167 -10.57 0.04 -34.25
N VAL F 168 -10.79 0.43 -33.00
CA VAL F 168 -10.59 -0.50 -31.87
C VAL F 168 -11.64 -1.60 -31.93
N VAL F 169 -11.18 -2.84 -31.96
CA VAL F 169 -12.06 -4.01 -32.05
C VAL F 169 -11.97 -4.78 -30.74
N LEU F 170 -13.13 -5.18 -30.21
CA LEU F 170 -13.22 -5.92 -28.95
C LEU F 170 -13.78 -7.31 -29.25
N VAL F 171 -12.90 -8.31 -29.23
CA VAL F 171 -13.31 -9.71 -29.39
C VAL F 171 -13.65 -10.27 -28.02
N GLY F 172 -14.89 -10.69 -27.83
CA GLY F 172 -15.28 -11.21 -26.54
C GLY F 172 -16.56 -12.02 -26.59
N THR F 173 -16.89 -12.59 -25.44
CA THR F 173 -18.04 -13.47 -25.26
C THR F 173 -19.21 -12.65 -24.70
N ASP F 174 -20.16 -13.32 -24.02
CA ASP F 174 -21.35 -12.63 -23.51
C ASP F 174 -21.00 -11.65 -22.38
N ARG F 175 -20.03 -12.03 -21.54
CA ARG F 175 -19.60 -11.15 -20.47
C ARG F 175 -19.10 -9.82 -21.02
N LEU F 176 -18.59 -9.81 -22.25
CA LEU F 176 -18.22 -8.56 -22.90
C LEU F 176 -19.42 -7.63 -23.04
N ASP F 177 -20.54 -8.16 -23.55
CA ASP F 177 -21.77 -7.37 -23.63
C ASP F 177 -22.17 -6.86 -22.25
N ALA F 178 -22.14 -7.75 -21.25
CA ALA F 178 -22.57 -7.36 -19.90
C ALA F 178 -21.74 -6.21 -19.35
N VAL F 179 -20.41 -6.26 -19.52
CA VAL F 179 -19.58 -5.20 -18.97
C VAL F 179 -19.70 -3.92 -19.80
N ILE F 180 -19.93 -4.05 -21.10
CA ILE F 180 -19.95 -2.85 -21.94
C ILE F 180 -21.22 -2.04 -21.71
N LYS F 181 -22.36 -2.71 -21.53
CA LYS F 181 -23.61 -1.96 -21.38
C LYS F 181 -23.59 -1.05 -20.15
N ARG F 182 -22.79 -1.38 -19.14
CA ARG F 182 -22.69 -0.60 -17.91
C ARG F 182 -22.03 0.78 -18.10
N ASP F 183 -21.83 1.23 -19.34
CA ASP F 183 -21.22 2.53 -19.60
C ASP F 183 -21.73 3.02 -20.94
N GLU F 184 -22.55 4.08 -20.93
CA GLU F 184 -23.18 4.54 -22.16
C GLU F 184 -22.15 5.05 -23.16
N GLN F 185 -21.07 5.68 -22.68
CA GLN F 185 -20.07 6.23 -23.59
C GLN F 185 -19.34 5.13 -24.34
N VAL F 186 -18.88 4.09 -23.61
CA VAL F 186 -18.25 2.95 -24.27
C VAL F 186 -19.22 2.29 -25.23
N LEU F 187 -20.49 2.15 -24.83
CA LEU F 187 -21.48 1.53 -25.68
C LEU F 187 -21.67 2.30 -26.98
N GLU F 188 -21.74 3.64 -26.89
CA GLU F 188 -21.92 4.46 -28.08
C GLU F 188 -20.69 4.39 -28.99
N ARG F 189 -19.50 4.38 -28.39
CA ARG F 189 -18.29 4.29 -29.20
C ARG F 189 -18.14 2.92 -29.86
N PHE F 190 -18.61 1.86 -29.19
CA PHE F 190 -18.48 0.49 -29.69
C PHE F 190 -19.85 -0.11 -30.02
N ARG F 191 -20.80 0.72 -30.48
CA ARG F 191 -22.15 0.23 -30.72
C ARG F 191 -22.18 -0.79 -31.85
N ALA F 192 -21.51 -0.49 -32.96
CA ALA F 192 -21.45 -1.43 -34.08
C ALA F 192 -20.78 -2.72 -33.63
N HIS F 193 -21.28 -3.84 -34.13
CA HIS F 193 -20.79 -5.14 -33.69
C HIS F 193 -21.13 -6.19 -34.74
N LEU F 194 -20.57 -7.38 -34.55
CA LEU F 194 -20.84 -8.54 -35.39
C LEU F 194 -21.15 -9.73 -34.49
N ARG F 195 -22.12 -10.56 -34.91
CA ARG F 195 -22.50 -11.75 -34.17
C ARG F 195 -22.15 -13.00 -34.96
N PHE F 196 -22.06 -14.12 -34.25
CA PHE F 196 -21.77 -15.42 -34.84
C PHE F 196 -22.93 -16.37 -34.53
N GLY F 197 -23.05 -17.40 -35.38
CA GLY F 197 -23.99 -18.47 -35.14
C GLY F 197 -23.29 -19.81 -34.99
N LYS F 198 -24.02 -20.90 -35.19
CA LYS F 198 -23.46 -22.25 -35.14
C LYS F 198 -23.71 -22.95 -36.47
N LEU F 199 -23.16 -24.15 -36.60
CA LEU F 199 -23.31 -24.97 -37.79
C LEU F 199 -24.29 -26.09 -37.52
N SER F 200 -25.31 -26.21 -38.38
CA SER F 200 -26.35 -27.21 -38.18
C SER F 200 -26.86 -27.69 -39.53
N GLY F 201 -27.33 -28.93 -39.55
CA GLY F 201 -27.95 -29.47 -40.76
C GLY F 201 -26.95 -29.65 -41.88
N GLU F 202 -27.34 -29.19 -43.08
CA GLU F 202 -26.50 -29.37 -44.26
C GLU F 202 -25.23 -28.53 -44.18
N ASP F 203 -25.28 -27.37 -43.52
CA ASP F 203 -24.08 -26.55 -43.36
C ASP F 203 -23.01 -27.31 -42.61
N PHE F 204 -23.40 -28.04 -41.54
CA PHE F 204 -22.45 -28.83 -40.79
C PHE F 204 -21.85 -29.95 -41.64
N LYS F 205 -22.69 -30.64 -42.43
CA LYS F 205 -22.19 -31.71 -43.29
C LYS F 205 -21.23 -31.18 -44.34
N ASN F 206 -21.55 -30.01 -44.91
CA ASN F 206 -20.64 -29.38 -45.87
C ASN F 206 -19.31 -29.06 -45.22
N THR F 207 -19.34 -28.50 -44.00
CA THR F 207 -18.10 -28.21 -43.28
C THR F 207 -17.33 -29.49 -43.01
N VAL F 208 -18.02 -30.58 -42.69
CA VAL F 208 -17.36 -31.84 -42.37
C VAL F 208 -16.64 -32.40 -43.60
N GLU F 209 -17.31 -32.39 -44.74
CA GLU F 209 -16.67 -32.88 -45.97
C GLU F 209 -15.51 -31.97 -46.37
N MET F 210 -15.68 -30.65 -46.22
CA MET F 210 -14.58 -29.72 -46.47
C MET F 210 -13.39 -30.04 -45.58
N TRP F 211 -13.63 -30.37 -44.32
CA TRP F 211 -12.56 -30.79 -43.42
C TRP F 211 -11.88 -32.05 -43.93
N GLU F 212 -12.67 -33.06 -44.26
CA GLU F 212 -12.12 -34.33 -44.72
C GLU F 212 -11.24 -34.16 -45.95
N GLN F 213 -11.58 -33.21 -46.83
CA GLN F 213 -10.80 -33.02 -48.04
C GLN F 213 -9.66 -32.02 -47.89
N MET F 214 -9.75 -31.11 -46.93
CA MET F 214 -8.72 -30.08 -46.80
C MET F 214 -7.68 -30.39 -45.72
N VAL F 215 -8.04 -31.11 -44.65
CA VAL F 215 -7.17 -31.27 -43.51
C VAL F 215 -6.84 -32.73 -43.23
N LEU F 216 -7.82 -33.62 -43.31
CA LEU F 216 -7.57 -35.04 -43.05
C LEU F 216 -6.45 -35.55 -43.96
N LYS F 217 -5.36 -36.00 -43.35
CA LYS F 217 -4.18 -36.45 -44.07
C LYS F 217 -4.20 -37.94 -44.37
N LEU F 218 -5.36 -38.60 -44.22
CA LEU F 218 -5.45 -40.02 -44.55
C LEU F 218 -5.59 -40.21 -46.06
N PRO F 219 -4.94 -41.21 -46.63
CA PRO F 219 -4.95 -41.36 -48.10
C PRO F 219 -6.29 -41.77 -48.69
N VAL F 220 -7.19 -42.35 -47.89
CA VAL F 220 -8.47 -42.83 -48.38
C VAL F 220 -9.58 -42.10 -47.63
N SER F 221 -10.62 -41.69 -48.36
CA SER F 221 -11.73 -40.98 -47.76
C SER F 221 -12.44 -41.83 -46.72
N SER F 222 -12.80 -41.20 -45.60
CA SER F 222 -13.55 -41.87 -44.54
C SER F 222 -15.05 -41.75 -44.71
N ASN F 223 -15.51 -40.96 -45.67
CA ASN F 223 -16.93 -40.72 -45.92
C ASN F 223 -17.62 -40.18 -44.67
N LEU F 224 -17.07 -39.07 -44.14
CA LEU F 224 -17.58 -38.48 -42.91
C LEU F 224 -18.93 -37.80 -43.08
N LYS F 225 -19.46 -37.73 -44.30
CA LYS F 225 -20.77 -37.14 -44.55
C LYS F 225 -21.89 -38.19 -44.53
N SER F 226 -21.61 -39.39 -44.04
CA SER F 226 -22.61 -40.45 -43.97
C SER F 226 -23.56 -40.21 -42.79
N LYS F 227 -24.75 -40.81 -42.89
CA LYS F 227 -25.78 -40.63 -41.86
C LYS F 227 -25.27 -41.04 -40.48
N GLU F 228 -24.54 -42.15 -40.42
CA GLU F 228 -24.06 -42.67 -39.14
C GLU F 228 -22.98 -41.77 -38.53
N MET F 229 -21.97 -41.44 -39.33
CA MET F 229 -20.89 -40.58 -38.86
C MET F 229 -21.42 -39.17 -38.58
N LEU F 230 -22.36 -38.69 -39.39
CA LEU F 230 -22.96 -37.38 -39.13
C LEU F 230 -23.77 -37.40 -37.84
N ARG F 231 -24.46 -38.51 -37.56
CA ARG F 231 -25.16 -38.65 -36.29
C ARG F 231 -24.19 -38.50 -35.12
N ILE F 232 -23.10 -39.27 -35.14
CA ILE F 232 -22.12 -39.20 -34.07
C ILE F 232 -21.53 -37.79 -33.96
N LEU F 233 -21.17 -37.20 -35.09
CA LEU F 233 -20.50 -35.90 -35.08
C LEU F 233 -21.43 -34.78 -34.66
N THR F 234 -22.70 -34.84 -35.08
CA THR F 234 -23.67 -33.84 -34.67
C THR F 234 -23.89 -33.89 -33.17
N SER F 235 -23.98 -35.09 -32.59
CA SER F 235 -24.14 -35.17 -31.15
C SER F 235 -22.86 -34.76 -30.42
N ALA F 236 -21.70 -35.09 -30.97
CA ALA F 236 -20.44 -34.89 -30.25
C ALA F 236 -19.97 -33.44 -30.32
N THR F 237 -20.19 -32.78 -31.46
CA THR F 237 -19.70 -31.42 -31.66
C THR F 237 -20.74 -30.36 -31.32
N GLU F 238 -22.03 -30.68 -31.50
CA GLU F 238 -23.12 -29.73 -31.26
C GLU F 238 -22.96 -28.45 -32.07
N GLY F 239 -22.34 -28.56 -33.25
CA GLY F 239 -22.14 -27.42 -34.12
C GLY F 239 -20.93 -26.58 -33.83
N TYR F 240 -20.10 -26.98 -32.86
CA TYR F 240 -18.88 -26.24 -32.53
C TYR F 240 -17.73 -26.77 -33.37
N ILE F 241 -17.04 -25.86 -34.06
CA ILE F 241 -16.03 -26.26 -35.02
C ILE F 241 -14.77 -26.80 -34.33
N GLY F 242 -14.46 -26.28 -33.15
CA GLY F 242 -13.30 -26.79 -32.42
C GLY F 242 -13.43 -28.26 -32.07
N ARG F 243 -14.62 -28.66 -31.60
CA ARG F 243 -14.87 -30.06 -31.31
C ARG F 243 -14.73 -30.93 -32.55
N LEU F 244 -15.27 -30.46 -33.68
CA LEU F 244 -15.13 -31.21 -34.92
C LEU F 244 -13.67 -31.44 -35.27
N ASP F 245 -12.87 -30.37 -35.23
CA ASP F 245 -11.44 -30.49 -35.52
C ASP F 245 -10.76 -31.51 -34.61
N GLU F 246 -10.91 -31.33 -33.29
CA GLU F 246 -10.24 -32.20 -32.33
C GLU F 246 -10.66 -33.66 -32.51
N ILE F 247 -11.97 -33.89 -32.63
CA ILE F 247 -12.50 -35.25 -32.69
C ILE F 247 -12.03 -35.96 -33.95
N LEU F 248 -12.06 -35.26 -35.09
CA LEU F 248 -11.66 -35.91 -36.33
C LEU F 248 -10.18 -36.24 -36.33
N ARG F 249 -9.34 -35.33 -35.83
CA ARG F 249 -7.91 -35.64 -35.75
C ARG F 249 -7.67 -36.87 -34.87
N GLU F 250 -8.31 -36.91 -33.70
CA GLU F 250 -8.11 -38.03 -32.79
C GLU F 250 -8.61 -39.34 -33.38
N ALA F 251 -9.76 -39.32 -34.05
CA ALA F 251 -10.29 -40.54 -34.67
C ALA F 251 -9.38 -41.03 -35.78
N ALA F 252 -8.84 -40.12 -36.58
CA ALA F 252 -7.88 -40.51 -37.61
C ALA F 252 -6.65 -41.18 -37.00
N ILE F 253 -6.15 -40.64 -35.88
CA ILE F 253 -4.99 -41.26 -35.23
C ILE F 253 -5.35 -42.64 -34.68
N ARG F 254 -6.53 -42.77 -34.06
CA ARG F 254 -6.96 -44.06 -33.51
C ARG F 254 -7.06 -45.10 -34.61
N SER F 255 -7.53 -44.71 -35.79
CA SER F 255 -7.63 -45.66 -36.90
C SER F 255 -6.26 -45.98 -37.48
N LEU F 256 -5.36 -44.99 -37.53
CA LEU F 256 -4.01 -45.23 -38.00
C LEU F 256 -3.28 -46.24 -37.12
N SER F 257 -3.54 -46.20 -35.81
CA SER F 257 -2.90 -47.12 -34.89
C SER F 257 -3.25 -48.57 -35.18
N ARG F 258 -4.37 -48.83 -35.87
CA ARG F 258 -4.77 -50.17 -36.26
C ARG F 258 -4.34 -50.52 -37.68
N GLY F 259 -3.64 -49.61 -38.36
CA GLY F 259 -3.15 -49.86 -39.70
C GLY F 259 -4.12 -49.55 -40.83
N LEU F 260 -5.07 -48.65 -40.62
CA LEU F 260 -6.10 -48.36 -41.61
C LEU F 260 -5.75 -47.12 -42.42
N LYS F 261 -6.33 -47.05 -43.61
CA LYS F 261 -6.23 -45.86 -44.47
C LYS F 261 -7.39 -44.89 -44.25
N LYS F 262 -8.35 -45.23 -43.39
CA LYS F 262 -9.50 -44.37 -43.15
C LYS F 262 -10.05 -44.66 -41.76
N ILE F 263 -11.00 -43.83 -41.34
CA ILE F 263 -11.58 -43.90 -40.00
C ILE F 263 -12.76 -44.86 -40.02
N ASP F 264 -12.71 -45.86 -39.14
CA ASP F 264 -13.85 -46.76 -38.95
C ASP F 264 -14.93 -46.07 -38.12
N LYS F 265 -16.16 -46.55 -38.27
CA LYS F 265 -17.29 -45.95 -37.57
C LYS F 265 -17.17 -46.14 -36.05
N ALA F 266 -16.74 -47.33 -35.63
CA ALA F 266 -16.60 -47.60 -34.20
C ALA F 266 -15.58 -46.67 -33.56
N VAL F 267 -14.52 -46.33 -34.28
CA VAL F 267 -13.50 -45.43 -33.74
C VAL F 267 -14.08 -44.05 -33.47
N LEU F 268 -14.86 -43.54 -34.43
CA LEU F 268 -15.50 -42.24 -34.25
C LEU F 268 -16.44 -42.27 -33.05
N GLN F 269 -17.23 -43.34 -32.91
CA GLN F 269 -18.10 -43.45 -31.74
C GLN F 269 -17.29 -43.46 -30.45
N GLU F 270 -16.14 -44.12 -30.44
CA GLU F 270 -15.30 -44.14 -29.25
C GLU F 270 -14.82 -42.75 -28.88
N VAL F 271 -14.41 -41.97 -29.89
CA VAL F 271 -13.99 -40.59 -29.62
C VAL F 271 -15.13 -39.80 -29.01
N ALA F 272 -16.34 -39.98 -29.53
CA ALA F 272 -17.50 -39.27 -28.97
C ALA F 272 -17.75 -39.68 -27.52
N LYS F 273 -17.60 -40.97 -27.22
CA LYS F 273 -17.85 -41.46 -25.87
C LYS F 273 -16.83 -40.89 -24.88
N GLU F 274 -15.57 -40.80 -25.29
CA GLU F 274 -14.54 -40.27 -24.39
C GLU F 274 -14.81 -38.82 -24.01
N TYR F 275 -15.27 -38.02 -24.97
CA TYR F 275 -15.55 -36.61 -24.73
C TYR F 275 -16.92 -36.43 -24.08
N GLU G 19 7.33 58.34 -35.24
CA GLU G 19 8.40 59.05 -35.93
C GLU G 19 9.03 58.16 -37.01
N TRP G 20 9.16 58.72 -38.21
CA TRP G 20 9.82 58.00 -39.31
C TRP G 20 11.27 57.69 -38.97
N LEU G 21 11.97 58.68 -38.39
CA LEU G 21 13.35 58.49 -37.96
C LEU G 21 13.48 57.27 -37.05
N GLN G 22 12.59 57.17 -36.06
CA GLN G 22 12.65 56.06 -35.12
C GLN G 22 12.34 54.73 -35.80
N ALA G 23 11.49 54.74 -36.83
CA ALA G 23 11.26 53.51 -37.59
C ALA G 23 12.53 53.07 -38.29
N GLU G 24 13.26 54.00 -38.90
CA GLU G 24 14.54 53.65 -39.51
C GLU G 24 15.53 53.18 -38.46
N ILE G 25 15.51 53.79 -37.27
CA ILE G 25 16.41 53.36 -36.20
C ILE G 25 16.09 51.93 -35.78
N ALA G 26 14.81 51.61 -35.61
CA ALA G 26 14.42 50.25 -35.26
C ALA G 26 14.86 49.25 -36.32
N ARG G 27 14.79 49.65 -37.59
CA ARG G 27 15.32 48.79 -38.65
C ARG G 27 16.82 48.62 -38.52
N LEU G 28 17.54 49.70 -38.19
CA LEU G 28 18.99 49.64 -38.10
C LEU G 28 19.45 48.81 -36.91
N LYS G 29 18.71 48.82 -35.81
CA LYS G 29 19.05 48.05 -34.63
C LYS G 29 18.53 46.62 -34.68
N GLY G 30 17.90 46.23 -35.80
CA GLY G 30 17.33 44.90 -35.91
C GLY G 30 18.29 43.90 -36.52
N LYS G 31 17.80 42.67 -36.69
CA LYS G 31 18.58 41.57 -37.24
C LYS G 31 18.35 41.46 -38.74
N SER G 32 19.42 41.20 -39.48
CA SER G 32 19.35 41.05 -40.93
C SER G 32 20.53 40.21 -41.40
N ILE G 33 20.45 39.74 -42.64
CA ILE G 33 21.47 38.88 -43.23
C ILE G 33 21.96 39.52 -44.53
N VAL G 34 23.28 39.59 -44.69
CA VAL G 34 23.90 39.96 -45.94
C VAL G 34 24.71 38.77 -46.43
N PRO G 35 24.28 38.07 -47.49
CA PRO G 35 25.00 36.87 -47.94
C PRO G 35 26.45 37.18 -48.31
N LEU G 36 27.35 36.29 -47.92
CA LEU G 36 28.77 36.42 -48.20
C LEU G 36 29.24 35.25 -49.06
N GLN G 37 30.39 35.45 -49.71
CA GLN G 37 31.03 34.36 -50.44
C GLN G 37 31.40 33.21 -49.50
N GLN G 38 31.78 33.53 -48.27
CA GLN G 38 32.03 32.50 -47.26
C GLN G 38 30.80 31.63 -47.07
N VAL G 39 29.61 32.24 -46.99
CA VAL G 39 28.38 31.49 -46.76
C VAL G 39 28.09 30.56 -47.93
N LYS G 40 28.20 31.07 -49.16
CA LYS G 40 27.90 30.25 -50.34
C LYS G 40 28.90 29.10 -50.46
N THR G 41 30.19 29.38 -50.27
CA THR G 41 31.20 28.33 -50.31
C THR G 41 30.90 27.24 -49.30
N LEU G 42 30.66 27.64 -48.04
CA LEU G 42 30.35 26.67 -47.00
C LEU G 42 29.10 25.89 -47.34
N HIS G 43 28.08 26.53 -47.92
CA HIS G 43 26.85 25.84 -48.23
C HIS G 43 27.07 24.75 -49.27
N ASP G 44 27.85 25.05 -50.32
CA ASP G 44 28.18 24.02 -51.30
C ASP G 44 28.89 22.85 -50.64
N TRP G 45 29.91 23.15 -49.83
CA TRP G 45 30.65 22.07 -49.17
C TRP G 45 29.77 21.29 -48.19
N LEU G 46 28.83 21.96 -47.53
CA LEU G 46 27.99 21.31 -46.54
C LEU G 46 26.96 20.39 -47.19
N ASP G 47 26.40 20.81 -48.33
CA ASP G 47 25.53 19.91 -49.08
C ASP G 47 26.31 18.69 -49.57
N GLY G 48 27.56 18.92 -50.00
CA GLY G 48 28.41 17.78 -50.35
C GLY G 48 28.59 16.81 -49.19
N LYS G 49 28.95 17.34 -48.02
CA LYS G 49 29.15 16.47 -46.85
C LYS G 49 27.86 15.82 -46.38
N ARG G 50 26.73 16.51 -46.54
CA ARG G 50 25.45 15.95 -46.14
C ARG G 50 25.06 14.76 -47.00
N LYS G 51 25.14 14.94 -48.33
CA LYS G 51 24.83 13.82 -49.22
C LYS G 51 25.86 12.70 -49.06
N ALA G 52 27.13 13.05 -48.85
CA ALA G 52 28.14 12.04 -48.60
C ALA G 52 28.01 11.42 -47.22
N ARG G 53 27.31 12.09 -46.29
CA ARG G 53 27.13 11.63 -44.92
C ARG G 53 28.48 11.47 -44.23
N LYS G 54 29.32 12.50 -44.33
CA LYS G 54 30.65 12.50 -43.74
C LYS G 54 30.76 13.60 -42.71
N SER G 55 31.24 13.25 -41.51
CA SER G 55 31.48 14.23 -40.48
C SER G 55 32.77 15.01 -40.78
N CYS G 56 32.79 16.27 -40.34
CA CYS G 56 33.92 17.14 -40.60
C CYS G 56 33.92 18.25 -39.55
N ARG G 57 34.96 19.08 -39.57
CA ARG G 57 35.06 20.27 -38.74
C ARG G 57 34.88 21.51 -39.59
N VAL G 58 34.71 22.65 -38.90
CA VAL G 58 34.76 23.97 -39.52
C VAL G 58 35.48 24.89 -38.52
N VAL G 59 36.69 25.32 -38.88
CA VAL G 59 37.57 26.05 -37.97
C VAL G 59 37.85 27.43 -38.56
N GLY G 60 37.74 28.46 -37.72
CA GLY G 60 38.03 29.81 -38.17
C GLY G 60 37.73 30.82 -37.09
N GLU G 61 37.98 32.09 -37.41
CA GLU G 61 37.78 33.17 -36.46
C GLU G 61 36.29 33.40 -36.22
N SER G 62 35.96 33.87 -35.02
CA SER G 62 34.60 34.22 -34.67
C SER G 62 34.21 35.56 -35.30
N ARG G 63 32.92 35.89 -35.23
CA ARG G 63 32.37 37.10 -35.83
C ARG G 63 32.64 37.15 -37.34
N THR G 64 32.68 35.99 -37.98
CA THR G 64 32.86 35.89 -39.43
C THR G 64 31.62 35.34 -40.11
N GLY G 65 30.45 35.45 -39.47
CA GLY G 65 29.23 34.95 -40.04
C GLY G 65 28.91 33.51 -39.74
N LYS G 66 29.45 32.94 -38.67
CA LYS G 66 29.16 31.55 -38.33
C LYS G 66 27.67 31.36 -38.06
N THR G 67 27.09 32.25 -37.25
CA THR G 67 25.65 32.20 -37.00
C THR G 67 24.87 32.39 -38.30
N VAL G 68 25.32 33.32 -39.15
CA VAL G 68 24.63 33.57 -40.41
C VAL G 68 24.70 32.33 -41.30
N ALA G 69 25.87 31.70 -41.39
CA ALA G 69 26.00 30.50 -42.20
C ALA G 69 25.08 29.40 -41.69
N CYS G 70 25.04 29.18 -40.37
CA CYS G 70 24.18 28.15 -39.82
C CYS G 70 22.70 28.44 -40.11
N ASP G 71 22.27 29.67 -39.86
CA ASP G 71 20.86 30.03 -40.06
C ASP G 71 20.47 29.94 -41.52
N ALA G 72 21.31 30.48 -42.42
CA ALA G 72 21.00 30.46 -43.84
C ALA G 72 21.00 29.03 -44.40
N TYR G 73 21.86 28.16 -43.87
CA TYR G 73 21.81 26.76 -44.29
C TYR G 73 20.55 26.08 -43.77
N ARG G 74 20.17 26.34 -42.52
CA ARG G 74 18.98 25.75 -41.95
C ARG G 74 17.72 26.24 -42.66
N TYR G 75 17.74 27.47 -43.18
CA TYR G 75 16.58 28.00 -43.89
C TYR G 75 16.29 27.23 -45.16
N ARG G 76 17.33 26.74 -45.84
CA ARG G 76 17.13 26.04 -47.10
C ARG G 76 16.43 24.71 -46.90
N HIS G 77 16.79 23.97 -45.85
CA HIS G 77 16.20 22.67 -45.55
C HIS G 77 15.20 22.83 -44.41
N LYS G 78 13.91 22.79 -44.75
CA LYS G 78 12.86 22.94 -43.76
C LYS G 78 12.08 21.64 -43.61
N PRO G 79 11.96 21.11 -42.39
CA PRO G 79 11.20 19.87 -42.20
C PRO G 79 9.73 20.04 -42.54
N GLN G 80 9.14 19.01 -43.12
CA GLN G 80 7.73 18.97 -43.46
C GLN G 80 7.09 17.75 -42.80
N GLN G 81 5.90 17.95 -42.21
CA GLN G 81 5.20 16.90 -41.47
C GLN G 81 3.74 16.81 -41.96
N GLU G 82 3.55 16.17 -43.11
CA GLU G 82 2.22 16.02 -43.67
C GLU G 82 1.40 14.92 -42.99
N ALA G 83 2.04 14.06 -42.20
CA ALA G 83 1.35 12.94 -41.56
C ALA G 83 1.72 12.90 -40.08
N GLY G 84 1.04 12.00 -39.35
CA GLY G 84 1.27 11.85 -37.92
C GLY G 84 2.60 11.23 -37.56
N ARG G 85 3.31 10.66 -38.53
CA ARG G 85 4.62 10.08 -38.27
C ARG G 85 5.66 11.19 -38.03
N PRO G 86 6.81 10.83 -37.49
CA PRO G 86 7.82 11.85 -37.21
C PRO G 86 8.18 12.63 -38.46
N PRO G 87 8.56 13.90 -38.31
CA PRO G 87 8.81 14.75 -39.48
C PRO G 87 10.05 14.33 -40.23
N THR G 88 10.07 14.60 -41.54
CA THR G 88 11.23 14.32 -42.38
C THR G 88 12.23 15.45 -42.18
N VAL G 89 12.99 15.35 -41.09
CA VAL G 89 14.00 16.33 -40.74
C VAL G 89 15.33 15.87 -41.34
N PRO G 90 15.94 16.63 -42.25
CA PRO G 90 17.23 16.20 -42.81
C PRO G 90 18.41 16.56 -41.92
N VAL G 91 18.37 17.72 -41.27
CA VAL G 91 19.51 18.23 -40.51
C VAL G 91 19.08 18.61 -39.09
N VAL G 92 19.94 18.31 -38.11
CA VAL G 92 19.75 18.70 -36.71
C VAL G 92 20.73 19.81 -36.39
N TYR G 93 20.27 20.81 -35.63
CA TYR G 93 21.09 21.95 -35.25
C TYR G 93 21.04 22.15 -33.75
N ILE G 94 22.20 22.12 -33.10
CA ILE G 94 22.31 22.29 -31.65
C ILE G 94 23.48 23.22 -31.34
N ARG G 95 23.45 23.78 -30.14
CA ARG G 95 24.55 24.59 -29.60
C ARG G 95 24.83 24.15 -28.17
N PRO G 96 25.90 23.38 -27.94
CA PRO G 96 26.20 22.93 -26.58
C PRO G 96 26.52 24.11 -25.67
N HIS G 97 26.08 23.98 -24.41
CA HIS G 97 26.36 25.00 -23.41
C HIS G 97 27.79 24.89 -22.91
N GLN G 98 28.30 25.98 -22.33
CA GLN G 98 29.61 25.94 -21.71
C GLN G 98 29.65 24.84 -20.65
N LYS G 99 30.68 24.00 -20.73
CA LYS G 99 30.80 22.81 -19.87
C LYS G 99 29.65 21.83 -20.11
N CYS G 100 29.30 21.63 -21.38
CA CYS G 100 28.23 20.71 -21.73
C CYS G 100 28.68 19.26 -21.54
N GLY G 101 27.83 18.46 -20.89
CA GLY G 101 28.09 17.07 -20.70
C GLY G 101 27.28 16.20 -21.65
N PRO G 102 27.45 14.88 -21.56
CA PRO G 102 26.68 13.99 -22.45
C PRO G 102 25.17 14.17 -22.30
N LYS G 103 24.69 14.29 -21.06
CA LYS G 103 23.27 14.47 -20.81
C LYS G 103 22.73 15.69 -21.53
N ASP G 104 23.53 16.76 -21.62
CA ASP G 104 23.07 17.99 -22.25
C ASP G 104 23.00 17.87 -23.76
N LEU G 105 23.98 17.19 -24.38
CA LEU G 105 23.89 16.90 -25.81
C LEU G 105 22.62 16.12 -26.12
N PHE G 106 22.38 15.06 -25.36
CA PHE G 106 21.19 14.24 -25.60
C PHE G 106 19.91 15.06 -25.41
N LYS G 107 19.87 15.89 -24.36
CA LYS G 107 18.67 16.69 -24.09
C LYS G 107 18.41 17.69 -25.21
N LYS G 108 19.46 18.37 -25.68
CA LYS G 108 19.27 19.37 -26.73
C LYS G 108 18.83 18.73 -28.03
N ILE G 109 19.41 17.57 -28.39
CA ILE G 109 18.96 16.87 -29.58
C ILE G 109 17.50 16.48 -29.45
N THR G 110 17.11 15.98 -28.27
CA THR G 110 15.72 15.57 -28.07
C THR G 110 14.76 16.75 -28.18
N GLU G 111 15.11 17.88 -27.57
CA GLU G 111 14.24 19.04 -27.60
C GLU G 111 14.11 19.62 -29.00
N TYR G 112 15.22 19.65 -29.76
CA TYR G 112 15.18 20.18 -31.11
C TYR G 112 14.16 19.45 -31.97
N LEU G 113 14.10 18.13 -31.85
CA LEU G 113 13.22 17.30 -32.66
C LEU G 113 11.79 17.25 -32.10
N LYS G 114 11.49 18.07 -31.09
CA LYS G 114 10.14 18.21 -30.53
C LYS G 114 9.67 16.93 -29.84
N TYR G 115 10.55 16.37 -29.01
CA TYR G 115 10.23 15.18 -28.23
C TYR G 115 10.41 15.46 -26.75
N ARG G 116 9.66 14.71 -25.93
CA ARG G 116 9.77 14.85 -24.48
C ARG G 116 11.12 14.31 -23.99
N VAL G 117 11.75 15.06 -23.11
CA VAL G 117 13.04 14.66 -22.54
C VAL G 117 12.78 13.60 -21.47
N THR G 118 13.38 12.43 -21.63
CA THR G 118 13.23 11.38 -20.64
C THR G 118 13.94 11.77 -19.34
N LYS G 119 13.46 11.22 -18.23
CA LYS G 119 14.12 11.37 -16.94
C LYS G 119 14.97 10.14 -16.68
N GLY G 120 16.06 10.33 -15.94
CA GLY G 120 16.98 9.25 -15.66
C GLY G 120 18.44 9.65 -15.85
N THR G 121 19.27 8.70 -16.29
CA THR G 121 20.70 8.89 -16.40
C THR G 121 21.16 8.98 -17.86
N VAL G 122 22.47 8.94 -18.05
CA VAL G 122 23.06 9.14 -19.37
C VAL G 122 22.71 7.98 -20.30
N SER G 123 22.64 6.76 -19.77
CA SER G 123 22.28 5.61 -20.60
C SER G 123 20.86 5.76 -21.14
N ASP G 124 19.93 6.20 -20.28
CA ASP G 124 18.56 6.40 -20.71
C ASP G 124 18.45 7.51 -21.76
N PHE G 125 19.15 8.63 -21.51
CA PHE G 125 19.17 9.73 -22.48
C PHE G 125 19.76 9.26 -23.80
N ARG G 126 20.79 8.42 -23.75
CA ARG G 126 21.43 7.92 -24.97
C ARG G 126 20.45 7.08 -25.79
N ASP G 127 19.75 6.15 -25.14
CA ASP G 127 18.76 5.34 -25.84
C ASP G 127 17.66 6.22 -26.44
N ARG G 128 17.16 7.18 -25.66
CA ARG G 128 16.11 8.08 -26.13
C ARG G 128 16.58 8.86 -27.36
N THR G 129 17.80 9.37 -27.32
CA THR G 129 18.34 10.16 -28.42
C THR G 129 18.48 9.32 -29.68
N ILE G 130 19.01 8.10 -29.56
CA ILE G 130 19.16 7.25 -30.74
C ILE G 130 17.80 6.94 -31.33
N GLU G 131 16.80 6.70 -30.48
CA GLU G 131 15.44 6.43 -30.97
C GLU G 131 14.93 7.59 -31.82
N VAL G 132 14.96 8.81 -31.24
CA VAL G 132 14.42 9.96 -31.97
C VAL G 132 15.23 10.24 -33.23
N LEU G 133 16.54 10.05 -33.17
CA LEU G 133 17.38 10.26 -34.34
C LEU G 133 17.07 9.25 -35.44
N LYS G 134 16.78 8.00 -35.05
CA LYS G 134 16.48 6.97 -36.02
C LYS G 134 15.16 7.24 -36.73
N GLY G 135 14.18 7.78 -36.01
CA GLY G 135 12.91 8.10 -36.63
C GLY G 135 13.06 9.03 -37.83
N CYS G 136 13.76 10.15 -37.65
CA CYS G 136 13.94 11.11 -38.73
C CYS G 136 15.11 10.72 -39.61
N GLY G 137 15.25 11.42 -40.74
CA GLY G 137 16.35 11.19 -41.65
C GLY G 137 17.69 11.50 -41.00
N VAL G 138 17.83 12.72 -40.50
CA VAL G 138 19.03 13.19 -39.81
C VAL G 138 20.27 12.86 -40.64
N GLU G 139 20.32 13.36 -41.87
CA GLU G 139 21.50 13.15 -42.70
C GLU G 139 22.70 13.92 -42.18
N MET G 140 22.47 15.07 -41.56
CA MET G 140 23.53 15.98 -41.14
C MET G 140 23.18 16.55 -39.78
N LEU G 141 24.21 16.87 -38.99
CA LEU G 141 24.03 17.48 -37.68
C LEU G 141 25.07 18.58 -37.50
N ILE G 142 24.61 19.78 -37.15
CA ILE G 142 25.48 20.93 -36.96
C ILE G 142 25.63 21.20 -35.46
N ILE G 143 26.86 21.35 -35.01
CA ILE G 143 27.18 21.63 -33.61
C ILE G 143 27.83 23.02 -33.58
N ASP G 144 27.05 24.04 -33.20
CA ASP G 144 27.55 25.40 -33.19
C ASP G 144 28.38 25.66 -31.94
N GLU G 145 29.44 26.47 -32.10
CA GLU G 145 30.37 26.80 -31.02
C GLU G 145 30.83 25.53 -30.30
N ALA G 146 31.30 24.57 -31.10
CA ALA G 146 31.72 23.28 -30.57
C ALA G 146 32.82 23.40 -29.53
N ASP G 147 33.49 24.55 -29.48
CA ASP G 147 34.49 24.80 -28.44
C ASP G 147 33.88 24.69 -27.05
N ARG G 148 32.61 25.06 -26.90
CA ARG G 148 31.93 25.02 -25.60
C ARG G 148 31.37 23.62 -25.33
N LEU G 149 32.29 22.66 -25.30
CA LEU G 149 31.94 21.26 -25.08
C LEU G 149 33.03 20.62 -24.23
N LYS G 150 32.63 19.90 -23.20
CA LYS G 150 33.61 19.22 -22.35
C LYS G 150 34.41 18.22 -23.19
N PRO G 151 35.75 18.20 -23.07
CA PRO G 151 36.54 17.27 -23.89
C PRO G 151 36.14 15.81 -23.71
N GLU G 152 35.43 15.47 -22.64
CA GLU G 152 35.08 14.07 -22.39
C GLU G 152 34.02 13.56 -23.35
N THR G 153 32.96 14.34 -23.57
CA THR G 153 31.79 13.89 -24.32
C THR G 153 31.95 13.97 -25.84
N PHE G 154 33.10 14.45 -26.31
CA PHE G 154 33.42 14.25 -27.73
C PHE G 154 33.39 12.78 -28.07
N ALA G 155 33.63 11.91 -27.08
CA ALA G 155 33.46 10.48 -27.26
C ALA G 155 32.02 10.15 -27.67
N ASP G 156 31.02 10.77 -27.03
CA ASP G 156 29.64 10.51 -27.40
C ASP G 156 29.30 11.09 -28.76
N VAL G 157 29.83 12.28 -29.06
CA VAL G 157 29.62 12.87 -30.39
C VAL G 157 30.15 11.92 -31.46
N ARG G 158 31.37 11.41 -31.27
CA ARG G 158 31.96 10.48 -32.22
C ARG G 158 31.18 9.17 -32.28
N ASP G 159 30.65 8.72 -31.14
CA ASP G 159 29.85 7.50 -31.12
C ASP G 159 28.62 7.64 -32.02
N ILE G 160 27.91 8.76 -31.91
CA ILE G 160 26.77 8.98 -32.78
C ILE G 160 27.21 9.12 -34.23
N ALA G 161 28.34 9.80 -34.46
CA ALA G 161 28.83 9.98 -35.83
C ALA G 161 29.14 8.64 -36.49
N GLU G 162 29.71 7.70 -35.72
CA GLU G 162 30.11 6.42 -36.28
C GLU G 162 28.93 5.44 -36.38
N ASP G 163 28.02 5.47 -35.41
CA ASP G 163 26.97 4.46 -35.35
C ASP G 163 25.93 4.64 -36.44
N LEU G 164 25.53 5.89 -36.71
CA LEU G 164 24.52 6.19 -37.71
C LEU G 164 25.13 7.05 -38.82
N GLY G 165 24.48 7.02 -39.98
CA GLY G 165 24.92 7.84 -41.09
C GLY G 165 24.56 9.30 -40.89
N ILE G 166 25.39 10.01 -40.11
CA ILE G 166 25.12 11.39 -39.75
C ILE G 166 26.39 12.21 -39.97
N ALA G 167 26.30 13.23 -40.81
CA ALA G 167 27.42 14.14 -41.08
C ALA G 167 27.47 15.18 -39.96
N VAL G 168 28.20 14.86 -38.90
CA VAL G 168 28.33 15.75 -37.75
C VAL G 168 29.37 16.82 -38.05
N VAL G 169 29.00 18.09 -37.87
CA VAL G 169 29.87 19.21 -38.18
C VAL G 169 30.19 19.97 -36.90
N LEU G 170 31.47 20.12 -36.60
CA LEU G 170 31.93 20.85 -35.42
C LEU G 170 32.46 22.21 -35.87
N VAL G 171 31.75 23.28 -35.51
CA VAL G 171 32.13 24.64 -35.86
C VAL G 171 32.80 25.28 -34.64
N GLY G 172 34.00 25.80 -34.82
CA GLY G 172 34.69 26.41 -33.70
C GLY G 172 35.90 27.21 -34.14
N THR G 173 36.59 27.77 -33.15
CA THR G 173 37.80 28.54 -33.37
C THR G 173 39.02 27.63 -33.25
N ASP G 174 40.18 28.20 -32.89
CA ASP G 174 41.39 27.40 -32.78
C ASP G 174 41.30 26.35 -31.68
N ARG G 175 40.48 26.60 -30.66
CA ARG G 175 40.45 25.72 -29.49
C ARG G 175 39.87 24.34 -29.81
N LEU G 176 39.02 24.25 -30.84
CA LEU G 176 38.45 22.95 -31.21
C LEU G 176 39.54 21.94 -31.53
N ASP G 177 40.54 22.36 -32.30
CA ASP G 177 41.59 21.46 -32.75
C ASP G 177 42.39 20.87 -31.60
N ALA G 178 42.54 21.60 -30.50
CA ALA G 178 43.34 21.09 -29.39
C ALA G 178 42.71 19.85 -28.77
N VAL G 179 41.44 19.98 -28.33
CA VAL G 179 40.77 18.83 -27.74
C VAL G 179 40.59 17.71 -28.76
N ILE G 180 40.43 18.07 -30.05
CA ILE G 180 40.25 17.02 -31.05
C ILE G 180 41.57 16.29 -31.30
N LYS G 181 42.69 17.01 -31.28
CA LYS G 181 44.00 16.39 -31.45
C LYS G 181 44.34 15.51 -30.27
N ARG G 182 43.83 15.83 -29.08
CA ARG G 182 44.14 15.04 -27.90
C ARG G 182 43.69 13.58 -28.03
N ASP G 183 42.63 13.31 -28.79
CA ASP G 183 42.14 11.96 -29.01
C ASP G 183 42.23 11.64 -30.50
N GLU G 184 43.14 10.73 -30.86
CA GLU G 184 43.38 10.42 -32.25
C GLU G 184 42.17 9.78 -32.94
N GLN G 185 41.25 9.18 -32.18
CA GLN G 185 40.08 8.56 -32.80
C GLN G 185 39.05 9.61 -33.21
N VAL G 186 38.82 10.61 -32.36
CA VAL G 186 37.94 11.73 -32.73
C VAL G 186 38.53 12.48 -33.92
N LEU G 187 39.85 12.71 -33.90
CA LEU G 187 40.50 13.38 -35.02
C LEU G 187 40.40 12.54 -36.29
N GLU G 188 40.55 11.22 -36.17
CA GLU G 188 40.41 10.34 -37.33
C GLU G 188 39.01 10.44 -37.92
N ARG G 189 37.98 10.50 -37.07
CA ARG G 189 36.62 10.62 -37.57
C ARG G 189 36.35 12.02 -38.14
N PHE G 190 36.89 13.05 -37.50
CA PHE G 190 36.67 14.44 -37.91
C PHE G 190 37.89 15.03 -38.59
N ARG G 191 38.57 14.24 -39.42
CA ARG G 191 39.78 14.72 -40.08
C ARG G 191 39.47 15.81 -41.09
N ALA G 192 38.54 15.53 -42.02
CA ALA G 192 38.14 16.53 -43.00
C ALA G 192 37.55 17.76 -42.29
N HIS G 193 37.69 18.92 -42.93
CA HIS G 193 37.25 20.15 -42.31
C HIS G 193 37.08 21.23 -43.36
N LEU G 194 36.26 22.23 -43.03
CA LEU G 194 36.17 23.49 -43.76
C LEU G 194 36.78 24.59 -42.91
N ARG G 195 36.87 25.79 -43.48
CA ARG G 195 37.52 26.90 -42.81
C ARG G 195 36.73 28.18 -43.01
N PHE G 196 36.79 29.05 -42.00
CA PHE G 196 36.29 30.42 -42.10
C PHE G 196 37.47 31.35 -42.35
N GLY G 197 37.26 32.37 -43.17
CA GLY G 197 38.29 33.36 -43.44
C GLY G 197 37.91 34.74 -42.97
N LYS G 198 38.44 35.77 -43.61
CA LYS G 198 38.12 37.16 -43.31
C LYS G 198 37.63 37.86 -44.57
N LEU G 199 36.81 38.88 -44.39
CA LEU G 199 36.30 39.65 -45.53
C LEU G 199 37.44 40.37 -46.24
N SER G 200 37.40 40.37 -47.57
CA SER G 200 38.49 40.96 -48.34
C SER G 200 38.01 41.28 -49.75
N GLY G 201 38.59 42.35 -50.31
CA GLY G 201 38.48 42.64 -51.72
C GLY G 201 37.05 42.79 -52.22
N GLU G 202 36.76 42.08 -53.31
CA GLU G 202 35.45 42.19 -53.95
C GLU G 202 34.33 41.72 -53.03
N ASP G 203 34.58 40.67 -52.25
CA ASP G 203 33.57 40.18 -51.32
C ASP G 203 33.20 41.25 -50.30
N PHE G 204 34.21 41.92 -49.72
CA PHE G 204 33.95 42.97 -48.73
C PHE G 204 33.22 44.16 -49.37
N LYS G 205 33.70 44.61 -50.54
CA LYS G 205 33.05 45.73 -51.21
C LYS G 205 31.59 45.42 -51.52
N ASN G 206 31.33 44.23 -52.07
CA ASN G 206 29.97 43.82 -52.35
C ASN G 206 29.14 43.74 -51.08
N THR G 207 29.72 43.21 -50.00
CA THR G 207 28.99 43.14 -48.74
C THR G 207 28.57 44.53 -48.27
N VAL G 208 29.45 45.51 -48.41
CA VAL G 208 29.14 46.86 -47.97
C VAL G 208 27.98 47.43 -48.78
N GLU G 209 28.05 47.30 -50.11
CA GLU G 209 26.95 47.82 -50.93
C GLU G 209 25.64 47.06 -50.69
N MET G 210 25.74 45.74 -50.52
CA MET G 210 24.56 44.93 -50.22
C MET G 210 23.93 45.36 -48.91
N TRP G 211 24.75 45.74 -47.93
CA TRP G 211 24.20 46.28 -46.69
C TRP G 211 23.47 47.60 -46.94
N GLU G 212 24.07 48.47 -47.77
CA GLU G 212 23.41 49.74 -48.08
C GLU G 212 22.04 49.52 -48.73
N GLN G 213 21.89 48.45 -49.51
CA GLN G 213 20.62 48.20 -50.17
C GLN G 213 19.63 47.40 -49.33
N MET G 214 20.12 46.43 -48.54
CA MET G 214 19.27 45.50 -47.82
C MET G 214 18.87 46.00 -46.45
N VAL G 215 19.72 46.77 -45.78
CA VAL G 215 19.49 47.23 -44.41
C VAL G 215 19.13 48.70 -44.36
N LEU G 216 19.94 49.55 -44.98
CA LEU G 216 19.73 51.00 -44.94
C LEU G 216 18.59 51.37 -45.89
N LYS G 217 17.54 51.99 -45.36
CA LYS G 217 16.37 52.37 -46.14
C LYS G 217 16.19 53.89 -46.17
N LEU G 218 17.29 54.64 -46.03
CA LEU G 218 17.23 56.09 -46.11
C LEU G 218 16.92 56.52 -47.55
N PRO G 219 16.23 57.65 -47.73
CA PRO G 219 15.85 58.07 -49.09
C PRO G 219 17.02 58.50 -49.96
N VAL G 220 18.18 58.80 -49.38
CA VAL G 220 19.33 59.28 -50.12
C VAL G 220 20.44 58.24 -50.02
N SER G 221 21.07 57.94 -51.16
CA SER G 221 22.13 56.94 -51.20
C SER G 221 23.33 57.39 -50.38
N SER G 222 23.98 56.45 -49.72
CA SER G 222 25.21 56.72 -48.99
C SER G 222 26.45 56.51 -49.85
N ASN G 223 26.37 55.63 -50.86
CA ASN G 223 27.50 55.34 -51.75
C ASN G 223 28.69 54.81 -50.95
N LEU G 224 28.44 53.80 -50.13
CA LEU G 224 29.44 53.32 -49.18
C LEU G 224 30.63 52.64 -49.84
N LYS G 225 30.49 52.21 -51.10
CA LYS G 225 31.59 51.57 -51.81
C LYS G 225 32.59 52.57 -52.38
N SER G 226 32.36 53.87 -52.18
CA SER G 226 33.21 54.91 -52.74
C SER G 226 34.51 55.04 -51.94
N LYS G 227 35.40 55.91 -52.43
CA LYS G 227 36.73 56.04 -51.84
C LYS G 227 36.68 56.62 -50.43
N GLU G 228 35.77 57.58 -50.19
CA GLU G 228 35.75 58.26 -48.90
C GLU G 228 35.24 57.35 -47.78
N MET G 229 34.43 56.35 -48.12
CA MET G 229 33.73 55.53 -47.14
C MET G 229 34.34 54.14 -46.97
N LEU G 230 34.62 53.48 -48.10
CA LEU G 230 35.08 52.09 -48.06
C LEU G 230 36.42 51.96 -47.34
N ARG G 231 37.26 52.99 -47.38
CA ARG G 231 38.56 52.91 -46.72
C ARG G 231 38.41 52.88 -45.21
N ILE G 232 37.58 53.78 -44.65
CA ILE G 232 37.30 53.74 -43.22
C ILE G 232 36.65 52.42 -42.85
N LEU G 233 35.75 51.92 -43.69
CA LEU G 233 35.08 50.65 -43.39
C LEU G 233 36.07 49.49 -43.37
N THR G 234 37.03 49.49 -44.30
CA THR G 234 38.05 48.45 -44.31
C THR G 234 38.90 48.51 -43.06
N SER G 235 39.33 49.71 -42.67
CA SER G 235 40.19 49.85 -41.50
C SER G 235 39.47 49.43 -40.23
N ALA G 236 38.19 49.82 -40.09
CA ALA G 236 37.46 49.53 -38.86
C ALA G 236 36.93 48.11 -38.80
N THR G 237 36.62 47.52 -39.96
CA THR G 237 36.05 46.18 -39.99
C THR G 237 37.05 45.13 -39.52
N GLU G 238 38.31 45.28 -39.93
CA GLU G 238 39.38 44.33 -39.62
C GLU G 238 39.07 42.92 -40.10
N GLY G 239 38.20 42.79 -41.10
CA GLY G 239 37.83 41.50 -41.65
C GLY G 239 36.69 40.79 -40.98
N TYR G 240 36.13 41.36 -39.91
CA TYR G 240 35.07 40.72 -39.14
C TYR G 240 33.73 41.32 -39.54
N ILE G 241 32.80 40.47 -39.98
CA ILE G 241 31.48 40.94 -40.40
C ILE G 241 30.73 41.58 -39.24
N GLY G 242 30.99 41.11 -38.01
CA GLY G 242 30.36 41.73 -36.85
C GLY G 242 30.75 43.20 -36.70
N ARG G 243 32.02 43.50 -36.96
CA ARG G 243 32.48 44.89 -36.84
C ARG G 243 31.91 45.77 -37.94
N LEU G 244 31.80 45.24 -39.16
CA LEU G 244 31.14 45.99 -40.24
C LEU G 244 29.69 46.26 -39.89
N ASP G 245 28.99 45.24 -39.39
CA ASP G 245 27.63 45.42 -38.90
C ASP G 245 27.54 46.58 -37.91
N GLU G 246 28.39 46.53 -36.88
CA GLU G 246 28.35 47.54 -35.83
C GLU G 246 28.60 48.94 -36.40
N ILE G 247 29.66 49.10 -37.19
CA ILE G 247 30.02 50.45 -37.64
C ILE G 247 28.95 51.02 -38.56
N LEU G 248 28.41 50.21 -39.48
CA LEU G 248 27.44 50.75 -40.42
C LEU G 248 26.14 51.11 -39.71
N ARG G 249 25.65 50.24 -38.82
CA ARG G 249 24.42 50.55 -38.10
C ARG G 249 24.57 51.80 -37.24
N GLU G 250 25.68 51.88 -36.49
CA GLU G 250 25.90 53.03 -35.62
C GLU G 250 26.08 54.31 -36.42
N ALA G 251 26.76 54.23 -37.56
CA ALA G 251 26.94 55.40 -38.40
C ALA G 251 25.60 55.91 -38.93
N ALA G 252 24.72 55.01 -39.37
CA ALA G 252 23.42 55.44 -39.84
C ALA G 252 22.60 56.06 -38.71
N ILE G 253 22.67 55.48 -37.50
CA ILE G 253 21.96 56.04 -36.35
C ILE G 253 22.44 57.46 -36.08
N ARG G 254 23.76 57.65 -35.98
CA ARG G 254 24.30 58.97 -35.69
C ARG G 254 24.01 59.96 -36.82
N SER G 255 24.01 59.48 -38.07
CA SER G 255 23.67 60.34 -39.20
C SER G 255 22.25 60.87 -39.06
N LEU G 256 21.30 60.00 -38.70
CA LEU G 256 19.94 60.47 -38.47
C LEU G 256 19.89 61.47 -37.32
N SER G 257 20.64 61.21 -36.25
CA SER G 257 20.64 62.13 -35.11
C SER G 257 21.28 63.48 -35.43
N ARG G 258 22.15 63.55 -36.42
CA ARG G 258 22.74 64.81 -36.86
C ARG G 258 21.87 65.54 -37.87
N GLY G 259 20.78 64.92 -38.30
CA GLY G 259 19.89 65.54 -39.29
C GLY G 259 20.18 65.18 -40.72
N LEU G 260 20.90 64.08 -40.98
CA LEU G 260 21.30 63.70 -42.32
C LEU G 260 20.35 62.66 -42.89
N LYS G 261 20.36 62.54 -44.22
CA LYS G 261 19.64 61.51 -44.94
C LYS G 261 20.55 60.39 -45.43
N LYS G 262 21.80 60.37 -44.99
CA LYS G 262 22.75 59.37 -45.46
C LYS G 262 23.95 59.32 -44.53
N ILE G 263 24.62 58.17 -44.51
CA ILE G 263 25.95 58.09 -43.93
C ILE G 263 26.89 58.95 -44.76
N ASP G 264 27.65 59.80 -44.08
CA ASP G 264 28.52 60.74 -44.77
C ASP G 264 29.96 60.59 -44.32
N LYS G 265 30.86 61.27 -45.02
CA LYS G 265 32.29 61.21 -44.73
C LYS G 265 32.59 61.55 -43.29
N ALA G 266 31.83 62.47 -42.69
CA ALA G 266 32.06 62.85 -41.30
C ALA G 266 31.56 61.78 -40.34
N VAL G 267 30.50 61.06 -40.69
CA VAL G 267 29.87 60.14 -39.75
C VAL G 267 30.74 58.90 -39.55
N LEU G 268 31.31 58.37 -40.63
CA LEU G 268 32.08 57.13 -40.53
C LEU G 268 33.33 57.31 -39.67
N GLN G 269 33.93 58.49 -39.70
CA GLN G 269 35.20 58.70 -39.02
C GLN G 269 35.04 58.70 -37.51
N GLU G 270 33.93 59.25 -37.00
CA GLU G 270 33.79 59.40 -35.55
C GLU G 270 33.38 58.11 -34.86
N VAL G 271 32.71 57.21 -35.58
CA VAL G 271 32.34 55.92 -34.99
C VAL G 271 33.53 54.97 -34.91
N ALA G 272 34.58 55.22 -35.69
CA ALA G 272 35.71 54.29 -35.73
C ALA G 272 36.41 54.20 -34.37
N LYS G 273 36.54 55.31 -33.67
CA LYS G 273 37.15 55.30 -32.34
C LYS G 273 36.35 54.41 -31.38
N GLU G 274 35.03 54.62 -31.34
CA GLU G 274 34.19 53.86 -30.42
C GLU G 274 34.09 52.39 -30.84
N TYR G 275 34.01 52.13 -32.14
CA TYR G 275 33.87 50.77 -32.64
C TYR G 275 34.96 50.44 -33.64
N GLU H 19 17.49 4.07 -64.58
CA GLU H 19 18.82 4.58 -64.91
C GLU H 19 19.91 3.65 -64.39
N TRP H 20 20.82 3.25 -65.27
CA TRP H 20 21.88 2.32 -64.89
C TRP H 20 22.81 2.96 -63.86
N LEU H 21 23.12 4.25 -64.02
CA LEU H 21 24.05 4.92 -63.11
C LEU H 21 23.60 4.83 -61.66
N GLN H 22 22.28 4.82 -61.43
CA GLN H 22 21.77 4.72 -60.07
C GLN H 22 22.17 3.40 -59.42
N ALA H 23 22.27 2.32 -60.20
CA ALA H 23 22.71 1.05 -59.64
C ALA H 23 24.14 1.13 -59.14
N GLU H 24 25.02 1.74 -59.93
CA GLU H 24 26.40 1.93 -59.50
C GLU H 24 26.46 2.81 -58.25
N ILE H 25 25.71 3.91 -58.25
CA ILE H 25 25.69 4.81 -57.09
C ILE H 25 25.23 4.05 -55.84
N ALA H 26 24.17 3.26 -55.98
CA ALA H 26 23.62 2.53 -54.84
C ALA H 26 24.60 1.49 -54.33
N ARG H 27 25.23 0.74 -55.24
CA ARG H 27 26.22 -0.25 -54.82
C ARG H 27 27.38 0.41 -54.09
N LEU H 28 27.85 1.54 -54.60
CA LEU H 28 29.00 2.19 -53.99
C LEU H 28 28.66 2.84 -52.66
N LYS H 29 27.39 3.21 -52.45
CA LYS H 29 27.00 3.83 -51.18
C LYS H 29 27.15 2.85 -50.02
N GLY H 30 26.82 1.58 -50.23
CA GLY H 30 26.85 0.60 -49.16
C GLY H 30 28.21 -0.08 -49.02
N LYS H 31 28.51 -0.47 -47.79
CA LYS H 31 29.74 -1.19 -47.49
C LYS H 31 29.54 -2.69 -47.71
N SER H 32 30.62 -3.45 -47.68
CA SER H 32 30.57 -4.87 -47.98
C SER H 32 31.71 -5.58 -47.25
N ILE H 33 31.90 -6.86 -47.55
CA ILE H 33 32.95 -7.68 -46.97
C ILE H 33 33.79 -8.25 -48.10
N VAL H 34 35.11 -8.06 -47.99
CA VAL H 34 36.04 -8.52 -49.02
C VAL H 34 37.04 -9.47 -48.40
N PRO H 35 37.01 -10.75 -48.77
CA PRO H 35 37.90 -11.74 -48.15
C PRO H 35 39.36 -11.33 -48.20
N LEU H 36 40.03 -11.41 -47.05
CA LEU H 36 41.42 -11.02 -46.92
C LEU H 36 42.15 -12.08 -46.10
N GLN H 37 43.49 -12.06 -46.22
CA GLN H 37 44.31 -13.01 -45.48
C GLN H 37 44.20 -12.79 -43.98
N GLN H 38 44.11 -11.52 -43.57
CA GLN H 38 44.03 -11.19 -42.15
C GLN H 38 42.76 -11.75 -41.51
N VAL H 39 41.65 -11.65 -42.22
CA VAL H 39 40.37 -12.14 -41.70
C VAL H 39 40.44 -13.65 -41.45
N LYS H 40 40.88 -14.39 -42.47
CA LYS H 40 40.98 -15.85 -42.33
C LYS H 40 41.95 -16.23 -41.23
N THR H 41 43.05 -15.48 -41.09
CA THR H 41 43.97 -15.71 -39.97
C THR H 41 43.24 -15.62 -38.64
N LEU H 42 42.47 -14.54 -38.43
CA LEU H 42 41.75 -14.38 -37.18
C LEU H 42 40.74 -15.52 -36.97
N HIS H 43 40.04 -15.92 -38.03
CA HIS H 43 39.01 -16.95 -37.89
C HIS H 43 39.62 -18.29 -37.47
N ASP H 44 40.69 -18.69 -38.16
CA ASP H 44 41.39 -19.92 -37.81
C ASP H 44 41.91 -19.86 -36.38
N TRP H 45 42.39 -18.68 -35.96
CA TRP H 45 42.86 -18.54 -34.58
C TRP H 45 41.71 -18.68 -33.59
N LEU H 46 40.53 -18.14 -33.92
CA LEU H 46 39.43 -18.07 -32.96
C LEU H 46 38.79 -19.42 -32.73
N ASP H 47 38.67 -20.24 -33.79
CA ASP H 47 38.04 -21.55 -33.61
C ASP H 47 38.79 -22.40 -32.60
N GLY H 48 40.12 -22.29 -32.59
CA GLY H 48 40.91 -23.08 -31.66
C GLY H 48 40.62 -22.77 -30.21
N LYS H 49 40.44 -21.48 -29.89
CA LYS H 49 40.16 -21.09 -28.52
C LYS H 49 38.70 -21.32 -28.15
N ARG H 50 37.80 -21.29 -29.15
CA ARG H 50 36.43 -21.71 -28.89
C ARG H 50 36.39 -23.17 -28.45
N LYS H 51 37.11 -24.03 -29.17
CA LYS H 51 37.19 -25.43 -28.77
C LYS H 51 37.95 -25.59 -27.45
N ALA H 52 39.00 -24.78 -27.25
CA ALA H 52 39.85 -24.90 -26.08
C ALA H 52 39.23 -24.29 -24.83
N ARG H 53 38.21 -23.44 -24.99
CA ARG H 53 37.52 -22.80 -23.88
C ARG H 53 38.50 -21.98 -23.03
N LYS H 54 39.32 -21.18 -23.70
CA LYS H 54 40.32 -20.35 -23.05
C LYS H 54 40.19 -18.92 -23.55
N SER H 55 40.05 -17.97 -22.62
CA SER H 55 39.85 -16.57 -22.98
C SER H 55 41.09 -15.99 -23.65
N CYS H 56 40.86 -15.02 -24.53
CA CYS H 56 41.93 -14.44 -25.33
C CYS H 56 41.76 -12.94 -25.44
N ARG H 57 42.77 -12.30 -26.02
CA ARG H 57 42.79 -10.87 -26.25
C ARG H 57 43.16 -10.60 -27.70
N VAL H 58 42.62 -9.53 -28.26
CA VAL H 58 42.95 -9.09 -29.62
C VAL H 58 43.20 -7.59 -29.58
N VAL H 59 44.36 -7.17 -30.08
CA VAL H 59 44.77 -5.78 -29.99
C VAL H 59 45.32 -5.33 -31.34
N GLY H 60 44.79 -4.22 -31.86
CA GLY H 60 45.27 -3.65 -33.11
C GLY H 60 44.77 -2.23 -33.27
N GLU H 61 45.30 -1.57 -34.31
CA GLU H 61 44.94 -0.19 -34.58
C GLU H 61 43.51 -0.09 -35.15
N SER H 62 43.01 1.13 -35.20
CA SER H 62 41.72 1.38 -35.82
C SER H 62 41.84 1.36 -37.34
N ARG H 63 40.70 1.19 -38.01
CA ARG H 63 40.63 1.12 -39.47
C ARG H 63 41.47 -0.03 -40.03
N THR H 64 41.58 -1.11 -39.26
CA THR H 64 42.28 -2.31 -39.71
C THR H 64 41.33 -3.43 -40.11
N GLY H 65 40.04 -3.29 -39.82
CA GLY H 65 39.06 -4.30 -40.17
C GLY H 65 38.83 -5.36 -39.14
N LYS H 66 39.42 -5.25 -37.94
CA LYS H 66 39.22 -6.27 -36.92
C LYS H 66 37.75 -6.39 -36.55
N THR H 67 37.03 -5.26 -36.52
CA THR H 67 35.60 -5.30 -36.23
C THR H 67 34.83 -6.05 -37.31
N VAL H 68 35.26 -5.94 -38.56
CA VAL H 68 34.58 -6.66 -39.64
C VAL H 68 34.83 -8.15 -39.51
N ALA H 69 36.05 -8.54 -39.17
CA ALA H 69 36.37 -9.96 -39.02
C ALA H 69 35.60 -10.57 -37.85
N CYS H 70 35.36 -9.80 -36.79
CA CYS H 70 34.55 -10.31 -35.68
C CYS H 70 33.14 -10.67 -36.15
N ASP H 71 32.49 -9.73 -36.86
CA ASP H 71 31.16 -10.00 -37.38
C ASP H 71 31.16 -11.18 -38.35
N ALA H 72 32.19 -11.26 -39.19
CA ALA H 72 32.27 -12.36 -40.15
C ALA H 72 32.40 -13.71 -39.44
N TYR H 73 33.16 -13.75 -38.35
CA TYR H 73 33.24 -14.96 -37.55
C TYR H 73 31.88 -15.32 -36.96
N ARG H 74 31.17 -14.33 -36.43
CA ARG H 74 29.89 -14.63 -35.78
C ARG H 74 28.82 -15.08 -36.78
N TYR H 75 28.83 -14.54 -38.00
CA TYR H 75 27.76 -14.85 -38.94
C TYR H 75 27.78 -16.32 -39.37
N ARG H 76 28.95 -16.96 -39.36
CA ARG H 76 29.03 -18.35 -39.78
C ARG H 76 28.37 -19.29 -38.76
N HIS H 77 28.49 -18.96 -37.48
CA HIS H 77 27.93 -19.78 -36.40
C HIS H 77 26.64 -19.13 -35.91
N LYS H 78 25.51 -19.80 -36.13
CA LYS H 78 24.20 -19.25 -35.81
C LYS H 78 23.50 -20.07 -34.75
N PRO H 79 22.43 -19.56 -34.15
CA PRO H 79 21.67 -20.36 -33.17
C PRO H 79 20.90 -21.48 -33.85
N GLN H 80 21.04 -22.69 -33.30
CA GLN H 80 20.35 -23.88 -33.81
C GLN H 80 19.19 -24.23 -32.87
N GLN H 81 17.99 -24.37 -33.44
CA GLN H 81 16.79 -24.68 -32.66
C GLN H 81 15.97 -25.76 -33.38
N GLU H 82 16.54 -26.97 -33.47
CA GLU H 82 15.78 -28.10 -34.00
C GLU H 82 14.76 -28.57 -32.98
N ALA H 83 15.19 -28.76 -31.73
CA ALA H 83 14.30 -29.17 -30.66
C ALA H 83 13.40 -28.01 -30.23
N GLY H 84 12.35 -28.34 -29.49
CA GLY H 84 11.45 -27.33 -28.98
C GLY H 84 12.00 -26.52 -27.83
N ARG H 85 13.21 -26.83 -27.37
CA ARG H 85 13.84 -26.22 -26.20
C ARG H 85 14.61 -24.95 -26.60
N PRO H 86 15.23 -24.24 -25.67
CA PRO H 86 15.90 -22.99 -26.03
C PRO H 86 16.94 -23.21 -27.11
N PRO H 87 17.19 -22.20 -27.94
CA PRO H 87 18.20 -22.31 -28.99
C PRO H 87 19.61 -22.14 -28.45
N THR H 88 20.55 -22.84 -29.07
CA THR H 88 21.94 -22.82 -28.65
C THR H 88 22.69 -21.76 -29.44
N VAL H 89 23.08 -20.68 -28.76
CA VAL H 89 23.85 -19.60 -29.39
C VAL H 89 25.32 -19.78 -29.01
N PRO H 90 26.14 -20.37 -29.88
CA PRO H 90 27.53 -20.66 -29.50
C PRO H 90 28.39 -19.42 -29.35
N VAL H 91 28.10 -18.34 -30.08
CA VAL H 91 28.93 -17.13 -30.08
C VAL H 91 28.04 -15.93 -29.80
N VAL H 92 28.47 -15.09 -28.86
CA VAL H 92 27.77 -13.87 -28.49
C VAL H 92 28.70 -12.69 -28.73
N TYR H 93 28.21 -11.68 -29.45
CA TYR H 93 28.99 -10.48 -29.77
C TYR H 93 28.23 -9.27 -29.24
N ILE H 94 28.91 -8.47 -28.40
CA ILE H 94 28.27 -7.33 -27.75
C ILE H 94 29.18 -6.12 -27.83
N ARG H 95 28.57 -4.94 -27.78
CA ARG H 95 29.28 -3.65 -27.85
C ARG H 95 28.91 -2.81 -26.65
N PRO H 96 29.76 -2.74 -25.62
CA PRO H 96 29.49 -1.84 -24.50
C PRO H 96 29.63 -0.38 -24.91
N HIS H 97 28.84 0.48 -24.26
CA HIS H 97 28.88 1.90 -24.54
C HIS H 97 30.05 2.54 -23.78
N GLN H 98 30.24 3.85 -24.00
CA GLN H 98 31.31 4.56 -23.33
C GLN H 98 31.07 4.61 -21.83
N LYS H 99 32.07 4.17 -21.06
CA LYS H 99 31.99 4.09 -19.61
C LYS H 99 30.83 3.17 -19.18
N CYS H 100 30.74 2.01 -19.85
CA CYS H 100 29.67 1.06 -19.56
C CYS H 100 29.93 0.35 -18.24
N GLY H 101 28.95 0.39 -17.34
CA GLY H 101 29.08 -0.20 -16.03
C GLY H 101 28.68 -1.67 -16.01
N PRO H 102 28.87 -2.31 -14.85
CA PRO H 102 28.53 -3.74 -14.75
C PRO H 102 27.05 -4.02 -14.99
N LYS H 103 26.17 -3.21 -14.41
CA LYS H 103 24.73 -3.37 -14.62
C LYS H 103 24.37 -3.33 -16.10
N ASP H 104 24.87 -2.29 -16.80
CA ASP H 104 24.55 -2.14 -18.21
C ASP H 104 25.14 -3.27 -19.05
N LEU H 105 26.36 -3.69 -18.73
CA LEU H 105 26.97 -4.79 -19.46
C LEU H 105 26.14 -6.07 -19.33
N PHE H 106 25.68 -6.37 -18.10
CA PHE H 106 24.85 -7.56 -17.92
C PHE H 106 23.53 -7.44 -18.69
N LYS H 107 22.93 -6.25 -18.69
CA LYS H 107 21.69 -6.05 -19.43
C LYS H 107 21.87 -6.34 -20.91
N LYS H 108 23.01 -5.95 -21.48
CA LYS H 108 23.25 -6.18 -22.90
C LYS H 108 23.29 -7.68 -23.22
N ILE H 109 24.00 -8.46 -22.40
CA ILE H 109 24.06 -9.90 -22.62
C ILE H 109 22.66 -10.50 -22.54
N THR H 110 21.87 -10.09 -21.54
CA THR H 110 20.53 -10.65 -21.39
C THR H 110 19.67 -10.36 -22.61
N GLU H 111 19.74 -9.13 -23.13
CA GLU H 111 18.92 -8.79 -24.29
C GLU H 111 19.40 -9.51 -25.54
N TYR H 112 20.71 -9.75 -25.67
CA TYR H 112 21.22 -10.45 -26.85
C TYR H 112 20.64 -11.87 -26.96
N LEU H 113 20.30 -12.49 -25.83
CA LEU H 113 19.80 -13.86 -25.83
C LEU H 113 18.27 -13.93 -25.84
N LYS H 114 17.59 -12.81 -26.14
CA LYS H 114 16.14 -12.76 -26.26
C LYS H 114 15.46 -13.20 -24.96
N TYR H 115 15.99 -12.74 -23.83
CA TYR H 115 15.41 -13.00 -22.52
C TYR H 115 15.02 -11.67 -21.88
N ARG H 116 13.85 -11.66 -21.23
CA ARG H 116 13.36 -10.44 -20.61
C ARG H 116 14.31 -9.97 -19.51
N VAL H 117 14.56 -8.66 -19.48
CA VAL H 117 15.46 -8.07 -18.50
C VAL H 117 14.64 -7.69 -17.28
N THR H 118 14.85 -8.41 -16.17
CA THR H 118 14.20 -8.06 -14.91
C THR H 118 14.80 -6.77 -14.36
N LYS H 119 14.02 -6.07 -13.55
CA LYS H 119 14.45 -4.80 -12.97
C LYS H 119 14.86 -4.99 -11.52
N GLY H 120 16.03 -4.47 -11.17
CA GLY H 120 16.53 -4.61 -9.81
C GLY H 120 17.95 -4.10 -9.70
N THR H 121 18.63 -4.56 -8.65
CA THR H 121 20.01 -4.15 -8.38
C THR H 121 20.98 -4.96 -9.24
N VAL H 122 22.27 -4.66 -9.08
CA VAL H 122 23.29 -5.28 -9.93
C VAL H 122 23.40 -6.78 -9.63
N SER H 123 23.24 -7.17 -8.36
CA SER H 123 23.32 -8.60 -8.02
C SER H 123 22.21 -9.40 -8.69
N ASP H 124 21.01 -8.82 -8.78
CA ASP H 124 19.91 -9.49 -9.46
C ASP H 124 20.21 -9.67 -10.94
N PHE H 125 20.70 -8.61 -11.58
CA PHE H 125 21.10 -8.70 -12.99
C PHE H 125 22.17 -9.77 -13.18
N ARG H 126 23.09 -9.88 -12.22
CA ARG H 126 24.15 -10.88 -12.31
C ARG H 126 23.58 -12.29 -12.30
N ASP H 127 22.67 -12.56 -11.35
CA ASP H 127 22.02 -13.86 -11.30
C ASP H 127 21.29 -14.17 -12.61
N ARG H 128 20.54 -13.18 -13.12
CA ARG H 128 19.81 -13.37 -14.37
C ARG H 128 20.75 -13.70 -15.54
N THR H 129 21.88 -13.00 -15.60
CA THR H 129 22.85 -13.21 -16.69
C THR H 129 23.46 -14.61 -16.61
N ILE H 130 23.87 -15.03 -15.41
CA ILE H 130 24.47 -16.36 -15.27
C ILE H 130 23.46 -17.42 -15.69
N GLU H 131 22.20 -17.25 -15.30
CA GLU H 131 21.16 -18.22 -15.67
C GLU H 131 21.05 -18.33 -17.20
N VAL H 132 20.86 -17.18 -17.87
CA VAL H 132 20.63 -17.24 -19.32
C VAL H 132 21.89 -17.72 -20.05
N LEU H 133 23.08 -17.50 -19.50
CA LEU H 133 24.29 -17.97 -20.15
C LEU H 133 24.43 -19.49 -19.99
N LYS H 134 24.05 -20.01 -18.83
CA LYS H 134 24.13 -21.45 -18.62
C LYS H 134 23.10 -22.20 -19.47
N GLY H 135 21.93 -21.61 -19.66
CA GLY H 135 20.91 -22.28 -20.47
C GLY H 135 21.36 -22.54 -21.88
N CYS H 136 21.94 -21.53 -22.53
CA CYS H 136 22.43 -21.69 -23.89
C CYS H 136 23.84 -22.27 -23.89
N GLY H 137 24.34 -22.57 -25.08
CA GLY H 137 25.69 -23.10 -25.21
C GLY H 137 26.75 -22.11 -24.78
N VAL H 138 26.83 -20.99 -25.49
CA VAL H 138 27.79 -19.92 -25.26
C VAL H 138 29.21 -20.47 -25.18
N GLU H 139 29.74 -20.87 -26.33
CA GLU H 139 31.13 -21.31 -26.36
C GLU H 139 32.10 -20.14 -26.28
N MET H 140 31.70 -18.95 -26.75
CA MET H 140 32.58 -17.81 -26.81
C MET H 140 31.80 -16.52 -26.61
N LEU H 141 32.38 -15.59 -25.85
CA LEU H 141 31.81 -14.26 -25.63
C LEU H 141 32.82 -13.20 -26.07
N ILE H 142 32.36 -12.26 -26.89
CA ILE H 142 33.22 -11.22 -27.47
C ILE H 142 32.81 -9.87 -26.93
N ILE H 143 33.77 -9.14 -26.37
CA ILE H 143 33.55 -7.78 -25.87
C ILE H 143 34.18 -6.83 -26.88
N ASP H 144 33.35 -6.14 -27.66
CA ASP H 144 33.82 -5.29 -28.74
C ASP H 144 34.24 -3.92 -28.21
N GLU H 145 35.43 -3.47 -28.63
CA GLU H 145 35.98 -2.18 -28.25
C GLU H 145 35.92 -1.98 -26.73
N ALA H 146 36.64 -2.87 -26.03
CA ALA H 146 36.71 -2.80 -24.57
C ALA H 146 37.45 -1.58 -24.07
N ASP H 147 37.90 -0.69 -24.96
CA ASP H 147 38.58 0.53 -24.51
C ASP H 147 37.63 1.42 -23.73
N ARG H 148 36.39 1.57 -24.21
CA ARG H 148 35.41 2.39 -23.51
C ARG H 148 34.75 1.66 -22.35
N LEU H 149 35.06 0.39 -22.14
CA LEU H 149 34.52 -0.34 -21.00
C LEU H 149 35.07 0.25 -19.71
N LYS H 150 34.21 0.37 -18.70
CA LYS H 150 34.59 0.96 -17.44
C LYS H 150 35.67 0.11 -16.76
N PRO H 151 36.61 0.75 -16.05
CA PRO H 151 37.67 -0.03 -15.37
C PRO H 151 37.14 -1.00 -14.32
N GLU H 152 35.99 -0.71 -13.71
CA GLU H 152 35.46 -1.58 -12.67
C GLU H 152 34.94 -2.89 -13.24
N THR H 153 34.53 -2.90 -14.51
CA THR H 153 33.84 -4.04 -15.10
C THR H 153 34.76 -5.24 -15.31
N PHE H 154 36.05 -4.98 -15.60
CA PHE H 154 37.01 -6.05 -15.86
C PHE H 154 37.09 -7.07 -14.73
N ALA H 155 36.51 -6.78 -13.57
CA ALA H 155 36.42 -7.76 -12.50
C ALA H 155 35.27 -8.74 -12.73
N ASP H 156 34.10 -8.23 -13.12
CA ASP H 156 32.97 -9.09 -13.39
C ASP H 156 33.17 -9.93 -14.64
N VAL H 157 33.83 -9.36 -15.65
CA VAL H 157 34.16 -10.12 -16.86
C VAL H 157 35.01 -11.33 -16.48
N ARG H 158 36.02 -11.12 -15.63
CA ARG H 158 36.89 -12.21 -15.19
C ARG H 158 36.11 -13.23 -14.37
N ASP H 159 35.20 -12.76 -13.50
CA ASP H 159 34.33 -13.66 -12.77
C ASP H 159 33.64 -14.65 -13.71
N ILE H 160 32.96 -14.12 -14.73
CA ILE H 160 32.28 -14.98 -15.68
C ILE H 160 33.26 -15.93 -16.37
N ALA H 161 34.43 -15.41 -16.76
CA ALA H 161 35.42 -16.22 -17.46
C ALA H 161 35.76 -17.48 -16.66
N GLU H 162 36.11 -17.31 -15.38
CA GLU H 162 36.49 -18.49 -14.59
C GLU H 162 35.29 -19.38 -14.31
N ASP H 163 34.13 -18.79 -14.02
CA ASP H 163 33.03 -19.57 -13.45
C ASP H 163 32.32 -20.44 -14.50
N LEU H 164 32.12 -19.92 -15.70
CA LEU H 164 31.29 -20.61 -16.69
C LEU H 164 32.10 -21.35 -17.76
N GLY H 165 33.42 -21.27 -17.71
CA GLY H 165 34.24 -21.92 -18.73
C GLY H 165 33.98 -21.37 -20.12
N ILE H 166 33.70 -20.07 -20.23
CA ILE H 166 33.40 -19.42 -21.50
C ILE H 166 34.64 -18.68 -21.96
N ALA H 167 35.11 -19.00 -23.16
CA ALA H 167 36.21 -18.25 -23.75
C ALA H 167 35.76 -16.81 -24.01
N VAL H 168 36.54 -15.85 -23.54
CA VAL H 168 36.22 -14.44 -23.67
C VAL H 168 37.30 -13.77 -24.51
N VAL H 169 36.88 -13.00 -25.51
CA VAL H 169 37.79 -12.30 -26.42
C VAL H 169 37.55 -10.80 -26.28
N LEU H 170 38.61 -10.06 -26.03
CA LEU H 170 38.57 -8.60 -25.95
C LEU H 170 39.16 -8.01 -27.23
N VAL H 171 38.36 -7.29 -27.98
CA VAL H 171 38.76 -6.70 -29.25
C VAL H 171 38.86 -5.20 -29.04
N GLY H 172 40.06 -4.69 -28.76
CA GLY H 172 40.26 -3.29 -28.47
C GLY H 172 41.54 -2.76 -29.07
N THR H 173 41.79 -1.47 -28.81
CA THR H 173 42.98 -0.79 -29.32
C THR H 173 44.13 -0.87 -28.32
N ASP H 174 45.06 0.09 -28.40
CA ASP H 174 46.25 0.05 -27.57
C ASP H 174 45.95 0.36 -26.11
N ARG H 175 44.97 1.24 -25.84
CA ARG H 175 44.61 1.58 -24.46
C ARG H 175 44.26 0.34 -23.65
N LEU H 176 43.75 -0.70 -24.32
CA LEU H 176 43.44 -1.96 -23.66
C LEU H 176 44.64 -2.47 -22.88
N ASP H 177 45.82 -2.48 -23.51
CA ASP H 177 47.02 -2.91 -22.82
C ASP H 177 47.27 -2.08 -21.56
N ALA H 178 46.95 -0.79 -21.61
CA ALA H 178 47.14 0.06 -20.45
C ALA H 178 46.23 -0.35 -19.30
N VAL H 179 44.92 -0.48 -19.57
CA VAL H 179 43.99 -0.80 -18.47
C VAL H 179 44.18 -2.22 -17.99
N ILE H 180 44.54 -3.15 -18.88
CA ILE H 180 44.67 -4.55 -18.50
C ILE H 180 45.84 -4.74 -17.53
N LYS H 181 46.92 -3.99 -17.73
CA LYS H 181 48.12 -4.17 -16.92
C LYS H 181 47.91 -3.75 -15.46
N ARG H 182 47.00 -2.81 -15.22
CA ARG H 182 46.82 -2.29 -13.87
C ARG H 182 46.31 -3.37 -12.92
N ASP H 183 45.37 -4.20 -13.37
CA ASP H 183 44.85 -5.31 -12.57
C ASP H 183 45.68 -6.55 -12.90
N GLU H 184 46.47 -7.01 -11.92
CA GLU H 184 47.34 -8.16 -12.14
C GLU H 184 46.52 -9.41 -12.50
N GLN H 185 45.35 -9.57 -11.88
CA GLN H 185 44.52 -10.74 -12.16
C GLN H 185 43.91 -10.68 -13.56
N VAL H 186 43.44 -9.49 -13.96
CA VAL H 186 42.87 -9.36 -15.30
C VAL H 186 43.93 -9.59 -16.37
N LEU H 187 45.16 -9.11 -16.12
CA LEU H 187 46.25 -9.39 -17.05
C LEU H 187 46.59 -10.88 -17.07
N GLU H 188 46.51 -11.54 -15.91
CA GLU H 188 46.74 -12.98 -15.86
C GLU H 188 45.67 -13.74 -16.63
N ARG H 189 44.44 -13.25 -16.62
CA ARG H 189 43.34 -13.96 -17.28
C ARG H 189 43.51 -13.97 -18.79
N PHE H 190 43.94 -12.86 -19.37
CA PHE H 190 44.14 -12.75 -20.81
C PHE H 190 45.60 -12.43 -21.09
N ARG H 191 46.47 -13.43 -20.87
CA ARG H 191 47.89 -13.24 -21.13
C ARG H 191 48.19 -13.27 -22.63
N ALA H 192 47.60 -14.21 -23.35
CA ALA H 192 47.86 -14.37 -24.78
C ALA H 192 46.93 -13.45 -25.59
N HIS H 193 47.35 -13.19 -26.82
CA HIS H 193 46.59 -12.28 -27.69
C HIS H 193 47.04 -12.44 -29.13
N LEU H 194 46.20 -11.93 -30.04
CA LEU H 194 46.53 -11.82 -31.46
C LEU H 194 46.65 -10.35 -31.81
N ARG H 195 47.60 -10.02 -32.68
CA ARG H 195 47.88 -8.65 -33.06
C ARG H 195 47.37 -8.39 -34.48
N PHE H 196 46.68 -7.27 -34.65
CA PHE H 196 46.31 -6.74 -35.97
C PHE H 196 47.28 -5.63 -36.34
N GLY H 197 47.62 -5.54 -37.62
CA GLY H 197 48.54 -4.52 -38.08
C GLY H 197 48.02 -3.70 -39.25
N LYS H 198 48.92 -3.12 -40.04
CA LYS H 198 48.58 -2.31 -41.18
C LYS H 198 49.09 -2.96 -42.47
N LEU H 199 48.58 -2.47 -43.60
CA LEU H 199 49.03 -2.94 -44.90
C LEU H 199 50.33 -2.23 -45.30
N SER H 200 51.14 -2.92 -46.11
CA SER H 200 52.40 -2.34 -46.56
C SER H 200 52.94 -3.13 -47.75
N GLY H 201 53.67 -2.43 -48.61
CA GLY H 201 54.44 -3.08 -49.66
C GLY H 201 53.59 -3.90 -50.62
N GLU H 202 54.07 -5.13 -50.89
CA GLU H 202 53.39 -6.02 -51.82
C GLU H 202 52.01 -6.41 -51.30
N ASP H 203 51.88 -6.61 -49.99
CA ASP H 203 50.57 -6.92 -49.42
C ASP H 203 49.58 -5.80 -49.70
N PHE H 204 50.02 -4.55 -49.52
CA PHE H 204 49.14 -3.42 -49.79
C PHE H 204 48.78 -3.34 -51.26
N LYS H 205 49.77 -3.50 -52.15
CA LYS H 205 49.49 -3.43 -53.59
C LYS H 205 48.52 -4.52 -54.01
N ASN H 206 48.74 -5.75 -53.54
CA ASN H 206 47.85 -6.86 -53.87
C ASN H 206 46.45 -6.60 -53.34
N THR H 207 46.34 -6.05 -52.12
CA THR H 207 45.02 -5.71 -51.58
C THR H 207 44.34 -4.66 -52.42
N VAL H 208 45.09 -3.67 -52.92
CA VAL H 208 44.50 -2.61 -53.73
C VAL H 208 43.97 -3.17 -55.05
N GLU H 209 44.77 -4.00 -55.72
CA GLU H 209 44.34 -4.58 -56.99
C GLU H 209 43.14 -5.52 -56.78
N MET H 210 43.22 -6.38 -55.77
CA MET H 210 42.11 -7.26 -55.44
C MET H 210 40.86 -6.47 -55.08
N TRP H 211 41.03 -5.31 -54.45
CA TRP H 211 39.90 -4.43 -54.15
C TRP H 211 39.27 -3.90 -55.43
N GLU H 212 40.11 -3.44 -56.36
CA GLU H 212 39.59 -2.99 -57.66
C GLU H 212 38.84 -4.10 -58.38
N GLN H 213 39.28 -5.35 -58.20
CA GLN H 213 38.62 -6.47 -58.88
C GLN H 213 37.36 -6.94 -58.16
N MET H 214 37.30 -6.79 -56.84
CA MET H 214 36.18 -7.28 -56.03
C MET H 214 35.15 -6.21 -55.72
N VAL H 215 35.59 -5.04 -55.24
CA VAL H 215 34.70 -4.00 -54.75
C VAL H 215 34.22 -3.10 -55.88
N LEU H 216 35.16 -2.44 -56.54
CA LEU H 216 34.82 -1.45 -57.56
C LEU H 216 34.14 -2.12 -58.74
N LYS H 217 33.02 -1.56 -59.18
CA LYS H 217 32.25 -2.07 -60.30
C LYS H 217 32.34 -1.16 -61.52
N LEU H 218 33.37 -0.32 -61.59
CA LEU H 218 33.49 0.62 -62.70
C LEU H 218 33.67 -0.14 -64.02
N PRO H 219 33.06 0.35 -65.11
CA PRO H 219 33.15 -0.38 -66.38
C PRO H 219 34.57 -0.60 -66.88
N VAL H 220 35.48 0.32 -66.62
CA VAL H 220 36.86 0.24 -67.11
C VAL H 220 37.79 0.25 -65.90
N SER H 221 38.74 -0.68 -65.89
CA SER H 221 39.77 -0.68 -64.86
C SER H 221 40.73 0.46 -65.09
N SER H 222 41.01 1.22 -64.03
CA SER H 222 41.97 2.32 -64.10
C SER H 222 43.41 1.87 -63.91
N ASN H 223 43.63 0.55 -63.81
CA ASN H 223 44.95 0.00 -63.51
C ASN H 223 45.52 0.63 -62.23
N LEU H 224 44.69 0.64 -61.18
CA LEU H 224 45.12 1.22 -59.91
C LEU H 224 46.39 0.59 -59.38
N LYS H 225 46.71 -0.65 -59.80
CA LYS H 225 47.97 -1.27 -59.42
C LYS H 225 49.16 -0.67 -60.16
N SER H 226 48.94 0.22 -61.13
CA SER H 226 50.05 0.82 -61.86
C SER H 226 50.86 1.74 -60.94
N LYS H 227 52.11 1.97 -61.34
CA LYS H 227 53.05 2.69 -60.49
C LYS H 227 52.64 4.15 -60.27
N GLU H 228 51.97 4.76 -61.24
CA GLU H 228 51.68 6.18 -61.14
C GLU H 228 50.59 6.48 -60.12
N MET H 229 49.66 5.55 -59.88
CA MET H 229 48.54 5.77 -58.97
C MET H 229 48.62 4.96 -57.68
N LEU H 230 49.18 3.76 -57.73
CA LEU H 230 49.31 2.94 -56.54
C LEU H 230 50.17 3.63 -55.48
N ARG H 231 51.12 4.46 -55.91
CA ARG H 231 51.92 5.22 -54.94
C ARG H 231 51.07 6.23 -54.19
N ILE H 232 50.13 6.88 -54.90
CA ILE H 232 49.21 7.80 -54.23
C ILE H 232 48.37 7.04 -53.20
N LEU H 233 47.86 5.87 -53.59
CA LEU H 233 47.07 5.09 -52.65
C LEU H 233 47.89 4.67 -51.44
N THR H 234 49.14 4.24 -51.67
CA THR H 234 50.03 3.85 -50.58
C THR H 234 50.23 5.00 -49.59
N SER H 235 50.55 6.19 -50.11
CA SER H 235 50.84 7.31 -49.23
C SER H 235 49.58 7.81 -48.52
N ALA H 236 48.44 7.83 -49.21
CA ALA H 236 47.24 8.40 -48.63
C ALA H 236 46.60 7.48 -47.59
N THR H 237 46.50 6.18 -47.89
CA THR H 237 45.84 5.27 -46.97
C THR H 237 46.71 4.95 -45.76
N GLU H 238 48.03 4.86 -45.95
CA GLU H 238 48.99 4.57 -44.87
C GLU H 238 48.72 3.21 -44.24
N GLY H 239 48.27 2.25 -45.05
CA GLY H 239 48.02 0.91 -44.57
C GLY H 239 46.70 0.71 -43.86
N TYR H 240 45.85 1.73 -43.82
CA TYR H 240 44.54 1.63 -43.16
C TYR H 240 43.51 1.18 -44.19
N ILE H 241 43.04 -0.06 -44.06
CA ILE H 241 42.04 -0.58 -44.99
C ILE H 241 40.78 0.28 -44.98
N GLY H 242 40.47 0.91 -43.83
CA GLY H 242 39.32 1.80 -43.78
C GLY H 242 39.50 3.02 -44.67
N ARG H 243 40.69 3.63 -44.61
CA ARG H 243 40.97 4.78 -45.48
C ARG H 243 40.95 4.39 -46.95
N LEU H 244 41.54 3.23 -47.27
CA LEU H 244 41.51 2.74 -48.64
C LEU H 244 40.08 2.59 -49.13
N ASP H 245 39.24 1.94 -48.33
CA ASP H 245 37.82 1.81 -48.66
C ASP H 245 37.19 3.17 -48.92
N GLU H 246 37.37 4.11 -47.98
CA GLU H 246 36.74 5.42 -48.11
C GLU H 246 37.14 6.11 -49.41
N ILE H 247 38.45 6.22 -49.67
CA ILE H 247 38.91 7.00 -50.82
C ILE H 247 38.50 6.32 -52.13
N LEU H 248 38.67 4.99 -52.21
CA LEU H 248 38.35 4.30 -53.46
C LEU H 248 36.88 4.44 -53.79
N ARG H 249 36.00 4.15 -52.82
CA ARG H 249 34.57 4.28 -53.07
C ARG H 249 34.20 5.71 -53.44
N GLU H 250 34.76 6.70 -52.75
CA GLU H 250 34.36 8.09 -52.99
C GLU H 250 34.75 8.58 -54.39
N ALA H 251 36.04 8.45 -54.75
CA ALA H 251 36.46 8.91 -56.07
C ALA H 251 35.76 8.12 -57.17
N ALA H 252 35.53 6.82 -56.94
CA ALA H 252 34.82 6.02 -57.92
C ALA H 252 33.41 6.54 -58.15
N ILE H 253 32.70 6.91 -57.09
CA ILE H 253 31.36 7.48 -57.26
C ILE H 253 31.45 8.81 -58.01
N ARG H 254 32.45 9.62 -57.67
CA ARG H 254 32.51 10.96 -58.24
C ARG H 254 32.73 10.96 -59.75
N SER H 255 33.46 9.96 -60.26
CA SER H 255 33.77 9.96 -61.69
C SER H 255 32.54 9.91 -62.58
N LEU H 256 31.43 9.34 -62.09
CA LEU H 256 30.32 8.98 -62.97
C LEU H 256 29.42 10.17 -63.32
N SER H 257 29.24 11.10 -62.40
CA SER H 257 28.45 12.31 -62.72
C SER H 257 29.06 13.05 -63.89
N ARG H 258 30.40 13.16 -63.91
CA ARG H 258 31.06 13.76 -65.06
C ARG H 258 31.00 12.87 -66.28
N GLY H 259 30.95 11.56 -66.09
CA GLY H 259 30.89 10.62 -67.19
C GLY H 259 32.24 9.98 -67.48
N LEU H 260 32.70 9.14 -66.56
CA LEU H 260 33.99 8.48 -66.68
C LEU H 260 33.84 6.99 -66.39
N LYS H 261 34.51 6.17 -67.19
CA LYS H 261 34.49 4.73 -66.99
C LYS H 261 35.55 4.26 -66.01
N LYS H 262 36.36 5.18 -65.47
CA LYS H 262 37.46 4.81 -64.61
C LYS H 262 37.94 6.04 -63.86
N ILE H 263 38.43 5.82 -62.63
CA ILE H 263 38.97 6.92 -61.84
C ILE H 263 40.26 7.41 -62.48
N ASP H 264 40.45 8.73 -62.51
CA ASP H 264 41.66 9.33 -63.05
C ASP H 264 42.62 9.71 -61.93
N LYS H 265 43.90 9.83 -62.29
CA LYS H 265 44.93 10.20 -61.34
C LYS H 265 44.59 11.50 -60.62
N ALA H 266 44.08 12.48 -61.36
CA ALA H 266 43.66 13.75 -60.75
C ALA H 266 42.48 13.55 -59.81
N VAL H 267 41.54 12.69 -60.18
CA VAL H 267 40.42 12.37 -59.29
C VAL H 267 40.93 11.74 -58.01
N LEU H 268 41.89 10.83 -58.12
CA LEU H 268 42.48 10.21 -56.94
C LEU H 268 43.15 11.25 -56.06
N GLN H 269 43.83 12.23 -56.66
CA GLN H 269 44.52 13.24 -55.87
C GLN H 269 43.55 14.19 -55.18
N GLU H 270 42.42 14.50 -55.81
CA GLU H 270 41.51 15.50 -55.25
C GLU H 270 40.93 15.05 -53.91
N VAL H 271 40.63 13.76 -53.78
CA VAL H 271 39.91 13.26 -52.60
C VAL H 271 40.83 13.23 -51.39
N ALA H 272 42.08 12.77 -51.56
CA ALA H 272 42.97 12.58 -50.42
C ALA H 272 43.26 13.90 -49.71
N LYS H 273 43.34 15.00 -50.47
CA LYS H 273 43.56 16.30 -49.84
C LYS H 273 42.39 16.69 -48.95
N GLU H 274 41.17 16.44 -49.41
CA GLU H 274 40.00 16.79 -48.62
C GLU H 274 39.86 15.88 -47.41
N TYR H 275 40.13 14.60 -47.57
CA TYR H 275 40.01 13.63 -46.49
C TYR H 275 41.38 13.11 -46.07
N GLU I 19 35.13 -42.39 -30.53
CA GLU I 19 36.57 -42.37 -30.68
C GLU I 19 37.28 -42.47 -29.33
N TRP I 20 38.12 -43.49 -29.18
CA TRP I 20 38.88 -43.66 -27.95
C TRP I 20 39.78 -42.47 -27.68
N LEU I 21 40.48 -42.00 -28.71
CA LEU I 21 41.39 -40.88 -28.58
C LEU I 21 40.65 -39.63 -28.09
N GLN I 22 39.44 -39.40 -28.60
CA GLN I 22 38.66 -38.25 -28.17
C GLN I 22 38.26 -38.38 -26.70
N ALA I 23 37.98 -39.60 -26.25
CA ALA I 23 37.68 -39.81 -24.83
C ALA I 23 38.87 -39.45 -23.96
N GLU I 24 40.07 -39.88 -24.37
CA GLU I 24 41.27 -39.52 -23.61
C GLU I 24 41.51 -38.01 -23.65
N ILE I 25 41.28 -37.37 -24.79
CA ILE I 25 41.45 -35.92 -24.91
C ILE I 25 40.48 -35.20 -23.99
N ALA I 26 39.22 -35.66 -23.95
CA ALA I 26 38.24 -35.04 -23.07
C ALA I 26 38.60 -35.23 -21.62
N ARG I 27 39.16 -36.40 -21.26
CA ARG I 27 39.66 -36.60 -19.91
C ARG I 27 40.75 -35.60 -19.59
N LEU I 28 41.66 -35.34 -20.53
CA LEU I 28 42.71 -34.36 -20.32
C LEU I 28 42.13 -32.95 -20.19
N LYS I 29 41.08 -32.64 -20.95
CA LYS I 29 40.47 -31.31 -20.90
C LYS I 29 39.79 -31.06 -19.57
N GLY I 30 39.29 -32.11 -18.92
CA GLY I 30 38.64 -31.96 -17.64
C GLY I 30 39.63 -31.65 -16.53
N LYS I 31 39.08 -31.37 -15.35
CA LYS I 31 39.86 -30.98 -14.19
C LYS I 31 39.88 -32.10 -13.16
N SER I 32 41.04 -32.29 -12.54
CA SER I 32 41.23 -33.30 -11.50
C SER I 32 42.05 -32.69 -10.37
N ILE I 33 42.00 -33.34 -9.20
CA ILE I 33 42.64 -32.85 -7.99
C ILE I 33 43.77 -33.78 -7.59
N VAL I 34 44.95 -33.20 -7.37
CA VAL I 34 46.17 -33.94 -7.07
C VAL I 34 46.62 -33.57 -5.65
N PRO I 35 47.18 -34.50 -4.88
CA PRO I 35 47.63 -34.18 -3.52
C PRO I 35 49.05 -33.64 -3.47
N LEU I 36 49.24 -32.59 -2.67
CA LEU I 36 50.54 -31.96 -2.50
C LEU I 36 50.75 -31.65 -1.03
N GLN I 37 52.02 -31.47 -0.66
CA GLN I 37 52.37 -31.20 0.74
C GLN I 37 51.73 -29.90 1.23
N GLN I 38 51.65 -28.90 0.34
CA GLN I 38 51.02 -27.64 0.68
C GLN I 38 49.57 -27.85 1.14
N VAL I 39 48.85 -28.74 0.44
CA VAL I 39 47.46 -29.01 0.79
C VAL I 39 47.36 -29.68 2.16
N LYS I 40 48.22 -30.67 2.42
CA LYS I 40 48.21 -31.35 3.71
C LYS I 40 48.50 -30.38 4.85
N THR I 41 49.49 -29.50 4.64
CA THR I 41 49.80 -28.46 5.64
C THR I 41 48.58 -27.60 5.92
N LEU I 42 47.92 -27.13 4.86
CA LEU I 42 46.73 -26.30 5.05
C LEU I 42 45.65 -27.04 5.83
N HIS I 43 45.44 -28.32 5.51
CA HIS I 43 44.38 -29.07 6.17
C HIS I 43 44.65 -29.24 7.66
N ASP I 44 45.90 -29.55 8.02
CA ASP I 44 46.26 -29.66 9.44
C ASP I 44 46.03 -28.33 10.15
N TRP I 45 46.48 -27.23 9.54
CA TRP I 45 46.31 -25.91 10.14
C TRP I 45 44.84 -25.60 10.38
N LEU I 46 44.00 -25.86 9.37
CA LEU I 46 42.58 -25.55 9.47
C LEU I 46 41.89 -26.41 10.53
N ASP I 47 42.29 -27.68 10.65
CA ASP I 47 41.68 -28.54 11.66
C ASP I 47 42.03 -28.06 13.08
N GLY I 48 43.29 -27.69 13.30
CA GLY I 48 43.65 -27.11 14.58
C GLY I 48 42.82 -25.89 14.91
N LYS I 49 42.68 -24.99 13.94
CA LYS I 49 41.88 -23.78 14.17
C LYS I 49 40.42 -24.12 14.46
N ARG I 50 39.87 -25.12 13.77
CA ARG I 50 38.48 -25.49 13.99
C ARG I 50 38.27 -26.00 15.41
N LYS I 51 39.19 -26.85 15.90
CA LYS I 51 39.06 -27.34 17.27
C LYS I 51 39.20 -26.20 18.28
N ALA I 52 40.08 -25.23 17.99
CA ALA I 52 40.24 -24.11 18.92
C ALA I 52 39.24 -22.98 18.68
N ARG I 53 38.43 -23.07 17.62
CA ARG I 53 37.44 -22.04 17.30
C ARG I 53 38.07 -20.65 17.21
N LYS I 54 39.27 -20.58 16.64
CA LYS I 54 40.02 -19.34 16.54
C LYS I 54 40.02 -18.86 15.09
N SER I 55 39.60 -17.62 14.87
CA SER I 55 39.55 -17.06 13.53
C SER I 55 40.94 -16.69 13.04
N CYS I 56 41.13 -16.77 11.73
CA CYS I 56 42.44 -16.55 11.12
C CYS I 56 42.24 -16.18 9.66
N ARG I 57 43.32 -16.19 8.89
CA ARG I 57 43.28 -15.83 7.48
C ARG I 57 44.29 -16.66 6.71
N VAL I 58 44.14 -16.68 5.38
CA VAL I 58 45.05 -17.37 4.48
C VAL I 58 45.46 -16.38 3.39
N VAL I 59 46.77 -16.15 3.26
CA VAL I 59 47.31 -15.15 2.35
C VAL I 59 48.27 -15.84 1.37
N GLY I 60 48.15 -15.51 0.09
CA GLY I 60 49.03 -16.07 -0.92
C GLY I 60 48.80 -15.42 -2.26
N GLU I 61 49.60 -15.84 -3.25
CA GLU I 61 49.52 -15.30 -4.60
C GLU I 61 48.42 -15.99 -5.39
N SER I 62 48.08 -15.42 -6.54
CA SER I 62 47.09 -15.99 -7.43
C SER I 62 47.68 -17.17 -8.20
N ARG I 63 46.79 -18.04 -8.68
CA ARG I 63 47.16 -19.24 -9.44
C ARG I 63 48.08 -20.15 -8.65
N THR I 64 47.95 -20.14 -7.32
CA THR I 64 48.71 -21.04 -6.46
C THR I 64 47.89 -22.24 -6.00
N GLY I 65 46.58 -22.22 -6.20
CA GLY I 65 45.75 -23.37 -5.93
C GLY I 65 45.18 -23.47 -4.53
N LYS I 66 45.35 -22.45 -3.70
CA LYS I 66 44.85 -22.54 -2.33
C LYS I 66 43.33 -22.66 -2.29
N THR I 67 42.64 -22.12 -3.32
CA THR I 67 41.20 -22.29 -3.42
C THR I 67 40.82 -23.77 -3.43
N VAL I 68 41.51 -24.56 -4.26
CA VAL I 68 41.21 -25.98 -4.36
C VAL I 68 41.52 -26.69 -3.05
N ALA I 69 42.59 -26.29 -2.36
CA ALA I 69 42.94 -26.94 -1.10
C ALA I 69 41.87 -26.70 -0.04
N CYS I 70 41.34 -25.46 0.03
CA CYS I 70 40.24 -25.19 0.96
C CYS I 70 39.00 -26.00 0.60
N ASP I 71 38.66 -26.06 -0.69
CA ASP I 71 37.51 -26.88 -1.11
C ASP I 71 37.71 -28.34 -0.73
N ALA I 72 38.94 -28.84 -0.88
CA ALA I 72 39.25 -30.21 -0.51
C ALA I 72 39.03 -30.43 0.98
N TYR I 73 39.43 -29.47 1.81
CA TYR I 73 39.11 -29.55 3.23
C TYR I 73 37.60 -29.69 3.44
N ARG I 74 36.82 -28.92 2.67
CA ARG I 74 35.36 -29.02 2.79
C ARG I 74 34.87 -30.43 2.50
N TYR I 75 35.41 -31.07 1.46
CA TYR I 75 34.90 -32.40 1.11
C TYR I 75 35.35 -33.49 2.07
N ARG I 76 36.24 -33.17 3.01
CA ARG I 76 36.70 -34.15 3.97
C ARG I 76 35.51 -34.61 4.78
N HIS I 77 34.84 -33.66 5.42
CA HIS I 77 33.66 -33.94 6.22
C HIS I 77 32.46 -33.19 5.66
N LYS I 78 31.37 -33.91 5.42
CA LYS I 78 30.16 -33.31 4.86
C LYS I 78 29.11 -33.12 5.94
N PRO I 79 27.93 -32.60 5.55
CA PRO I 79 26.84 -32.37 6.51
C PRO I 79 26.08 -33.65 6.86
N GLN I 80 26.40 -34.26 8.00
CA GLN I 80 25.71 -35.47 8.41
C GLN I 80 24.25 -35.17 8.72
N GLN I 81 23.35 -36.00 8.19
CA GLN I 81 21.92 -35.83 8.39
C GLN I 81 21.26 -37.12 8.87
N GLU I 82 22.02 -38.01 9.50
CA GLU I 82 21.48 -39.31 9.90
C GLU I 82 20.41 -39.18 10.98
N ALA I 83 20.54 -38.20 11.87
CA ALA I 83 19.61 -38.05 12.97
C ALA I 83 18.27 -37.50 12.46
N GLY I 84 17.27 -37.53 13.34
CA GLY I 84 15.96 -37.00 12.98
C GLY I 84 15.91 -35.50 12.86
N ARG I 85 16.90 -34.80 13.42
CA ARG I 85 16.98 -33.36 13.46
C ARG I 85 17.62 -32.83 12.18
N PRO I 86 17.66 -31.52 11.96
CA PRO I 86 18.15 -30.98 10.68
C PRO I 86 19.59 -31.39 10.41
N PRO I 87 20.01 -31.37 9.14
CA PRO I 87 21.40 -31.73 8.82
C PRO I 87 22.39 -30.81 9.52
N THR I 88 23.42 -31.41 10.12
CA THR I 88 24.45 -30.66 10.83
C THR I 88 25.61 -30.38 9.90
N VAL I 89 25.87 -29.10 9.65
CA VAL I 89 26.93 -28.67 8.73
C VAL I 89 28.11 -28.17 9.57
N PRO I 90 29.24 -28.87 9.59
CA PRO I 90 30.38 -28.38 10.36
C PRO I 90 31.15 -27.27 9.66
N VAL I 91 31.10 -27.25 8.32
CA VAL I 91 31.93 -26.34 7.53
C VAL I 91 31.05 -25.65 6.49
N VAL I 92 31.06 -24.32 6.49
CA VAL I 92 30.37 -23.50 5.50
C VAL I 92 31.41 -22.86 4.61
N TYR I 93 31.18 -22.90 3.29
CA TYR I 93 32.11 -22.33 2.31
C TYR I 93 31.33 -21.49 1.31
N ILE I 94 31.70 -20.22 1.18
CA ILE I 94 31.01 -19.29 0.30
C ILE I 94 32.03 -18.52 -0.53
N ARG I 95 31.59 -18.04 -1.69
CA ARG I 95 32.41 -17.22 -2.60
C ARG I 95 31.65 -15.93 -2.89
N PRO I 96 31.86 -14.90 -2.09
CA PRO I 96 31.14 -13.63 -2.30
C PRO I 96 31.49 -13.00 -3.65
N HIS I 97 30.49 -12.43 -4.31
CA HIS I 97 30.71 -11.77 -5.59
C HIS I 97 31.30 -10.39 -5.37
N GLN I 98 31.66 -9.74 -6.49
CA GLN I 98 32.35 -8.46 -6.44
C GLN I 98 31.52 -7.41 -5.72
N LYS I 99 32.11 -6.77 -4.72
CA LYS I 99 31.50 -5.66 -3.98
C LYS I 99 30.17 -6.08 -3.35
N CYS I 100 30.17 -7.22 -2.69
CA CYS I 100 28.98 -7.69 -2.00
C CYS I 100 28.87 -6.99 -0.65
N GLY I 101 27.67 -6.52 -0.33
CA GLY I 101 27.44 -5.75 0.87
C GLY I 101 27.13 -6.61 2.07
N PRO I 102 26.49 -6.02 3.09
CA PRO I 102 26.14 -6.76 4.30
C PRO I 102 24.84 -7.53 4.20
N LYS I 103 24.22 -7.58 3.02
CA LYS I 103 22.98 -8.32 2.80
C LYS I 103 23.21 -9.60 2.01
N ASP I 104 23.89 -9.48 0.87
CA ASP I 104 24.19 -10.64 0.03
C ASP I 104 24.97 -11.70 0.78
N LEU I 105 25.85 -11.29 1.71
CA LEU I 105 26.62 -12.25 2.50
C LEU I 105 25.69 -13.14 3.32
N PHE I 106 24.80 -12.52 4.10
CA PHE I 106 23.82 -13.26 4.88
C PHE I 106 22.98 -14.16 3.99
N LYS I 107 22.55 -13.64 2.83
CA LYS I 107 21.73 -14.43 1.92
C LYS I 107 22.45 -15.68 1.46
N LYS I 108 23.73 -15.55 1.10
CA LYS I 108 24.49 -16.70 0.62
C LYS I 108 24.66 -17.75 1.71
N ILE I 109 24.93 -17.30 2.94
CA ILE I 109 25.01 -18.27 4.05
C ILE I 109 23.70 -19.05 4.17
N THR I 110 22.58 -18.33 4.23
CA THR I 110 21.28 -18.97 4.38
C THR I 110 21.01 -19.96 3.26
N GLU I 111 21.31 -19.59 2.02
CA GLU I 111 21.05 -20.49 0.90
C GLU I 111 21.96 -21.71 0.95
N TYR I 112 23.21 -21.52 1.37
CA TYR I 112 24.12 -22.66 1.49
C TYR I 112 23.61 -23.67 2.51
N LEU I 113 22.84 -23.22 3.49
CA LEU I 113 22.26 -24.15 4.46
C LEU I 113 20.89 -24.70 4.03
N LYS I 114 20.51 -24.55 2.77
CA LYS I 114 19.26 -25.10 2.22
C LYS I 114 18.03 -24.58 2.98
N TYR I 115 18.03 -23.30 3.31
CA TYR I 115 16.92 -22.67 4.01
C TYR I 115 16.35 -21.54 3.17
N ARG I 116 15.06 -21.26 3.38
CA ARG I 116 14.37 -20.26 2.59
C ARG I 116 14.90 -18.86 2.89
N VAL I 117 14.68 -17.95 1.94
CA VAL I 117 15.05 -16.55 2.06
C VAL I 117 13.77 -15.74 2.26
N THR I 118 13.71 -14.98 3.34
CA THR I 118 12.55 -14.15 3.64
C THR I 118 12.81 -12.70 3.26
N LYS I 119 11.81 -12.05 2.70
CA LYS I 119 11.93 -10.64 2.33
C LYS I 119 11.97 -9.77 3.58
N GLY I 120 12.81 -8.75 3.55
CA GLY I 120 12.95 -7.87 4.69
C GLY I 120 14.17 -6.98 4.56
N THR I 121 14.63 -6.46 5.68
CA THR I 121 15.77 -5.57 5.74
C THR I 121 17.03 -6.33 6.14
N VAL I 122 18.13 -5.59 6.30
CA VAL I 122 19.39 -6.20 6.73
C VAL I 122 19.27 -6.75 8.15
N SER I 123 18.50 -6.08 9.01
CA SER I 123 18.30 -6.58 10.36
C SER I 123 17.58 -7.92 10.35
N ASP I 124 16.58 -8.06 9.47
CA ASP I 124 15.86 -9.33 9.34
C ASP I 124 16.78 -10.45 8.87
N PHE I 125 17.57 -10.16 7.83
CA PHE I 125 18.51 -11.15 7.32
C PHE I 125 19.53 -11.53 8.38
N ARG I 126 19.97 -10.55 9.18
CA ARG I 126 20.95 -10.82 10.24
C ARG I 126 20.38 -11.78 11.28
N ASP I 127 19.17 -11.50 11.76
CA ASP I 127 18.53 -12.40 12.72
C ASP I 127 18.35 -13.80 12.13
N ARG I 128 17.87 -13.87 10.89
CA ARG I 128 17.66 -15.16 10.24
C ARG I 128 18.95 -15.95 10.13
N THR I 129 20.05 -15.26 9.78
CA THR I 129 21.34 -15.93 9.63
C THR I 129 21.86 -16.45 10.95
N ILE I 130 21.78 -15.64 12.01
CA ILE I 130 22.23 -16.13 13.32
C ILE I 130 21.43 -17.34 13.74
N GLU I 131 20.12 -17.34 13.46
CA GLU I 131 19.28 -18.49 13.79
C GLU I 131 19.77 -19.76 13.09
N VAL I 132 19.93 -19.69 11.76
CA VAL I 132 20.33 -20.89 11.04
C VAL I 132 21.76 -21.31 11.38
N LEU I 133 22.60 -20.37 11.81
CA LEU I 133 23.96 -20.74 12.22
C LEU I 133 23.96 -21.44 13.58
N LYS I 134 23.04 -21.07 14.46
CA LYS I 134 22.97 -21.73 15.77
C LYS I 134 22.35 -23.11 15.65
N GLY I 135 21.33 -23.27 14.80
CA GLY I 135 20.69 -24.57 14.66
C GLY I 135 21.66 -25.65 14.19
N CYS I 136 22.38 -25.38 13.11
CA CYS I 136 23.42 -26.29 12.66
C CYS I 136 24.71 -26.04 13.43
N GLY I 137 25.63 -27.00 13.34
CA GLY I 137 26.90 -26.88 14.03
C GLY I 137 27.65 -25.63 13.64
N VAL I 138 28.00 -25.53 12.34
CA VAL I 138 28.74 -24.40 11.80
C VAL I 138 29.94 -24.10 12.67
N GLU I 139 30.84 -25.08 12.80
CA GLU I 139 32.03 -24.89 13.63
C GLU I 139 32.97 -23.88 13.02
N MET I 140 33.06 -23.83 11.69
CA MET I 140 33.94 -22.88 11.01
C MET I 140 33.26 -22.37 9.75
N LEU I 141 33.63 -21.16 9.35
CA LEU I 141 33.12 -20.53 8.14
C LEU I 141 34.29 -20.05 7.30
N ILE I 142 34.33 -20.48 6.04
CA ILE I 142 35.39 -20.13 5.11
C ILE I 142 34.85 -19.13 4.09
N ILE I 143 35.43 -17.93 4.06
CA ILE I 143 35.03 -16.88 3.13
C ILE I 143 36.17 -16.72 2.13
N ASP I 144 35.94 -17.15 0.89
CA ASP I 144 36.97 -17.16 -0.14
C ASP I 144 36.95 -15.86 -0.94
N GLU I 145 38.06 -15.59 -1.61
CA GLU I 145 38.24 -14.38 -2.42
C GLU I 145 37.79 -13.14 -1.64
N ALA I 146 38.22 -13.09 -0.38
CA ALA I 146 37.82 -12.00 0.52
C ALA I 146 38.31 -10.64 0.06
N ASP I 147 39.20 -10.59 -0.94
CA ASP I 147 39.73 -9.32 -1.40
C ASP I 147 38.64 -8.42 -1.98
N ARG I 148 37.57 -9.02 -2.53
CA ARG I 148 36.48 -8.24 -3.10
C ARG I 148 35.35 -7.99 -2.12
N LEU I 149 35.42 -8.56 -0.91
CA LEU I 149 34.43 -8.27 0.12
C LEU I 149 34.49 -6.80 0.51
N LYS I 150 33.33 -6.16 0.52
CA LYS I 150 33.28 -4.72 0.80
C LYS I 150 33.79 -4.44 2.21
N PRO I 151 34.51 -3.33 2.42
CA PRO I 151 35.03 -3.02 3.76
C PRO I 151 33.95 -2.90 4.82
N GLU I 152 32.73 -2.51 4.44
CA GLU I 152 31.65 -2.33 5.41
C GLU I 152 31.23 -3.65 6.05
N THR I 153 31.33 -4.76 5.32
CA THR I 153 30.86 -6.05 5.79
C THR I 153 31.79 -6.70 6.80
N PHE I 154 33.06 -6.28 6.86
CA PHE I 154 33.99 -6.84 7.83
C PHE I 154 33.49 -6.66 9.25
N ALA I 155 32.79 -5.55 9.52
CA ALA I 155 32.21 -5.35 10.85
C ALA I 155 31.21 -6.46 11.19
N ASP I 156 30.39 -6.87 10.22
CA ASP I 156 29.44 -7.95 10.46
C ASP I 156 30.15 -9.30 10.61
N VAL I 157 31.18 -9.54 9.80
CA VAL I 157 31.93 -10.78 9.93
C VAL I 157 32.58 -10.86 11.31
N ARG I 158 33.16 -9.75 11.76
CA ARG I 158 33.73 -9.70 13.11
C ARG I 158 32.67 -9.91 14.17
N ASP I 159 31.49 -9.30 13.99
CA ASP I 159 30.41 -9.49 14.94
C ASP I 159 29.99 -10.94 15.04
N ILE I 160 29.99 -11.65 13.92
CA ILE I 160 29.68 -13.08 13.96
C ILE I 160 30.79 -13.86 14.66
N ALA I 161 32.05 -13.52 14.34
CA ALA I 161 33.18 -14.25 14.91
C ALA I 161 33.28 -14.07 16.42
N GLU I 162 32.76 -12.96 16.95
CA GLU I 162 32.78 -12.72 18.40
C GLU I 162 31.49 -13.10 19.10
N ASP I 163 30.34 -12.85 18.45
CA ASP I 163 29.04 -13.10 19.06
C ASP I 163 28.83 -14.59 19.32
N LEU I 164 29.20 -15.43 18.36
CA LEU I 164 29.06 -16.87 18.48
C LEU I 164 30.40 -17.53 18.22
N GLY I 165 30.60 -18.69 18.86
CA GLY I 165 31.83 -19.44 18.65
C GLY I 165 31.89 -20.04 17.26
N ILE I 166 32.64 -19.39 16.37
CA ILE I 166 32.77 -19.80 14.97
C ILE I 166 34.16 -19.41 14.49
N ALA I 167 34.90 -20.37 13.95
CA ALA I 167 36.22 -20.09 13.40
C ALA I 167 36.06 -19.57 11.97
N VAL I 168 36.23 -18.26 11.80
CA VAL I 168 36.06 -17.61 10.50
C VAL I 168 37.43 -17.51 9.82
N VAL I 169 37.49 -17.92 8.55
CA VAL I 169 38.72 -17.93 7.78
C VAL I 169 38.54 -17.03 6.56
N LEU I 170 39.45 -16.07 6.40
CA LEU I 170 39.45 -15.16 5.25
C LEU I 170 40.61 -15.55 4.34
N VAL I 171 40.30 -16.06 3.16
CA VAL I 171 41.31 -16.48 2.18
C VAL I 171 41.49 -15.35 1.18
N GLY I 172 42.71 -14.84 1.04
CA GLY I 172 42.92 -13.74 0.12
C GLY I 172 44.38 -13.50 -0.17
N THR I 173 44.63 -12.57 -1.08
CA THR I 173 45.96 -12.14 -1.47
C THR I 173 46.33 -10.85 -0.70
N ASP I 174 47.31 -10.10 -1.20
CA ASP I 174 47.84 -8.95 -0.45
C ASP I 174 46.80 -7.85 -0.26
N ARG I 175 45.92 -7.65 -1.24
CA ARG I 175 44.93 -6.58 -1.15
C ARG I 175 44.02 -6.76 0.07
N LEU I 176 43.70 -8.01 0.40
CA LEU I 176 42.88 -8.26 1.58
C LEU I 176 43.57 -7.76 2.85
N ASP I 177 44.88 -7.99 2.96
CA ASP I 177 45.64 -7.46 4.09
C ASP I 177 45.58 -5.95 4.12
N ALA I 178 45.73 -5.33 2.94
CA ALA I 178 45.63 -3.87 2.87
C ALA I 178 44.29 -3.37 3.40
N VAL I 179 43.21 -4.09 3.12
CA VAL I 179 41.90 -3.69 3.62
C VAL I 179 41.79 -3.93 5.12
N ILE I 180 42.27 -5.08 5.59
CA ILE I 180 42.14 -5.44 7.00
C ILE I 180 42.84 -4.43 7.88
N LYS I 181 44.02 -3.97 7.45
CA LYS I 181 44.80 -3.06 8.29
C LYS I 181 44.07 -1.74 8.57
N ARG I 182 43.02 -1.44 7.82
CA ARG I 182 42.34 -0.15 7.95
C ARG I 182 41.56 -0.01 9.25
N ASP I 183 41.24 -1.12 9.93
CA ASP I 183 40.48 -1.08 11.16
C ASP I 183 41.21 -1.88 12.23
N GLU I 184 41.36 -1.30 13.43
CA GLU I 184 42.13 -1.96 14.47
C GLU I 184 41.38 -3.15 15.06
N GLN I 185 40.05 -3.06 15.15
CA GLN I 185 39.28 -4.19 15.69
C GLN I 185 39.32 -5.39 14.75
N VAL I 186 39.03 -5.15 13.47
CA VAL I 186 39.09 -6.22 12.47
C VAL I 186 40.49 -6.80 12.40
N LEU I 187 41.51 -5.96 12.47
CA LEU I 187 42.89 -6.45 12.45
C LEU I 187 43.19 -7.25 13.71
N GLU I 188 42.63 -6.85 14.85
CA GLU I 188 42.86 -7.57 16.09
C GLU I 188 42.27 -8.97 16.01
N ARG I 189 41.13 -9.12 15.33
CA ARG I 189 40.48 -10.44 15.29
C ARG I 189 41.32 -11.45 14.50
N PHE I 190 41.88 -11.05 13.36
CA PHE I 190 42.61 -11.97 12.49
C PHE I 190 44.10 -11.63 12.50
N ARG I 191 44.93 -12.58 12.95
CA ARG I 191 46.37 -12.35 13.00
C ARG I 191 47.17 -13.60 12.72
N ALA I 192 46.54 -14.77 12.81
CA ALA I 192 47.19 -16.04 12.48
C ALA I 192 46.95 -16.35 11.01
N HIS I 193 48.01 -16.79 10.33
CA HIS I 193 47.88 -16.99 8.89
C HIS I 193 48.93 -17.97 8.39
N LEU I 194 48.78 -18.33 7.11
CA LEU I 194 49.71 -19.19 6.39
C LEU I 194 50.11 -18.48 5.10
N ARG I 195 51.19 -18.94 4.49
CA ARG I 195 51.73 -18.34 3.28
C ARG I 195 51.79 -19.36 2.16
N PHE I 196 51.21 -19.00 1.02
CA PHE I 196 51.26 -19.81 -0.19
C PHE I 196 52.23 -19.16 -1.16
N GLY I 197 53.22 -19.92 -1.63
CA GLY I 197 54.25 -19.39 -2.50
C GLY I 197 54.47 -20.26 -3.71
N LYS I 198 55.04 -19.64 -4.74
CA LYS I 198 55.37 -20.36 -5.97
C LYS I 198 56.42 -21.42 -5.71
N LEU I 199 56.30 -22.54 -6.42
CA LEU I 199 57.22 -23.65 -6.22
C LEU I 199 58.59 -23.35 -6.82
N SER I 200 59.59 -24.13 -6.41
CA SER I 200 60.96 -23.92 -6.87
C SER I 200 61.79 -25.17 -6.58
N GLY I 201 62.89 -25.29 -7.31
CA GLY I 201 63.92 -26.28 -7.02
C GLY I 201 63.42 -27.71 -7.08
N GLU I 202 63.85 -28.51 -6.10
CA GLU I 202 63.47 -29.92 -6.04
C GLU I 202 61.97 -30.08 -5.86
N ASP I 203 61.34 -29.18 -5.10
CA ASP I 203 59.89 -29.25 -4.94
C ASP I 203 59.18 -29.07 -6.28
N PHE I 204 59.63 -28.10 -7.07
CA PHE I 204 59.07 -27.91 -8.41
C PHE I 204 59.30 -29.13 -9.29
N LYS I 205 60.53 -29.67 -9.26
CA LYS I 205 60.85 -30.85 -10.07
C LYS I 205 59.97 -32.03 -9.68
N ASN I 206 59.80 -32.26 -8.38
CA ASN I 206 58.98 -33.38 -7.92
C ASN I 206 57.51 -33.16 -8.25
N THR I 207 57.03 -31.92 -8.11
CA THR I 207 55.68 -31.60 -8.54
C THR I 207 55.48 -31.96 -10.00
N VAL I 208 56.42 -31.55 -10.86
CA VAL I 208 56.29 -31.81 -12.29
C VAL I 208 56.41 -33.31 -12.58
N GLU I 209 57.37 -33.98 -11.95
CA GLU I 209 57.59 -35.40 -12.19
C GLU I 209 56.37 -36.21 -11.78
N MET I 210 55.85 -35.96 -10.59
CA MET I 210 54.63 -36.62 -10.14
C MET I 210 53.43 -36.22 -10.99
N TRP I 211 53.40 -34.97 -11.48
CA TRP I 211 52.29 -34.51 -12.29
C TRP I 211 52.22 -35.23 -13.62
N GLU I 212 53.38 -35.52 -14.21
CA GLU I 212 53.40 -36.21 -15.50
C GLU I 212 52.74 -37.58 -15.40
N GLN I 213 52.92 -38.28 -14.28
CA GLN I 213 52.38 -39.62 -14.12
C GLN I 213 51.03 -39.63 -13.40
N MET I 214 50.66 -38.55 -12.73
CA MET I 214 49.43 -38.54 -11.94
C MET I 214 48.22 -38.19 -12.81
N VAL I 215 48.35 -37.21 -13.69
CA VAL I 215 47.26 -36.79 -14.55
C VAL I 215 47.46 -37.38 -15.94
N LEU I 216 48.55 -37.02 -16.59
CA LEU I 216 48.83 -37.54 -17.93
C LEU I 216 49.01 -39.05 -17.90
N LYS I 217 48.34 -39.73 -18.82
CA LYS I 217 48.42 -41.18 -18.95
C LYS I 217 48.89 -41.57 -20.35
N LEU I 218 49.79 -40.77 -20.92
CA LEU I 218 50.28 -41.04 -22.26
C LEU I 218 51.05 -42.36 -22.30
N PRO I 219 50.96 -43.09 -23.42
CA PRO I 219 51.60 -44.42 -23.47
C PRO I 219 53.10 -44.40 -23.22
N VAL I 220 53.79 -43.31 -23.55
CA VAL I 220 55.23 -43.20 -23.35
C VAL I 220 55.50 -42.02 -22.44
N SER I 221 56.42 -42.21 -21.48
CA SER I 221 56.79 -41.13 -20.57
C SER I 221 57.36 -39.96 -21.34
N SER I 222 56.92 -38.75 -20.97
CA SER I 222 57.45 -37.53 -21.59
C SER I 222 58.78 -37.11 -20.99
N ASN I 223 59.13 -37.62 -19.81
CA ASN I 223 60.38 -37.32 -19.13
C ASN I 223 60.56 -35.81 -18.96
N LEU I 224 59.61 -35.20 -18.27
CA LEU I 224 59.68 -33.77 -17.98
C LEU I 224 60.79 -33.43 -17.00
N LYS I 225 61.42 -34.44 -16.37
CA LYS I 225 62.54 -34.23 -15.47
C LYS I 225 63.83 -34.33 -16.29
N SER I 226 64.41 -33.17 -16.61
CA SER I 226 65.66 -33.09 -17.33
C SER I 226 66.09 -31.63 -17.32
N LYS I 227 67.39 -31.40 -17.54
CA LYS I 227 67.88 -30.03 -17.63
C LYS I 227 67.17 -29.28 -18.76
N GLU I 228 67.13 -29.90 -19.95
CA GLU I 228 66.51 -29.25 -21.10
C GLU I 228 65.02 -29.04 -20.89
N MET I 229 64.32 -30.05 -20.36
CA MET I 229 62.88 -29.93 -20.16
C MET I 229 62.55 -28.86 -19.13
N LEU I 230 63.30 -28.81 -18.04
CA LEU I 230 63.05 -27.81 -17.01
C LEU I 230 63.32 -26.41 -17.54
N ARG I 231 64.37 -26.25 -18.34
CA ARG I 231 64.67 -24.93 -18.90
C ARG I 231 63.47 -24.34 -19.63
N ILE I 232 62.61 -25.19 -20.19
CA ILE I 232 61.40 -24.72 -20.86
C ILE I 232 60.24 -24.61 -19.91
N LEU I 233 60.07 -25.60 -19.01
CA LEU I 233 58.90 -25.62 -18.14
C LEU I 233 58.94 -24.52 -17.10
N THR I 234 60.09 -24.36 -16.43
CA THR I 234 60.28 -23.35 -15.39
C THR I 234 60.25 -21.93 -15.92
N SER I 235 60.35 -21.73 -17.23
CA SER I 235 60.30 -20.37 -17.78
C SER I 235 58.86 -19.91 -17.95
N ALA I 236 58.01 -20.74 -18.53
CA ALA I 236 56.61 -20.37 -18.71
C ALA I 236 55.81 -20.52 -17.42
N THR I 237 56.16 -21.50 -16.58
CA THR I 237 55.38 -21.74 -15.37
C THR I 237 55.66 -20.69 -14.31
N GLU I 238 56.93 -20.37 -14.09
CA GLU I 238 57.35 -19.40 -13.06
C GLU I 238 56.89 -19.81 -11.67
N GLY I 239 56.72 -21.11 -11.44
CA GLY I 239 56.34 -21.62 -10.14
C GLY I 239 54.85 -21.63 -9.84
N TYR I 240 54.01 -21.15 -10.76
CA TYR I 240 52.57 -21.16 -10.56
C TYR I 240 52.01 -22.54 -10.89
N ILE I 241 51.26 -23.12 -9.95
CA ILE I 241 50.63 -24.41 -10.19
C ILE I 241 49.62 -24.32 -11.33
N GLY I 242 48.86 -23.22 -11.36
CA GLY I 242 47.83 -23.08 -12.38
C GLY I 242 48.38 -23.02 -13.79
N ARG I 243 49.48 -22.30 -13.98
CA ARG I 243 50.12 -22.27 -15.30
C ARG I 243 50.57 -23.66 -15.72
N LEU I 244 51.20 -24.39 -14.80
CA LEU I 244 51.77 -25.69 -15.11
C LEU I 244 50.70 -26.70 -15.52
N ASP I 245 49.58 -26.73 -14.78
CA ASP I 245 48.50 -27.66 -15.12
C ASP I 245 48.02 -27.46 -16.54
N GLU I 246 47.69 -26.21 -16.89
CA GLU I 246 47.17 -25.91 -18.22
C GLU I 246 48.18 -26.23 -19.30
N ILE I 247 49.45 -25.86 -19.08
CA ILE I 247 50.48 -26.11 -20.09
C ILE I 247 50.62 -27.60 -20.36
N LEU I 248 50.70 -28.41 -19.30
CA LEU I 248 50.89 -29.84 -19.48
C LEU I 248 49.70 -30.47 -20.19
N ARG I 249 48.49 -30.11 -19.77
CA ARG I 249 47.29 -30.67 -20.40
C ARG I 249 47.24 -30.32 -21.88
N GLU I 250 47.47 -29.05 -22.22
CA GLU I 250 47.37 -28.61 -23.60
C GLU I 250 48.45 -29.24 -24.47
N ALA I 251 49.68 -29.31 -23.96
CA ALA I 251 50.76 -29.92 -24.73
C ALA I 251 50.46 -31.40 -25.00
N ALA I 252 49.94 -32.11 -23.99
CA ALA I 252 49.59 -33.51 -24.20
C ALA I 252 48.49 -33.66 -25.23
N ILE I 253 47.46 -32.81 -25.17
CA ILE I 253 46.35 -32.91 -26.11
C ILE I 253 46.83 -32.66 -27.53
N ARG I 254 47.67 -31.65 -27.73
CA ARG I 254 48.17 -31.35 -29.07
C ARG I 254 49.04 -32.49 -29.60
N SER I 255 49.95 -33.00 -28.75
CA SER I 255 50.78 -34.13 -29.16
C SER I 255 49.93 -35.33 -29.56
N LEU I 256 48.85 -35.60 -28.82
CA LEU I 256 47.94 -36.67 -29.20
C LEU I 256 47.32 -36.40 -30.55
N SER I 257 46.80 -35.18 -30.75
CA SER I 257 46.18 -34.82 -32.01
C SER I 257 47.13 -34.97 -33.19
N ARG I 258 48.44 -34.96 -32.94
CA ARG I 258 49.40 -35.26 -34.01
C ARG I 258 49.83 -36.72 -34.05
N GLY I 259 49.24 -37.57 -33.21
CA GLY I 259 49.53 -38.99 -33.24
C GLY I 259 50.71 -39.44 -32.40
N LEU I 260 51.11 -38.66 -31.41
CA LEU I 260 52.29 -38.97 -30.60
C LEU I 260 51.91 -39.71 -29.32
N LYS I 261 52.87 -40.47 -28.81
CA LYS I 261 52.76 -41.11 -27.50
C LYS I 261 53.54 -40.37 -26.43
N LYS I 262 54.18 -39.25 -26.78
CA LYS I 262 54.93 -38.41 -25.86
C LYS I 262 54.90 -37.00 -26.42
N ILE I 263 55.31 -36.04 -25.60
CA ILE I 263 55.33 -34.63 -25.99
C ILE I 263 56.75 -34.26 -26.44
N ASP I 264 56.84 -33.73 -27.66
CA ASP I 264 58.12 -33.31 -28.19
C ASP I 264 58.51 -31.93 -27.63
N LYS I 265 59.82 -31.66 -27.65
CA LYS I 265 60.33 -30.39 -27.16
C LYS I 265 59.83 -29.23 -28.02
N ALA I 266 59.76 -29.43 -29.34
CA ALA I 266 59.26 -28.38 -30.23
C ALA I 266 57.80 -28.06 -29.93
N VAL I 267 56.99 -29.08 -29.67
CA VAL I 267 55.58 -28.86 -29.32
C VAL I 267 55.47 -28.02 -28.06
N LEU I 268 56.27 -28.38 -27.04
CA LEU I 268 56.23 -27.65 -25.78
C LEU I 268 56.66 -26.19 -25.97
N GLN I 269 57.71 -25.96 -26.76
CA GLN I 269 58.16 -24.60 -27.01
C GLN I 269 57.11 -23.80 -27.77
N GLU I 270 56.41 -24.43 -28.71
CA GLU I 270 55.33 -23.77 -29.44
C GLU I 270 54.23 -23.34 -28.48
N VAL I 271 53.82 -24.25 -27.58
CA VAL I 271 52.80 -23.90 -26.59
C VAL I 271 53.27 -22.73 -25.73
N ALA I 272 54.55 -22.74 -25.34
CA ALA I 272 55.07 -21.67 -24.50
C ALA I 272 55.02 -20.33 -25.22
N LYS I 273 55.41 -20.30 -26.50
CA LYS I 273 55.32 -19.06 -27.27
C LYS I 273 53.89 -18.60 -27.43
N GLU I 274 52.93 -19.53 -27.41
CA GLU I 274 51.53 -19.14 -27.53
C GLU I 274 51.03 -18.39 -26.29
N TYR I 275 51.42 -18.83 -25.10
CA TYR I 275 50.96 -18.20 -23.87
C TYR I 275 51.99 -17.23 -23.31
N GLU J 19 38.91 -39.50 31.23
CA GLU J 19 40.18 -38.78 31.21
C GLU J 19 40.08 -37.48 32.02
N TRP J 20 40.88 -37.39 33.09
CA TRP J 20 40.92 -36.18 33.90
C TRP J 20 41.38 -34.98 33.08
N LEU J 21 42.30 -35.22 32.13
CA LEU J 21 42.78 -34.14 31.28
C LEU J 21 41.66 -33.53 30.45
N GLN J 22 40.70 -34.35 30.02
CA GLN J 22 39.58 -33.84 29.23
C GLN J 22 38.74 -32.87 30.05
N ALA J 23 38.46 -33.20 31.31
CA ALA J 23 37.72 -32.29 32.18
C ALA J 23 38.49 -31.00 32.39
N GLU J 24 39.81 -31.09 32.61
CA GLU J 24 40.62 -29.88 32.75
C GLU J 24 40.55 -29.02 31.50
N ILE J 25 40.57 -29.65 30.32
CA ILE J 25 40.49 -28.92 29.06
C ILE J 25 39.17 -28.17 28.97
N ALA J 26 38.07 -28.85 29.29
CA ALA J 26 36.76 -28.20 29.27
C ALA J 26 36.74 -26.98 30.21
N ARG J 27 37.36 -27.12 31.38
CA ARG J 27 37.43 -25.98 32.30
C ARG J 27 38.19 -24.81 31.68
N LEU J 28 39.34 -25.11 31.06
CA LEU J 28 40.16 -24.03 30.49
C LEU J 28 39.44 -23.32 29.35
N LYS J 29 38.68 -24.06 28.54
CA LYS J 29 38.04 -23.45 27.38
C LYS J 29 36.89 -22.53 27.78
N GLY J 30 36.18 -22.84 28.86
CA GLY J 30 35.06 -22.02 29.26
C GLY J 30 35.49 -20.70 29.87
N LYS J 31 34.69 -19.67 29.62
CA LYS J 31 35.01 -18.33 30.10
C LYS J 31 34.64 -18.17 31.57
N SER J 32 35.39 -17.31 32.26
CA SER J 32 35.18 -17.05 33.68
C SER J 32 35.38 -15.56 33.95
N ILE J 33 34.88 -15.10 35.09
CA ILE J 33 34.93 -13.69 35.47
C ILE J 33 35.66 -13.56 36.80
N VAL J 34 36.64 -12.66 36.84
CA VAL J 34 37.44 -12.41 38.04
C VAL J 34 37.38 -10.92 38.35
N PRO J 35 37.71 -10.53 39.58
CA PRO J 35 37.69 -9.11 39.95
C PRO J 35 39.03 -8.41 39.71
N LEU J 36 38.93 -7.14 39.33
CA LEU J 36 40.10 -6.31 39.06
C LEU J 36 39.84 -4.90 39.56
N GLN J 37 40.94 -4.14 39.74
CA GLN J 37 40.82 -2.77 40.22
C GLN J 37 39.99 -1.90 39.27
N GLN J 38 40.22 -2.04 37.97
CA GLN J 38 39.44 -1.29 36.99
C GLN J 38 37.96 -1.63 37.10
N VAL J 39 37.63 -2.90 37.31
CA VAL J 39 36.24 -3.34 37.39
C VAL J 39 35.56 -2.71 38.61
N LYS J 40 36.21 -2.79 39.77
CA LYS J 40 35.63 -2.23 40.99
C LYS J 40 35.48 -0.72 40.89
N THR J 41 36.49 -0.05 40.32
CA THR J 41 36.41 1.39 40.11
C THR J 41 35.21 1.74 39.25
N LEU J 42 35.03 1.04 38.13
CA LEU J 42 33.90 1.31 37.26
C LEU J 42 32.58 1.04 37.97
N HIS J 43 32.51 -0.03 38.76
CA HIS J 43 31.25 -0.36 39.43
C HIS J 43 30.86 0.72 40.43
N ASP J 44 31.81 1.18 41.24
CA ASP J 44 31.51 2.25 42.18
C ASP J 44 31.11 3.55 41.45
N TRP J 45 31.85 3.89 40.40
CA TRP J 45 31.55 5.10 39.63
C TRP J 45 30.15 5.05 39.04
N LEU J 46 29.79 3.92 38.42
CA LEU J 46 28.49 3.77 37.81
C LEU J 46 27.38 3.74 38.86
N ASP J 47 27.63 3.16 40.03
CA ASP J 47 26.62 3.21 41.09
C ASP J 47 26.34 4.66 41.49
N GLY J 48 27.39 5.46 41.63
CA GLY J 48 27.17 6.88 41.88
C GLY J 48 26.33 7.55 40.81
N LYS J 49 26.70 7.33 39.54
CA LYS J 49 25.96 7.94 38.43
C LYS J 49 24.50 7.49 38.42
N ARG J 50 24.25 6.21 38.73
CA ARG J 50 22.89 5.69 38.73
C ARG J 50 22.07 6.32 39.84
N LYS J 51 22.66 6.51 41.02
CA LYS J 51 21.92 7.12 42.12
C LYS J 51 21.60 8.58 41.84
N ALA J 52 22.54 9.30 41.21
CA ALA J 52 22.32 10.72 40.92
C ALA J 52 21.56 10.97 39.63
N ARG J 53 21.25 9.93 38.86
CA ARG J 53 20.53 10.04 37.58
C ARG J 53 21.23 11.02 36.64
N LYS J 54 22.50 10.75 36.37
CA LYS J 54 23.33 11.59 35.52
C LYS J 54 23.91 10.78 34.38
N SER J 55 23.84 11.32 33.17
CA SER J 55 24.39 10.63 32.00
C SER J 55 25.91 10.69 32.04
N CYS J 56 26.55 9.62 31.55
CA CYS J 56 28.00 9.53 31.55
C CYS J 56 28.43 8.53 30.47
N ARG J 57 29.73 8.49 30.20
CA ARG J 57 30.27 7.62 29.16
C ARG J 57 31.55 6.96 29.65
N VAL J 58 31.84 5.80 29.06
CA VAL J 58 33.05 5.03 29.35
C VAL J 58 33.82 4.86 28.05
N VAL J 59 35.10 5.26 28.06
CA VAL J 59 35.95 5.23 26.88
C VAL J 59 37.24 4.50 27.23
N GLY J 60 37.70 3.65 26.32
CA GLY J 60 38.94 2.93 26.50
C GLY J 60 39.28 2.15 25.24
N GLU J 61 40.45 1.53 25.25
CA GLU J 61 40.89 0.75 24.11
C GLU J 61 40.18 -0.61 24.08
N SER J 62 40.21 -1.24 22.91
CA SER J 62 39.66 -2.58 22.77
C SER J 62 40.53 -3.59 23.50
N ARG J 63 39.95 -4.76 23.79
CA ARG J 63 40.60 -5.85 24.50
C ARG J 63 41.04 -5.45 25.91
N THR J 64 40.41 -4.44 26.49
CA THR J 64 40.67 -4.04 27.87
C THR J 64 39.62 -4.57 28.84
N GLY J 65 38.57 -5.22 28.32
CA GLY J 65 37.61 -5.91 29.17
C GLY J 65 36.53 -5.07 29.80
N LYS J 66 36.33 -3.83 29.33
CA LYS J 66 35.28 -2.99 29.92
C LYS J 66 33.90 -3.59 29.72
N THR J 67 33.69 -4.32 28.61
CA THR J 67 32.40 -4.93 28.34
C THR J 67 32.02 -5.93 29.44
N VAL J 68 32.97 -6.77 29.85
CA VAL J 68 32.70 -7.73 30.92
C VAL J 68 32.40 -7.00 32.22
N ALA J 69 33.01 -5.84 32.43
CA ALA J 69 32.68 -5.05 33.62
C ALA J 69 31.22 -4.62 33.61
N CYS J 70 30.73 -4.15 32.46
CA CYS J 70 29.32 -3.81 32.36
C CYS J 70 28.43 -5.03 32.61
N ASP J 71 28.81 -6.18 32.05
CA ASP J 71 28.03 -7.41 32.24
C ASP J 71 27.95 -7.79 33.72
N ALA J 72 29.08 -7.73 34.41
CA ALA J 72 29.11 -8.06 35.84
C ALA J 72 28.24 -7.10 36.64
N TYR J 73 28.35 -5.79 36.35
CA TYR J 73 27.51 -4.83 37.05
C TYR J 73 26.03 -5.16 36.87
N ARG J 74 25.63 -5.53 35.65
CA ARG J 74 24.23 -5.89 35.43
C ARG J 74 23.84 -7.12 36.27
N TYR J 75 24.71 -8.13 36.31
CA TYR J 75 24.36 -9.34 37.07
C TYR J 75 24.22 -9.05 38.55
N ARG J 76 24.99 -8.09 39.08
CA ARG J 76 24.84 -7.73 40.49
C ARG J 76 23.45 -7.17 40.77
N HIS J 77 22.92 -6.33 39.88
CA HIS J 77 21.60 -5.71 40.05
C HIS J 77 20.57 -6.54 39.29
N LYS J 78 20.17 -7.65 39.91
CA LYS J 78 19.19 -8.53 39.26
C LYS J 78 17.78 -7.97 39.47
N PRO J 79 16.93 -8.05 38.44
CA PRO J 79 15.53 -7.62 38.61
C PRO J 79 14.83 -8.41 39.69
N GLN J 80 14.00 -7.72 40.47
CA GLN J 80 13.26 -8.30 41.58
C GLN J 80 11.76 -8.12 41.36
N GLN J 81 11.00 -9.22 41.49
CA GLN J 81 9.55 -9.20 41.29
C GLN J 81 8.86 -9.98 42.41
N GLU J 82 8.91 -9.43 43.63
CA GLU J 82 8.19 -10.06 44.73
C GLU J 82 6.69 -9.99 44.53
N ALA J 83 6.20 -8.87 44.02
CA ALA J 83 4.77 -8.68 43.82
C ALA J 83 4.32 -9.31 42.49
N GLY J 84 3.00 -9.40 42.33
CA GLY J 84 2.42 -9.91 41.11
C GLY J 84 2.40 -8.95 39.95
N ARG J 85 2.87 -7.71 40.17
CA ARG J 85 2.85 -6.63 39.20
C ARG J 85 4.08 -6.71 38.30
N PRO J 86 4.26 -5.78 37.34
CA PRO J 86 5.46 -5.80 36.50
C PRO J 86 6.73 -5.84 37.32
N PRO J 87 7.59 -6.82 37.06
CA PRO J 87 8.88 -6.91 37.77
C PRO J 87 9.70 -5.63 37.64
N THR J 88 10.32 -5.24 38.75
CA THR J 88 11.23 -4.11 38.73
C THR J 88 12.47 -4.46 37.91
N VAL J 89 12.87 -3.56 37.02
CA VAL J 89 14.08 -3.75 36.22
C VAL J 89 14.98 -2.54 36.43
N PRO J 90 15.94 -2.61 37.36
CA PRO J 90 16.76 -1.44 37.66
C PRO J 90 17.70 -1.03 36.54
N VAL J 91 18.46 -1.97 35.99
CA VAL J 91 19.51 -1.67 35.00
C VAL J 91 19.18 -2.39 33.70
N VAL J 92 19.31 -1.66 32.58
CA VAL J 92 19.09 -2.20 31.25
C VAL J 92 20.40 -2.10 30.47
N TYR J 93 20.70 -3.14 29.70
CA TYR J 93 21.94 -3.22 28.93
C TYR J 93 21.61 -3.68 27.52
N ILE J 94 22.00 -2.87 26.52
CA ILE J 94 21.69 -3.15 25.13
C ILE J 94 22.97 -3.14 24.32
N ARG J 95 23.02 -4.01 23.31
CA ARG J 95 24.19 -4.15 22.44
C ARG J 95 23.73 -3.94 21.00
N PRO J 96 23.80 -2.72 20.49
CA PRO J 96 23.38 -2.46 19.11
C PRO J 96 24.32 -3.09 18.11
N HIS J 97 23.76 -3.48 16.97
CA HIS J 97 24.54 -4.04 15.87
C HIS J 97 25.08 -2.92 14.98
N GLN J 98 25.79 -3.30 13.93
CA GLN J 98 26.43 -2.33 13.05
C GLN J 98 25.40 -1.47 12.33
N LYS J 99 25.71 -0.18 12.22
CA LYS J 99 24.84 0.79 11.54
C LYS J 99 23.43 0.77 12.12
N CYS J 100 23.35 0.85 13.45
CA CYS J 100 22.08 0.74 14.14
C CYS J 100 21.28 2.03 14.02
N GLY J 101 19.96 1.89 13.88
CA GLY J 101 19.08 3.02 13.77
C GLY J 101 18.21 3.20 15.01
N PRO J 102 17.34 4.21 15.00
CA PRO J 102 16.46 4.40 16.17
C PRO J 102 15.44 3.28 16.36
N LYS J 103 14.84 2.81 15.27
CA LYS J 103 13.80 1.78 15.36
C LYS J 103 14.34 0.50 15.99
N ASP J 104 15.51 0.05 15.54
CA ASP J 104 16.10 -1.17 16.08
C ASP J 104 16.50 -0.99 17.54
N LEU J 105 16.99 0.19 17.90
CA LEU J 105 17.32 0.47 19.30
C LEU J 105 16.09 0.33 20.19
N PHE J 106 14.99 0.96 19.76
CA PHE J 106 13.73 0.83 20.49
C PHE J 106 13.31 -0.63 20.61
N LYS J 107 13.45 -1.40 19.52
CA LYS J 107 13.07 -2.80 19.55
C LYS J 107 13.90 -3.58 20.56
N LYS J 108 15.21 -3.34 20.61
CA LYS J 108 16.07 -4.04 21.55
C LYS J 108 15.69 -3.71 22.99
N ILE J 109 15.42 -2.43 23.28
CA ILE J 109 14.99 -2.06 24.62
C ILE J 109 13.69 -2.77 24.98
N THR J 110 12.75 -2.82 24.03
CA THR J 110 11.45 -3.45 24.30
C THR J 110 11.60 -4.95 24.56
N GLU J 111 12.37 -5.63 23.71
CA GLU J 111 12.52 -7.08 23.85
C GLU J 111 13.29 -7.45 25.10
N TYR J 112 14.25 -6.62 25.53
CA TYR J 112 14.99 -6.91 26.75
C TYR J 112 14.07 -6.97 27.97
N LEU J 113 12.94 -6.25 27.93
CA LEU J 113 12.00 -6.21 29.04
C LEU J 113 10.87 -7.21 28.89
N LYS J 114 10.99 -8.16 27.95
CA LYS J 114 9.99 -9.22 27.75
C LYS J 114 8.61 -8.65 27.44
N TYR J 115 8.57 -7.61 26.61
CA TYR J 115 7.33 -6.99 26.16
C TYR J 115 7.20 -7.15 24.65
N ARG J 116 5.99 -7.46 24.19
CA ARG J 116 5.75 -7.69 22.77
C ARG J 116 5.98 -6.41 21.98
N VAL J 117 6.45 -6.57 20.75
CA VAL J 117 6.77 -5.46 19.86
C VAL J 117 5.60 -5.24 18.91
N THR J 118 4.83 -4.17 19.16
CA THR J 118 3.72 -3.85 18.27
C THR J 118 4.22 -3.25 16.96
N LYS J 119 3.48 -3.50 15.89
CA LYS J 119 3.84 -3.02 14.57
C LYS J 119 3.32 -1.61 14.33
N GLY J 120 3.90 -0.94 13.35
CA GLY J 120 3.48 0.39 12.97
C GLY J 120 4.67 1.25 12.60
N THR J 121 4.46 2.56 12.64
CA THR J 121 5.50 3.53 12.29
C THR J 121 6.40 3.78 13.49
N VAL J 122 7.42 4.63 13.29
CA VAL J 122 8.42 4.86 14.33
C VAL J 122 7.81 5.57 15.53
N SER J 123 6.84 6.47 15.31
CA SER J 123 6.20 7.17 16.41
C SER J 123 5.63 6.20 17.44
N ASP J 124 5.00 5.13 16.97
CA ASP J 124 4.48 4.10 17.87
C ASP J 124 5.61 3.44 18.66
N PHE J 125 6.75 3.21 18.02
CA PHE J 125 7.88 2.59 18.72
C PHE J 125 8.39 3.48 19.82
N ARG J 126 8.51 4.78 19.55
CA ARG J 126 8.93 5.72 20.58
C ARG J 126 7.94 5.74 21.75
N ASP J 127 6.65 5.79 21.43
CA ASP J 127 5.63 5.81 22.48
C ASP J 127 5.67 4.53 23.32
N ARG J 128 5.80 3.38 22.67
CA ARG J 128 5.83 2.10 23.38
C ARG J 128 7.08 1.99 24.24
N THR J 129 8.22 2.45 23.74
CA THR J 129 9.46 2.40 24.51
C THR J 129 9.36 3.27 25.76
N ILE J 130 8.83 4.50 25.61
CA ILE J 130 8.65 5.36 26.76
C ILE J 130 7.72 4.71 27.78
N GLU J 131 6.64 4.08 27.29
CA GLU J 131 5.70 3.41 28.18
C GLU J 131 6.38 2.33 29.01
N VAL J 132 7.09 1.41 28.34
CA VAL J 132 7.70 0.30 29.07
C VAL J 132 8.83 0.75 29.97
N LEU J 133 9.50 1.86 29.62
CA LEU J 133 10.54 2.37 30.50
C LEU J 133 9.96 3.07 31.73
N LYS J 134 8.77 3.68 31.59
CA LYS J 134 8.12 4.28 32.75
C LYS J 134 7.58 3.22 33.69
N GLY J 135 6.94 2.18 33.15
CA GLY J 135 6.34 1.16 34.00
C GLY J 135 7.35 0.45 34.88
N CYS J 136 8.50 0.09 34.32
CA CYS J 136 9.54 -0.57 35.10
C CYS J 136 10.43 0.48 35.76
N GLY J 137 11.32 0.01 36.64
CA GLY J 137 12.24 0.90 37.30
C GLY J 137 13.11 1.66 36.31
N VAL J 138 13.89 0.92 35.52
CA VAL J 138 14.76 1.46 34.48
C VAL J 138 15.57 2.64 35.03
N GLU J 139 16.35 2.38 36.08
CA GLU J 139 17.17 3.44 36.67
C GLU J 139 18.21 3.94 35.66
N MET J 140 19.02 3.03 35.13
CA MET J 140 20.13 3.39 34.26
C MET J 140 20.14 2.47 33.04
N LEU J 141 20.39 3.08 31.87
CA LEU J 141 20.44 2.37 30.60
C LEU J 141 21.88 2.40 30.08
N ILE J 142 22.45 1.23 29.84
CA ILE J 142 23.83 1.09 29.41
C ILE J 142 23.84 0.63 27.95
N ILE J 143 24.63 1.29 27.11
CA ILE J 143 24.73 0.99 25.69
C ILE J 143 26.15 0.51 25.41
N ASP J 144 26.29 -0.76 25.07
CA ASP J 144 27.59 -1.34 24.71
C ASP J 144 27.91 -1.07 23.25
N GLU J 145 29.21 -0.88 22.99
CA GLU J 145 29.71 -0.63 21.64
C GLU J 145 28.91 0.49 20.96
N ALA J 146 28.92 1.65 21.63
CA ALA J 146 28.11 2.78 21.19
C ALA J 146 28.57 3.36 19.85
N ASP J 147 29.79 3.04 19.41
CA ASP J 147 30.27 3.55 18.14
C ASP J 147 29.43 3.07 16.97
N ARG J 148 28.83 1.88 17.09
CA ARG J 148 28.05 1.32 16.00
C ARG J 148 26.79 2.12 15.70
N LEU J 149 26.30 2.91 16.66
CA LEU J 149 25.10 3.70 16.44
C LEU J 149 25.34 4.80 15.41
N LYS J 150 24.27 5.15 14.70
CA LYS J 150 24.31 6.22 13.73
C LYS J 150 24.25 7.58 14.43
N PRO J 151 24.60 8.66 13.71
CA PRO J 151 24.47 9.99 14.32
C PRO J 151 23.03 10.34 14.69
N GLU J 152 22.06 9.82 13.94
CA GLU J 152 20.66 10.16 14.19
C GLU J 152 20.14 9.51 15.48
N THR J 153 20.73 8.38 15.88
CA THR J 153 20.24 7.66 17.06
C THR J 153 20.55 8.41 18.35
N PHE J 154 21.66 9.16 18.37
CA PHE J 154 21.98 9.96 19.55
C PHE J 154 20.92 11.02 19.80
N ALA J 155 20.33 11.57 18.73
CA ALA J 155 19.29 12.57 18.89
C ALA J 155 18.07 12.04 19.63
N ASP J 156 17.90 10.73 19.69
CA ASP J 156 16.84 10.10 20.46
C ASP J 156 17.30 9.59 21.82
N VAL J 157 18.54 9.11 21.90
CA VAL J 157 19.10 8.72 23.20
C VAL J 157 19.10 9.93 24.14
N ARG J 158 19.61 11.07 23.66
CA ARG J 158 19.61 12.28 24.47
C ARG J 158 18.19 12.74 24.80
N ASP J 159 17.26 12.57 23.84
CA ASP J 159 15.87 12.91 24.08
C ASP J 159 15.32 12.13 25.27
N ILE J 160 15.60 10.83 25.34
CA ILE J 160 15.18 10.03 26.48
C ILE J 160 15.81 10.54 27.76
N ALA J 161 17.12 10.85 27.71
CA ALA J 161 17.80 11.32 28.92
C ALA J 161 17.15 12.59 29.47
N GLU J 162 16.81 13.54 28.59
CA GLU J 162 16.14 14.75 29.04
C GLU J 162 14.73 14.46 29.52
N ASP J 163 14.04 13.50 28.88
CA ASP J 163 12.63 13.27 29.16
C ASP J 163 12.42 12.58 30.50
N LEU J 164 13.21 11.57 30.81
CA LEU J 164 13.02 10.76 32.01
C LEU J 164 14.31 10.68 32.81
N GLY J 165 14.16 10.32 34.08
CA GLY J 165 15.31 10.16 34.96
C GLY J 165 16.02 8.84 34.78
N ILE J 166 16.74 8.70 33.66
CA ILE J 166 17.54 7.52 33.37
C ILE J 166 18.98 7.97 33.11
N ALA J 167 19.92 7.30 33.76
CA ALA J 167 21.35 7.62 33.60
C ALA J 167 21.89 6.83 32.41
N VAL J 168 21.68 7.38 31.21
CA VAL J 168 22.17 6.72 30.01
C VAL J 168 23.69 6.66 30.04
N VAL J 169 24.25 5.51 29.66
CA VAL J 169 25.69 5.28 29.71
C VAL J 169 26.14 4.78 28.34
N LEU J 170 27.06 5.53 27.71
CA LEU J 170 27.63 5.13 26.43
C LEU J 170 29.01 4.51 26.66
N VAL J 171 29.26 3.37 26.03
CA VAL J 171 30.52 2.65 26.16
C VAL J 171 31.11 2.46 24.77
N GLY J 172 32.38 2.82 24.61
CA GLY J 172 33.03 2.70 23.31
C GLY J 172 34.49 3.06 23.37
N THR J 173 35.06 3.30 22.20
CA THR J 173 36.48 3.63 22.05
C THR J 173 36.66 5.14 21.83
N ASP J 174 37.89 5.54 21.48
CA ASP J 174 38.17 6.95 21.22
C ASP J 174 37.34 7.49 20.05
N ARG J 175 36.91 6.62 19.14
CA ARG J 175 36.04 7.01 18.05
C ARG J 175 34.74 7.63 18.56
N LEU J 176 34.29 7.20 19.74
CA LEU J 176 33.04 7.69 20.31
C LEU J 176 33.08 9.19 20.52
N ASP J 177 34.16 9.71 21.11
CA ASP J 177 34.26 11.15 21.31
C ASP J 177 34.31 11.88 19.99
N ALA J 178 34.99 11.31 18.99
CA ALA J 178 35.06 11.93 17.68
C ALA J 178 33.68 12.05 17.05
N VAL J 179 32.78 11.10 17.32
CA VAL J 179 31.42 11.23 16.81
C VAL J 179 30.59 12.19 17.66
N ILE J 180 30.73 12.11 18.99
CA ILE J 180 29.92 12.93 19.89
C ILE J 180 30.17 14.41 19.65
N LYS J 181 31.43 14.78 19.40
CA LYS J 181 31.78 16.18 19.19
C LYS J 181 31.07 16.80 17.99
N ARG J 182 30.45 15.99 17.14
CA ARG J 182 29.77 16.53 15.96
C ARG J 182 28.56 17.36 16.32
N ASP J 183 27.90 17.05 17.43
CA ASP J 183 26.73 17.79 17.90
C ASP J 183 27.05 18.48 19.21
N GLU J 184 26.73 19.77 19.29
CA GLU J 184 27.00 20.53 20.51
C GLU J 184 26.11 20.06 21.66
N GLN J 185 24.85 19.74 21.39
CA GLN J 185 23.93 19.36 22.46
C GLN J 185 24.29 18.00 23.05
N VAL J 186 24.65 17.03 22.19
CA VAL J 186 25.03 15.71 22.67
C VAL J 186 26.26 15.80 23.57
N LEU J 187 27.25 16.60 23.16
CA LEU J 187 28.44 16.79 23.98
C LEU J 187 28.11 17.53 25.26
N GLU J 188 27.18 18.50 25.19
CA GLU J 188 26.77 19.22 26.40
C GLU J 188 26.15 18.27 27.41
N ARG J 189 25.37 17.29 26.94
CA ARG J 189 24.72 16.36 27.86
C ARG J 189 25.74 15.47 28.59
N PHE J 190 26.72 14.95 27.85
CA PHE J 190 27.72 14.03 28.41
C PHE J 190 29.02 14.79 28.63
N ARG J 191 29.29 15.18 29.87
CA ARG J 191 30.55 15.84 30.19
C ARG J 191 31.42 15.04 31.15
N ALA J 192 30.92 13.95 31.72
CA ALA J 192 31.68 13.10 32.64
C ALA J 192 32.05 11.78 31.96
N HIS J 193 33.21 11.23 32.33
CA HIS J 193 33.69 10.01 31.69
C HIS J 193 34.72 9.32 32.56
N LEU J 194 34.93 8.03 32.28
CA LEU J 194 35.94 7.20 32.92
C LEU J 194 36.77 6.52 31.84
N ARG J 195 38.07 6.39 32.09
CA ARG J 195 39.00 5.82 31.11
C ARG J 195 39.40 4.41 31.52
N PHE J 196 39.46 3.52 30.52
CA PHE J 196 40.07 2.20 30.65
C PHE J 196 41.37 2.19 29.86
N GLY J 197 42.35 1.38 30.30
CA GLY J 197 43.64 1.40 29.66
C GLY J 197 44.45 0.15 29.90
N LYS J 198 45.72 0.23 29.50
CA LYS J 198 46.65 -0.90 29.48
C LYS J 198 47.13 -1.25 30.89
N LEU J 199 47.53 -2.51 31.06
CA LEU J 199 48.22 -2.97 32.25
C LEU J 199 49.73 -2.81 32.08
N SER J 200 50.43 -2.61 33.19
CA SER J 200 51.87 -2.39 33.13
C SER J 200 52.49 -2.58 34.51
N GLY J 201 53.78 -2.92 34.49
CA GLY J 201 54.59 -2.91 35.71
C GLY J 201 54.08 -3.88 36.77
N GLU J 202 54.03 -3.37 38.01
CA GLU J 202 53.62 -4.19 39.14
C GLU J 202 52.16 -4.62 39.00
N ASP J 203 51.31 -3.75 38.46
CA ASP J 203 49.92 -4.12 38.24
C ASP J 203 49.81 -5.30 37.28
N PHE J 204 50.57 -5.26 36.19
CA PHE J 204 50.57 -6.37 35.24
C PHE J 204 51.08 -7.65 35.89
N LYS J 205 52.20 -7.56 36.61
CA LYS J 205 52.76 -8.76 37.25
C LYS J 205 51.78 -9.36 38.25
N ASN J 206 51.15 -8.52 39.08
CA ASN J 206 50.18 -9.01 40.05
C ASN J 206 48.98 -9.63 39.35
N THR J 207 48.53 -9.03 38.24
CA THR J 207 47.42 -9.60 37.49
C THR J 207 47.77 -10.97 36.95
N VAL J 208 48.99 -11.13 36.43
CA VAL J 208 49.42 -12.43 35.91
C VAL J 208 49.46 -13.46 37.03
N GLU J 209 50.01 -13.08 38.19
CA GLU J 209 50.10 -14.01 39.31
C GLU J 209 48.72 -14.43 39.80
N MET J 210 47.78 -13.48 39.88
CA MET J 210 46.42 -13.80 40.27
C MET J 210 45.73 -14.69 39.24
N TRP J 211 45.96 -14.40 37.96
CA TRP J 211 45.35 -15.16 36.88
C TRP J 211 45.77 -16.62 36.92
N GLU J 212 47.06 -16.87 37.16
CA GLU J 212 47.53 -18.25 37.20
C GLU J 212 46.80 -19.04 38.29
N GLN J 213 46.52 -18.40 39.43
CA GLN J 213 45.90 -19.11 40.54
C GLN J 213 44.41 -19.35 40.30
N MET J 214 43.69 -18.38 39.73
CA MET J 214 42.25 -18.56 39.60
C MET J 214 41.82 -19.16 38.27
N VAL J 215 42.21 -18.54 37.16
CA VAL J 215 41.70 -18.96 35.85
C VAL J 215 42.33 -20.29 35.43
N LEU J 216 43.63 -20.45 35.61
CA LEU J 216 44.30 -21.67 35.22
C LEU J 216 44.10 -22.76 36.27
N LYS J 217 44.08 -24.01 35.79
CA LYS J 217 43.84 -25.16 36.66
C LYS J 217 45.05 -26.08 36.74
N LEU J 218 46.24 -25.53 36.50
CA LEU J 218 47.44 -26.37 36.52
C LEU J 218 47.76 -26.81 37.95
N PRO J 219 48.23 -28.05 38.14
CA PRO J 219 48.45 -28.57 39.49
C PRO J 219 49.68 -28.02 40.21
N VAL J 220 50.83 -27.96 39.54
CA VAL J 220 52.08 -27.61 40.20
C VAL J 220 52.77 -26.45 39.48
N SER J 221 53.60 -25.75 40.25
CA SER J 221 54.59 -24.76 39.75
C SER J 221 53.87 -23.68 38.95
N SER J 222 54.34 -23.35 37.74
CA SER J 222 53.75 -22.33 36.88
C SER J 222 53.80 -20.94 37.52
N ASN J 223 54.94 -20.62 38.13
CA ASN J 223 55.15 -19.30 38.72
C ASN J 223 55.47 -18.31 37.61
N LEU J 224 54.52 -17.45 37.28
CA LEU J 224 54.71 -16.44 36.25
C LEU J 224 55.29 -15.14 36.80
N LYS J 225 55.60 -15.09 38.09
CA LYS J 225 56.24 -13.91 38.67
C LYS J 225 57.68 -13.75 38.17
N SER J 226 58.33 -14.86 37.80
CA SER J 226 59.73 -14.81 37.41
C SER J 226 59.93 -13.96 36.17
N LYS J 227 61.12 -13.37 36.06
CA LYS J 227 61.39 -12.38 35.03
C LYS J 227 61.44 -13.01 33.64
N GLU J 228 61.94 -14.24 33.53
CA GLU J 228 62.07 -14.87 32.21
C GLU J 228 60.71 -15.05 31.54
N MET J 229 59.75 -15.60 32.28
CA MET J 229 58.41 -15.77 31.72
C MET J 229 57.68 -14.43 31.61
N LEU J 230 57.94 -13.51 32.55
CA LEU J 230 57.30 -12.20 32.51
C LEU J 230 57.70 -11.44 31.26
N ARG J 231 58.95 -11.58 30.82
CA ARG J 231 59.39 -10.92 29.59
C ARG J 231 58.60 -11.42 28.39
N ILE J 232 58.41 -12.74 28.30
CA ILE J 232 57.64 -13.32 27.20
C ILE J 232 56.22 -12.77 27.21
N LEU J 233 55.53 -12.92 28.34
CA LEU J 233 54.13 -12.51 28.40
C LEU J 233 53.99 -11.00 28.20
N THR J 234 54.94 -10.22 28.70
CA THR J 234 54.89 -8.77 28.53
C THR J 234 55.08 -8.38 27.08
N SER J 235 56.06 -8.99 26.40
CA SER J 235 56.32 -8.66 25.00
C SER J 235 55.15 -9.06 24.13
N ALA J 236 54.51 -10.19 24.42
CA ALA J 236 53.42 -10.65 23.57
C ALA J 236 52.09 -9.96 23.90
N THR J 237 51.89 -9.55 25.15
CA THR J 237 50.58 -9.09 25.59
C THR J 237 50.34 -7.61 25.29
N GLU J 238 51.36 -6.77 25.51
CA GLU J 238 51.26 -5.31 25.33
C GLU J 238 50.26 -4.67 26.28
N GLY J 239 49.97 -5.32 27.41
CA GLY J 239 49.11 -4.74 28.41
C GLY J 239 47.61 -4.96 28.22
N TYR J 240 47.21 -5.65 27.16
CA TYR J 240 45.80 -5.90 26.90
C TYR J 240 45.36 -7.17 27.62
N ILE J 241 44.34 -7.05 28.46
CA ILE J 241 43.94 -8.14 29.34
C ILE J 241 43.37 -9.31 28.53
N GLY J 242 42.58 -9.02 27.50
CA GLY J 242 42.03 -10.08 26.69
C GLY J 242 43.08 -10.93 26.02
N ARG J 243 44.11 -10.28 25.47
CA ARG J 243 45.23 -11.02 24.87
C ARG J 243 45.90 -11.92 25.89
N LEU J 244 46.09 -11.43 27.11
CA LEU J 244 46.70 -12.24 28.16
C LEU J 244 45.87 -13.47 28.46
N ASP J 245 44.55 -13.30 28.57
CA ASP J 245 43.66 -14.44 28.79
C ASP J 245 43.84 -15.49 27.70
N GLU J 246 43.82 -15.04 26.43
CA GLU J 246 43.97 -15.97 25.31
C GLU J 246 45.27 -16.77 25.44
N ILE J 247 46.39 -16.06 25.64
CA ILE J 247 47.69 -16.71 25.66
C ILE J 247 47.75 -17.76 26.76
N LEU J 248 47.30 -17.40 27.97
CA LEU J 248 47.42 -18.33 29.10
C LEU J 248 46.58 -19.58 28.89
N ARG J 249 45.32 -19.41 28.44
CA ARG J 249 44.48 -20.59 28.25
C ARG J 249 45.06 -21.52 27.19
N GLU J 250 45.54 -20.97 26.08
CA GLU J 250 46.08 -21.82 25.02
C GLU J 250 47.33 -22.55 25.47
N ALA J 251 48.24 -21.84 26.15
CA ALA J 251 49.45 -22.49 26.64
C ALA J 251 49.12 -23.62 27.60
N ALA J 252 48.15 -23.42 28.49
CA ALA J 252 47.79 -24.46 29.44
C ALA J 252 47.20 -25.69 28.74
N ILE J 253 46.29 -25.47 27.78
CA ILE J 253 45.68 -26.59 27.07
C ILE J 253 46.74 -27.39 26.32
N ARG J 254 47.60 -26.69 25.57
CA ARG J 254 48.63 -27.39 24.81
C ARG J 254 49.59 -28.14 25.73
N SER J 255 49.94 -27.54 26.87
CA SER J 255 50.84 -28.21 27.81
C SER J 255 50.20 -29.47 28.37
N LEU J 256 48.91 -29.42 28.70
CA LEU J 256 48.23 -30.62 29.19
C LEU J 256 48.19 -31.70 28.11
N SER J 257 47.97 -31.31 26.86
CA SER J 257 48.00 -32.28 25.76
C SER J 257 49.37 -32.93 25.64
N ARG J 258 50.43 -32.19 25.93
CA ARG J 258 51.80 -32.70 25.85
C ARG J 258 52.20 -33.53 27.07
N GLY J 259 51.27 -33.79 27.98
CA GLY J 259 51.57 -34.54 29.19
C GLY J 259 52.23 -33.75 30.28
N LEU J 260 52.23 -32.41 30.19
CA LEU J 260 52.84 -31.56 31.19
C LEU J 260 51.80 -31.05 32.16
N LYS J 261 52.19 -30.91 33.42
CA LYS J 261 51.32 -30.38 34.46
C LYS J 261 51.60 -28.92 34.81
N LYS J 262 52.73 -28.39 34.37
CA LYS J 262 53.10 -27.01 34.62
C LYS J 262 53.53 -26.35 33.33
N ILE J 263 53.33 -25.04 33.23
CA ILE J 263 53.76 -24.30 32.05
C ILE J 263 55.27 -24.32 31.97
N ASP J 264 55.79 -24.60 30.77
CA ASP J 264 57.23 -24.56 30.51
C ASP J 264 57.54 -23.47 29.50
N LYS J 265 58.74 -22.91 29.60
CA LYS J 265 59.11 -21.75 28.79
C LYS J 265 59.00 -22.05 27.30
N ALA J 266 59.34 -23.27 26.88
CA ALA J 266 59.31 -23.61 25.46
C ALA J 266 57.90 -23.56 24.90
N VAL J 267 56.93 -24.11 25.64
CA VAL J 267 55.54 -24.09 25.17
C VAL J 267 55.02 -22.66 25.12
N LEU J 268 55.34 -21.86 26.15
CA LEU J 268 54.96 -20.45 26.17
C LEU J 268 55.51 -19.72 24.95
N GLN J 269 56.75 -20.03 24.57
CA GLN J 269 57.34 -19.40 23.40
C GLN J 269 56.66 -19.88 22.11
N GLU J 270 56.32 -21.17 22.05
CA GLU J 270 55.74 -21.72 20.81
C GLU J 270 54.38 -21.12 20.52
N VAL J 271 53.57 -20.87 21.56
CA VAL J 271 52.20 -20.40 21.33
C VAL J 271 52.20 -18.99 20.73
N ALA J 272 52.99 -18.08 21.30
CA ALA J 272 52.89 -16.66 20.97
C ALA J 272 53.31 -16.33 19.54
N LYS J 273 54.15 -17.17 18.92
CA LYS J 273 54.58 -16.90 17.55
C LYS J 273 53.57 -17.37 16.51
N GLU J 274 52.59 -18.18 16.91
CA GLU J 274 51.48 -18.51 16.02
C GLU J 274 50.40 -17.44 16.06
N TYR J 275 50.23 -16.78 17.22
CA TYR J 275 49.24 -15.73 17.37
C TYR J 275 49.89 -14.36 17.28
N GLU K 19 15.40 10.36 59.44
CA GLU K 19 16.58 11.18 59.20
C GLU K 19 16.22 12.48 58.46
N TRP K 20 16.52 13.61 59.09
CA TRP K 20 16.26 14.91 58.48
C TRP K 20 17.08 15.09 57.20
N LEU K 21 18.31 14.59 57.21
CA LEU K 21 19.16 14.65 56.02
C LEU K 21 18.49 13.99 54.83
N GLN K 22 17.81 12.86 55.06
CA GLN K 22 17.11 12.18 53.97
C GLN K 22 16.05 13.08 53.35
N ALA K 23 15.30 13.79 54.18
CA ALA K 23 14.28 14.72 53.68
C ALA K 23 14.92 15.83 52.85
N GLU K 24 16.05 16.36 53.30
CA GLU K 24 16.71 17.41 52.54
C GLU K 24 17.24 16.90 51.21
N ILE K 25 17.80 15.69 51.22
CA ILE K 25 18.29 15.07 49.98
C ILE K 25 17.15 14.94 48.98
N ALA K 26 16.01 14.42 49.44
CA ALA K 26 14.87 14.27 48.56
C ALA K 26 14.37 15.62 48.05
N ARG K 27 14.38 16.64 48.91
CA ARG K 27 13.93 17.96 48.50
C ARG K 27 14.84 18.56 47.45
N LEU K 28 16.16 18.40 47.61
CA LEU K 28 17.11 18.97 46.66
C LEU K 28 17.08 18.25 45.32
N LYS K 29 16.75 16.96 45.31
CA LYS K 29 16.74 16.18 44.09
C LYS K 29 15.61 16.61 43.16
N GLY K 30 14.82 17.59 43.59
CA GLY K 30 13.72 18.11 42.80
C GLY K 30 14.14 19.29 41.93
N LYS K 31 13.13 19.94 41.37
CA LYS K 31 13.31 21.10 40.50
C LYS K 31 12.38 22.22 40.96
N SER K 32 12.91 23.45 40.96
CA SER K 32 12.14 24.61 41.39
C SER K 32 12.40 25.76 40.41
N ILE K 33 11.48 26.73 40.43
CA ILE K 33 11.58 27.91 39.56
C ILE K 33 12.04 29.10 40.40
N VAL K 34 13.07 29.78 39.93
CA VAL K 34 13.62 30.95 40.59
C VAL K 34 13.44 32.15 39.68
N PRO K 35 12.66 33.16 40.08
CA PRO K 35 12.39 34.31 39.20
C PRO K 35 13.66 34.99 38.72
N LEU K 36 13.64 35.41 37.46
CA LEU K 36 14.78 36.09 36.84
C LEU K 36 14.28 37.17 35.90
N GLN K 37 15.17 38.11 35.57
CA GLN K 37 14.81 39.26 34.75
C GLN K 37 14.49 38.84 33.31
N GLN K 38 15.40 38.08 32.69
CA GLN K 38 15.21 37.63 31.32
C GLN K 38 13.88 36.91 31.15
N VAL K 39 13.46 36.16 32.18
CA VAL K 39 12.19 35.46 32.15
C VAL K 39 11.04 36.46 32.06
N LYS K 40 11.08 37.50 32.89
CA LYS K 40 10.03 38.51 32.87
C LYS K 40 10.01 39.26 31.54
N THR K 41 11.19 39.55 30.99
CA THR K 41 11.25 40.18 29.67
C THR K 41 10.57 39.33 28.61
N LEU K 42 10.89 38.03 28.58
CA LEU K 42 10.24 37.13 27.63
C LEU K 42 8.73 37.10 27.84
N HIS K 43 8.29 37.04 29.09
CA HIS K 43 6.85 36.95 29.36
C HIS K 43 6.12 38.19 28.87
N ASP K 44 6.66 39.38 29.15
CA ASP K 44 6.04 40.62 28.70
C ASP K 44 6.02 40.71 27.17
N TRP K 45 7.15 40.36 26.53
CA TRP K 45 7.22 40.41 25.07
C TRP K 45 6.20 39.47 24.44
N LEU K 46 6.12 38.24 24.95
CA LEU K 46 5.17 37.27 24.42
C LEU K 46 3.72 37.68 24.69
N ASP K 47 3.45 38.32 25.82
CA ASP K 47 2.10 38.79 26.09
C ASP K 47 1.69 39.89 25.11
N GLY K 48 2.63 40.79 24.79
CA GLY K 48 2.38 41.77 23.75
C GLY K 48 2.04 41.10 22.42
N LYS K 49 2.84 40.11 22.03
CA LYS K 49 2.57 39.39 20.80
C LYS K 49 1.23 38.65 20.84
N ARG K 50 0.85 38.16 22.02
CA ARG K 50 -0.40 37.42 22.16
C ARG K 50 -1.59 38.35 21.98
N LYS K 51 -1.50 39.57 22.51
CA LYS K 51 -2.58 40.53 22.31
C LYS K 51 -2.61 41.04 20.87
N ALA K 52 -1.45 41.19 20.23
CA ALA K 52 -1.42 41.59 18.83
C ALA K 52 -1.73 40.44 17.88
N ARG K 53 -1.69 39.20 18.35
CA ARG K 53 -1.86 38.01 17.51
C ARG K 53 -0.82 37.99 16.38
N LYS K 54 0.41 38.36 16.73
CA LYS K 54 1.52 38.45 15.76
C LYS K 54 2.47 37.28 15.98
N SER K 55 2.69 36.49 14.94
CA SER K 55 3.61 35.35 15.03
C SER K 55 5.04 35.84 15.13
N CYS K 56 5.88 35.04 15.78
CA CYS K 56 7.26 35.41 16.05
C CYS K 56 8.07 34.16 16.35
N ARG K 57 9.37 34.35 16.59
CA ARG K 57 10.27 33.26 16.96
C ARG K 57 11.20 33.74 18.08
N VAL K 58 11.81 32.78 18.78
CA VAL K 58 12.71 33.06 19.89
C VAL K 58 13.97 32.23 19.71
N VAL K 59 15.14 32.88 19.82
CA VAL K 59 16.42 32.24 19.56
C VAL K 59 17.30 32.35 20.81
N GLY K 60 17.99 31.26 21.14
CA GLY K 60 18.90 31.24 22.28
C GLY K 60 19.75 29.99 22.28
N GLU K 61 20.75 29.99 23.16
CA GLU K 61 21.67 28.87 23.28
C GLU K 61 21.08 27.79 24.18
N SER K 62 21.66 26.60 24.09
CA SER K 62 21.23 25.49 24.94
C SER K 62 21.64 25.74 26.38
N ARG K 63 20.90 25.12 27.30
CA ARG K 63 21.15 25.22 28.74
C ARG K 63 21.04 26.66 29.25
N THR K 64 20.20 27.46 28.60
CA THR K 64 19.88 28.80 29.07
C THR K 64 18.52 28.88 29.73
N GLY K 65 17.74 27.81 29.72
CA GLY K 65 16.48 27.75 30.41
C GLY K 65 15.28 28.28 29.66
N LYS K 66 15.37 28.41 28.33
CA LYS K 66 14.27 28.99 27.56
C LYS K 66 13.01 28.12 27.65
N THR K 67 13.17 26.80 27.74
CA THR K 67 12.02 25.94 27.92
C THR K 67 11.31 26.23 29.23
N VAL K 68 12.07 26.52 30.28
CA VAL K 68 11.46 26.84 31.58
C VAL K 68 10.67 28.13 31.49
N ALA K 69 11.17 29.13 30.75
CA ALA K 69 10.44 30.38 30.63
C ALA K 69 9.16 30.17 29.83
N CYS K 70 9.26 29.47 28.68
CA CYS K 70 8.08 29.16 27.88
C CYS K 70 7.06 28.35 28.66
N ASP K 71 7.52 27.48 29.56
CA ASP K 71 6.63 26.62 30.33
C ASP K 71 6.04 27.35 31.54
N ALA K 72 6.85 28.17 32.22
CA ALA K 72 6.38 28.93 33.36
C ALA K 72 5.34 29.96 32.95
N TYR K 73 5.48 30.52 31.75
CA TYR K 73 4.47 31.45 31.26
C TYR K 73 3.10 30.77 31.17
N ARG K 74 3.06 29.52 30.70
CA ARG K 74 1.79 28.86 30.42
C ARG K 74 1.02 28.50 31.69
N TYR K 75 1.71 28.35 32.82
CA TYR K 75 1.02 28.03 34.07
C TYR K 75 0.11 29.18 34.50
N ARG K 76 0.55 30.42 34.29
CA ARG K 76 -0.25 31.59 34.69
C ARG K 76 -1.55 31.65 33.89
N HIS K 77 -1.52 31.25 32.63
CA HIS K 77 -2.66 31.37 31.73
C HIS K 77 -3.38 30.04 31.53
N LYS K 78 -3.34 29.16 32.53
CA LYS K 78 -3.94 27.84 32.41
C LYS K 78 -5.41 27.95 32.03
N PRO K 79 -5.92 27.06 31.18
CA PRO K 79 -7.31 27.16 30.72
C PRO K 79 -8.29 26.78 31.82
N GLN K 80 -9.25 27.66 32.07
CA GLN K 80 -10.27 27.43 33.09
C GLN K 80 -11.65 27.62 32.46
N GLN K 81 -12.52 26.64 32.70
CA GLN K 81 -13.88 26.66 32.15
C GLN K 81 -14.86 26.29 33.26
N GLU K 82 -15.79 27.20 33.56
CA GLU K 82 -16.81 26.95 34.58
C GLU K 82 -18.14 26.50 34.00
N ALA K 83 -18.46 26.92 32.78
CA ALA K 83 -19.74 26.60 32.17
C ALA K 83 -19.70 25.23 31.51
N GLY K 84 -20.87 24.81 31.01
CA GLY K 84 -20.97 23.52 30.34
C GLY K 84 -20.29 23.47 28.98
N ARG K 85 -20.00 24.62 28.39
CA ARG K 85 -19.33 24.65 27.11
C ARG K 85 -17.88 24.19 27.24
N PRO K 86 -17.30 23.65 26.17
CA PRO K 86 -15.95 23.06 26.23
C PRO K 86 -14.91 24.05 26.70
N PRO K 87 -13.72 23.56 27.12
CA PRO K 87 -12.66 24.46 27.58
C PRO K 87 -12.22 25.44 26.50
N THR K 88 -11.94 26.67 26.93
CA THR K 88 -11.33 27.69 26.09
C THR K 88 -9.90 27.87 26.57
N VAL K 89 -8.93 27.45 25.77
CA VAL K 89 -7.52 27.50 26.13
C VAL K 89 -6.88 28.66 25.37
N PRO K 90 -6.16 29.56 26.04
CA PRO K 90 -5.48 30.64 25.32
C PRO K 90 -4.12 30.23 24.75
N VAL K 91 -3.35 29.47 25.50
CA VAL K 91 -1.99 29.10 25.12
C VAL K 91 -1.86 27.58 25.12
N VAL K 92 -1.43 27.02 24.00
CA VAL K 92 -1.17 25.59 23.85
C VAL K 92 0.33 25.41 23.60
N TYR K 93 0.90 24.33 24.13
CA TYR K 93 2.35 24.14 24.16
C TYR K 93 2.68 22.69 23.85
N ILE K 94 3.49 22.45 22.83
CA ILE K 94 3.84 21.10 22.41
C ILE K 94 5.33 21.02 22.11
N ARG K 95 5.91 19.85 22.38
CA ARG K 95 7.31 19.58 22.05
C ARG K 95 7.37 18.46 21.01
N PRO K 96 7.69 18.78 19.75
CA PRO K 96 7.75 17.72 18.73
C PRO K 96 8.90 16.76 18.96
N HIS K 97 8.71 15.53 18.49
CA HIS K 97 9.77 14.53 18.53
C HIS K 97 10.72 14.73 17.35
N GLN K 98 11.80 13.96 17.34
CA GLN K 98 12.81 14.08 16.29
C GLN K 98 12.20 13.78 14.92
N LYS K 99 12.47 14.66 13.96
CA LYS K 99 11.96 14.55 12.59
C LYS K 99 10.44 14.42 12.56
N CYS K 100 9.78 15.22 13.39
CA CYS K 100 8.32 15.18 13.45
C CYS K 100 7.72 15.65 12.13
N GLY K 101 6.85 14.83 11.57
CA GLY K 101 6.20 15.15 10.32
C GLY K 101 4.92 15.93 10.52
N PRO K 102 4.15 16.12 9.44
CA PRO K 102 2.89 16.87 9.54
C PRO K 102 1.84 16.16 10.39
N LYS K 103 1.61 14.89 10.07
CA LYS K 103 0.61 14.10 10.80
C LYS K 103 0.97 14.01 12.28
N ASP K 104 2.24 13.76 12.59
CA ASP K 104 2.67 13.63 13.97
C ASP K 104 2.43 14.92 14.75
N LEU K 105 2.66 16.07 14.12
CA LEU K 105 2.46 17.34 14.80
C LEU K 105 0.97 17.63 15.05
N PHE K 106 0.14 17.39 14.04
CA PHE K 106 -1.30 17.57 14.23
C PHE K 106 -1.81 16.70 15.37
N LYS K 107 -1.34 15.45 15.45
CA LYS K 107 -1.78 14.56 16.50
C LYS K 107 -1.45 15.12 17.88
N LYS K 108 -0.27 15.74 18.02
CA LYS K 108 0.11 16.30 19.32
C LYS K 108 -0.77 17.49 19.68
N ILE K 109 -1.07 18.35 18.70
CA ILE K 109 -1.98 19.45 18.98
C ILE K 109 -3.32 18.92 19.49
N THR K 110 -3.83 17.86 18.85
CA THR K 110 -5.11 17.30 19.29
C THR K 110 -4.98 16.65 20.67
N GLU K 111 -3.86 15.96 20.93
CA GLU K 111 -3.67 15.27 22.20
C GLU K 111 -3.59 16.25 23.36
N TYR K 112 -3.00 17.42 23.12
CA TYR K 112 -2.84 18.40 24.20
C TYR K 112 -4.19 18.93 24.67
N LEU K 113 -5.17 19.01 23.78
CA LEU K 113 -6.50 19.52 24.13
C LEU K 113 -7.41 18.45 24.70
N LYS K 114 -6.89 17.25 24.97
CA LYS K 114 -7.65 16.14 25.54
C LYS K 114 -8.85 15.79 24.66
N TYR K 115 -8.65 15.83 23.35
CA TYR K 115 -9.66 15.45 22.37
C TYR K 115 -9.27 14.14 21.73
N ARG K 116 -10.27 13.27 21.52
CA ARG K 116 -10.01 11.96 20.95
C ARG K 116 -9.48 12.07 19.53
N VAL K 117 -8.30 11.53 19.29
CA VAL K 117 -7.73 11.50 17.95
C VAL K 117 -8.61 10.63 17.06
N THR K 118 -8.88 11.11 15.86
CA THR K 118 -9.69 10.38 14.89
C THR K 118 -8.76 9.56 13.99
N LYS K 119 -8.95 8.23 13.99
CA LYS K 119 -8.20 7.40 13.07
C LYS K 119 -8.55 7.76 11.64
N GLY K 120 -7.53 7.97 10.82
CA GLY K 120 -7.77 8.37 9.44
C GLY K 120 -6.49 8.90 8.80
N THR K 121 -6.69 9.67 7.74
CA THR K 121 -5.60 10.14 6.90
C THR K 121 -5.14 11.54 7.34
N VAL K 122 -4.17 12.07 6.59
CA VAL K 122 -3.57 13.36 6.93
C VAL K 122 -4.56 14.50 6.73
N SER K 123 -5.33 14.46 5.65
CA SER K 123 -6.33 15.49 5.41
C SER K 123 -7.36 15.52 6.52
N ASP K 124 -7.74 14.34 7.02
CA ASP K 124 -8.64 14.26 8.16
C ASP K 124 -8.01 14.89 9.40
N PHE K 125 -6.71 14.67 9.60
CA PHE K 125 -6.00 15.28 10.72
C PHE K 125 -5.99 16.80 10.60
N ARG K 126 -5.78 17.32 9.39
CA ARG K 126 -5.77 18.75 9.18
C ARG K 126 -7.13 19.37 9.51
N ASP K 127 -8.20 18.79 8.95
CA ASP K 127 -9.54 19.30 9.24
C ASP K 127 -9.84 19.23 10.74
N ARG K 128 -9.50 18.10 11.37
CA ARG K 128 -9.77 17.92 12.80
C ARG K 128 -9.01 18.94 13.64
N THR K 129 -7.75 19.19 13.29
CA THR K 129 -6.95 20.18 14.01
C THR K 129 -7.56 21.57 13.90
N ILE K 130 -7.97 21.96 12.69
CA ILE K 130 -8.60 23.26 12.52
C ILE K 130 -9.87 23.34 13.37
N GLU K 131 -10.63 22.25 13.44
CA GLU K 131 -11.88 22.27 14.20
C GLU K 131 -11.62 22.45 15.69
N VAL K 132 -10.70 21.68 16.26
CA VAL K 132 -10.44 21.78 17.70
C VAL K 132 -9.85 23.15 18.03
N LEU K 133 -9.01 23.69 17.14
CA LEU K 133 -8.42 25.01 17.40
C LEU K 133 -9.46 26.11 17.27
N LYS K 134 -10.41 25.96 16.35
CA LYS K 134 -11.48 26.95 16.20
C LYS K 134 -12.41 26.94 17.41
N GLY K 135 -12.71 25.76 17.94
CA GLY K 135 -13.62 25.69 19.07
C GLY K 135 -13.08 26.39 20.31
N CYS K 136 -11.83 26.14 20.64
CA CYS K 136 -11.20 26.75 21.81
C CYS K 136 -10.60 28.11 21.44
N GLY K 137 -10.03 28.78 22.43
CA GLY K 137 -9.32 30.02 22.18
C GLY K 137 -8.03 29.78 21.44
N VAL K 138 -7.00 29.34 22.18
CA VAL K 138 -5.69 28.98 21.64
C VAL K 138 -5.15 30.14 20.80
N GLU K 139 -5.07 31.31 21.41
CA GLU K 139 -4.55 32.48 20.69
C GLU K 139 -3.06 32.34 20.40
N MET K 140 -2.30 31.77 21.34
CA MET K 140 -0.86 31.61 21.17
C MET K 140 -0.48 30.14 21.27
N LEU K 141 0.38 29.71 20.36
CA LEU K 141 0.91 28.34 20.33
C LEU K 141 2.42 28.42 20.50
N ILE K 142 2.94 27.77 21.53
CA ILE K 142 4.37 27.76 21.81
C ILE K 142 4.94 26.43 21.36
N ILE K 143 5.76 26.45 20.32
CA ILE K 143 6.45 25.26 19.83
C ILE K 143 7.86 25.27 20.36
N ASP K 144 8.22 24.24 21.10
CA ASP K 144 9.59 24.09 21.59
C ASP K 144 10.37 23.15 20.67
N GLU K 145 11.69 23.31 20.71
CA GLU K 145 12.60 22.48 19.92
C GLU K 145 12.22 22.51 18.44
N ALA K 146 12.09 23.74 17.91
CA ALA K 146 11.67 23.91 16.53
C ALA K 146 12.74 23.46 15.52
N ASP K 147 13.98 23.30 15.97
CA ASP K 147 15.02 22.77 15.09
C ASP K 147 14.68 21.36 14.62
N ARG K 148 14.11 20.55 15.52
CA ARG K 148 13.80 19.17 15.20
C ARG K 148 12.67 19.05 14.18
N LEU K 149 11.89 20.11 13.98
CA LEU K 149 10.76 20.04 13.06
C LEU K 149 11.23 19.78 11.64
N LYS K 150 10.51 18.91 10.94
CA LYS K 150 10.86 18.51 9.59
C LYS K 150 10.53 19.64 8.60
N PRO K 151 11.40 19.89 7.62
CA PRO K 151 11.19 21.00 6.68
C PRO K 151 9.81 21.03 6.01
N GLU K 152 9.18 19.87 5.83
CA GLU K 152 7.88 19.83 5.14
C GLU K 152 6.78 20.48 5.98
N THR K 153 6.93 20.49 7.30
CA THR K 153 5.85 20.88 8.21
C THR K 153 5.71 22.39 8.39
N PHE K 154 6.78 23.17 8.15
CA PHE K 154 6.73 24.60 8.40
C PHE K 154 5.65 25.27 7.55
N ALA K 155 5.44 24.77 6.33
CA ALA K 155 4.37 25.27 5.49
C ALA K 155 3.02 25.10 6.17
N ASP K 156 2.78 23.95 6.79
CA ASP K 156 1.54 23.74 7.53
C ASP K 156 1.44 24.69 8.72
N VAL K 157 2.56 24.93 9.40
CA VAL K 157 2.57 25.83 10.55
C VAL K 157 2.09 27.23 10.14
N ARG K 158 2.69 27.79 9.09
CA ARG K 158 2.28 29.12 8.66
C ARG K 158 0.92 29.10 7.98
N ASP K 159 0.52 27.96 7.39
CA ASP K 159 -0.83 27.81 6.86
C ASP K 159 -1.85 28.01 7.95
N ILE K 160 -1.63 27.38 9.11
CA ILE K 160 -2.50 27.59 10.26
C ILE K 160 -2.45 29.04 10.71
N ALA K 161 -1.24 29.61 10.79
CA ALA K 161 -1.10 30.99 11.24
C ALA K 161 -1.87 31.97 10.36
N GLU K 162 -2.02 31.65 9.08
CA GLU K 162 -2.75 32.53 8.16
C GLU K 162 -4.25 32.24 8.12
N ASP K 163 -4.64 30.96 8.20
CA ASP K 163 -6.06 30.62 8.11
C ASP K 163 -6.85 31.16 9.30
N LEU K 164 -6.26 31.11 10.49
CA LEU K 164 -6.87 31.63 11.70
C LEU K 164 -5.96 32.67 12.33
N GLY K 165 -6.56 33.59 13.08
CA GLY K 165 -5.79 34.61 13.76
C GLY K 165 -5.16 34.11 15.03
N ILE K 166 -4.14 33.26 14.92
CA ILE K 166 -3.49 32.63 16.05
C ILE K 166 -1.99 32.89 15.96
N ALA K 167 -1.41 33.42 17.03
CA ALA K 167 0.03 33.66 17.06
C ALA K 167 0.79 32.35 17.24
N VAL K 168 1.86 32.19 16.48
CA VAL K 168 2.71 31.00 16.54
C VAL K 168 4.10 31.43 16.96
N VAL K 169 4.66 30.74 17.95
CA VAL K 169 5.97 31.06 18.50
C VAL K 169 6.90 29.88 18.25
N LEU K 170 7.99 30.13 17.52
CA LEU K 170 8.98 29.11 17.22
C LEU K 170 10.21 29.35 18.10
N VAL K 171 10.42 28.48 19.07
CA VAL K 171 11.53 28.59 20.01
C VAL K 171 12.65 27.64 19.56
N GLY K 172 13.82 28.18 19.27
CA GLY K 172 14.91 27.34 18.81
C GLY K 172 16.25 28.00 18.96
N THR K 173 17.30 27.25 18.60
CA THR K 173 18.68 27.68 18.66
C THR K 173 19.12 28.24 17.30
N ASP K 174 20.42 28.23 17.03
CA ASP K 174 20.93 28.79 15.77
C ASP K 174 20.44 27.99 14.57
N ARG K 175 20.20 26.68 14.75
CA ARG K 175 19.68 25.86 13.65
C ARG K 175 18.30 26.34 13.19
N LEU K 176 17.52 26.93 14.10
CA LEU K 176 16.23 27.50 13.69
C LEU K 176 16.43 28.65 12.72
N ASP K 177 17.36 29.56 13.04
CA ASP K 177 17.74 30.60 12.11
C ASP K 177 18.12 30.02 10.76
N ALA K 178 19.01 29.03 10.78
CA ALA K 178 19.52 28.44 9.53
C ALA K 178 18.40 27.84 8.70
N VAL K 179 17.49 27.09 9.33
CA VAL K 179 16.43 26.42 8.58
C VAL K 179 15.41 27.42 8.06
N ILE K 180 15.03 28.40 8.88
CA ILE K 180 14.02 29.36 8.48
C ILE K 180 14.51 30.20 7.30
N LYS K 181 15.79 30.57 7.30
CA LYS K 181 16.28 31.44 6.23
C LYS K 181 16.31 30.76 4.86
N ARG K 182 15.97 29.48 4.76
CA ARG K 182 15.97 28.79 3.47
C ARG K 182 14.68 28.99 2.69
N ASP K 183 13.57 29.29 3.38
CA ASP K 183 12.27 29.51 2.75
C ASP K 183 11.86 30.96 2.94
N GLU K 184 11.41 31.60 1.86
CA GLU K 184 11.10 33.03 1.92
C GLU K 184 9.85 33.29 2.75
N GLN K 185 8.79 32.53 2.52
CA GLN K 185 7.51 32.80 3.18
C GLN K 185 7.62 32.63 4.69
N VAL K 186 8.25 31.55 5.13
CA VAL K 186 8.41 31.31 6.57
C VAL K 186 9.23 32.44 7.21
N LEU K 187 10.30 32.86 6.54
CA LEU K 187 11.11 33.95 7.06
C LEU K 187 10.30 35.24 7.17
N GLU K 188 9.51 35.54 6.14
CA GLU K 188 8.67 36.74 6.18
C GLU K 188 7.68 36.67 7.33
N ARG K 189 7.13 35.49 7.60
CA ARG K 189 6.12 35.36 8.64
C ARG K 189 6.71 35.54 10.04
N PHE K 190 7.94 35.09 10.26
CA PHE K 190 8.53 35.04 11.60
C PHE K 190 9.71 36.01 11.76
N ARG K 191 9.61 37.21 11.16
CA ARG K 191 10.72 38.15 11.19
C ARG K 191 11.03 38.61 12.62
N ALA K 192 10.01 39.13 13.31
CA ALA K 192 10.20 39.63 14.67
C ALA K 192 10.62 38.50 15.60
N HIS K 193 11.51 38.82 16.54
CA HIS K 193 12.09 37.78 17.40
C HIS K 193 12.66 38.39 18.67
N LEU K 194 12.92 37.52 19.65
CA LEU K 194 13.63 37.84 20.87
C LEU K 194 14.83 36.92 21.02
N ARG K 195 15.94 37.45 21.51
CA ARG K 195 17.17 36.69 21.68
C ARG K 195 17.54 36.62 23.16
N PHE K 196 17.93 35.42 23.61
CA PHE K 196 18.40 35.24 24.98
C PHE K 196 19.89 35.52 25.08
N GLY K 197 20.33 35.90 26.27
CA GLY K 197 21.74 36.10 26.56
C GLY K 197 22.21 35.15 27.65
N LYS K 198 23.49 35.30 28.00
CA LYS K 198 24.12 34.49 29.03
C LYS K 198 24.50 35.36 30.22
N LEU K 199 24.77 34.69 31.35
CA LEU K 199 25.09 35.39 32.59
C LEU K 199 26.56 35.80 32.63
N SER K 200 26.83 36.98 33.20
CA SER K 200 28.19 37.49 33.31
C SER K 200 28.22 38.62 34.33
N GLY K 201 29.38 38.78 34.97
CA GLY K 201 29.62 39.92 35.84
C GLY K 201 28.62 40.04 36.97
N GLU K 202 28.07 41.24 37.12
CA GLU K 202 27.11 41.50 38.20
C GLU K 202 25.84 40.69 38.02
N ASP K 203 25.41 40.49 36.77
CA ASP K 203 24.23 39.66 36.52
C ASP K 203 24.46 38.24 37.04
N PHE K 204 25.63 37.67 36.74
CA PHE K 204 25.95 36.32 37.19
C PHE K 204 26.04 36.24 38.71
N LYS K 205 26.71 37.22 39.34
CA LYS K 205 26.86 37.19 40.79
C LYS K 205 25.51 37.31 41.49
N ASN K 206 24.70 38.29 41.06
CA ASN K 206 23.36 38.45 41.62
C ASN K 206 22.52 37.19 41.41
N THR K 207 22.67 36.55 40.24
CA THR K 207 21.92 35.32 39.97
C THR K 207 22.35 34.20 40.92
N VAL K 208 23.66 34.06 41.16
CA VAL K 208 24.14 33.02 42.07
C VAL K 208 23.59 33.26 43.47
N GLU K 209 23.67 34.50 43.95
CA GLU K 209 23.17 34.81 45.29
C GLU K 209 21.67 34.53 45.39
N MET K 210 20.90 35.04 44.44
CA MET K 210 19.46 34.84 44.44
C MET K 210 19.10 33.37 44.35
N TRP K 211 19.78 32.62 43.47
CA TRP K 211 19.50 31.21 43.29
C TRP K 211 19.76 30.42 44.57
N GLU K 212 20.87 30.71 45.25
CA GLU K 212 21.17 29.98 46.47
C GLU K 212 20.18 30.34 47.58
N GLN K 213 19.79 31.62 47.67
CA GLN K 213 18.80 32.00 48.68
C GLN K 213 17.45 31.36 48.39
N MET K 214 17.13 31.12 47.11
CA MET K 214 15.83 30.60 46.73
C MET K 214 15.77 29.07 46.75
N VAL K 215 16.88 28.38 46.51
CA VAL K 215 16.88 26.94 46.39
C VAL K 215 17.53 26.24 47.59
N LEU K 216 18.46 26.89 48.27
CA LEU K 216 19.22 26.24 49.34
C LEU K 216 18.78 26.81 50.69
N LYS K 217 18.32 25.92 51.57
CA LYS K 217 18.01 26.26 52.96
C LYS K 217 19.00 25.63 53.92
N LEU K 218 20.25 25.45 53.47
CA LEU K 218 21.27 24.84 54.28
C LEU K 218 21.49 25.66 55.56
N PRO K 219 21.74 25.02 56.70
CA PRO K 219 21.84 25.74 57.97
C PRO K 219 22.77 26.95 57.97
N VAL K 220 23.85 26.94 57.18
CA VAL K 220 24.85 28.00 57.21
C VAL K 220 25.10 28.52 55.81
N SER K 221 25.47 29.80 55.73
CA SER K 221 25.79 30.44 54.45
C SER K 221 26.96 29.75 53.76
N SER K 222 26.98 29.84 52.43
CA SER K 222 28.00 29.20 51.61
C SER K 222 29.12 30.15 51.19
N ASN K 223 29.07 31.41 51.61
CA ASN K 223 30.07 32.41 51.26
C ASN K 223 30.27 32.49 49.75
N LEU K 224 29.14 32.57 49.03
CA LEU K 224 29.17 32.61 47.58
C LEU K 224 29.79 33.90 47.06
N LYS K 225 29.67 35.00 47.82
CA LYS K 225 30.15 36.29 47.36
C LYS K 225 31.67 36.33 47.23
N SER K 226 32.38 35.44 47.92
CA SER K 226 33.84 35.43 47.90
C SER K 226 34.35 35.35 46.46
N LYS K 227 35.43 36.09 46.19
CA LYS K 227 35.96 36.19 44.84
C LYS K 227 36.32 34.81 44.28
N GLU K 228 36.83 33.91 45.14
CA GLU K 228 37.30 32.61 44.66
C GLU K 228 36.15 31.69 44.28
N MET K 229 35.09 31.66 45.07
CA MET K 229 33.94 30.83 44.75
C MET K 229 33.27 31.31 43.46
N LEU K 230 33.10 32.62 43.33
CA LEU K 230 32.57 33.17 42.08
C LEU K 230 33.48 32.83 40.91
N ARG K 231 34.79 32.86 41.12
CA ARG K 231 35.72 32.56 40.03
C ARG K 231 35.56 31.11 39.55
N ILE K 232 35.56 30.15 40.47
CA ILE K 232 35.46 28.76 40.06
C ILE K 232 34.09 28.46 39.48
N LEU K 233 33.03 29.08 40.02
CA LEU K 233 31.70 28.87 39.48
C LEU K 233 31.57 29.47 38.07
N THR K 234 32.20 30.62 37.85
CA THR K 234 32.21 31.20 36.51
C THR K 234 32.98 30.32 35.55
N SER K 235 34.12 29.79 35.98
CA SER K 235 34.92 28.93 35.12
C SER K 235 34.16 27.67 34.73
N ALA K 236 33.44 27.07 35.68
CA ALA K 236 32.70 25.84 35.39
C ALA K 236 31.36 26.09 34.70
N THR K 237 30.78 27.28 34.87
CA THR K 237 29.44 27.59 34.39
C THR K 237 29.45 28.22 33.01
N GLU K 238 30.35 29.19 32.78
CA GLU K 238 30.44 29.91 31.52
C GLU K 238 29.12 30.61 31.16
N GLY K 239 28.37 31.03 32.17
CA GLY K 239 27.15 31.78 31.97
C GLY K 239 25.90 30.96 31.70
N TYR K 240 26.00 29.63 31.70
CA TYR K 240 24.86 28.77 31.41
C TYR K 240 24.18 28.39 32.73
N ILE K 241 22.93 28.87 32.90
CA ILE K 241 22.19 28.55 34.12
C ILE K 241 21.97 27.05 34.25
N GLY K 242 21.82 26.35 33.13
CA GLY K 242 21.64 24.92 33.12
C GLY K 242 22.84 24.14 33.61
N ARG K 243 23.99 24.80 33.77
CA ARG K 243 25.15 24.23 34.43
C ARG K 243 25.23 24.62 35.89
N LEU K 244 24.97 25.89 36.21
CA LEU K 244 25.05 26.37 37.58
C LEU K 244 24.07 25.62 38.49
N ASP K 245 22.83 25.43 38.02
CA ASP K 245 21.84 24.72 38.83
C ASP K 245 22.32 23.32 39.20
N GLU K 246 22.78 22.55 38.21
CA GLU K 246 23.23 21.19 38.45
C GLU K 246 24.43 21.16 39.37
N ILE K 247 25.43 22.02 39.10
CA ILE K 247 26.65 22.03 39.91
C ILE K 247 26.33 22.30 41.36
N LEU K 248 25.53 23.36 41.62
CA LEU K 248 25.26 23.74 42.99
C LEU K 248 24.39 22.70 43.70
N ARG K 249 23.44 22.09 42.99
CA ARG K 249 22.59 21.08 43.62
C ARG K 249 23.40 19.83 43.99
N GLU K 250 24.28 19.38 43.10
CA GLU K 250 25.12 18.23 43.42
C GLU K 250 26.08 18.54 44.57
N ALA K 251 26.69 19.73 44.55
CA ALA K 251 27.56 20.12 45.64
C ALA K 251 26.79 20.17 46.97
N ALA K 252 25.54 20.62 46.93
CA ALA K 252 24.74 20.71 48.15
C ALA K 252 24.45 19.32 48.71
N ILE K 253 23.97 18.41 47.85
CA ILE K 253 23.66 17.06 48.30
C ILE K 253 24.91 16.39 48.87
N ARG K 254 26.04 16.52 48.16
CA ARG K 254 27.28 15.89 48.61
C ARG K 254 27.80 16.52 49.89
N SER K 255 27.67 17.84 50.03
CA SER K 255 28.14 18.53 51.23
C SER K 255 27.34 18.10 52.45
N LEU K 256 26.01 18.08 52.32
CA LEU K 256 25.18 17.61 53.43
C LEU K 256 25.45 16.14 53.75
N SER K 257 25.72 15.33 52.73
CA SER K 257 25.94 13.90 52.95
C SER K 257 27.21 13.63 53.76
N ARG K 258 28.21 14.50 53.65
CA ARG K 258 29.46 14.34 54.37
C ARG K 258 29.47 15.06 55.73
N GLY K 259 28.32 15.62 56.13
CA GLY K 259 28.23 16.31 57.40
C GLY K 259 28.53 17.79 57.34
N LEU K 260 28.68 18.37 56.16
CA LEU K 260 28.95 19.80 56.00
C LEU K 260 27.63 20.52 55.74
N LYS K 261 27.22 21.36 56.69
CA LYS K 261 25.97 22.08 56.55
C LYS K 261 26.00 23.02 55.35
N LYS K 262 27.14 23.66 55.11
CA LYS K 262 27.31 24.60 54.01
C LYS K 262 28.18 23.99 52.92
N ILE K 263 27.96 24.44 51.68
CA ILE K 263 28.84 24.05 50.59
C ILE K 263 30.23 24.61 50.85
N ASP K 264 31.26 23.80 50.60
CA ASP K 264 32.62 24.20 50.90
C ASP K 264 33.45 24.30 49.62
N LYS K 265 34.54 25.04 49.73
CA LYS K 265 35.41 25.32 48.58
C LYS K 265 35.92 24.02 47.94
N ALA K 266 36.41 23.09 48.76
CA ALA K 266 36.94 21.84 48.24
C ALA K 266 35.86 21.03 47.54
N VAL K 267 34.65 21.02 48.11
CA VAL K 267 33.53 20.30 47.48
C VAL K 267 33.22 20.88 46.11
N LEU K 268 33.20 22.21 46.01
CA LEU K 268 32.98 22.87 44.73
C LEU K 268 34.05 22.46 43.73
N GLN K 269 35.31 22.46 44.15
CA GLN K 269 36.39 22.07 43.25
C GLN K 269 36.23 20.63 42.76
N GLU K 270 35.85 19.72 43.67
CA GLU K 270 35.65 18.32 43.29
C GLU K 270 34.56 18.19 42.23
N VAL K 271 33.39 18.79 42.49
CA VAL K 271 32.28 18.68 41.55
C VAL K 271 32.66 19.27 40.19
N ALA K 272 33.36 20.41 40.19
CA ALA K 272 33.78 21.01 38.93
C ALA K 272 34.74 20.11 38.18
N LYS K 273 35.64 19.44 38.90
CA LYS K 273 36.60 18.56 38.24
C LYS K 273 35.92 17.39 37.56
N GLU K 274 34.85 16.86 38.17
CA GLU K 274 34.19 15.70 37.56
C GLU K 274 33.68 16.01 36.15
N TYR K 275 33.17 17.21 35.92
CA TYR K 275 32.69 17.60 34.60
C TYR K 275 33.69 18.49 33.88
N GLU L 19 -14.60 50.39 27.27
CA GLU L 19 -13.60 51.41 26.96
C GLU L 19 -13.65 51.81 25.49
N TRP L 20 -13.70 53.11 25.22
CA TRP L 20 -13.77 53.61 23.85
C TRP L 20 -12.50 53.25 23.08
N LEU L 21 -11.34 53.39 23.72
CA LEU L 21 -10.07 53.06 23.08
C LEU L 21 -10.06 51.61 22.61
N GLN L 22 -10.67 50.71 23.39
CA GLN L 22 -10.73 49.31 23.00
C GLN L 22 -11.56 49.12 21.73
N ALA L 23 -12.66 49.88 21.61
CA ALA L 23 -13.46 49.81 20.39
C ALA L 23 -12.66 50.28 19.18
N GLU L 24 -11.94 51.40 19.34
CA GLU L 24 -11.11 51.88 18.23
C GLU L 24 -10.01 50.87 17.88
N ILE L 25 -9.42 50.24 18.90
CA ILE L 25 -8.38 49.24 18.66
C ILE L 25 -8.95 48.04 17.92
N ALA L 26 -10.15 47.59 18.30
CA ALA L 26 -10.79 46.48 17.61
C ALA L 26 -11.07 46.83 16.16
N ARG L 27 -11.49 48.07 15.90
CA ARG L 27 -11.69 48.50 14.52
C ARG L 27 -10.38 48.48 13.75
N LEU L 28 -9.28 48.88 14.40
CA LEU L 28 -7.97 48.87 13.73
C LEU L 28 -7.48 47.46 13.47
N LYS L 29 -7.79 46.52 14.37
CA LYS L 29 -7.34 45.14 14.20
C LYS L 29 -8.07 44.44 13.06
N GLY L 30 -9.33 44.82 12.81
CA GLY L 30 -10.10 44.16 11.78
C GLY L 30 -9.57 44.45 10.39
N LYS L 31 -9.84 43.52 9.47
CA LYS L 31 -9.39 43.60 8.10
C LYS L 31 -10.36 44.42 7.25
N SER L 32 -9.84 44.99 6.17
CA SER L 32 -10.63 45.76 5.22
C SER L 32 -9.88 45.80 3.90
N ILE L 33 -10.58 46.28 2.86
CA ILE L 33 -10.03 46.36 1.51
C ILE L 33 -10.13 47.79 1.02
N VAL L 34 -9.03 48.31 0.48
CA VAL L 34 -8.97 49.64 -0.11
C VAL L 34 -8.92 49.51 -1.62
N PRO L 35 -9.76 50.22 -2.37
CA PRO L 35 -9.66 50.17 -3.83
C PRO L 35 -8.30 50.68 -4.30
N LEU L 36 -7.68 49.93 -5.20
CA LEU L 36 -6.33 50.24 -5.66
C LEU L 36 -6.22 49.99 -7.16
N GLN L 37 -5.16 50.55 -7.75
CA GLN L 37 -4.94 50.43 -9.19
C GLN L 37 -4.78 48.98 -9.62
N GLN L 38 -3.98 48.21 -8.86
CA GLN L 38 -3.70 46.83 -9.23
C GLN L 38 -4.95 45.95 -9.15
N VAL L 39 -5.78 46.18 -8.14
CA VAL L 39 -7.00 45.37 -7.96
C VAL L 39 -7.94 45.59 -9.14
N LYS L 40 -8.17 46.85 -9.51
CA LYS L 40 -9.04 47.16 -10.63
C LYS L 40 -8.49 46.61 -11.94
N THR L 41 -7.17 46.72 -12.12
CA THR L 41 -6.54 46.14 -13.31
C THR L 41 -6.84 44.65 -13.42
N LEU L 42 -6.61 43.91 -12.33
CA LEU L 42 -6.88 42.48 -12.34
C LEU L 42 -8.36 42.20 -12.61
N HIS L 43 -9.26 42.98 -12.02
CA HIS L 43 -10.68 42.73 -12.18
C HIS L 43 -11.11 42.90 -13.63
N ASP L 44 -10.69 43.99 -14.27
CA ASP L 44 -11.02 44.19 -15.68
C ASP L 44 -10.45 43.07 -16.54
N TRP L 45 -9.20 42.69 -16.30
CA TRP L 45 -8.59 41.59 -17.04
C TRP L 45 -9.39 40.30 -16.89
N LEU L 46 -9.81 39.99 -15.67
CA LEU L 46 -10.54 38.76 -15.41
C LEU L 46 -11.91 38.75 -16.08
N ASP L 47 -12.60 39.90 -16.06
CA ASP L 47 -13.88 39.98 -16.76
C ASP L 47 -13.69 39.70 -18.25
N GLY L 48 -12.66 40.31 -18.85
CA GLY L 48 -12.38 40.03 -20.25
C GLY L 48 -12.15 38.54 -20.50
N LYS L 49 -11.35 37.91 -19.65
CA LYS L 49 -11.00 36.50 -19.85
C LYS L 49 -12.23 35.61 -19.73
N ARG L 50 -13.05 35.83 -18.70
CA ARG L 50 -14.24 35.00 -18.51
C ARG L 50 -15.25 35.19 -19.63
N LYS L 51 -15.32 36.39 -20.21
CA LYS L 51 -16.18 36.57 -21.38
C LYS L 51 -15.62 35.83 -22.58
N ALA L 52 -14.30 35.80 -22.73
CA ALA L 52 -13.68 35.03 -23.80
C ALA L 52 -13.62 33.53 -23.48
N ARG L 53 -13.87 33.14 -22.23
CA ARG L 53 -13.77 31.75 -21.78
C ARG L 53 -12.37 31.20 -22.06
N LYS L 54 -11.35 31.97 -21.68
CA LYS L 54 -9.96 31.62 -21.91
C LYS L 54 -9.22 31.48 -20.58
N SER L 55 -8.37 30.46 -20.49
CA SER L 55 -7.57 30.23 -19.30
C SER L 55 -6.29 31.08 -19.34
N CYS L 56 -5.73 31.35 -18.16
CA CYS L 56 -4.59 32.24 -18.04
C CYS L 56 -3.94 32.05 -16.66
N ARG L 57 -2.89 32.84 -16.41
CA ARG L 57 -2.12 32.77 -15.17
C ARG L 57 -1.98 34.16 -14.55
N VAL L 58 -1.79 34.17 -13.22
CA VAL L 58 -1.52 35.38 -12.46
C VAL L 58 -0.31 35.12 -11.59
N VAL L 59 0.75 35.92 -11.76
CA VAL L 59 2.03 35.68 -11.11
C VAL L 59 2.45 36.94 -10.36
N GLY L 60 2.93 36.78 -9.13
CA GLY L 60 3.38 37.91 -8.34
C GLY L 60 4.19 37.46 -7.14
N GLU L 61 4.68 38.44 -6.39
CA GLU L 61 5.47 38.17 -5.19
C GLU L 61 4.58 38.05 -3.96
N SER L 62 5.20 37.68 -2.84
CA SER L 62 4.48 37.59 -1.58
C SER L 62 4.16 38.98 -1.06
N ARG L 63 3.10 39.07 -0.25
CA ARG L 63 2.67 40.32 0.39
C ARG L 63 2.31 41.38 -0.62
N THR L 64 1.88 40.97 -1.81
CA THR L 64 1.45 41.90 -2.85
C THR L 64 -0.06 42.10 -2.90
N GLY L 65 -0.82 41.31 -2.13
CA GLY L 65 -2.26 41.47 -2.09
C GLY L 65 -3.01 40.87 -3.26
N LYS L 66 -2.41 39.93 -4.00
CA LYS L 66 -3.11 39.35 -5.14
C LYS L 66 -4.25 38.44 -4.70
N THR L 67 -4.08 37.73 -3.57
CA THR L 67 -5.16 36.92 -3.04
C THR L 67 -6.35 37.78 -2.63
N VAL L 68 -6.07 38.93 -2.01
CA VAL L 68 -7.15 39.85 -1.62
C VAL L 68 -7.86 40.36 -2.86
N ALA L 69 -7.11 40.63 -3.94
CA ALA L 69 -7.74 41.08 -5.17
C ALA L 69 -8.65 40.01 -5.75
N CYS L 70 -8.24 38.74 -5.67
CA CYS L 70 -9.10 37.65 -6.13
C CYS L 70 -10.39 37.60 -5.31
N ASP L 71 -10.27 37.72 -3.99
CA ASP L 71 -11.47 37.73 -3.14
C ASP L 71 -12.39 38.89 -3.48
N ALA L 72 -11.81 40.07 -3.69
CA ALA L 72 -12.60 41.25 -4.04
C ALA L 72 -13.31 41.06 -5.37
N TYR L 73 -12.66 40.37 -6.31
CA TYR L 73 -13.34 40.04 -7.57
C TYR L 73 -14.52 39.10 -7.33
N ARG L 74 -14.30 38.06 -6.53
CA ARG L 74 -15.37 37.09 -6.28
C ARG L 74 -16.58 37.75 -5.62
N TYR L 75 -16.34 38.72 -4.74
CA TYR L 75 -17.45 39.33 -4.01
C TYR L 75 -18.43 40.05 -4.92
N ARG L 76 -17.93 40.68 -6.00
CA ARG L 76 -18.79 41.48 -6.85
C ARG L 76 -19.80 40.62 -7.60
N HIS L 77 -19.39 39.44 -8.06
CA HIS L 77 -20.27 38.56 -8.84
C HIS L 77 -21.03 37.63 -7.89
N LYS L 78 -22.02 38.22 -7.23
CA LYS L 78 -22.84 37.45 -6.30
C LYS L 78 -23.78 36.52 -7.07
N PRO L 79 -23.93 35.26 -6.62
CA PRO L 79 -24.84 34.33 -7.30
C PRO L 79 -26.28 34.60 -6.90
N GLN L 80 -27.06 35.14 -7.84
CA GLN L 80 -28.46 35.46 -7.62
C GLN L 80 -29.34 34.49 -8.37
N GLN L 81 -30.26 33.85 -7.66
CA GLN L 81 -31.22 32.92 -8.25
C GLN L 81 -32.59 33.58 -8.27
N GLU L 82 -33.18 33.68 -9.46
CA GLU L 82 -34.50 34.26 -9.64
C GLU L 82 -35.51 33.23 -10.14
N ALA L 83 -35.31 31.96 -9.79
CA ALA L 83 -36.18 30.89 -10.24
C ALA L 83 -36.09 29.74 -9.24
N GLY L 84 -37.04 28.81 -9.37
CA GLY L 84 -37.06 27.65 -8.49
C GLY L 84 -35.92 26.67 -8.73
N ARG L 85 -35.32 26.70 -9.92
CA ARG L 85 -34.25 25.79 -10.25
C ARG L 85 -33.00 26.10 -9.42
N PRO L 86 -32.12 25.10 -9.24
CA PRO L 86 -30.95 25.27 -8.35
C PRO L 86 -30.15 26.52 -8.64
N PRO L 87 -29.52 27.11 -7.61
CA PRO L 87 -28.74 28.32 -7.82
C PRO L 87 -27.51 28.06 -8.69
N THR L 88 -27.14 29.07 -9.45
CA THR L 88 -26.02 28.98 -10.38
C THR L 88 -24.87 29.85 -9.89
N VAL L 89 -23.69 29.26 -9.76
CA VAL L 89 -22.50 29.95 -9.28
C VAL L 89 -21.62 30.28 -10.49
N PRO L 90 -21.41 31.56 -10.82
CA PRO L 90 -20.58 31.87 -11.99
C PRO L 90 -19.09 31.82 -11.72
N VAL L 91 -18.66 32.00 -10.46
CA VAL L 91 -17.24 32.07 -10.12
C VAL L 91 -16.97 31.14 -8.94
N VAL L 92 -15.92 30.32 -9.08
CA VAL L 92 -15.48 29.40 -8.03
C VAL L 92 -14.05 29.75 -7.64
N TYR L 93 -13.77 29.75 -6.35
CA TYR L 93 -12.45 30.08 -5.82
C TYR L 93 -11.99 28.97 -4.88
N ILE L 94 -10.78 28.48 -5.10
CA ILE L 94 -10.23 27.36 -4.32
C ILE L 94 -8.77 27.66 -3.97
N ARG L 95 -8.39 27.35 -2.74
CA ARG L 95 -6.99 27.39 -2.30
C ARG L 95 -6.57 25.99 -1.85
N PRO L 96 -5.88 25.23 -2.70
CA PRO L 96 -5.52 23.85 -2.32
C PRO L 96 -4.54 23.81 -1.15
N HIS L 97 -4.55 22.67 -0.45
CA HIS L 97 -3.62 22.42 0.64
C HIS L 97 -2.30 21.91 0.09
N GLN L 98 -1.35 21.68 1.00
CA GLN L 98 -0.01 21.24 0.60
C GLN L 98 -0.06 19.90 -0.12
N LYS L 99 0.54 19.85 -1.30
CA LYS L 99 0.60 18.64 -2.13
C LYS L 99 -0.80 18.08 -2.38
N CYS L 100 -1.66 18.94 -2.92
CA CYS L 100 -3.04 18.56 -3.19
C CYS L 100 -3.10 17.55 -4.33
N GLY L 101 -3.75 16.42 -4.07
CA GLY L 101 -3.93 15.40 -5.07
C GLY L 101 -5.21 15.58 -5.85
N PRO L 102 -5.47 14.71 -6.82
CA PRO L 102 -6.72 14.84 -7.60
C PRO L 102 -7.97 14.77 -6.75
N LYS L 103 -8.09 13.73 -5.92
CA LYS L 103 -9.28 13.54 -5.10
C LYS L 103 -9.52 14.73 -4.18
N ASP L 104 -8.44 15.27 -3.59
CA ASP L 104 -8.58 16.41 -2.69
C ASP L 104 -9.13 17.63 -3.43
N LEU L 105 -8.67 17.85 -4.66
CA LEU L 105 -9.15 19.00 -5.43
C LEU L 105 -10.62 18.82 -5.82
N PHE L 106 -11.01 17.62 -6.25
CA PHE L 106 -12.41 17.36 -6.56
C PHE L 106 -13.28 17.58 -5.32
N LYS L 107 -12.80 17.15 -4.16
CA LYS L 107 -13.51 17.39 -2.90
C LYS L 107 -13.68 18.89 -2.65
N LYS L 108 -12.62 19.67 -2.90
CA LYS L 108 -12.71 21.11 -2.72
C LYS L 108 -13.77 21.71 -3.64
N ILE L 109 -13.82 21.26 -4.90
CA ILE L 109 -14.80 21.77 -5.84
C ILE L 109 -16.22 21.48 -5.35
N THR L 110 -16.46 20.24 -4.92
CA THR L 110 -17.81 19.85 -4.50
C THR L 110 -18.17 20.35 -3.10
N GLU L 111 -17.20 20.80 -2.32
CA GLU L 111 -17.47 21.41 -1.02
C GLU L 111 -17.75 22.90 -1.16
N TYR L 112 -17.04 23.57 -2.06
CA TYR L 112 -17.36 24.97 -2.38
C TYR L 112 -18.81 25.10 -2.82
N LEU L 113 -19.21 24.31 -3.81
CA LEU L 113 -20.62 24.24 -4.19
C LEU L 113 -21.41 23.47 -3.12
N LYS L 114 -22.68 23.84 -2.97
CA LYS L 114 -23.51 23.28 -1.91
C LYS L 114 -24.01 21.89 -2.34
N TYR L 115 -23.07 20.95 -2.38
CA TYR L 115 -23.35 19.55 -2.65
C TYR L 115 -22.57 18.70 -1.65
N ARG L 116 -22.80 17.39 -1.70
CA ARG L 116 -22.06 16.42 -0.91
C ARG L 116 -21.62 15.28 -1.82
N VAL L 117 -20.57 14.58 -1.41
CA VAL L 117 -20.03 13.44 -2.15
C VAL L 117 -20.03 12.23 -1.22
N THR L 118 -20.57 11.12 -1.70
CA THR L 118 -20.59 9.88 -0.93
C THR L 118 -19.25 9.16 -1.08
N LYS L 119 -19.06 8.12 -0.27
CA LYS L 119 -17.85 7.32 -0.34
C LYS L 119 -17.74 6.65 -1.70
N GLY L 120 -16.59 6.81 -2.34
CA GLY L 120 -16.42 6.25 -3.67
C GLY L 120 -14.99 6.36 -4.16
N THR L 121 -14.82 6.07 -5.45
CA THR L 121 -13.51 6.02 -6.08
C THR L 121 -13.13 7.37 -6.69
N VAL L 122 -11.89 7.44 -7.19
CA VAL L 122 -11.42 8.65 -7.87
C VAL L 122 -12.23 8.89 -9.14
N SER L 123 -12.54 7.81 -9.88
CA SER L 123 -13.39 7.94 -11.06
C SER L 123 -14.76 8.51 -10.69
N ASP L 124 -15.31 8.04 -9.57
CA ASP L 124 -16.60 8.55 -9.10
C ASP L 124 -16.50 10.03 -8.75
N PHE L 125 -15.38 10.45 -8.15
CA PHE L 125 -15.20 11.86 -7.81
C PHE L 125 -15.10 12.72 -9.06
N ARG L 126 -14.32 12.26 -10.05
CA ARG L 126 -14.26 12.94 -11.34
C ARG L 126 -15.67 13.14 -11.91
N ASP L 127 -16.47 12.07 -11.91
CA ASP L 127 -17.80 12.14 -12.49
C ASP L 127 -18.71 13.08 -11.72
N ARG L 128 -18.71 12.97 -10.39
CA ARG L 128 -19.58 13.84 -9.57
C ARG L 128 -19.18 15.31 -9.71
N THR L 129 -17.88 15.57 -9.76
CA THR L 129 -17.40 16.94 -9.94
C THR L 129 -17.84 17.49 -11.29
N ILE L 130 -17.68 16.70 -12.36
CA ILE L 130 -18.13 17.16 -13.68
C ILE L 130 -19.64 17.38 -13.67
N GLU L 131 -20.37 16.53 -12.95
CA GLU L 131 -21.83 16.66 -12.91
C GLU L 131 -22.25 17.99 -12.29
N VAL L 132 -21.68 18.33 -11.14
CA VAL L 132 -22.06 19.60 -10.52
C VAL L 132 -21.47 20.79 -11.28
N LEU L 133 -20.33 20.60 -11.95
CA LEU L 133 -19.76 21.68 -12.75
C LEU L 133 -20.62 21.96 -13.97
N LYS L 134 -21.20 20.93 -14.58
CA LYS L 134 -22.15 21.11 -15.66
C LYS L 134 -23.44 21.73 -15.15
N GLY L 135 -23.92 21.25 -14.01
CA GLY L 135 -25.14 21.82 -13.43
C GLY L 135 -24.97 23.27 -13.04
N CYS L 136 -23.83 23.60 -12.43
CA CYS L 136 -23.55 24.99 -12.08
C CYS L 136 -23.07 25.74 -13.32
N GLY L 137 -23.05 27.07 -13.21
CA GLY L 137 -22.58 27.89 -14.31
C GLY L 137 -21.07 27.79 -14.46
N VAL L 138 -20.34 28.13 -13.40
CA VAL L 138 -18.89 28.09 -13.36
C VAL L 138 -18.32 28.74 -14.62
N GLU L 139 -18.59 30.04 -14.79
CA GLU L 139 -18.04 30.74 -15.94
C GLU L 139 -16.51 30.81 -15.86
N MET L 140 -15.97 30.97 -14.66
CA MET L 140 -14.53 31.00 -14.44
C MET L 140 -14.20 30.29 -13.14
N LEU L 141 -13.02 29.68 -13.11
CA LEU L 141 -12.53 28.96 -11.94
C LEU L 141 -11.15 29.52 -11.56
N ILE L 142 -11.03 30.01 -10.34
CA ILE L 142 -9.80 30.62 -9.84
C ILE L 142 -9.18 29.71 -8.79
N ILE L 143 -7.91 29.35 -8.99
CA ILE L 143 -7.20 28.43 -8.10
C ILE L 143 -5.96 29.14 -7.57
N ASP L 144 -5.89 29.31 -6.26
CA ASP L 144 -4.75 29.94 -5.62
C ASP L 144 -3.62 28.94 -5.40
N GLU L 145 -2.41 29.46 -5.24
CA GLU L 145 -1.22 28.67 -4.91
C GLU L 145 -1.05 27.47 -5.83
N ALA L 146 -0.83 27.77 -7.10
CA ALA L 146 -0.76 26.71 -8.12
C ALA L 146 0.45 25.81 -7.93
N ASP L 147 1.54 26.34 -7.36
CA ASP L 147 2.78 25.56 -7.25
C ASP L 147 2.59 24.31 -6.38
N ARG L 148 1.72 24.37 -5.38
CA ARG L 148 1.55 23.25 -4.46
C ARG L 148 0.94 22.04 -5.14
N LEU L 149 0.12 22.26 -6.17
CA LEU L 149 -0.60 21.17 -6.82
C LEU L 149 0.36 20.11 -7.36
N LYS L 150 -0.06 18.85 -7.25
CA LYS L 150 0.71 17.76 -7.82
C LYS L 150 0.59 17.77 -9.35
N PRO L 151 1.60 17.26 -10.06
CA PRO L 151 1.52 17.25 -11.54
C PRO L 151 0.29 16.56 -12.11
N GLU L 152 -0.12 15.43 -11.52
CA GLU L 152 -1.35 14.76 -11.98
C GLU L 152 -2.57 15.64 -11.74
N THR L 153 -2.58 16.38 -10.63
CA THR L 153 -3.67 17.32 -10.38
C THR L 153 -3.70 18.41 -11.44
N PHE L 154 -2.52 18.83 -11.91
CA PHE L 154 -2.46 19.77 -13.03
C PHE L 154 -3.08 19.18 -14.29
N ALA L 155 -2.76 17.92 -14.58
CA ALA L 155 -3.39 17.25 -15.72
C ALA L 155 -4.91 17.25 -15.59
N ASP L 156 -5.42 17.02 -14.38
CA ASP L 156 -6.87 17.02 -14.18
C ASP L 156 -7.48 18.40 -14.36
N VAL L 157 -6.78 19.44 -13.90
CA VAL L 157 -7.25 20.81 -14.12
C VAL L 157 -7.37 21.10 -15.60
N ARG L 158 -6.34 20.71 -16.37
CA ARG L 158 -6.40 20.89 -17.82
C ARG L 158 -7.54 20.09 -18.43
N ASP L 159 -7.77 18.87 -17.93
CA ASP L 159 -8.87 18.06 -18.41
C ASP L 159 -10.20 18.78 -18.26
N ILE L 160 -10.43 19.37 -17.08
CA ILE L 160 -11.67 20.11 -16.86
C ILE L 160 -11.75 21.31 -17.81
N ALA L 161 -10.64 22.05 -17.93
CA ALA L 161 -10.65 23.23 -18.78
C ALA L 161 -10.92 22.88 -20.24
N GLU L 162 -10.54 21.68 -20.66
CA GLU L 162 -10.74 21.25 -22.05
C GLU L 162 -12.10 20.60 -22.29
N ASP L 163 -12.68 19.96 -21.26
CA ASP L 163 -13.94 19.25 -21.44
C ASP L 163 -15.14 20.19 -21.35
N LEU L 164 -15.08 21.19 -20.47
CA LEU L 164 -16.19 22.09 -20.22
C LEU L 164 -15.86 23.50 -20.69
N GLY L 165 -16.91 24.26 -21.00
CA GLY L 165 -16.74 25.65 -21.37
C GLY L 165 -16.46 26.54 -20.19
N ILE L 166 -15.36 26.25 -19.48
CA ILE L 166 -15.01 26.92 -18.24
C ILE L 166 -13.57 27.41 -18.35
N ALA L 167 -13.33 28.67 -17.97
CA ALA L 167 -12.00 29.23 -17.94
C ALA L 167 -11.34 28.98 -16.59
N VAL L 168 -10.02 28.83 -16.61
CA VAL L 168 -9.26 28.49 -15.41
C VAL L 168 -8.14 29.51 -15.21
N VAL L 169 -8.08 30.11 -14.02
CA VAL L 169 -7.06 31.07 -13.64
C VAL L 169 -6.17 30.44 -12.58
N LEU L 170 -4.87 30.43 -12.82
CA LEU L 170 -3.89 29.82 -11.91
C LEU L 170 -3.10 30.93 -11.23
N VAL L 171 -3.51 31.31 -10.02
CA VAL L 171 -2.76 32.28 -9.23
C VAL L 171 -1.46 31.64 -8.76
N GLY L 172 -0.36 32.38 -8.87
CA GLY L 172 0.92 31.80 -8.48
C GLY L 172 1.96 32.86 -8.17
N THR L 173 3.08 32.39 -7.64
CA THR L 173 4.24 33.21 -7.32
C THR L 173 5.24 33.14 -8.47
N ASP L 174 6.49 33.56 -8.21
CA ASP L 174 7.50 33.57 -9.27
C ASP L 174 7.78 32.17 -9.81
N ARG L 175 7.55 31.13 -9.00
CA ARG L 175 7.85 29.76 -9.38
C ARG L 175 6.78 29.13 -10.26
N LEU L 176 5.70 29.85 -10.58
CA LEU L 176 4.61 29.26 -11.36
C LEU L 176 5.08 28.91 -12.77
N ASP L 177 5.84 29.80 -13.40
CA ASP L 177 6.41 29.50 -14.71
C ASP L 177 7.24 28.22 -14.64
N ALA L 178 8.08 28.09 -13.62
CA ALA L 178 8.92 26.90 -13.48
C ALA L 178 8.08 25.64 -13.33
N VAL L 179 6.99 25.72 -12.57
CA VAL L 179 6.13 24.55 -12.40
C VAL L 179 5.52 24.14 -13.74
N ILE L 180 5.07 25.12 -14.54
CA ILE L 180 4.41 24.78 -15.80
C ILE L 180 5.38 24.55 -16.94
N LYS L 181 6.69 24.69 -16.72
CA LYS L 181 7.66 24.43 -17.78
C LYS L 181 7.92 22.93 -18.00
N ARG L 182 7.54 22.07 -17.05
CA ARG L 182 7.76 20.64 -17.17
C ARG L 182 6.65 19.93 -17.95
N ASP L 183 5.67 20.67 -18.46
CA ASP L 183 4.53 20.10 -19.16
C ASP L 183 4.23 21.00 -20.36
N GLU L 184 4.41 20.46 -21.58
CA GLU L 184 4.22 21.26 -22.78
C GLU L 184 2.77 21.70 -22.96
N GLN L 185 1.82 20.87 -22.52
CA GLN L 185 0.40 21.14 -22.79
C GLN L 185 -0.08 22.37 -22.03
N VAL L 186 0.31 22.52 -20.75
CA VAL L 186 -0.11 23.69 -20.00
C VAL L 186 0.56 24.95 -20.53
N LEU L 187 1.81 24.82 -21.03
CA LEU L 187 2.43 25.94 -21.72
C LEU L 187 1.63 26.33 -22.96
N GLU L 188 1.02 25.35 -23.62
CA GLU L 188 0.24 25.64 -24.83
C GLU L 188 -1.08 26.33 -24.49
N ARG L 189 -1.73 25.94 -23.39
CA ARG L 189 -3.04 26.51 -23.09
C ARG L 189 -3.01 27.73 -22.17
N PHE L 190 -1.96 27.90 -21.36
CA PHE L 190 -1.89 28.97 -20.38
C PHE L 190 -0.84 30.02 -20.75
N ARG L 191 -0.75 30.36 -22.04
CA ARG L 191 0.29 31.29 -22.49
C ARG L 191 0.06 32.69 -21.94
N ALA L 192 -1.18 33.17 -21.96
CA ALA L 192 -1.46 34.51 -21.47
C ALA L 192 -1.28 34.59 -19.96
N HIS L 193 -0.75 35.70 -19.48
CA HIS L 193 -0.50 35.87 -18.05
C HIS L 193 -0.47 37.34 -17.68
N LEU L 194 -0.73 37.60 -16.40
CA LEU L 194 -0.68 38.93 -15.82
C LEU L 194 0.29 38.92 -14.64
N ARG L 195 1.02 40.02 -14.49
CA ARG L 195 2.01 40.15 -13.42
C ARG L 195 1.56 41.19 -12.40
N PHE L 196 1.81 40.89 -11.13
CA PHE L 196 1.69 41.87 -10.05
C PHE L 196 3.08 42.37 -9.69
N GLY L 197 3.18 43.65 -9.35
CA GLY L 197 4.46 44.24 -9.01
C GLY L 197 4.53 44.77 -7.60
N LYS L 198 5.35 45.80 -7.38
CA LYS L 198 5.50 46.44 -6.08
C LYS L 198 5.12 47.90 -6.18
N LEU L 199 5.08 48.57 -5.03
CA LEU L 199 4.74 49.98 -4.94
C LEU L 199 6.01 50.80 -4.76
N SER L 200 6.20 51.80 -5.62
CA SER L 200 7.41 52.62 -5.57
C SER L 200 7.09 54.02 -6.05
N GLY L 201 7.87 54.98 -5.54
CA GLY L 201 7.77 56.35 -6.02
C GLY L 201 6.46 57.00 -5.62
N GLU L 202 5.82 57.66 -6.59
CA GLU L 202 4.59 58.39 -6.32
C GLU L 202 3.44 57.45 -5.96
N ASP L 203 3.41 56.26 -6.55
CA ASP L 203 2.34 55.31 -6.27
C ASP L 203 2.30 54.97 -4.78
N PHE L 204 3.46 54.65 -4.21
CA PHE L 204 3.53 54.32 -2.80
C PHE L 204 3.06 55.48 -1.92
N LYS L 205 3.47 56.71 -2.26
CA LYS L 205 3.10 57.87 -1.45
C LYS L 205 1.60 58.14 -1.52
N ASN L 206 1.05 58.13 -2.73
CA ASN L 206 -0.39 58.32 -2.90
C ASN L 206 -1.18 57.29 -2.10
N THR L 207 -0.81 56.02 -2.24
CA THR L 207 -1.49 54.99 -1.46
C THR L 207 -1.35 55.25 0.03
N VAL L 208 -0.16 55.67 0.49
CA VAL L 208 0.06 55.88 1.93
C VAL L 208 -0.90 56.93 2.47
N GLU L 209 -1.05 58.04 1.75
CA GLU L 209 -2.04 59.03 2.17
C GLU L 209 -3.44 58.42 2.22
N MET L 210 -3.79 57.65 1.19
CA MET L 210 -5.10 56.99 1.18
C MET L 210 -5.26 56.04 2.35
N TRP L 211 -4.18 55.37 2.75
CA TRP L 211 -4.24 54.42 3.87
C TRP L 211 -4.48 55.16 5.17
N GLU L 212 -3.81 56.30 5.34
CA GLU L 212 -4.01 57.09 6.55
C GLU L 212 -5.45 57.60 6.66
N GLN L 213 -6.08 57.92 5.53
CA GLN L 213 -7.43 58.47 5.61
C GLN L 213 -8.54 57.42 5.54
N MET L 214 -8.33 56.31 4.85
CA MET L 214 -9.39 55.36 4.53
C MET L 214 -9.45 54.18 5.50
N VAL L 215 -8.33 53.82 6.12
CA VAL L 215 -8.25 52.65 7.01
C VAL L 215 -8.12 53.07 8.47
N LEU L 216 -7.10 53.86 8.79
CA LEU L 216 -6.83 54.21 10.18
C LEU L 216 -7.95 55.07 10.74
N LYS L 217 -8.26 54.84 12.02
CA LYS L 217 -9.22 55.66 12.74
C LYS L 217 -8.56 56.78 13.53
N LEU L 218 -7.33 57.14 13.14
CA LEU L 218 -6.57 58.16 13.86
C LEU L 218 -7.34 59.48 13.90
N PRO L 219 -7.70 59.99 15.08
CA PRO L 219 -8.51 61.21 15.14
C PRO L 219 -7.85 62.43 14.50
N VAL L 220 -6.52 62.53 14.57
CA VAL L 220 -5.79 63.66 14.00
C VAL L 220 -4.75 63.12 13.03
N SER L 221 -4.72 63.67 11.82
CA SER L 221 -3.82 63.19 10.78
C SER L 221 -2.36 63.32 11.22
N SER L 222 -1.54 62.35 10.81
CA SER L 222 -0.14 62.28 11.21
C SER L 222 0.82 62.68 10.10
N ASN L 223 0.32 62.99 8.90
CA ASN L 223 1.13 63.45 7.77
C ASN L 223 2.25 62.44 7.45
N LEU L 224 1.82 61.21 7.12
CA LEU L 224 2.77 60.15 6.85
C LEU L 224 3.56 60.41 5.57
N LYS L 225 3.00 61.18 4.63
CA LYS L 225 3.66 61.44 3.36
C LYS L 225 4.92 62.30 3.51
N SER L 226 5.08 62.98 4.64
CA SER L 226 6.25 63.82 4.84
C SER L 226 7.53 62.97 4.88
N LYS L 227 8.64 63.61 4.50
CA LYS L 227 9.91 62.89 4.36
C LYS L 227 10.31 62.20 5.66
N GLU L 228 10.16 62.89 6.79
CA GLU L 228 10.54 62.34 8.09
C GLU L 228 9.86 61.01 8.35
N MET L 229 8.57 60.91 8.06
CA MET L 229 7.82 59.68 8.26
C MET L 229 7.76 58.80 7.02
N LEU L 230 8.19 59.33 5.86
CA LEU L 230 8.24 58.51 4.66
C LEU L 230 9.45 57.58 4.67
N ARG L 231 10.59 58.08 5.14
CA ARG L 231 11.81 57.26 5.14
C ARG L 231 11.61 55.98 5.95
N ILE L 232 10.93 56.06 7.09
CA ILE L 232 10.76 54.89 7.95
C ILE L 232 9.90 53.84 7.27
N LEU L 233 8.69 54.25 6.86
CA LEU L 233 7.77 53.33 6.19
C LEU L 233 8.42 52.71 4.97
N THR L 234 9.07 53.53 4.13
CA THR L 234 9.65 53.02 2.90
C THR L 234 10.79 52.04 3.19
N SER L 235 11.65 52.36 4.16
CA SER L 235 12.79 51.50 4.43
C SER L 235 12.34 50.14 4.96
N ALA L 236 11.41 50.11 5.92
CA ALA L 236 11.01 48.83 6.48
C ALA L 236 10.15 48.04 5.52
N THR L 237 9.29 48.74 4.76
CA THR L 237 8.27 48.08 3.95
C THR L 237 8.82 47.48 2.67
N GLU L 238 9.74 48.20 2.00
CA GLU L 238 10.38 47.75 0.76
C GLU L 238 9.37 47.55 -0.37
N GLY L 239 8.24 48.26 -0.32
CA GLY L 239 7.28 48.25 -1.40
C GLY L 239 6.23 47.16 -1.32
N TYR L 240 6.22 46.35 -0.27
CA TYR L 240 5.23 45.28 -0.12
C TYR L 240 4.02 45.80 0.65
N ILE L 241 2.82 45.56 0.10
CA ILE L 241 1.60 46.13 0.68
C ILE L 241 1.36 45.60 2.09
N GLY L 242 1.55 44.30 2.29
CA GLY L 242 1.23 43.70 3.58
C GLY L 242 2.02 44.29 4.73
N ARG L 243 3.33 44.43 4.54
CA ARG L 243 4.18 45.01 5.57
C ARG L 243 3.71 46.41 5.96
N LEU L 244 3.34 47.22 4.95
CA LEU L 244 2.92 48.59 5.20
C LEU L 244 1.65 48.64 6.03
N ASP L 245 0.62 47.89 5.60
CA ASP L 245 -0.64 47.91 6.34
C ASP L 245 -0.46 47.39 7.77
N GLU L 246 0.32 46.32 7.92
CA GLU L 246 0.62 45.80 9.26
C GLU L 246 1.22 46.88 10.15
N ILE L 247 2.27 47.56 9.64
CA ILE L 247 2.96 48.57 10.42
C ILE L 247 2.00 49.70 10.82
N LEU L 248 1.19 50.17 9.88
CA LEU L 248 0.33 51.32 10.16
C LEU L 248 -0.75 50.98 11.18
N ARG L 249 -1.39 49.82 11.03
CA ARG L 249 -2.40 49.41 12.01
C ARG L 249 -1.79 49.27 13.40
N GLU L 250 -0.61 48.65 13.51
CA GLU L 250 0.01 48.48 14.81
C GLU L 250 0.41 49.82 15.42
N ALA L 251 0.95 50.73 14.59
CA ALA L 251 1.33 52.04 15.10
C ALA L 251 0.13 52.81 15.62
N ALA L 252 -0.99 52.75 14.89
CA ALA L 252 -2.20 53.44 15.35
C ALA L 252 -2.70 52.83 16.67
N ILE L 253 -2.68 51.51 16.78
CA ILE L 253 -3.13 50.86 18.02
C ILE L 253 -2.25 51.30 19.19
N ARG L 254 -0.93 51.24 19.00
CA ARG L 254 -0.01 51.62 20.08
C ARG L 254 -0.18 53.08 20.45
N SER L 255 -0.41 53.95 19.46
CA SER L 255 -0.57 55.38 19.73
C SER L 255 -1.84 55.66 20.52
N LEU L 256 -2.96 55.03 20.12
CA LEU L 256 -4.21 55.23 20.85
C LEU L 256 -4.12 54.68 22.27
N SER L 257 -3.45 53.53 22.44
CA SER L 257 -3.27 52.97 23.78
C SER L 257 -2.51 53.93 24.68
N ARG L 258 -1.56 54.69 24.12
CA ARG L 258 -0.81 55.68 24.87
C ARG L 258 -1.57 56.99 25.07
N GLY L 259 -2.81 57.06 24.61
CA GLY L 259 -3.60 58.27 24.76
C GLY L 259 -3.37 59.32 23.69
N LEU L 260 -2.64 58.99 22.63
CA LEU L 260 -2.37 59.95 21.57
C LEU L 260 -3.54 60.01 20.60
N LYS L 261 -3.80 61.20 20.08
CA LYS L 261 -4.71 61.37 18.96
C LYS L 261 -3.98 61.42 17.63
N LYS L 262 -2.66 61.28 17.64
CA LYS L 262 -1.82 61.35 16.46
C LYS L 262 -0.55 60.54 16.71
N ILE L 263 -0.08 59.86 15.68
CA ILE L 263 1.08 58.97 15.81
C ILE L 263 2.35 59.82 15.86
N ASP L 264 3.13 59.67 16.93
CA ASP L 264 4.38 60.39 17.07
C ASP L 264 5.49 59.70 16.28
N LYS L 265 6.61 60.42 16.11
CA LYS L 265 7.72 59.89 15.33
C LYS L 265 8.36 58.68 16.01
N ALA L 266 8.56 58.76 17.33
CA ALA L 266 9.15 57.65 18.06
C ALA L 266 8.29 56.41 17.98
N VAL L 267 6.97 56.58 18.11
CA VAL L 267 6.04 55.44 18.03
C VAL L 267 6.13 54.79 16.66
N LEU L 268 6.17 55.58 15.60
CA LEU L 268 6.26 55.03 14.25
C LEU L 268 7.58 54.29 14.04
N GLN L 269 8.67 54.81 14.62
CA GLN L 269 9.97 54.18 14.43
C GLN L 269 10.10 52.87 15.21
N GLU L 270 9.44 52.77 16.37
CA GLU L 270 9.59 51.57 17.20
C GLU L 270 9.07 50.31 16.49
N VAL L 271 7.91 50.42 15.84
CA VAL L 271 7.28 49.28 15.19
C VAL L 271 8.19 48.70 14.11
N ALA L 272 8.82 49.57 13.32
CA ALA L 272 9.66 49.12 12.21
C ALA L 272 10.76 48.19 12.69
N LYS L 273 11.50 48.61 13.72
CA LYS L 273 12.56 47.77 14.26
C LYS L 273 12.01 46.51 14.89
N GLU L 274 10.90 46.62 15.62
CA GLU L 274 10.35 45.43 16.27
C GLU L 274 9.88 44.40 15.25
N TYR L 275 9.27 44.86 14.15
CA TYR L 275 8.75 43.96 13.13
C TYR L 275 9.66 43.91 11.91
PB ADP O . -48.77 16.12 9.82
O1B ADP O . -47.32 16.11 9.40
O2B ADP O . -49.63 15.06 9.17
O3B ADP O . -48.98 16.25 11.30
PA ADP O . -48.58 18.21 8.01
O1A ADP O . -48.46 17.21 6.87
O2A ADP O . -47.35 18.89 8.54
O3A ADP O . -49.34 17.50 9.24
O5' ADP O . -49.61 19.36 7.54
C5' ADP O . -49.09 20.46 6.80
C4' ADP O . -50.09 20.96 5.77
O4' ADP O . -51.31 21.36 6.41
C3' ADP O . -49.52 22.16 5.04
O3' ADP O . -49.57 21.93 3.62
C2' ADP O . -50.41 23.33 5.41
O2' ADP O . -50.95 23.93 4.24
C1' ADP O . -51.52 22.76 6.28
N9 ADP O . -51.42 23.34 7.64
C8 ADP O . -51.12 22.63 8.75
N7 ADP O . -51.10 23.41 9.84
C5 ADP O . -51.40 24.67 9.46
C6 ADP O . -51.55 25.98 10.11
N6 ADP O . -51.37 26.11 11.45
N1 ADP O . -51.88 27.04 9.34
C2 ADP O . -52.06 26.92 8.01
N3 ADP O . -51.93 25.75 7.34
C4 ADP O . -51.62 24.61 7.99
PB ADP P . -31.10 1.47 36.62
O1B ADP P . -30.17 2.04 35.56
O2B ADP P . -32.53 1.30 36.17
O3B ADP P . -30.52 0.29 37.36
PA ADP P . -30.63 4.11 37.46
O1A ADP P . -29.18 4.19 37.85
O2A ADP P . -31.04 4.53 36.06
O3A ADP P . -31.21 2.63 37.74
O5' ADP P . -31.49 5.03 38.46
C5' ADP P . -30.84 6.05 39.20
C4' ADP P . -31.82 7.19 39.44
O4' ADP P . -32.54 6.93 40.64
C3' ADP P . -31.08 8.51 39.61
O3' ADP P . -31.67 9.51 38.77
C2' ADP P . -31.23 8.86 41.07
O2' ADP P . -31.72 10.20 41.20
C1' ADP P . -32.21 7.87 41.66
N9 ADP P . -31.55 7.12 42.76
C8 ADP P . -31.57 5.78 42.90
N7 ADP P . -30.88 5.40 44.00
C5 ADP P . -30.40 6.50 44.59
C6 ADP P . -29.58 6.80 45.78
N6 ADP P . -29.12 5.82 46.59
N1 ADP P . -29.30 8.10 46.04
C2 ADP P . -29.75 9.08 45.24
N3 ADP P . -30.49 8.89 44.14
C4 ADP P . -30.85 7.64 43.77
PB ADP Q . -12.71 -28.23 31.32
O1B ADP Q . -11.69 -27.53 30.46
O2B ADP Q . -13.93 -27.39 31.65
O3B ADP Q . -13.04 -29.64 30.90
PA ADP Q . -11.43 -27.12 33.54
O1A ADP Q . -10.05 -26.80 33.02
O2A ADP Q . -12.48 -26.05 33.56
O3A ADP Q . -11.98 -28.41 32.74
O5' ADP Q . -11.26 -27.65 35.05
C5' ADP Q . -10.16 -27.17 35.79
C4' ADP Q . -10.59 -26.56 37.12
O4' ADP Q . -11.07 -27.60 37.98
C3' ADP Q . -9.40 -25.90 37.78
O3' ADP Q . -9.78 -24.63 38.30
C2' ADP Q . -9.00 -26.84 38.90
O2' ADP Q . -8.83 -26.10 40.12
C1' ADP Q . -10.15 -27.83 39.05
N9 ADP Q . -9.64 -29.21 38.87
C8 ADP Q . -10.09 -30.08 37.95
N7 ADP Q . -9.44 -31.27 38.04
C5 ADP Q . -8.56 -31.18 39.05
C6 ADP Q . -7.56 -32.07 39.67
N6 ADP Q . -7.38 -33.34 39.23
N1 ADP Q . -6.84 -31.59 40.71
C2 ADP Q . -7.03 -30.33 41.16
N3 ADP Q . -7.90 -29.46 40.64
C4 ADP Q . -8.69 -29.82 39.60
PB ADP R . -5.56 -40.24 -1.66
O1B ADP R . -5.38 -38.79 -2.03
O2B ADP R . -6.05 -40.47 -0.25
O3B ADP R . -6.24 -41.07 -2.72
PA ADP R . -3.09 -40.46 -0.37
O1A ADP R . -1.65 -40.73 -0.79
O2A ADP R . -3.48 -39.11 0.17
O3A ADP R . -4.06 -40.84 -1.60
O5' ADP R . -3.50 -41.56 0.72
C5' ADP R . -3.83 -42.88 0.31
C4' ADP R . -3.50 -43.88 1.40
O4' ADP R . -3.73 -45.20 0.89
C3' ADP R . -2.03 -43.78 1.77
O3' ADP R . -1.89 -43.95 3.18
C2' ADP R . -1.39 -44.93 1.04
O2' ADP R . -0.34 -45.50 1.83
C1' ADP R . -2.51 -45.93 0.81
N9 ADP R . -2.38 -46.53 -0.53
C8 ADP R . -3.31 -46.52 -1.51
N7 ADP R . -2.87 -47.17 -2.62
C5 ADP R . -1.62 -47.62 -2.35
C6 ADP R . -0.58 -48.37 -3.09
N6 ADP R . -0.77 -48.81 -4.35
N1 ADP R . 0.57 -48.62 -2.44
C2 ADP R . 0.77 -48.20 -1.18
N3 ADP R . -0.12 -47.50 -0.45
C4 ADP R . -1.31 -47.19 -0.98
PB ADP S . -12.55 -19.35 -30.35
O1B ADP S . -11.79 -18.75 -29.19
O2B ADP S . -13.35 -20.56 -29.98
O3B ADP S . -13.30 -18.35 -31.21
PA ADP S . -10.20 -20.82 -30.80
O1A ADP S . -8.92 -20.18 -31.31
O2A ADP S . -10.38 -21.10 -29.34
O3A ADP S . -11.43 -19.94 -31.34
O5' ADP S . -10.38 -22.21 -31.60
C5' ADP S . -9.30 -23.11 -31.70
C4' ADP S . -9.73 -24.38 -32.43
O4' ADP S . -10.74 -24.12 -33.39
C3' ADP S . -8.54 -24.98 -33.16
O3' ADP S . -8.22 -26.28 -32.63
C2' ADP S . -8.99 -25.12 -34.60
O2' ADP S . -8.70 -26.41 -35.11
C1' ADP S . -10.49 -24.87 -34.59
N9 ADP S . -10.98 -24.13 -35.78
C8 ADP S . -12.23 -23.64 -35.90
N7 ADP S . -12.44 -23.02 -37.08
C5 ADP S . -11.30 -23.11 -37.78
C6 ADP S . -10.84 -22.65 -39.10
N6 ADP S . -11.66 -21.97 -39.95
N1 ADP S . -9.57 -22.92 -39.45
C2 ADP S . -8.76 -23.59 -38.62
N3 ADP S . -9.10 -24.04 -37.41
C4 ADP S . -10.34 -23.83 -36.93
PB ADP T . 39.01 -1.98 -35.90
O1B ADP T . 40.01 -0.96 -36.37
O2B ADP T . 38.17 -1.51 -34.73
O3B ADP T . 39.58 -3.37 -35.73
PA ADP T . 37.13 -0.80 -37.61
O1A ADP T . 37.88 0.48 -37.33
O2A ADP T . 35.72 -0.95 -37.09
O3A ADP T . 38.00 -2.08 -37.15
O5' ADP T . 37.05 -0.98 -39.20
C5' ADP T . 35.79 -0.77 -39.84
C4' ADP T . 35.97 0.01 -41.14
O4' ADP T . 36.97 -0.62 -41.96
C3' ADP T . 34.66 0.01 -41.91
O3' ADP T . 34.31 1.35 -42.26
C2' ADP T . 34.94 -0.80 -43.16
O2' ADP T . 34.44 -0.13 -44.32
C1' ADP T . 36.45 -0.94 -43.24
N9 ADP T . 36.80 -2.34 -43.56
C8 ADP T . 37.71 -3.07 -42.89
N7 ADP T . 37.82 -4.33 -43.40
C5 ADP T . 36.97 -4.41 -44.44
C6 ADP T . 36.59 -5.44 -45.43
N6 ADP T . 37.15 -6.68 -45.40
N1 ADP T . 35.66 -5.12 -46.34
C2 ADP T . 35.09 -3.90 -46.38
N3 ADP T . 35.38 -2.91 -45.51
C4 ADP T . 36.30 -3.10 -44.54
PB ADP U . 43.94 -19.68 -6.49
O1B ADP U . 44.85 -19.03 -7.50
O2B ADP U . 42.52 -19.20 -6.54
O3B ADP U . 44.52 -19.77 -5.09
PA ADP U . 42.94 -21.60 -8.23
O1A ADP U . 43.36 -20.74 -9.40
O2A ADP U . 41.49 -21.62 -7.79
O3A ADP U . 43.85 -21.21 -6.96
O5' ADP U . 43.38 -23.10 -8.58
C5' ADP U . 42.60 -23.82 -9.54
C4' ADP U . 43.44 -24.07 -10.78
O4' ADP U . 44.79 -24.32 -10.41
C3' ADP U . 42.92 -25.27 -11.54
O3' ADP U . 42.69 -24.91 -12.91
C2' ADP U . 44.03 -26.31 -11.45
O2' ADP U . 44.46 -26.68 -12.76
C1' ADP U . 45.17 -25.67 -10.69
N9 ADP U . 45.33 -26.33 -9.37
C8 ADP U . 45.47 -25.67 -8.21
N7 ADP U . 45.61 -26.52 -7.16
C5 ADP U . 45.55 -27.77 -7.66
C6 ADP U . 45.62 -29.13 -7.10
N6 ADP U . 45.78 -29.33 -5.77
N1 ADP U . 45.52 -30.17 -7.96
C2 ADP U . 45.35 -29.98 -9.29
N3 ADP U . 45.28 -28.76 -9.86
C4 ADP U . 45.37 -27.64 -9.11
PB ADP V . 36.13 -4.56 24.79
O1B ADP V . 36.80 -5.26 23.64
O2B ADP V . 34.63 -4.42 24.64
O3B ADP V . 36.83 -3.32 25.25
PA ADP V . 35.74 -7.08 25.93
O1A ADP V . 35.19 -7.36 24.55
O2A ADP V . 34.89 -7.37 27.15
O3A ADP V . 36.31 -5.58 26.02
O5' ADP V . 37.07 -7.96 26.12
C5' ADP V . 37.12 -8.81 27.24
C4' ADP V . 37.99 -10.04 26.98
O4' ADP V . 39.04 -10.04 27.94
C3' ADP V . 37.15 -11.28 27.19
O3' ADP V . 37.33 -12.18 26.09
C2' ADP V . 37.65 -11.90 28.48
O2' ADP V . 38.02 -13.26 28.27
C1' ADP V . 38.86 -11.08 28.91
N9 ADP V . 38.57 -10.44 30.21
C8 ADP V . 38.50 -9.11 30.43
N7 ADP V . 38.22 -8.85 31.74
C5 ADP V . 38.10 -10.02 32.37
C6 ADP V . 37.82 -10.47 33.75
N6 ADP V . 37.59 -9.57 34.75
N1 ADP V . 37.80 -11.80 34.00
C2 ADP V . 38.03 -12.69 33.01
N3 ADP V . 38.29 -12.36 31.73
C4 ADP V . 38.34 -11.07 31.36
PB ADP W . 16.68 25.04 27.09
O1B ADP W . 17.93 24.57 26.39
O2B ADP W . 15.51 24.09 26.97
O3B ADP W . 16.33 26.49 26.83
PA ADP W . 16.55 23.86 29.62
O1A ADP W . 17.28 22.59 29.25
O2A ADP W . 15.05 23.88 29.66
O3A ADP W . 17.04 25.05 28.65
O5' ADP W . 17.07 24.32 31.06
C5' ADP W . 16.37 23.81 32.19
C4' ADP W . 17.35 23.40 33.29
O4' ADP W . 18.01 24.55 33.78
C3' ADP W . 16.59 22.76 34.43
O3' ADP W . 17.21 21.51 34.79
C2' ADP W . 16.66 23.75 35.57
O2' ADP W . 17.19 23.10 36.74
C1' ADP W . 17.59 24.86 35.12
N9 ADP W . 16.83 26.13 35.04
C8 ADP W . 16.64 26.85 33.91
N7 ADP W . 15.91 27.96 34.16
C5 ADP W . 15.62 27.96 35.47
C6 ADP W . 14.86 28.85 36.39
N6 ADP W . 14.27 29.98 35.94
N1 ADP W . 14.80 28.49 37.69
C2 ADP W . 15.39 27.37 38.15
N3 ADP W . 16.08 26.53 37.37
C4 ADP W . 16.23 26.76 36.05
PB ADP X . -0.79 37.38 -1.30
O1B ADP X . 0.57 37.72 -0.72
O2B ADP X . -1.26 35.97 -1.03
O3B ADP X . -0.98 37.86 -2.71
PA ADP X . -1.93 38.15 1.15
O1A ADP X . -0.73 37.40 1.70
O2A ADP X . -3.33 37.68 1.48
O3A ADP X . -1.80 38.31 -0.45
O5' ADP X . -1.80 39.68 1.63
C5' ADP X . -2.91 40.24 2.32
C4' ADP X . -2.49 41.25 3.38
O4' ADP X . -2.10 42.48 2.78
C3' ADP X . -3.67 41.52 4.29
O3' ADP X . -3.30 41.23 5.65
C2' ADP X . -4.00 42.98 4.11
O2' ADP X . -3.95 43.65 5.37
C1' ADP X . -2.96 43.55 3.16
N9 ADP X . -3.64 44.05 1.93
C8 ADP X . -3.31 43.67 0.68
N7 ADP X . -4.10 44.30 -0.23
C5 ADP X . -4.96 45.09 0.43
C6 ADP X . -6.05 46.01 0.07
N6 ADP X . -6.39 46.22 -1.21
N1 ADP X . -6.68 46.64 1.09
C2 ADP X . -6.35 46.44 2.38
N3 ADP X . -5.37 45.61 2.77
C4 ADP X . -4.63 44.92 1.87
#